data_5IQ5
#
_entry.id   5IQ5
#
_entity_poly.entity_id   1
_entity_poly.type   'polypeptide(L)'
_entity_poly.pdbx_seq_one_letter_code
;MAPAYTVKRADIATAIEDAVVNAANHRGQVGDGVCRAVARKWPQAFRNAATPVGTAKTVKCDETYIIHAVGPNFNNTSEA
EGDRDLAAAYRAVAAEINRLSISSVAIPLLSTGIFSAGKDRVHQSLSHLLAAMDTTEARVTIYCRDKTWEQKIKTVLQNR
HHHHHH
;
_entity_poly.pdbx_strand_id   A
#
# COMPACT_ATOMS: atom_id res chain seq x y z
N ALA A 2 10.97 -16.80 3.45
CA ALA A 2 9.61 -16.54 3.94
C ALA A 2 9.52 -15.07 4.31
N PRO A 3 8.35 -14.44 4.12
CA PRO A 3 8.13 -13.06 4.48
C PRO A 3 7.98 -12.96 6.01
N ALA A 4 7.98 -11.74 6.55
CA ALA A 4 7.76 -11.51 7.97
C ALA A 4 7.14 -10.13 8.14
N TYR A 5 6.22 -9.98 9.10
CA TYR A 5 5.53 -8.70 9.31
C TYR A 5 6.39 -7.82 10.20
N THR A 6 6.15 -6.51 10.13
CA THR A 6 6.85 -5.51 10.93
C THR A 6 5.99 -4.24 10.92
N VAL A 7 6.34 -3.24 11.72
CA VAL A 7 5.61 -1.98 11.78
C VAL A 7 6.63 -0.84 11.93
N LYS A 8 6.33 0.33 11.37
CA LYS A 8 7.20 1.49 11.47
C LYS A 8 6.35 2.75 11.52
N ARG A 9 6.71 3.69 12.40
CA ARG A 9 5.97 4.94 12.58
C ARG A 9 6.66 6.06 11.82
N ALA A 10 6.24 6.28 10.57
CA ALA A 10 6.72 7.35 9.72
C ALA A 10 5.74 7.53 8.58
N ASP A 11 5.88 8.62 7.81
CA ASP A 11 5.19 8.71 6.52
C ASP A 11 5.83 7.69 5.59
N ILE A 12 5.00 6.95 4.85
CA ILE A 12 5.46 5.95 3.89
C ILE A 12 6.09 6.68 2.70
N ALA A 13 7.36 7.06 2.82
CA ALA A 13 8.11 7.80 1.82
C ALA A 13 9.58 7.74 2.19
N THR A 14 9.91 8.11 3.42
CA THR A 14 11.27 8.00 3.94
C THR A 14 11.49 6.59 4.50
N ALA A 15 10.97 5.58 3.80
CA ALA A 15 11.25 4.19 4.09
C ALA A 15 12.68 3.90 3.66
N ILE A 16 13.20 2.74 4.05
CA ILE A 16 14.56 2.33 3.69
C ILE A 16 14.58 0.87 3.19
N GLU A 17 13.40 0.33 2.89
CA GLU A 17 13.24 -0.95 2.24
C GLU A 17 13.50 -0.78 0.75
N ASP A 18 13.75 -1.87 0.03
CA ASP A 18 14.18 -1.81 -1.37
C ASP A 18 13.12 -1.15 -2.25
N ALA A 19 11.86 -1.45 -1.94
CA ALA A 19 10.71 -0.98 -2.69
C ALA A 19 9.73 -0.29 -1.75
N VAL A 20 8.92 0.60 -2.30
CA VAL A 20 8.03 1.46 -1.56
C VAL A 20 6.67 1.37 -2.22
N VAL A 21 5.66 0.86 -1.53
CA VAL A 21 4.30 0.83 -2.06
C VAL A 21 3.61 2.11 -1.62
N ASN A 22 2.66 2.61 -2.41
CA ASN A 22 1.95 3.85 -2.11
C ASN A 22 0.46 3.63 -2.26
N ALA A 23 -0.34 4.32 -1.44
CA ALA A 23 -1.78 4.37 -1.63
C ALA A 23 -2.04 5.33 -2.79
N ALA A 24 -2.04 4.80 -4.01
CA ALA A 24 -2.22 5.60 -5.21
C ALA A 24 -3.70 5.71 -5.55
N ASN A 25 -4.10 6.81 -6.19
CA ASN A 25 -5.51 7.15 -6.21
C ASN A 25 -6.32 6.36 -7.24
N HIS A 26 -5.71 6.05 -8.40
CA HIS A 26 -6.31 5.57 -9.64
C HIS A 26 -5.61 6.33 -10.76
N ARG A 27 -5.83 7.65 -10.79
CA ARG A 27 -4.99 8.50 -11.57
C ARG A 27 -3.71 8.63 -10.78
N GLY A 28 -2.60 8.34 -11.44
CA GLY A 28 -1.28 8.64 -10.97
C GLY A 28 -1.07 10.13 -11.17
N GLN A 29 -1.66 10.92 -10.27
CA GLN A 29 -1.42 12.34 -10.13
C GLN A 29 -0.91 12.55 -8.71
N VAL A 30 -0.20 13.66 -8.47
CA VAL A 30 0.03 14.10 -7.11
C VAL A 30 -1.33 14.45 -6.53
N GLY A 31 -1.57 14.09 -5.27
CA GLY A 31 -2.89 14.19 -4.68
C GLY A 31 -2.80 14.21 -3.16
N ASP A 32 -3.92 13.92 -2.52
CA ASP A 32 -4.14 14.20 -1.11
C ASP A 32 -3.67 13.05 -0.22
N GLY A 33 -3.61 13.27 1.08
CA GLY A 33 -3.39 12.22 2.07
C GLY A 33 -1.96 11.70 2.04
N VAL A 34 -1.77 10.47 2.53
CA VAL A 34 -0.49 9.79 2.50
C VAL A 34 -0.24 9.35 1.06
N CYS A 35 0.32 10.28 0.28
CA CYS A 35 0.72 10.06 -1.10
C CYS A 35 1.83 11.07 -1.40
N ARG A 36 1.54 12.34 -1.13
CA ARG A 36 2.42 13.50 -1.34
C ARG A 36 3.83 13.28 -0.79
N ALA A 37 3.95 12.64 0.38
CA ALA A 37 5.24 12.37 1.00
C ALA A 37 6.20 11.71 0.01
N VAL A 38 5.70 10.68 -0.68
CA VAL A 38 6.47 9.95 -1.68
C VAL A 38 6.82 10.87 -2.83
N ALA A 39 5.82 11.59 -3.37
CA ALA A 39 5.98 12.41 -4.55
C ALA A 39 7.16 13.37 -4.42
N ARG A 40 7.42 13.89 -3.22
CA ARG A 40 8.52 14.82 -3.02
C ARG A 40 9.88 14.18 -3.28
N LYS A 41 10.09 12.91 -2.89
CA LYS A 41 11.33 12.22 -3.24
C LYS A 41 11.32 11.82 -4.71
N TRP A 42 10.24 11.18 -5.15
CA TRP A 42 10.19 10.48 -6.43
C TRP A 42 9.02 11.00 -7.25
N PRO A 43 9.08 12.26 -7.72
CA PRO A 43 8.02 12.85 -8.51
C PRO A 43 7.93 12.14 -9.86
N GLN A 44 9.08 11.78 -10.43
CA GLN A 44 9.10 11.11 -11.73
C GLN A 44 8.35 9.78 -11.67
N ALA A 45 8.36 9.09 -10.52
CA ALA A 45 7.60 7.86 -10.35
C ALA A 45 6.10 8.06 -10.52
N PHE A 46 5.58 9.24 -10.17
CA PHE A 46 4.16 9.55 -10.31
C PHE A 46 3.80 9.86 -11.76
N ARG A 47 4.78 10.22 -12.60
CA ARG A 47 4.52 10.82 -13.89
C ARG A 47 3.86 9.78 -14.77
N ASN A 48 2.56 9.95 -15.00
CA ASN A 48 1.68 9.04 -15.72
C ASN A 48 1.64 7.65 -15.09
N ALA A 49 1.60 7.58 -13.75
CA ALA A 49 1.58 6.32 -13.03
C ALA A 49 0.14 5.81 -12.82
N ALA A 50 -0.78 6.26 -13.65
CA ALA A 50 -2.18 5.90 -13.54
C ALA A 50 -2.36 4.42 -13.88
N THR A 51 -3.27 3.75 -13.17
CA THR A 51 -3.57 2.35 -13.37
C THR A 51 -4.98 2.11 -12.79
N PRO A 52 -5.73 1.12 -13.27
CA PRO A 52 -7.11 0.95 -12.86
C PRO A 52 -7.22 0.49 -11.41
N VAL A 53 -8.43 0.57 -10.86
CA VAL A 53 -8.72 0.09 -9.53
C VAL A 53 -8.39 -1.40 -9.45
N GLY A 54 -7.92 -1.86 -8.28
CA GLY A 54 -7.70 -3.27 -8.04
C GLY A 54 -6.41 -3.77 -8.67
N THR A 55 -5.46 -2.89 -8.98
CA THR A 55 -4.18 -3.31 -9.55
C THR A 55 -3.04 -2.54 -8.91
N ALA A 56 -1.82 -2.78 -9.39
CA ALA A 56 -0.59 -2.16 -8.94
C ALA A 56 0.23 -1.83 -10.18
N LYS A 57 0.96 -0.72 -10.17
CA LYS A 57 1.82 -0.33 -11.29
C LYS A 57 3.17 0.06 -10.72
N THR A 58 4.22 -0.69 -11.02
CA THR A 58 5.54 -0.27 -10.63
C THR A 58 6.02 0.79 -11.61
N VAL A 59 6.73 1.79 -11.10
CA VAL A 59 7.54 2.70 -11.87
C VAL A 59 8.89 2.71 -11.18
N LYS A 60 9.98 2.67 -11.93
CA LYS A 60 11.31 2.83 -11.34
C LYS A 60 11.59 4.32 -11.40
N CYS A 61 11.87 4.96 -10.26
CA CYS A 61 12.15 6.40 -10.34
C CYS A 61 13.56 6.57 -10.87
N ASP A 62 14.51 5.94 -10.18
CA ASP A 62 15.93 6.04 -10.45
C ASP A 62 16.48 4.62 -10.26
N GLU A 63 16.68 4.21 -9.01
CA GLU A 63 17.22 2.89 -8.68
C GLU A 63 16.41 2.31 -7.52
N THR A 64 15.10 2.53 -7.53
CA THR A 64 14.18 1.91 -6.59
C THR A 64 12.90 1.56 -7.33
N TYR A 65 12.22 0.51 -6.86
CA TYR A 65 10.98 0.04 -7.43
C TYR A 65 9.88 0.57 -6.54
N ILE A 66 9.10 1.54 -7.02
CA ILE A 66 7.98 2.06 -6.27
C ILE A 66 6.72 1.57 -6.95
N ILE A 67 5.74 1.16 -6.14
CA ILE A 67 4.60 0.38 -6.58
C ILE A 67 3.36 1.16 -6.17
N HIS A 68 2.58 1.61 -7.14
CA HIS A 68 1.39 2.40 -6.88
C HIS A 68 0.19 1.47 -6.89
N ALA A 69 -0.41 1.25 -5.72
CA ALA A 69 -1.53 0.34 -5.55
C ALA A 69 -2.82 1.15 -5.49
N VAL A 70 -3.84 0.77 -6.25
CA VAL A 70 -5.07 1.56 -6.33
C VAL A 70 -6.18 0.85 -5.59
N GLY A 71 -6.61 1.44 -4.46
CA GLY A 71 -7.71 0.91 -3.70
C GLY A 71 -9.04 1.37 -4.31
N PRO A 72 -10.09 0.55 -4.20
CA PRO A 72 -11.42 0.93 -4.63
C PRO A 72 -12.01 1.95 -3.67
N ASN A 73 -12.81 2.87 -4.19
CA ASN A 73 -13.54 3.82 -3.37
C ASN A 73 -14.88 3.22 -2.98
N PHE A 74 -15.00 2.71 -1.75
CA PHE A 74 -16.26 2.23 -1.19
C PHE A 74 -17.38 3.27 -1.32
N ASN A 75 -17.02 4.56 -1.31
CA ASN A 75 -17.94 5.68 -1.38
C ASN A 75 -18.70 5.70 -2.71
N ASN A 76 -18.26 4.91 -3.68
CA ASN A 76 -18.88 4.83 -4.99
C ASN A 76 -18.86 3.39 -5.50
N THR A 77 -18.75 2.38 -4.63
CA THR A 77 -18.93 1.00 -5.11
C THR A 77 -19.65 0.12 -4.09
N SER A 78 -20.13 -1.04 -4.53
CA SER A 78 -20.85 -1.98 -3.69
C SER A 78 -19.84 -2.72 -2.82
N GLU A 79 -20.20 -3.12 -1.60
CA GLU A 79 -19.23 -3.73 -0.69
C GLU A 79 -18.57 -4.98 -1.32
N ALA A 80 -19.32 -5.75 -2.10
CA ALA A 80 -18.78 -6.88 -2.84
C ALA A 80 -17.59 -6.45 -3.69
N GLU A 81 -17.83 -5.47 -4.56
CA GLU A 81 -16.82 -4.91 -5.46
C GLU A 81 -15.68 -4.31 -4.65
N GLY A 82 -15.98 -3.77 -3.47
CA GLY A 82 -15.05 -2.93 -2.74
C GLY A 82 -14.02 -3.78 -2.02
N ASP A 83 -14.48 -4.75 -1.24
CA ASP A 83 -13.59 -5.67 -0.53
C ASP A 83 -12.83 -6.51 -1.56
N ARG A 84 -13.51 -6.93 -2.64
CA ARG A 84 -12.85 -7.70 -3.69
C ARG A 84 -11.71 -6.91 -4.30
N ASP A 85 -11.96 -5.70 -4.80
CA ASP A 85 -10.94 -4.94 -5.51
C ASP A 85 -9.85 -4.46 -4.55
N LEU A 86 -10.16 -4.28 -3.27
CA LEU A 86 -9.14 -4.00 -2.28
C LEU A 86 -8.15 -5.18 -2.22
N ALA A 87 -8.67 -6.41 -2.22
CA ALA A 87 -7.81 -7.59 -2.24
C ALA A 87 -7.06 -7.68 -3.56
N ALA A 88 -7.70 -7.29 -4.67
CA ALA A 88 -7.10 -7.29 -5.99
C ALA A 88 -5.85 -6.40 -6.00
N ALA A 89 -5.99 -5.17 -5.49
CA ALA A 89 -4.90 -4.22 -5.40
C ALA A 89 -3.73 -4.84 -4.65
N TYR A 90 -3.99 -5.33 -3.43
CA TYR A 90 -2.93 -5.93 -2.64
C TYR A 90 -2.28 -7.13 -3.35
N ARG A 91 -3.06 -7.93 -4.07
CA ARG A 91 -2.52 -9.08 -4.80
C ARG A 91 -1.62 -8.62 -5.94
N ALA A 92 -1.99 -7.55 -6.64
CA ALA A 92 -1.19 -7.00 -7.71
C ALA A 92 0.14 -6.51 -7.14
N VAL A 93 0.12 -5.85 -5.97
CA VAL A 93 1.34 -5.45 -5.29
C VAL A 93 2.19 -6.69 -5.09
N ALA A 94 1.68 -7.69 -4.37
CA ALA A 94 2.37 -8.93 -4.06
C ALA A 94 3.03 -9.56 -5.29
N ALA A 95 2.37 -9.48 -6.43
CA ALA A 95 2.93 -9.98 -7.67
C ALA A 95 4.19 -9.18 -7.99
N GLU A 96 4.08 -7.86 -8.10
CA GLU A 96 5.19 -6.97 -8.37
C GLU A 96 6.35 -7.17 -7.37
N ILE A 97 6.09 -7.50 -6.10
CA ILE A 97 7.14 -7.80 -5.12
C ILE A 97 7.99 -8.96 -5.66
N ASN A 98 7.34 -10.06 -5.99
CA ASN A 98 8.06 -11.22 -6.52
C ASN A 98 8.68 -10.89 -7.87
N ARG A 99 8.04 -10.01 -8.64
CA ARG A 99 8.35 -9.77 -10.04
C ARG A 99 9.66 -9.00 -10.18
N LEU A 100 9.80 -7.91 -9.42
CA LEU A 100 11.04 -7.16 -9.31
C LEU A 100 12.02 -7.92 -8.42
N SER A 101 11.52 -8.83 -7.59
CA SER A 101 12.33 -9.72 -6.76
C SER A 101 13.10 -8.94 -5.69
N ILE A 102 12.42 -8.02 -5.00
CA ILE A 102 13.05 -7.31 -3.90
C ILE A 102 13.04 -8.14 -2.62
N SER A 103 13.89 -7.77 -1.67
CA SER A 103 14.06 -8.47 -0.40
C SER A 103 13.25 -7.81 0.70
N SER A 104 12.90 -6.53 0.56
CA SER A 104 12.18 -5.78 1.59
C SER A 104 11.31 -4.74 0.93
N VAL A 105 10.14 -4.48 1.49
CA VAL A 105 9.23 -3.50 0.91
C VAL A 105 8.37 -2.89 2.02
N ALA A 106 8.16 -1.57 1.92
CA ALA A 106 7.26 -0.84 2.80
C ALA A 106 5.87 -0.82 2.17
N ILE A 107 4.82 -0.94 2.98
CA ILE A 107 3.46 -1.11 2.50
C ILE A 107 2.50 -0.37 3.44
N PRO A 108 1.74 0.63 2.95
CA PRO A 108 0.76 1.32 3.75
C PRO A 108 -0.57 0.57 3.77
N LEU A 109 -1.33 0.71 4.86
CA LEU A 109 -2.67 0.19 4.96
C LEU A 109 -3.60 1.00 4.04
N LEU A 110 -3.93 0.47 2.85
CA LEU A 110 -4.93 1.07 1.98
C LEU A 110 -6.33 0.91 2.59
N SER A 111 -7.06 2.03 2.64
CA SER A 111 -8.46 2.23 3.02
C SER A 111 -8.51 3.41 3.98
N THR A 112 -8.06 4.58 3.52
CA THR A 112 -8.02 5.79 4.32
C THR A 112 -8.45 6.96 3.44
N GLY A 113 -8.69 8.11 4.05
CA GLY A 113 -9.06 9.35 3.38
C GLY A 113 -10.38 9.22 2.63
N ILE A 114 -10.30 8.75 1.38
CA ILE A 114 -11.38 8.82 0.40
C ILE A 114 -11.84 7.43 -0.03
N PHE A 115 -11.07 6.38 0.29
CA PHE A 115 -11.41 5.02 -0.12
C PHE A 115 -12.33 4.33 0.88
N SER A 116 -12.41 4.89 2.09
CA SER A 116 -12.93 4.23 3.28
C SER A 116 -14.45 4.15 3.22
N ALA A 117 -15.10 5.31 3.15
CA ALA A 117 -16.54 5.45 3.19
C ALA A 117 -17.18 4.65 4.35
N GLY A 118 -16.49 4.57 5.49
CA GLY A 118 -16.91 3.76 6.62
C GLY A 118 -15.83 2.74 6.99
N LYS A 119 -15.20 2.12 5.98
CA LYS A 119 -14.09 1.19 6.11
C LYS A 119 -12.88 1.87 6.77
N ASP A 120 -12.84 1.88 8.09
CA ASP A 120 -11.78 2.50 8.90
C ASP A 120 -11.28 1.50 9.93
N ARG A 121 -10.82 0.34 9.47
CA ARG A 121 -10.18 -0.63 10.35
C ARG A 121 -9.01 -1.23 9.61
N VAL A 122 -7.81 -0.93 10.11
CA VAL A 122 -6.58 -1.51 9.60
C VAL A 122 -6.69 -3.03 9.63
N HIS A 123 -7.20 -3.59 10.72
CA HIS A 123 -7.44 -5.02 10.87
C HIS A 123 -8.08 -5.61 9.61
N GLN A 124 -9.06 -4.93 9.03
CA GLN A 124 -9.74 -5.50 7.88
C GLN A 124 -8.82 -5.42 6.67
N SER A 125 -8.26 -4.24 6.39
CA SER A 125 -7.53 -4.11 5.13
C SER A 125 -6.30 -5.03 5.13
N LEU A 126 -5.63 -5.06 6.28
CA LEU A 126 -4.47 -5.83 6.66
C LEU A 126 -4.73 -7.32 6.50
N SER A 127 -5.97 -7.79 6.64
CA SER A 127 -6.29 -9.17 6.34
C SER A 127 -6.08 -9.44 4.86
N HIS A 128 -6.64 -8.59 3.99
CA HIS A 128 -6.52 -8.79 2.54
C HIS A 128 -5.06 -8.62 2.11
N LEU A 129 -4.38 -7.62 2.66
CA LEU A 129 -2.98 -7.35 2.40
C LEU A 129 -2.17 -8.58 2.72
N LEU A 130 -2.18 -9.04 3.97
CA LEU A 130 -1.36 -10.16 4.38
C LEU A 130 -1.66 -11.40 3.57
N ALA A 131 -2.93 -11.71 3.28
CA ALA A 131 -3.29 -12.87 2.49
C ALA A 131 -2.56 -12.91 1.13
N ALA A 132 -2.31 -11.74 0.54
CA ALA A 132 -1.62 -11.58 -0.73
C ALA A 132 -0.10 -11.57 -0.53
N MET A 133 0.39 -10.76 0.40
CA MET A 133 1.80 -10.47 0.55
C MET A 133 2.53 -11.63 1.21
N ASP A 134 1.78 -12.52 1.86
CA ASP A 134 2.29 -13.79 2.37
C ASP A 134 2.77 -14.67 1.22
N THR A 135 2.21 -14.48 0.02
CA THR A 135 2.64 -15.24 -1.15
C THR A 135 3.99 -14.76 -1.69
N THR A 136 4.59 -13.71 -1.12
CA THR A 136 5.91 -13.21 -1.49
C THR A 136 6.93 -13.68 -0.45
N GLU A 137 8.21 -13.36 -0.62
CA GLU A 137 9.22 -13.68 0.39
C GLU A 137 9.96 -12.44 0.86
N ALA A 138 9.44 -11.24 0.58
CA ALA A 138 10.08 -10.03 1.05
C ALA A 138 9.66 -9.73 2.49
N ARG A 139 10.43 -8.90 3.20
CA ARG A 139 9.95 -8.32 4.46
C ARG A 139 8.73 -7.47 4.17
N VAL A 140 7.86 -7.36 5.19
CA VAL A 140 6.57 -6.72 5.08
C VAL A 140 6.53 -5.68 6.17
N THR A 141 6.97 -4.47 5.84
CA THR A 141 7.04 -3.42 6.82
C THR A 141 5.77 -2.59 6.65
N ILE A 142 4.84 -2.69 7.58
CA ILE A 142 3.59 -1.96 7.48
C ILE A 142 3.84 -0.53 7.99
N TYR A 143 3.32 0.45 7.25
CA TYR A 143 3.40 1.86 7.60
C TYR A 143 1.97 2.40 7.65
N CYS A 144 1.81 3.60 8.20
CA CYS A 144 0.53 4.29 8.22
C CYS A 144 0.82 5.78 8.21
N ARG A 145 0.82 6.41 9.38
CA ARG A 145 1.35 7.75 9.58
C ARG A 145 2.12 7.75 10.90
N ASP A 146 2.51 8.92 11.39
CA ASP A 146 3.39 9.10 12.54
C ASP A 146 2.70 8.88 13.90
N LYS A 147 1.62 8.09 13.97
CA LYS A 147 0.61 8.33 15.02
C LYS A 147 0.15 7.08 15.75
N THR A 148 -0.79 7.26 16.68
CA THR A 148 -1.42 6.23 17.47
C THR A 148 -2.03 5.12 16.59
N TRP A 149 -2.42 5.43 15.35
CA TRP A 149 -2.83 4.40 14.40
C TRP A 149 -1.76 3.31 14.27
N GLU A 150 -0.49 3.69 14.20
CA GLU A 150 0.63 2.75 14.14
C GLU A 150 0.63 1.83 15.36
N GLN A 151 0.35 2.37 16.55
CA GLN A 151 0.23 1.57 17.76
C GLN A 151 -0.88 0.53 17.61
N LYS A 152 -2.02 0.91 17.04
CA LYS A 152 -3.12 -0.02 16.82
C LYS A 152 -2.67 -1.11 15.87
N ILE A 153 -2.02 -0.75 14.77
CA ILE A 153 -1.52 -1.72 13.81
C ILE A 153 -0.57 -2.70 14.51
N LYS A 154 0.27 -2.24 15.43
CA LYS A 154 1.13 -3.12 16.22
C LYS A 154 0.26 -4.14 16.95
N THR A 155 -0.70 -3.70 17.77
CA THR A 155 -1.48 -4.65 18.56
C THR A 155 -2.16 -5.68 17.66
N VAL A 156 -2.71 -5.26 16.52
CA VAL A 156 -3.33 -6.18 15.57
C VAL A 156 -2.32 -7.21 15.08
N LEU A 157 -1.15 -6.76 14.60
CA LEU A 157 -0.08 -7.64 14.14
C LEU A 157 0.28 -8.68 15.20
N GLN A 158 0.27 -8.32 16.48
CA GLN A 158 0.54 -9.28 17.55
C GLN A 158 -0.65 -10.22 17.78
N ASN A 159 -1.88 -9.75 17.55
CA ASN A 159 -3.08 -10.54 17.83
C ASN A 159 -3.42 -11.52 16.70
N ARG A 160 -2.92 -11.28 15.48
CA ARG A 160 -3.42 -11.99 14.30
C ARG A 160 -2.55 -13.18 13.95
N ALA A 2 3.83 -15.35 5.50
CA ALA A 2 4.91 -16.30 5.25
C ALA A 2 6.29 -15.67 5.43
N PRO A 3 6.61 -14.51 4.82
CA PRO A 3 7.94 -13.94 4.94
C PRO A 3 8.19 -13.34 6.33
N ALA A 4 7.84 -12.07 6.57
CA ALA A 4 8.04 -11.45 7.87
C ALA A 4 7.15 -10.22 7.92
N TYR A 5 6.64 -9.85 9.09
CA TYR A 5 5.68 -8.76 9.25
C TYR A 5 6.27 -7.76 10.24
N THR A 6 6.04 -6.47 10.01
CA THR A 6 6.59 -5.40 10.83
C THR A 6 5.69 -4.18 10.66
N VAL A 7 5.94 -3.14 11.43
CA VAL A 7 5.21 -1.88 11.37
C VAL A 7 6.22 -0.77 11.59
N LYS A 8 6.09 0.36 10.89
CA LYS A 8 7.01 1.47 11.07
C LYS A 8 6.24 2.77 11.18
N ARG A 9 6.48 3.45 12.30
CA ARG A 9 5.74 4.63 12.68
C ARG A 9 6.29 5.83 11.92
N ALA A 10 5.67 6.13 10.77
CA ALA A 10 6.10 7.15 9.83
C ALA A 10 5.12 7.21 8.66
N ASP A 11 5.13 8.32 7.92
CA ASP A 11 4.46 8.38 6.63
C ASP A 11 5.22 7.53 5.63
N ILE A 12 4.48 6.89 4.71
CA ILE A 12 5.08 6.20 3.58
C ILE A 12 5.72 7.25 2.67
N ALA A 13 7.00 7.50 2.89
CA ALA A 13 7.83 8.50 2.24
C ALA A 13 9.27 8.21 2.62
N THR A 14 9.52 8.15 3.92
CA THR A 14 10.85 7.99 4.49
C THR A 14 11.07 6.51 4.83
N ALA A 15 10.71 5.65 3.90
CA ALA A 15 11.01 4.23 4.03
C ALA A 15 12.48 4.01 3.68
N ILE A 16 13.00 2.84 4.04
CA ILE A 16 14.39 2.48 3.82
C ILE A 16 14.49 1.06 3.27
N GLU A 17 13.40 0.55 2.71
CA GLU A 17 13.33 -0.80 2.20
C GLU A 17 13.69 -0.78 0.71
N ASP A 18 13.70 -1.96 0.10
CA ASP A 18 14.06 -2.19 -1.29
C ASP A 18 13.05 -1.50 -2.20
N ALA A 19 11.77 -1.58 -1.81
CA ALA A 19 10.64 -1.04 -2.54
C ALA A 19 9.71 -0.30 -1.60
N VAL A 20 8.88 0.56 -2.17
CA VAL A 20 7.95 1.43 -1.44
C VAL A 20 6.62 1.38 -2.18
N VAL A 21 5.53 1.03 -1.52
CA VAL A 21 4.21 1.00 -2.14
C VAL A 21 3.49 2.28 -1.77
N ASN A 22 2.48 2.66 -2.56
CA ASN A 22 1.67 3.83 -2.33
C ASN A 22 0.20 3.48 -2.43
N ALA A 23 -0.63 4.19 -1.65
CA ALA A 23 -2.07 4.18 -1.80
C ALA A 23 -2.43 5.08 -2.99
N ALA A 24 -2.20 4.57 -4.19
CA ALA A 24 -2.45 5.31 -5.41
C ALA A 24 -3.95 5.53 -5.57
N ASN A 25 -4.32 6.70 -6.08
CA ASN A 25 -5.73 7.10 -6.11
C ASN A 25 -6.49 6.42 -7.24
N HIS A 26 -5.79 6.14 -8.35
CA HIS A 26 -6.28 5.74 -9.68
C HIS A 26 -5.31 6.33 -10.70
N ARG A 27 -5.61 7.50 -11.25
CA ARG A 27 -4.98 7.95 -12.49
C ARG A 27 -3.66 8.68 -12.25
N GLY A 28 -2.79 8.17 -11.37
CA GLY A 28 -1.56 8.83 -11.00
C GLY A 28 -1.82 10.20 -10.38
N GLN A 29 -2.99 10.36 -9.73
CA GLN A 29 -3.38 11.62 -9.17
C GLN A 29 -2.39 12.06 -8.08
N VAL A 30 -2.17 13.37 -8.01
CA VAL A 30 -1.15 14.02 -7.21
C VAL A 30 -1.88 14.79 -6.09
N GLY A 31 -1.14 15.27 -5.10
CA GLY A 31 -1.69 15.90 -3.93
C GLY A 31 -0.67 15.76 -2.81
N ASP A 32 -1.14 15.58 -1.57
CA ASP A 32 -0.29 15.32 -0.42
C ASP A 32 -1.02 14.31 0.46
N GLY A 33 -0.53 14.07 1.68
CA GLY A 33 -1.24 13.32 2.72
C GLY A 33 -1.15 11.83 2.46
N VAL A 34 -0.04 11.21 2.90
CA VAL A 34 0.30 9.81 2.57
C VAL A 34 0.43 9.67 1.06
N CYS A 35 0.90 8.52 0.54
CA CYS A 35 1.08 8.27 -0.89
C CYS A 35 2.00 9.30 -1.54
N ARG A 36 1.45 10.45 -1.94
CA ARG A 36 2.20 11.57 -2.49
C ARG A 36 3.29 12.09 -1.55
N ALA A 37 3.30 11.67 -0.28
CA ALA A 37 4.45 11.89 0.57
C ALA A 37 5.73 11.40 -0.12
N VAL A 38 5.69 10.21 -0.75
CA VAL A 38 6.78 9.75 -1.61
C VAL A 38 6.97 10.70 -2.78
N ALA A 39 5.89 11.13 -3.46
CA ALA A 39 5.98 12.01 -4.62
C ALA A 39 6.83 13.24 -4.32
N ARG A 40 6.70 13.80 -3.12
CA ARG A 40 7.44 15.00 -2.75
C ARG A 40 8.96 14.79 -2.85
N LYS A 41 9.46 13.56 -2.68
CA LYS A 41 10.87 13.25 -2.89
C LYS A 41 11.11 12.68 -4.30
N TRP A 42 10.15 11.97 -4.89
CA TRP A 42 10.32 11.29 -6.17
C TRP A 42 9.05 11.41 -7.02
N PRO A 43 8.75 12.61 -7.53
CA PRO A 43 7.52 12.83 -8.27
C PRO A 43 7.56 12.14 -9.64
N GLN A 44 8.76 11.79 -10.11
CA GLN A 44 8.94 11.13 -11.40
C GLN A 44 8.09 9.86 -11.47
N ALA A 45 8.05 9.07 -10.40
CA ALA A 45 7.29 7.84 -10.40
C ALA A 45 5.81 8.12 -10.64
N PHE A 46 5.27 9.12 -9.94
CA PHE A 46 3.87 9.52 -10.04
C PHE A 46 3.52 9.94 -11.46
N ARG A 47 4.48 10.52 -12.17
CA ARG A 47 4.32 11.12 -13.49
C ARG A 47 3.61 10.19 -14.46
N ASN A 48 3.81 8.87 -14.36
CA ASN A 48 3.05 7.92 -15.17
C ASN A 48 2.66 6.71 -14.35
N ALA A 49 2.07 6.96 -13.18
CA ALA A 49 1.59 5.91 -12.29
C ALA A 49 0.06 5.92 -12.28
N ALA A 50 -0.52 6.01 -13.48
CA ALA A 50 -1.95 5.87 -13.68
C ALA A 50 -2.26 4.39 -13.91
N THR A 51 -3.20 3.83 -13.16
CA THR A 51 -3.59 2.45 -13.33
C THR A 51 -5.00 2.28 -12.74
N PRO A 52 -5.79 1.30 -13.22
CA PRO A 52 -7.16 1.15 -12.77
C PRO A 52 -7.21 0.60 -11.34
N VAL A 53 -8.41 0.58 -10.76
CA VAL A 53 -8.62 -0.01 -9.45
C VAL A 53 -8.25 -1.50 -9.48
N GLY A 54 -7.79 -2.02 -8.35
CA GLY A 54 -7.56 -3.44 -8.20
C GLY A 54 -6.30 -3.88 -8.94
N THR A 55 -5.39 -2.95 -9.21
CA THR A 55 -4.12 -3.30 -9.82
C THR A 55 -3.00 -2.58 -9.07
N ALA A 56 -1.77 -2.80 -9.51
CA ALA A 56 -0.60 -2.13 -9.01
C ALA A 56 0.15 -1.62 -10.24
N LYS A 57 0.90 -0.53 -10.07
CA LYS A 57 1.76 -0.02 -11.12
C LYS A 57 3.13 0.23 -10.53
N THR A 58 4.11 -0.54 -10.94
CA THR A 58 5.48 -0.26 -10.58
C THR A 58 6.01 0.81 -11.56
N VAL A 59 6.62 1.88 -11.05
CA VAL A 59 7.32 2.84 -11.90
C VAL A 59 8.65 3.12 -11.25
N LYS A 60 9.72 2.46 -11.70
CA LYS A 60 11.04 2.73 -11.15
C LYS A 60 11.39 4.18 -11.47
N CYS A 61 11.83 4.92 -10.45
CA CYS A 61 12.24 6.30 -10.62
C CYS A 61 13.66 6.31 -11.18
N ASP A 62 14.68 6.38 -10.31
CA ASP A 62 16.06 6.26 -10.73
C ASP A 62 16.45 4.79 -10.66
N GLU A 63 16.64 4.27 -9.43
CA GLU A 63 17.05 2.89 -9.22
C GLU A 63 16.19 2.20 -8.15
N THR A 64 15.09 2.82 -7.73
CA THR A 64 14.24 2.25 -6.69
C THR A 64 12.98 1.70 -7.32
N TYR A 65 12.30 0.82 -6.60
CA TYR A 65 11.15 0.09 -7.09
C TYR A 65 9.94 0.58 -6.32
N ILE A 66 9.12 1.45 -6.92
CA ILE A 66 7.95 1.95 -6.23
C ILE A 66 6.71 1.42 -6.90
N ILE A 67 5.75 1.01 -6.09
CA ILE A 67 4.53 0.31 -6.47
C ILE A 67 3.36 1.26 -6.18
N HIS A 68 2.38 1.34 -7.05
CA HIS A 68 1.20 2.18 -6.87
C HIS A 68 -0.04 1.29 -6.87
N ALA A 69 -0.58 0.98 -5.69
CA ALA A 69 -1.74 0.11 -5.53
C ALA A 69 -2.99 0.97 -5.48
N VAL A 70 -4.01 0.67 -6.30
CA VAL A 70 -5.19 1.53 -6.38
C VAL A 70 -6.35 0.90 -5.63
N GLY A 71 -6.77 1.54 -4.54
CA GLY A 71 -7.88 1.07 -3.72
C GLY A 71 -9.23 1.48 -4.33
N PRO A 72 -10.25 0.63 -4.18
CA PRO A 72 -11.59 0.90 -4.69
C PRO A 72 -12.29 1.95 -3.85
N ASN A 73 -13.21 2.67 -4.49
CA ASN A 73 -14.03 3.63 -3.81
C ASN A 73 -15.25 2.90 -3.27
N PHE A 74 -15.18 2.37 -2.04
CA PHE A 74 -16.34 1.77 -1.35
C PHE A 74 -17.52 2.74 -1.31
N ASN A 75 -17.26 4.04 -1.31
CA ASN A 75 -18.30 5.07 -1.25
C ASN A 75 -19.16 5.05 -2.50
N ASN A 76 -18.60 4.50 -3.58
CA ASN A 76 -19.16 4.44 -4.89
C ASN A 76 -19.25 2.98 -5.36
N THR A 77 -19.16 2.00 -4.45
CA THR A 77 -19.47 0.61 -4.81
C THR A 77 -20.06 -0.16 -3.63
N SER A 78 -20.36 -1.45 -3.81
CA SER A 78 -20.83 -2.31 -2.74
C SER A 78 -19.66 -2.81 -1.90
N GLU A 79 -19.94 -3.31 -0.70
CA GLU A 79 -18.91 -3.92 0.13
C GLU A 79 -18.19 -5.04 -0.62
N ALA A 80 -18.94 -5.90 -1.32
CA ALA A 80 -18.40 -7.00 -2.10
C ALA A 80 -17.34 -6.55 -3.09
N GLU A 81 -17.74 -5.73 -4.07
CA GLU A 81 -16.81 -5.20 -5.07
C GLU A 81 -15.66 -4.48 -4.38
N GLY A 82 -15.94 -3.78 -3.28
CA GLY A 82 -14.95 -2.95 -2.63
C GLY A 82 -13.85 -3.81 -2.02
N ASP A 83 -14.22 -4.91 -1.40
CA ASP A 83 -13.24 -5.78 -0.76
C ASP A 83 -12.53 -6.63 -1.80
N ARG A 84 -13.22 -6.98 -2.90
CA ARG A 84 -12.65 -7.77 -3.98
C ARG A 84 -11.56 -6.98 -4.67
N ASP A 85 -11.87 -5.76 -5.11
CA ASP A 85 -10.91 -4.87 -5.75
C ASP A 85 -9.78 -4.52 -4.80
N LEU A 86 -10.08 -4.32 -3.51
CA LEU A 86 -9.07 -4.05 -2.52
C LEU A 86 -8.08 -5.22 -2.42
N ALA A 87 -8.60 -6.45 -2.44
CA ALA A 87 -7.78 -7.65 -2.40
C ALA A 87 -6.97 -7.76 -3.68
N ALA A 88 -7.53 -7.33 -4.81
CA ALA A 88 -6.86 -7.32 -6.10
C ALA A 88 -5.68 -6.36 -6.08
N ALA A 89 -5.85 -5.16 -5.52
CA ALA A 89 -4.81 -4.17 -5.39
C ALA A 89 -3.66 -4.74 -4.55
N TYR A 90 -3.96 -5.25 -3.35
CA TYR A 90 -2.93 -5.84 -2.53
C TYR A 90 -2.19 -6.99 -3.24
N ARG A 91 -2.93 -7.91 -3.86
CA ARG A 91 -2.32 -9.03 -4.56
C ARG A 91 -1.47 -8.55 -5.72
N ALA A 92 -1.87 -7.47 -6.39
CA ALA A 92 -1.11 -6.91 -7.49
C ALA A 92 0.22 -6.40 -6.97
N VAL A 93 0.25 -5.76 -5.80
CA VAL A 93 1.50 -5.36 -5.17
C VAL A 93 2.36 -6.61 -4.99
N ALA A 94 1.86 -7.60 -4.26
CA ALA A 94 2.55 -8.84 -3.97
C ALA A 94 3.11 -9.49 -5.24
N ALA A 95 2.39 -9.38 -6.35
CA ALA A 95 2.87 -9.86 -7.62
C ALA A 95 4.15 -9.12 -7.99
N GLU A 96 4.10 -7.79 -8.04
CA GLU A 96 5.22 -6.93 -8.39
C GLU A 96 6.43 -7.12 -7.45
N ILE A 97 6.21 -7.48 -6.18
CA ILE A 97 7.28 -7.87 -5.27
C ILE A 97 8.06 -9.02 -5.88
N ASN A 98 7.37 -10.11 -6.20
CA ASN A 98 8.04 -11.28 -6.74
C ASN A 98 8.57 -10.98 -8.14
N ARG A 99 7.86 -10.13 -8.88
CA ARG A 99 8.13 -9.82 -10.28
C ARG A 99 9.50 -9.19 -10.41
N LEU A 100 9.79 -8.22 -9.56
CA LEU A 100 11.09 -7.58 -9.48
C LEU A 100 12.05 -8.38 -8.58
N SER A 101 11.53 -9.31 -7.78
CA SER A 101 12.30 -10.09 -6.82
C SER A 101 12.97 -9.18 -5.79
N ILE A 102 12.12 -8.48 -5.03
CA ILE A 102 12.49 -7.61 -3.93
C ILE A 102 12.73 -8.43 -2.66
N SER A 103 13.58 -7.92 -1.76
CA SER A 103 13.82 -8.51 -0.46
C SER A 103 12.94 -7.89 0.64
N SER A 104 12.67 -6.60 0.60
CA SER A 104 11.85 -5.94 1.62
C SER A 104 11.06 -4.80 1.00
N VAL A 105 9.83 -4.55 1.47
CA VAL A 105 9.09 -3.42 0.94
C VAL A 105 8.10 -2.90 1.97
N ALA A 106 7.88 -1.59 1.93
CA ALA A 106 6.93 -0.90 2.77
C ALA A 106 5.58 -0.86 2.07
N ILE A 107 4.49 -0.98 2.82
CA ILE A 107 3.14 -1.10 2.32
C ILE A 107 2.21 -0.31 3.23
N PRO A 108 1.62 0.80 2.75
CA PRO A 108 0.72 1.57 3.57
C PRO A 108 -0.62 0.86 3.67
N LEU A 109 -1.31 1.00 4.81
CA LEU A 109 -2.67 0.52 4.93
C LEU A 109 -3.53 1.35 3.96
N LEU A 110 -3.98 0.72 2.86
CA LEU A 110 -4.87 1.26 1.83
C LEU A 110 -6.21 1.73 2.42
N SER A 111 -7.17 2.13 1.58
CA SER A 111 -8.44 2.71 1.99
C SER A 111 -8.24 3.80 3.04
N THR A 112 -7.59 4.89 2.63
CA THR A 112 -7.16 5.96 3.48
C THR A 112 -7.07 7.23 2.63
N GLY A 113 -8.18 7.97 2.54
CA GLY A 113 -8.29 9.09 1.63
C GLY A 113 -9.72 9.13 1.14
N ILE A 114 -9.91 9.26 -0.17
CA ILE A 114 -11.26 9.29 -0.75
C ILE A 114 -11.76 7.86 -1.03
N PHE A 115 -10.85 6.88 -1.05
CA PHE A 115 -11.14 5.48 -1.37
C PHE A 115 -11.30 4.67 -0.07
N SER A 116 -11.93 5.26 0.95
CA SER A 116 -12.16 4.64 2.25
C SER A 116 -13.66 4.51 2.52
N ALA A 117 -14.42 5.58 2.27
CA ALA A 117 -15.84 5.71 2.56
C ALA A 117 -16.05 5.71 4.08
N GLY A 118 -16.02 4.53 4.71
CA GLY A 118 -16.04 4.41 6.15
C GLY A 118 -15.49 3.06 6.60
N LYS A 119 -14.54 2.47 5.86
CA LYS A 119 -13.94 1.21 6.30
C LYS A 119 -12.72 1.52 7.17
N ASP A 120 -12.97 2.00 8.39
CA ASP A 120 -11.93 2.50 9.30
C ASP A 120 -11.27 1.37 10.09
N ARG A 121 -10.73 0.35 9.40
CA ARG A 121 -10.18 -0.81 10.08
C ARG A 121 -8.92 -1.30 9.40
N VAL A 122 -7.78 -0.96 9.99
CA VAL A 122 -6.50 -1.45 9.51
C VAL A 122 -6.47 -2.97 9.52
N HIS A 123 -6.94 -3.61 10.58
CA HIS A 123 -6.96 -5.07 10.63
C HIS A 123 -7.73 -5.65 9.44
N GLN A 124 -8.78 -4.97 8.97
CA GLN A 124 -9.57 -5.50 7.87
C GLN A 124 -8.76 -5.35 6.60
N SER A 125 -8.22 -4.16 6.35
CA SER A 125 -7.59 -3.93 5.07
C SER A 125 -6.32 -4.77 5.00
N LEU A 126 -5.51 -4.67 6.05
CA LEU A 126 -4.28 -5.42 6.23
C LEU A 126 -4.53 -6.91 6.27
N SER A 127 -5.72 -7.43 6.60
CA SER A 127 -5.93 -8.86 6.43
C SER A 127 -5.81 -9.23 4.96
N HIS A 128 -6.44 -8.47 4.07
CA HIS A 128 -6.36 -8.77 2.64
C HIS A 128 -4.92 -8.58 2.16
N LEU A 129 -4.24 -7.55 2.67
CA LEU A 129 -2.83 -7.36 2.36
C LEU A 129 -2.01 -8.56 2.84
N LEU A 130 -2.23 -9.04 4.06
CA LEU A 130 -1.40 -10.07 4.65
C LEU A 130 -1.47 -11.29 3.77
N ALA A 131 -2.67 -11.77 3.48
CA ALA A 131 -2.86 -12.91 2.59
C ALA A 131 -2.23 -12.71 1.19
N ALA A 132 -2.07 -11.48 0.72
CA ALA A 132 -1.46 -11.17 -0.57
C ALA A 132 0.07 -11.19 -0.49
N MET A 133 0.66 -10.34 0.33
CA MET A 133 2.10 -10.21 0.51
C MET A 133 2.70 -11.48 1.11
N ASP A 134 1.88 -12.27 1.80
CA ASP A 134 2.19 -13.62 2.26
C ASP A 134 2.68 -14.47 1.09
N THR A 135 2.14 -14.26 -0.10
CA THR A 135 2.55 -15.01 -1.28
C THR A 135 3.86 -14.48 -1.86
N THR A 136 4.69 -13.77 -1.09
CA THR A 136 6.01 -13.34 -1.54
C THR A 136 7.05 -13.77 -0.51
N GLU A 137 8.33 -13.70 -0.89
CA GLU A 137 9.43 -14.01 0.01
C GLU A 137 10.12 -12.70 0.40
N ALA A 138 9.33 -11.63 0.62
CA ALA A 138 9.88 -10.32 0.97
C ALA A 138 9.25 -9.79 2.26
N ARG A 139 9.97 -8.97 3.01
CA ARG A 139 9.47 -8.43 4.27
C ARG A 139 8.28 -7.51 4.02
N VAL A 140 7.41 -7.40 5.02
CA VAL A 140 6.10 -6.79 4.92
C VAL A 140 6.00 -5.74 6.00
N THR A 141 6.45 -4.54 5.66
CA THR A 141 6.58 -3.47 6.61
C THR A 141 5.36 -2.56 6.45
N ILE A 142 4.38 -2.67 7.35
CA ILE A 142 3.15 -1.91 7.22
C ILE A 142 3.41 -0.48 7.71
N TYR A 143 2.77 0.51 7.09
CA TYR A 143 2.96 1.92 7.43
C TYR A 143 1.59 2.59 7.57
N CYS A 144 1.45 3.46 8.58
CA CYS A 144 0.28 4.31 8.69
C CYS A 144 0.59 5.58 9.49
N ARG A 145 1.46 6.45 8.95
CA ARG A 145 1.86 7.72 9.58
C ARG A 145 2.60 7.44 10.89
N ASP A 146 2.91 8.50 11.64
CA ASP A 146 3.22 8.36 13.06
C ASP A 146 2.03 8.93 13.80
N LYS A 147 1.29 8.08 14.53
CA LYS A 147 0.23 8.51 15.42
C LYS A 147 -0.11 7.37 16.39
N THR A 148 -1.04 7.58 17.31
CA THR A 148 -1.53 6.55 18.21
C THR A 148 -2.14 5.37 17.47
N TRP A 149 -2.71 5.57 16.28
CA TRP A 149 -3.32 4.48 15.53
C TRP A 149 -2.28 3.38 15.26
N GLU A 150 -1.03 3.77 15.01
CA GLU A 150 0.07 2.83 14.79
C GLU A 150 0.29 1.91 15.99
N GLN A 151 0.02 2.34 17.23
CA GLN A 151 0.12 1.41 18.34
C GLN A 151 -0.86 0.25 18.17
N LYS A 152 -2.09 0.55 17.71
CA LYS A 152 -3.03 -0.52 17.41
C LYS A 152 -2.49 -1.38 16.28
N ILE A 153 -1.89 -0.80 15.24
CA ILE A 153 -1.31 -1.59 14.15
C ILE A 153 -0.27 -2.56 14.71
N LYS A 154 0.61 -2.11 15.61
CA LYS A 154 1.65 -2.95 16.19
C LYS A 154 1.02 -4.10 16.98
N THR A 155 0.15 -3.79 17.92
CA THR A 155 -0.48 -4.83 18.75
C THR A 155 -1.33 -5.76 17.88
N VAL A 156 -1.85 -5.28 16.75
CA VAL A 156 -2.60 -6.11 15.82
C VAL A 156 -1.66 -7.11 15.18
N LEU A 157 -0.57 -6.67 14.56
CA LEU A 157 0.42 -7.55 13.95
C LEU A 157 0.93 -8.58 14.95
N GLN A 158 0.99 -8.24 16.24
CA GLN A 158 1.30 -9.21 17.29
C GLN A 158 0.14 -10.19 17.51
N ASN A 159 -1.09 -9.69 17.63
CA ASN A 159 -2.23 -10.50 18.05
C ASN A 159 -2.73 -11.42 16.94
N ARG A 160 -2.55 -11.02 15.67
CA ARG A 160 -3.16 -11.67 14.53
C ARG A 160 -2.30 -12.82 14.07
N ALA A 2 7.94 -18.34 5.28
CA ALA A 2 6.95 -17.24 5.28
C ALA A 2 7.72 -15.94 5.51
N PRO A 3 7.17 -14.78 5.10
CA PRO A 3 7.81 -13.50 5.30
C PRO A 3 7.71 -13.07 6.78
N ALA A 4 8.08 -11.82 7.10
CA ALA A 4 8.20 -11.37 8.49
C ALA A 4 7.60 -9.98 8.61
N TYR A 5 6.75 -9.78 9.61
CA TYR A 5 5.99 -8.57 9.80
C TYR A 5 6.81 -7.55 10.58
N THR A 6 6.60 -6.26 10.30
CA THR A 6 7.32 -5.17 10.95
C THR A 6 6.38 -3.97 10.94
N VAL A 7 6.64 -2.96 11.76
CA VAL A 7 5.92 -1.70 11.76
C VAL A 7 6.93 -0.59 11.99
N LYS A 8 6.74 0.57 11.38
CA LYS A 8 7.65 1.70 11.54
C LYS A 8 6.81 2.97 11.62
N ARG A 9 7.09 3.81 12.61
CA ARG A 9 6.28 4.98 12.91
C ARG A 9 6.82 6.17 12.15
N ALA A 10 6.26 6.44 10.97
CA ALA A 10 6.65 7.52 10.07
C ALA A 10 5.66 7.57 8.91
N ASP A 11 5.74 8.60 8.08
CA ASP A 11 4.97 8.68 6.85
C ASP A 11 5.67 7.92 5.74
N ILE A 12 4.87 7.35 4.85
CA ILE A 12 5.35 6.77 3.61
C ILE A 12 5.88 7.92 2.74
N ALA A 13 7.21 8.08 2.78
CA ALA A 13 8.05 9.04 2.09
C ALA A 13 9.52 8.67 2.30
N THR A 14 9.88 8.34 3.54
CA THR A 14 11.26 8.06 3.91
C THR A 14 11.32 6.69 4.59
N ALA A 15 10.78 5.69 3.88
CA ALA A 15 10.95 4.29 4.24
C ALA A 15 12.42 3.90 4.09
N ILE A 16 12.78 2.70 4.53
CA ILE A 16 14.16 2.23 4.56
C ILE A 16 14.27 0.86 3.88
N GLU A 17 13.33 0.55 3.00
CA GLU A 17 13.23 -0.73 2.32
C GLU A 17 13.52 -0.54 0.82
N ASP A 18 13.85 -1.63 0.12
CA ASP A 18 14.22 -1.63 -1.30
C ASP A 18 13.17 -0.91 -2.13
N ALA A 19 11.92 -1.21 -1.79
CA ALA A 19 10.74 -0.84 -2.52
C ALA A 19 9.72 -0.27 -1.55
N VAL A 20 8.86 0.59 -2.08
CA VAL A 20 7.89 1.34 -1.32
C VAL A 20 6.57 1.13 -2.06
N VAL A 21 5.46 1.00 -1.35
CA VAL A 21 4.16 0.90 -1.98
C VAL A 21 3.36 2.13 -1.56
N ASN A 22 2.46 2.57 -2.44
CA ASN A 22 1.58 3.68 -2.15
C ASN A 22 0.14 3.23 -2.34
N ALA A 23 -0.75 3.78 -1.53
CA ALA A 23 -2.16 3.82 -1.81
C ALA A 23 -2.38 4.83 -2.94
N ALA A 24 -1.96 4.48 -4.15
CA ALA A 24 -2.08 5.34 -5.30
C ALA A 24 -3.55 5.48 -5.67
N ASN A 25 -3.86 6.58 -6.36
CA ASN A 25 -5.22 6.85 -6.78
C ASN A 25 -5.39 6.30 -8.19
N HIS A 26 -6.65 6.12 -8.61
CA HIS A 26 -7.00 5.73 -9.97
C HIS A 26 -6.26 6.62 -10.99
N ARG A 27 -6.17 7.93 -10.70
CA ARG A 27 -5.34 8.82 -11.49
C ARG A 27 -4.00 8.93 -10.80
N GLY A 28 -2.94 8.57 -11.50
CA GLY A 28 -1.58 8.88 -11.09
C GLY A 28 -1.36 10.37 -11.29
N GLN A 29 -1.80 11.16 -10.32
CA GLN A 29 -1.54 12.59 -10.24
C GLN A 29 -1.09 12.89 -8.81
N VAL A 30 -0.15 13.82 -8.65
CA VAL A 30 0.37 14.17 -7.34
C VAL A 30 -0.59 15.17 -6.69
N GLY A 31 -1.22 14.79 -5.58
CA GLY A 31 -2.06 15.70 -4.82
C GLY A 31 -3.11 14.92 -4.06
N ASP A 32 -2.79 14.49 -2.84
CA ASP A 32 -3.72 13.72 -2.02
C ASP A 32 -3.35 13.87 -0.55
N GLY A 33 -2.19 13.33 -0.17
CA GLY A 33 -1.69 13.36 1.20
C GLY A 33 -0.38 12.61 1.26
N VAL A 34 -0.38 11.38 1.77
CA VAL A 34 0.82 10.54 1.85
C VAL A 34 1.42 10.30 0.46
N CYS A 35 0.57 10.20 -0.57
CA CYS A 35 1.02 10.18 -1.95
C CYS A 35 1.96 11.34 -2.27
N ARG A 36 1.64 12.55 -1.82
CA ARG A 36 2.51 13.69 -2.04
C ARG A 36 3.81 13.57 -1.24
N ALA A 37 3.78 12.91 -0.08
CA ALA A 37 4.98 12.69 0.73
C ALA A 37 6.01 11.92 -0.09
N VAL A 38 5.63 10.78 -0.67
CA VAL A 38 6.51 10.01 -1.55
C VAL A 38 6.87 10.83 -2.78
N ALA A 39 5.89 11.44 -3.44
CA ALA A 39 6.11 12.19 -4.66
C ALA A 39 7.16 13.29 -4.47
N ARG A 40 7.27 13.88 -3.27
CA ARG A 40 8.32 14.86 -3.00
C ARG A 40 9.72 14.26 -3.20
N LYS A 41 9.94 12.99 -2.82
CA LYS A 41 11.19 12.32 -3.13
C LYS A 41 11.23 11.84 -4.59
N TRP A 42 10.14 11.30 -5.13
CA TRP A 42 10.16 10.58 -6.41
C TRP A 42 8.96 10.95 -7.27
N PRO A 43 8.88 12.18 -7.78
CA PRO A 43 7.70 12.65 -8.50
C PRO A 43 7.59 11.96 -9.87
N GLN A 44 8.73 11.67 -10.51
CA GLN A 44 8.72 11.02 -11.81
C GLN A 44 8.02 9.66 -11.78
N ALA A 45 8.09 8.92 -10.66
CA ALA A 45 7.34 7.68 -10.54
C ALA A 45 5.84 7.97 -10.65
N PHE A 46 5.38 8.97 -9.90
CA PHE A 46 3.97 9.35 -9.88
C PHE A 46 3.50 9.84 -11.24
N ARG A 47 4.41 10.39 -12.06
CA ARG A 47 4.07 11.02 -13.34
C ARG A 47 3.15 10.15 -14.20
N ASN A 48 3.40 8.84 -14.27
CA ASN A 48 2.58 7.93 -15.07
C ASN A 48 2.04 6.79 -14.19
N ALA A 49 1.76 7.06 -12.93
CA ALA A 49 1.31 6.04 -11.97
C ALA A 49 -0.21 5.81 -12.08
N ALA A 50 -0.81 6.09 -13.24
CA ALA A 50 -2.25 5.97 -13.41
C ALA A 50 -2.57 4.54 -13.80
N THR A 51 -3.57 3.94 -13.13
CA THR A 51 -3.89 2.56 -13.37
C THR A 51 -5.26 2.23 -12.76
N PRO A 52 -5.93 1.18 -13.26
CA PRO A 52 -7.28 0.85 -12.85
C PRO A 52 -7.29 0.32 -11.43
N VAL A 53 -8.46 0.29 -10.81
CA VAL A 53 -8.59 -0.22 -9.47
C VAL A 53 -8.27 -1.72 -9.47
N GLY A 54 -7.81 -2.21 -8.32
CA GLY A 54 -7.58 -3.62 -8.11
C GLY A 54 -6.32 -4.09 -8.81
N THR A 55 -5.42 -3.17 -9.15
CA THR A 55 -4.16 -3.54 -9.76
C THR A 55 -3.03 -2.74 -9.11
N ALA A 56 -1.81 -2.98 -9.58
CA ALA A 56 -0.62 -2.30 -9.14
C ALA A 56 0.14 -1.90 -10.39
N LYS A 57 0.97 -0.86 -10.28
CA LYS A 57 1.84 -0.45 -11.36
C LYS A 57 3.16 0.02 -10.77
N THR A 58 4.23 -0.71 -10.99
CA THR A 58 5.55 -0.25 -10.58
C THR A 58 6.01 0.79 -11.58
N VAL A 59 6.51 1.94 -11.10
CA VAL A 59 7.15 2.92 -11.95
C VAL A 59 8.47 3.29 -11.30
N LYS A 60 9.58 2.75 -11.82
CA LYS A 60 10.87 3.07 -11.24
C LYS A 60 11.13 4.56 -11.43
N CYS A 61 11.55 5.25 -10.37
CA CYS A 61 11.82 6.68 -10.47
C CYS A 61 13.17 6.88 -11.15
N ASP A 62 14.20 6.32 -10.54
CA ASP A 62 15.57 6.29 -11.03
C ASP A 62 16.02 4.85 -10.90
N GLU A 63 16.31 4.43 -9.67
CA GLU A 63 16.84 3.11 -9.39
C GLU A 63 16.16 2.53 -8.14
N THR A 64 14.85 2.77 -8.01
CA THR A 64 14.04 2.17 -6.95
C THR A 64 12.79 1.59 -7.56
N TYR A 65 12.16 0.66 -6.84
CA TYR A 65 11.02 -0.10 -7.32
C TYR A 65 9.83 0.31 -6.48
N ILE A 66 9.17 1.40 -6.85
CA ILE A 66 8.00 1.86 -6.13
C ILE A 66 6.78 1.30 -6.84
N ILE A 67 5.79 0.88 -6.04
CA ILE A 67 4.61 0.18 -6.50
C ILE A 67 3.41 1.09 -6.22
N HIS A 68 2.56 1.32 -7.21
CA HIS A 68 1.40 2.16 -7.07
C HIS A 68 0.16 1.28 -7.09
N ALA A 69 -0.42 1.02 -5.91
CA ALA A 69 -1.57 0.13 -5.74
C ALA A 69 -2.83 0.96 -5.70
N VAL A 70 -3.91 0.56 -6.39
CA VAL A 70 -5.09 1.40 -6.48
C VAL A 70 -6.26 0.72 -5.77
N GLY A 71 -6.81 1.42 -4.77
CA GLY A 71 -7.86 0.92 -3.90
C GLY A 71 -9.24 1.43 -4.33
N PRO A 72 -10.29 0.62 -4.13
CA PRO A 72 -11.63 0.93 -4.60
C PRO A 72 -12.33 1.99 -3.77
N ASN A 73 -13.18 2.75 -4.45
CA ASN A 73 -14.08 3.70 -3.84
C ASN A 73 -15.27 2.97 -3.23
N PHE A 74 -15.14 2.46 -2.01
CA PHE A 74 -16.25 1.92 -1.22
C PHE A 74 -17.40 2.93 -1.05
N ASN A 75 -17.16 4.23 -1.28
CA ASN A 75 -18.17 5.27 -1.10
C ASN A 75 -19.03 5.40 -2.36
N ASN A 76 -18.63 4.71 -3.43
CA ASN A 76 -19.21 4.77 -4.75
C ASN A 76 -19.30 3.36 -5.35
N THR A 77 -19.04 2.30 -4.56
CA THR A 77 -19.30 0.94 -5.00
C THR A 77 -19.82 0.10 -3.83
N SER A 78 -20.25 -1.11 -4.11
CA SER A 78 -20.75 -2.04 -3.10
C SER A 78 -19.60 -2.70 -2.37
N GLU A 79 -19.80 -3.13 -1.13
CA GLU A 79 -18.81 -3.86 -0.34
C GLU A 79 -18.29 -5.09 -1.09
N ALA A 80 -19.10 -5.71 -1.95
CA ALA A 80 -18.65 -6.81 -2.78
C ALA A 80 -17.48 -6.40 -3.68
N GLU A 81 -17.71 -5.42 -4.57
CA GLU A 81 -16.66 -4.96 -5.46
C GLU A 81 -15.53 -4.35 -4.67
N GLY A 82 -15.84 -3.71 -3.53
CA GLY A 82 -14.86 -2.95 -2.77
C GLY A 82 -13.85 -3.90 -2.14
N ASP A 83 -14.35 -4.91 -1.44
CA ASP A 83 -13.54 -5.95 -0.83
C ASP A 83 -12.69 -6.62 -1.90
N ARG A 84 -13.35 -7.02 -2.99
CA ARG A 84 -12.70 -7.77 -4.05
C ARG A 84 -11.54 -6.99 -4.65
N ASP A 85 -11.77 -5.74 -5.03
CA ASP A 85 -10.76 -4.91 -5.67
C ASP A 85 -9.68 -4.50 -4.67
N LEU A 86 -10.01 -4.32 -3.40
CA LEU A 86 -9.04 -4.01 -2.38
C LEU A 86 -8.06 -5.18 -2.26
N ALA A 87 -8.58 -6.40 -2.25
CA ALA A 87 -7.76 -7.60 -2.18
C ALA A 87 -6.93 -7.73 -3.45
N ALA A 88 -7.53 -7.42 -4.60
CA ALA A 88 -6.87 -7.46 -5.89
C ALA A 88 -5.70 -6.48 -5.92
N ALA A 89 -5.89 -5.28 -5.35
CA ALA A 89 -4.88 -4.24 -5.31
C ALA A 89 -3.67 -4.78 -4.55
N TYR A 90 -3.87 -5.24 -3.30
CA TYR A 90 -2.78 -5.80 -2.53
C TYR A 90 -2.10 -6.95 -3.29
N ARG A 91 -2.88 -7.82 -3.92
CA ARG A 91 -2.34 -9.00 -4.61
C ARG A 91 -1.50 -8.59 -5.82
N ALA A 92 -1.88 -7.53 -6.50
CA ALA A 92 -1.11 -7.02 -7.63
C ALA A 92 0.22 -6.52 -7.12
N VAL A 93 0.24 -5.78 -6.00
CA VAL A 93 1.50 -5.36 -5.40
C VAL A 93 2.36 -6.59 -5.15
N ALA A 94 1.82 -7.57 -4.41
CA ALA A 94 2.49 -8.80 -4.05
C ALA A 94 3.09 -9.50 -5.27
N ALA A 95 2.42 -9.44 -6.41
CA ALA A 95 2.98 -9.97 -7.63
C ALA A 95 4.26 -9.20 -7.95
N GLU A 96 4.20 -7.88 -8.03
CA GLU A 96 5.33 -7.03 -8.28
C GLU A 96 6.46 -7.18 -7.26
N ILE A 97 6.17 -7.52 -6.00
CA ILE A 97 7.19 -7.84 -5.01
C ILE A 97 8.06 -8.98 -5.55
N ASN A 98 7.41 -10.07 -5.96
CA ASN A 98 8.13 -11.24 -6.44
C ASN A 98 8.64 -11.02 -7.87
N ARG A 99 8.04 -10.08 -8.61
CA ARG A 99 8.36 -9.84 -10.01
C ARG A 99 9.67 -9.08 -10.14
N LEU A 100 9.84 -8.06 -9.29
CA LEU A 100 11.02 -7.24 -9.19
C LEU A 100 12.09 -7.93 -8.31
N SER A 101 11.70 -8.96 -7.57
CA SER A 101 12.59 -9.76 -6.73
C SER A 101 13.17 -8.94 -5.58
N ILE A 102 12.27 -8.29 -4.83
CA ILE A 102 12.61 -7.46 -3.70
C ILE A 102 12.90 -8.33 -2.47
N SER A 103 13.67 -7.78 -1.52
CA SER A 103 13.94 -8.45 -0.25
C SER A 103 13.29 -7.73 0.93
N SER A 104 12.84 -6.48 0.76
CA SER A 104 12.08 -5.78 1.78
C SER A 104 11.22 -4.72 1.12
N VAL A 105 9.99 -4.54 1.59
CA VAL A 105 9.14 -3.50 1.06
C VAL A 105 8.25 -2.94 2.16
N ALA A 106 7.89 -1.67 1.98
CA ALA A 106 6.95 -0.98 2.83
C ALA A 106 5.57 -1.00 2.18
N ILE A 107 4.53 -1.36 2.93
CA ILE A 107 3.18 -1.55 2.44
C ILE A 107 2.23 -0.78 3.36
N PRO A 108 1.59 0.29 2.88
CA PRO A 108 0.65 1.06 3.66
C PRO A 108 -0.70 0.35 3.70
N LEU A 109 -1.45 0.58 4.77
CA LEU A 109 -2.81 0.10 4.89
C LEU A 109 -3.70 0.93 3.93
N LEU A 110 -4.13 0.37 2.80
CA LEU A 110 -5.06 1.05 1.88
C LEU A 110 -6.46 1.12 2.47
N SER A 111 -7.31 2.01 1.95
CA SER A 111 -8.60 2.33 2.54
C SER A 111 -8.39 2.92 3.93
N THR A 112 -8.00 4.18 3.96
CA THR A 112 -7.97 4.97 5.18
C THR A 112 -7.97 6.43 4.74
N GLY A 113 -8.94 7.22 5.21
CA GLY A 113 -9.10 8.58 4.71
C GLY A 113 -9.71 8.52 3.32
N ILE A 114 -8.87 8.36 2.29
CA ILE A 114 -9.31 8.23 0.91
C ILE A 114 -9.64 6.77 0.61
N PHE A 115 -10.46 6.56 -0.43
CA PHE A 115 -10.95 5.26 -0.89
C PHE A 115 -11.27 4.32 0.27
N SER A 116 -12.02 4.85 1.25
CA SER A 116 -12.31 4.16 2.50
C SER A 116 -13.78 4.23 2.88
N ALA A 117 -14.54 5.24 2.40
CA ALA A 117 -15.94 5.43 2.75
C ALA A 117 -16.20 5.39 4.27
N GLY A 118 -15.25 5.87 5.07
CA GLY A 118 -15.36 5.89 6.53
C GLY A 118 -15.54 4.49 7.13
N LYS A 119 -15.05 3.46 6.46
CA LYS A 119 -15.13 2.08 6.92
C LYS A 119 -13.81 1.39 6.54
N ASP A 120 -13.76 0.05 6.63
CA ASP A 120 -12.62 -0.78 6.28
C ASP A 120 -11.41 -0.42 7.12
N ARG A 121 -11.45 -0.84 8.39
CA ARG A 121 -10.38 -0.54 9.33
C ARG A 121 -9.12 -1.30 8.97
N VAL A 122 -8.03 -0.99 9.68
CA VAL A 122 -6.76 -1.66 9.43
C VAL A 122 -6.90 -3.17 9.57
N HIS A 123 -7.60 -3.67 10.59
CA HIS A 123 -7.76 -5.12 10.74
C HIS A 123 -8.44 -5.76 9.52
N GLN A 124 -9.24 -4.98 8.80
CA GLN A 124 -9.94 -5.40 7.59
C GLN A 124 -8.90 -5.50 6.48
N SER A 125 -8.18 -4.39 6.26
CA SER A 125 -7.30 -4.28 5.13
C SER A 125 -6.13 -5.24 5.28
N LEU A 126 -5.48 -5.27 6.45
CA LEU A 126 -4.42 -6.21 6.83
C LEU A 126 -4.85 -7.64 6.58
N SER A 127 -6.14 -7.96 6.72
CA SER A 127 -6.62 -9.29 6.36
C SER A 127 -6.37 -9.55 4.86
N HIS A 128 -6.82 -8.66 3.97
CA HIS A 128 -6.65 -8.86 2.53
C HIS A 128 -5.20 -8.67 2.07
N LEU A 129 -4.48 -7.79 2.76
CA LEU A 129 -3.12 -7.39 2.49
C LEU A 129 -2.24 -8.58 2.76
N LEU A 130 -2.34 -9.18 3.96
CA LEU A 130 -1.60 -10.39 4.29
C LEU A 130 -1.97 -11.50 3.31
N ALA A 131 -3.25 -11.69 2.98
CA ALA A 131 -3.66 -12.72 2.03
C ALA A 131 -2.99 -12.61 0.65
N ALA A 132 -2.52 -11.42 0.29
CA ALA A 132 -1.87 -11.07 -0.96
C ALA A 132 -0.35 -11.17 -0.82
N MET A 133 0.22 -10.43 0.10
CA MET A 133 1.63 -10.38 0.44
C MET A 133 2.16 -11.74 0.91
N ASP A 134 1.30 -12.64 1.39
CA ASP A 134 1.71 -14.00 1.73
C ASP A 134 2.14 -14.75 0.48
N THR A 135 1.71 -14.29 -0.69
CA THR A 135 2.22 -14.81 -1.96
C THR A 135 3.64 -14.28 -2.24
N THR A 136 4.34 -13.68 -1.27
CA THR A 136 5.73 -13.23 -1.42
C THR A 136 6.56 -13.73 -0.23
N GLU A 137 7.89 -13.62 -0.35
CA GLU A 137 8.80 -13.99 0.72
C GLU A 137 9.72 -12.80 1.07
N ALA A 138 9.27 -11.57 0.82
CA ALA A 138 10.06 -10.39 1.19
C ALA A 138 9.71 -9.93 2.61
N ARG A 139 10.56 -9.10 3.24
CA ARG A 139 10.18 -8.45 4.50
C ARG A 139 8.97 -7.55 4.27
N VAL A 140 8.21 -7.37 5.34
CA VAL A 140 6.92 -6.72 5.32
C VAL A 140 6.99 -5.61 6.35
N THR A 141 6.81 -4.38 5.89
CA THR A 141 6.95 -3.23 6.75
C THR A 141 5.67 -2.43 6.65
N ILE A 142 4.80 -2.54 7.65
CA ILE A 142 3.53 -1.86 7.61
C ILE A 142 3.79 -0.40 8.00
N TYR A 143 3.17 0.53 7.28
CA TYR A 143 3.27 1.95 7.58
C TYR A 143 1.87 2.53 7.66
N CYS A 144 1.75 3.64 8.39
CA CYS A 144 0.50 4.37 8.52
C CYS A 144 0.87 5.84 8.72
N ARG A 145 1.10 6.27 9.95
CA ARG A 145 1.54 7.63 10.23
C ARG A 145 2.26 7.69 11.56
N ASP A 146 2.78 8.86 11.89
CA ASP A 146 3.56 9.19 13.08
C ASP A 146 2.68 9.43 14.30
N LYS A 147 1.72 8.55 14.59
CA LYS A 147 0.76 8.80 15.66
C LYS A 147 0.42 7.51 16.37
N THR A 148 -0.31 7.61 17.49
CA THR A 148 -0.82 6.52 18.31
C THR A 148 -1.46 5.38 17.51
N TRP A 149 -1.94 5.65 16.30
CA TRP A 149 -2.49 4.66 15.39
C TRP A 149 -1.51 3.49 15.19
N GLU A 150 -0.20 3.76 15.15
CA GLU A 150 0.86 2.75 15.10
C GLU A 150 0.65 1.67 16.14
N GLN A 151 0.24 2.04 17.36
CA GLN A 151 0.02 1.09 18.45
C GLN A 151 -1.11 0.13 18.10
N LYS A 152 -2.21 0.65 17.51
CA LYS A 152 -3.31 -0.19 17.07
C LYS A 152 -2.82 -1.15 16.01
N ILE A 153 -2.03 -0.67 15.05
CA ILE A 153 -1.44 -1.53 14.04
C ILE A 153 -0.51 -2.56 14.68
N LYS A 154 0.16 -2.23 15.79
CA LYS A 154 1.05 -3.15 16.49
C LYS A 154 0.25 -4.33 17.03
N THR A 155 -0.83 -4.06 17.77
CA THR A 155 -1.63 -5.15 18.29
C THR A 155 -2.23 -5.96 17.15
N VAL A 156 -2.62 -5.33 16.03
CA VAL A 156 -3.16 -6.05 14.89
C VAL A 156 -2.12 -7.04 14.36
N LEU A 157 -0.87 -6.62 14.19
CA LEU A 157 0.21 -7.50 13.79
C LEU A 157 0.34 -8.70 14.75
N GLN A 158 0.16 -8.50 16.05
CA GLN A 158 0.14 -9.62 16.99
C GLN A 158 -1.11 -10.48 16.86
N ASN A 159 -2.24 -9.88 16.48
CA ASN A 159 -3.56 -10.52 16.52
C ASN A 159 -3.90 -11.21 15.21
N ARG A 160 -3.17 -10.91 14.14
CA ARG A 160 -3.48 -11.37 12.80
C ARG A 160 -3.06 -12.80 12.56
N ALA A 2 12.17 -16.00 4.57
CA ALA A 2 10.72 -16.08 4.34
C ALA A 2 10.15 -14.68 4.55
N PRO A 3 8.95 -14.36 4.04
CA PRO A 3 8.34 -13.08 4.33
C PRO A 3 8.03 -12.99 5.83
N ALA A 4 8.02 -11.78 6.38
CA ALA A 4 7.72 -11.56 7.79
C ALA A 4 7.13 -10.16 7.93
N TYR A 5 6.11 -10.02 8.77
CA TYR A 5 5.39 -8.78 8.95
C TYR A 5 6.13 -7.93 9.97
N THR A 6 6.19 -6.62 9.77
CA THR A 6 6.85 -5.68 10.66
C THR A 6 6.01 -4.39 10.65
N VAL A 7 6.31 -3.41 11.49
CA VAL A 7 5.69 -2.10 11.49
C VAL A 7 6.78 -1.06 11.72
N LYS A 8 6.61 0.15 11.17
CA LYS A 8 7.51 1.27 11.44
C LYS A 8 6.72 2.54 11.68
N ARG A 9 7.32 3.48 12.43
CA ARG A 9 6.61 4.57 13.07
C ARG A 9 7.01 5.87 12.38
N ALA A 10 6.40 6.11 11.22
CA ALA A 10 6.78 7.14 10.27
C ALA A 10 5.69 7.21 9.18
N ASP A 11 5.77 8.21 8.31
CA ASP A 11 4.93 8.29 7.12
C ASP A 11 5.50 7.34 6.07
N ILE A 12 4.65 6.75 5.23
CA ILE A 12 5.12 5.98 4.08
C ILE A 12 5.83 6.92 3.09
N ALA A 13 7.14 7.02 3.24
CA ALA A 13 8.06 7.72 2.35
C ALA A 13 9.49 7.47 2.81
N THR A 14 9.73 7.60 4.12
CA THR A 14 11.02 7.33 4.71
C THR A 14 11.02 5.84 5.07
N ALA A 15 10.91 5.03 4.03
CA ALA A 15 11.09 3.60 4.14
C ALA A 15 12.55 3.28 3.86
N ILE A 16 12.95 2.05 4.11
CA ILE A 16 14.32 1.58 3.96
C ILE A 16 14.33 0.29 3.16
N GLU A 17 13.38 0.14 2.22
CA GLU A 17 13.22 -1.10 1.48
C GLU A 17 13.48 -0.89 -0.01
N ASP A 18 13.67 -2.02 -0.73
CA ASP A 18 13.97 -2.06 -2.17
C ASP A 18 12.82 -1.47 -2.98
N ALA A 19 11.60 -1.70 -2.48
CA ALA A 19 10.40 -1.10 -3.03
C ALA A 19 9.63 -0.37 -1.95
N VAL A 20 8.82 0.59 -2.39
CA VAL A 20 7.98 1.41 -1.55
C VAL A 20 6.62 1.40 -2.22
N VAL A 21 5.58 0.90 -1.57
CA VAL A 21 4.25 0.93 -2.13
C VAL A 21 3.59 2.24 -1.68
N ASN A 22 2.62 2.74 -2.44
CA ASN A 22 1.91 3.96 -2.14
C ASN A 22 0.41 3.69 -2.19
N ALA A 23 -0.37 4.39 -1.36
CA ALA A 23 -1.82 4.30 -1.35
C ALA A 23 -2.36 5.25 -2.44
N ALA A 24 -2.17 4.85 -3.70
CA ALA A 24 -2.46 5.68 -4.84
C ALA A 24 -3.96 5.77 -5.08
N ASN A 25 -4.50 6.96 -5.37
CA ASN A 25 -5.93 7.13 -5.56
C ASN A 25 -6.27 7.09 -7.04
N HIS A 26 -5.79 6.08 -7.76
CA HIS A 26 -6.04 5.88 -9.20
C HIS A 26 -5.19 6.84 -10.04
N ARG A 27 -5.22 8.15 -9.79
CA ARG A 27 -4.32 9.08 -10.43
C ARG A 27 -3.03 8.98 -9.65
N GLY A 28 -1.98 8.54 -10.33
CA GLY A 28 -0.64 8.53 -9.79
C GLY A 28 -0.01 9.87 -10.08
N GLN A 29 -0.58 10.92 -9.50
CA GLN A 29 -0.03 12.27 -9.54
C GLN A 29 -0.13 12.87 -8.14
N VAL A 30 0.53 14.01 -7.91
CA VAL A 30 0.43 14.68 -6.63
C VAL A 30 -1.02 15.11 -6.42
N GLY A 31 -1.58 14.75 -5.26
CA GLY A 31 -2.98 14.93 -4.93
C GLY A 31 -3.12 14.81 -3.43
N ASP A 32 -4.22 14.24 -2.94
CA ASP A 32 -4.55 14.28 -1.52
C ASP A 32 -4.56 12.88 -0.92
N GLY A 33 -4.46 12.79 0.40
CA GLY A 33 -4.40 11.53 1.13
C GLY A 33 -2.95 11.10 1.34
N VAL A 34 -2.76 9.85 1.75
CA VAL A 34 -1.43 9.28 1.96
C VAL A 34 -0.82 8.98 0.60
N CYS A 35 -0.27 10.00 -0.05
CA CYS A 35 0.31 9.88 -1.37
C CYS A 35 1.48 10.85 -1.47
N ARG A 36 1.22 12.12 -1.13
CA ARG A 36 2.16 13.23 -1.10
C ARG A 36 3.49 12.89 -0.43
N ALA A 37 3.48 12.02 0.58
CA ALA A 37 4.64 11.70 1.38
C ALA A 37 5.78 11.25 0.46
N VAL A 38 5.50 10.26 -0.38
CA VAL A 38 6.46 9.79 -1.36
C VAL A 38 6.64 10.84 -2.45
N ALA A 39 5.53 11.35 -3.00
CA ALA A 39 5.55 12.22 -4.18
C ALA A 39 6.56 13.35 -4.03
N ARG A 40 6.63 13.95 -2.83
CA ARG A 40 7.57 15.01 -2.46
C ARG A 40 8.99 14.74 -2.95
N LYS A 41 9.47 13.50 -2.87
CA LYS A 41 10.81 13.14 -3.30
C LYS A 41 10.82 11.99 -4.29
N TRP A 42 9.72 11.81 -5.03
CA TRP A 42 9.61 10.84 -6.12
C TRP A 42 8.74 11.39 -7.25
N PRO A 43 9.05 12.58 -7.79
CA PRO A 43 8.24 13.19 -8.84
C PRO A 43 8.30 12.36 -10.12
N GLN A 44 9.48 11.87 -10.48
CA GLN A 44 9.66 11.18 -11.75
C GLN A 44 8.88 9.87 -11.78
N ALA A 45 8.81 9.15 -10.65
CA ALA A 45 7.94 7.99 -10.53
C ALA A 45 6.48 8.42 -10.72
N PHE A 46 6.08 9.51 -10.07
CA PHE A 46 4.75 10.08 -10.20
C PHE A 46 4.52 10.76 -11.56
N ARG A 47 5.42 10.60 -12.53
CA ARG A 47 5.21 11.17 -13.85
C ARG A 47 4.10 10.43 -14.59
N ASN A 48 4.01 9.10 -14.42
CA ASN A 48 2.91 8.34 -14.98
C ASN A 48 2.64 7.11 -14.12
N ALA A 49 2.24 7.34 -12.86
CA ALA A 49 1.97 6.26 -11.93
C ALA A 49 0.48 5.88 -11.90
N ALA A 50 -0.35 6.52 -12.72
CA ALA A 50 -1.78 6.27 -12.73
C ALA A 50 -2.06 4.84 -13.15
N THR A 51 -3.09 4.25 -12.55
CA THR A 51 -3.44 2.89 -12.84
C THR A 51 -4.85 2.60 -12.32
N PRO A 52 -5.53 1.58 -12.86
CA PRO A 52 -6.91 1.33 -12.55
C PRO A 52 -7.08 0.82 -11.13
N VAL A 53 -8.33 0.80 -10.66
CA VAL A 53 -8.67 0.26 -9.36
C VAL A 53 -8.32 -1.22 -9.30
N GLY A 54 -7.98 -1.73 -8.11
CA GLY A 54 -7.78 -3.14 -7.88
C GLY A 54 -6.48 -3.63 -8.49
N THR A 55 -5.52 -2.74 -8.76
CA THR A 55 -4.26 -3.17 -9.35
C THR A 55 -3.11 -2.40 -8.71
N ALA A 56 -1.89 -2.61 -9.23
CA ALA A 56 -0.68 -2.00 -8.72
C ALA A 56 0.17 -1.61 -9.93
N LYS A 57 0.82 -0.44 -9.87
CA LYS A 57 1.69 0.01 -10.94
C LYS A 57 3.07 0.29 -10.38
N THR A 58 4.07 -0.46 -10.82
CA THR A 58 5.44 -0.05 -10.56
C THR A 58 5.81 1.04 -11.56
N VAL A 59 6.53 2.07 -11.09
CA VAL A 59 7.30 2.95 -11.93
C VAL A 59 8.71 2.94 -11.35
N LYS A 60 9.70 2.48 -12.10
CA LYS A 60 11.08 2.57 -11.64
C LYS A 60 11.45 4.04 -11.59
N CYS A 61 11.93 4.51 -10.43
CA CYS A 61 12.58 5.81 -10.36
C CYS A 61 14.04 5.59 -10.79
N ASP A 62 15.00 6.09 -10.02
CA ASP A 62 16.42 5.86 -10.28
C ASP A 62 16.73 4.38 -10.08
N GLU A 63 16.77 3.94 -8.81
CA GLU A 63 17.22 2.60 -8.46
C GLU A 63 16.32 2.02 -7.38
N THR A 64 15.04 2.42 -7.37
CA THR A 64 14.05 1.86 -6.46
C THR A 64 12.82 1.49 -7.28
N TYR A 65 12.09 0.48 -6.82
CA TYR A 65 10.93 -0.01 -7.52
C TYR A 65 9.70 0.43 -6.74
N ILE A 66 9.22 1.65 -7.00
CA ILE A 66 8.07 2.15 -6.28
C ILE A 66 6.80 1.66 -6.96
N ILE A 67 5.82 1.24 -6.15
CA ILE A 67 4.61 0.59 -6.59
C ILE A 67 3.44 1.45 -6.10
N HIS A 68 2.38 1.57 -6.89
CA HIS A 68 1.24 2.42 -6.60
C HIS A 68 0.04 1.49 -6.57
N ALA A 69 -0.44 1.13 -5.38
CA ALA A 69 -1.58 0.24 -5.23
C ALA A 69 -2.83 1.11 -5.16
N VAL A 70 -3.90 0.74 -5.87
CA VAL A 70 -5.10 1.55 -5.92
C VAL A 70 -6.27 0.75 -5.34
N GLY A 71 -6.90 1.32 -4.32
CA GLY A 71 -8.02 0.66 -3.66
C GLY A 71 -9.33 1.15 -4.26
N PRO A 72 -10.38 0.32 -4.24
CA PRO A 72 -11.67 0.62 -4.80
C PRO A 72 -12.43 1.64 -3.97
N ASN A 73 -13.53 2.12 -4.55
CA ASN A 73 -14.35 3.18 -4.00
C ASN A 73 -15.61 2.56 -3.41
N PHE A 74 -15.54 2.04 -2.18
CA PHE A 74 -16.71 1.50 -1.46
C PHE A 74 -17.81 2.56 -1.31
N ASN A 75 -17.47 3.84 -1.38
CA ASN A 75 -18.44 4.94 -1.33
C ASN A 75 -19.34 4.97 -2.57
N ASN A 76 -18.97 4.24 -3.61
CA ASN A 76 -19.64 4.11 -4.89
C ASN A 76 -19.72 2.64 -5.31
N THR A 77 -19.45 1.66 -4.43
CA THR A 77 -19.64 0.26 -4.82
C THR A 77 -20.08 -0.61 -3.64
N SER A 78 -20.53 -1.82 -3.94
CA SER A 78 -21.03 -2.76 -2.95
C SER A 78 -19.87 -3.30 -2.10
N GLU A 79 -20.18 -3.92 -0.96
CA GLU A 79 -19.15 -4.54 -0.13
C GLU A 79 -18.44 -5.63 -0.92
N ALA A 80 -19.18 -6.43 -1.69
CA ALA A 80 -18.63 -7.52 -2.51
C ALA A 80 -17.51 -7.03 -3.42
N GLU A 81 -17.85 -6.14 -4.35
CA GLU A 81 -16.90 -5.60 -5.31
C GLU A 81 -15.82 -4.79 -4.60
N GLY A 82 -16.19 -4.14 -3.49
CA GLY A 82 -15.28 -3.25 -2.79
C GLY A 82 -14.15 -4.06 -2.18
N ASP A 83 -14.47 -5.20 -1.60
CA ASP A 83 -13.48 -6.00 -0.91
C ASP A 83 -12.78 -6.95 -1.90
N ARG A 84 -13.44 -7.33 -3.00
CA ARG A 84 -12.76 -8.00 -4.10
C ARG A 84 -11.64 -7.11 -4.61
N ASP A 85 -11.95 -5.90 -5.06
CA ASP A 85 -10.96 -5.01 -5.65
C ASP A 85 -9.94 -4.59 -4.61
N LEU A 86 -10.31 -4.48 -3.33
CA LEU A 86 -9.33 -4.19 -2.29
C LEU A 86 -8.30 -5.32 -2.22
N ALA A 87 -8.78 -6.57 -2.26
CA ALA A 87 -7.91 -7.72 -2.29
C ALA A 87 -7.11 -7.76 -3.59
N ALA A 88 -7.69 -7.27 -4.69
CA ALA A 88 -7.06 -7.22 -5.99
C ALA A 88 -5.86 -6.28 -5.95
N ALA A 89 -6.03 -5.11 -5.33
CA ALA A 89 -4.97 -4.14 -5.14
C ALA A 89 -3.82 -4.82 -4.41
N TYR A 90 -4.11 -5.41 -3.25
CA TYR A 90 -3.09 -6.08 -2.45
C TYR A 90 -2.44 -7.24 -3.22
N ARG A 91 -3.20 -7.96 -4.03
CA ARG A 91 -2.70 -9.07 -4.83
C ARG A 91 -1.76 -8.58 -5.90
N ALA A 92 -2.06 -7.44 -6.52
CA ALA A 92 -1.26 -6.88 -7.58
C ALA A 92 0.09 -6.44 -7.01
N VAL A 93 0.08 -5.69 -5.90
CA VAL A 93 1.33 -5.26 -5.29
C VAL A 93 2.16 -6.48 -4.90
N ALA A 94 1.54 -7.47 -4.25
CA ALA A 94 2.20 -8.72 -3.90
C ALA A 94 2.91 -9.31 -5.12
N ALA A 95 2.22 -9.39 -6.25
CA ALA A 95 2.84 -9.88 -7.48
C ALA A 95 4.07 -9.04 -7.80
N GLU A 96 3.96 -7.71 -7.79
CA GLU A 96 5.09 -6.85 -8.08
C GLU A 96 6.29 -7.14 -7.17
N ILE A 97 6.11 -7.61 -5.94
CA ILE A 97 7.23 -7.92 -5.07
C ILE A 97 8.08 -9.01 -5.71
N ASN A 98 7.46 -10.13 -6.09
CA ASN A 98 8.22 -11.18 -6.75
C ASN A 98 8.60 -10.74 -8.17
N ARG A 99 7.84 -9.84 -8.78
CA ARG A 99 8.04 -9.47 -10.18
C ARG A 99 9.34 -8.68 -10.33
N LEU A 100 9.50 -7.70 -9.46
CA LEU A 100 10.66 -6.86 -9.32
C LEU A 100 11.80 -7.69 -8.71
N SER A 101 11.48 -8.79 -8.03
CA SER A 101 12.44 -9.72 -7.44
C SER A 101 13.29 -8.99 -6.40
N ILE A 102 12.63 -8.50 -5.36
CA ILE A 102 13.28 -7.71 -4.32
C ILE A 102 13.30 -8.45 -3.00
N SER A 103 14.05 -7.90 -2.03
CA SER A 103 14.22 -8.49 -0.72
C SER A 103 13.29 -7.85 0.32
N SER A 104 12.86 -6.61 0.14
CA SER A 104 12.08 -5.91 1.14
C SER A 104 11.14 -4.93 0.47
N VAL A 105 9.97 -4.68 1.07
CA VAL A 105 9.07 -3.67 0.54
C VAL A 105 8.21 -3.09 1.67
N ALA A 106 7.96 -1.78 1.60
CA ALA A 106 7.05 -1.09 2.51
C ALA A 106 5.65 -1.13 1.90
N ILE A 107 4.61 -1.26 2.72
CA ILE A 107 3.24 -1.39 2.28
C ILE A 107 2.36 -0.54 3.20
N PRO A 108 1.73 0.53 2.69
CA PRO A 108 0.86 1.35 3.51
C PRO A 108 -0.49 0.68 3.68
N LEU A 109 -1.11 0.84 4.84
CA LEU A 109 -2.49 0.40 5.03
C LEU A 109 -3.40 1.28 4.16
N LEU A 110 -3.91 0.74 3.04
CA LEU A 110 -4.94 1.43 2.27
C LEU A 110 -6.27 1.37 3.02
N SER A 111 -6.60 2.44 3.70
CA SER A 111 -7.94 2.71 4.21
C SER A 111 -8.06 4.19 4.62
N THR A 112 -8.07 5.10 3.65
CA THR A 112 -7.99 6.53 3.94
C THR A 112 -8.50 7.35 2.76
N GLY A 113 -7.96 7.08 1.58
CA GLY A 113 -8.34 7.79 0.36
C GLY A 113 -9.71 7.35 -0.12
N ILE A 114 -9.94 7.39 -1.44
CA ILE A 114 -11.24 7.01 -1.99
C ILE A 114 -11.67 5.61 -1.52
N PHE A 115 -10.66 4.74 -1.31
CA PHE A 115 -10.73 3.51 -0.54
C PHE A 115 -10.86 3.82 0.96
N SER A 116 -12.03 4.32 1.35
CA SER A 116 -12.40 4.43 2.75
C SER A 116 -13.91 4.28 2.82
N ALA A 117 -14.64 5.27 2.32
CA ALA A 117 -16.08 5.39 2.56
C ALA A 117 -16.42 5.30 4.05
N GLY A 118 -15.50 5.74 4.91
CA GLY A 118 -15.66 5.69 6.36
C GLY A 118 -15.43 4.29 6.94
N LYS A 119 -14.72 3.39 6.24
CA LYS A 119 -14.46 2.05 6.77
C LYS A 119 -13.00 1.95 7.21
N ASP A 120 -12.46 3.04 7.75
CA ASP A 120 -11.04 3.26 8.01
C ASP A 120 -10.53 2.26 9.06
N ARG A 121 -10.21 1.04 8.62
CA ARG A 121 -10.01 -0.09 9.51
C ARG A 121 -8.79 -0.87 9.05
N VAL A 122 -7.70 -0.68 9.78
CA VAL A 122 -6.47 -1.36 9.48
C VAL A 122 -6.67 -2.87 9.64
N HIS A 123 -7.37 -3.32 10.67
CA HIS A 123 -7.63 -4.74 10.89
C HIS A 123 -8.28 -5.41 9.66
N GLN A 124 -9.04 -4.65 8.88
CA GLN A 124 -9.77 -5.18 7.75
C GLN A 124 -8.80 -5.24 6.57
N SER A 125 -8.04 -4.16 6.42
CA SER A 125 -7.11 -4.01 5.33
C SER A 125 -5.96 -5.00 5.47
N LEU A 126 -5.20 -4.96 6.58
CA LEU A 126 -4.21 -5.97 7.00
C LEU A 126 -4.73 -7.39 6.86
N SER A 127 -6.04 -7.62 6.93
CA SER A 127 -6.56 -8.94 6.64
C SER A 127 -6.21 -9.35 5.21
N HIS A 128 -6.62 -8.55 4.22
CA HIS A 128 -6.42 -8.92 2.82
C HIS A 128 -4.99 -8.64 2.38
N LEU A 129 -4.50 -7.44 2.72
CA LEU A 129 -3.15 -6.96 2.55
C LEU A 129 -2.16 -8.02 2.99
N LEU A 130 -2.21 -8.50 4.24
CA LEU A 130 -1.29 -9.55 4.64
C LEU A 130 -1.56 -10.82 3.87
N ALA A 131 -2.82 -11.25 3.71
CA ALA A 131 -3.10 -12.50 3.01
C ALA A 131 -2.52 -12.54 1.58
N ALA A 132 -2.38 -11.38 0.95
CA ALA A 132 -1.84 -11.23 -0.39
C ALA A 132 -0.31 -11.14 -0.33
N MET A 133 0.22 -10.25 0.51
CA MET A 133 1.64 -9.98 0.56
C MET A 133 2.41 -11.13 1.21
N ASP A 134 1.70 -12.00 1.93
CA ASP A 134 2.23 -13.24 2.47
C ASP A 134 2.69 -14.14 1.32
N THR A 135 2.05 -14.02 0.15
CA THR A 135 2.39 -14.85 -1.00
C THR A 135 3.72 -14.41 -1.65
N THR A 136 4.41 -13.38 -1.12
CA THR A 136 5.65 -12.90 -1.70
C THR A 136 6.85 -13.62 -1.11
N GLU A 137 8.06 -13.16 -1.45
CA GLU A 137 9.32 -13.73 -0.99
C GLU A 137 10.17 -12.64 -0.34
N ALA A 138 9.55 -11.55 0.14
CA ALA A 138 10.27 -10.39 0.66
C ALA A 138 9.72 -9.99 2.03
N ARG A 139 10.42 -9.10 2.73
CA ARG A 139 9.89 -8.53 3.97
C ARG A 139 8.65 -7.69 3.69
N VAL A 140 7.78 -7.61 4.70
CA VAL A 140 6.50 -6.93 4.64
C VAL A 140 6.48 -5.94 5.79
N THR A 141 6.70 -4.65 5.49
CA THR A 141 6.81 -3.63 6.51
C THR A 141 5.59 -2.73 6.39
N ILE A 142 4.69 -2.76 7.37
CA ILE A 142 3.48 -1.97 7.30
C ILE A 142 3.85 -0.54 7.69
N TYR A 143 3.32 0.43 6.95
CA TYR A 143 3.48 1.84 7.23
C TYR A 143 2.11 2.51 7.30
N CYS A 144 2.09 3.72 7.83
CA CYS A 144 0.87 4.45 8.13
C CYS A 144 1.20 5.94 8.13
N ARG A 145 0.53 6.73 8.98
CA ARG A 145 0.86 8.13 9.19
C ARG A 145 1.27 8.30 10.66
N ASP A 146 2.35 7.60 11.02
CA ASP A 146 3.00 7.64 12.33
C ASP A 146 2.03 7.73 13.52
N LYS A 147 2.37 8.50 14.56
CA LYS A 147 1.54 8.78 15.75
C LYS A 147 0.99 7.51 16.42
N THR A 148 -0.09 7.66 17.20
CA THR A 148 -0.84 6.54 17.77
C THR A 148 -1.48 5.67 16.69
N TRP A 149 -1.57 6.16 15.44
CA TRP A 149 -1.99 5.35 14.31
C TRP A 149 -1.13 4.10 14.24
N GLU A 150 0.20 4.27 14.24
CA GLU A 150 1.14 3.15 14.28
C GLU A 150 0.75 2.20 15.39
N GLN A 151 0.50 2.73 16.58
CA GLN A 151 0.22 1.92 17.76
C GLN A 151 -1.00 1.02 17.54
N LYS A 152 -2.09 1.55 16.99
CA LYS A 152 -3.26 0.76 16.61
C LYS A 152 -2.86 -0.33 15.62
N ILE A 153 -2.03 0.01 14.64
CA ILE A 153 -1.59 -0.96 13.66
C ILE A 153 -0.77 -2.06 14.34
N LYS A 154 0.11 -1.74 15.29
CA LYS A 154 0.89 -2.70 16.06
C LYS A 154 -0.05 -3.67 16.78
N THR A 155 -1.11 -3.18 17.42
CA THR A 155 -2.05 -4.07 18.06
C THR A 155 -2.72 -5.00 17.04
N VAL A 156 -2.95 -4.55 15.80
CA VAL A 156 -3.45 -5.43 14.76
C VAL A 156 -2.43 -6.50 14.39
N LEU A 157 -1.17 -6.12 14.18
CA LEU A 157 -0.07 -7.05 13.88
C LEU A 157 -0.08 -8.22 14.87
N GLN A 158 -0.11 -7.94 16.17
CA GLN A 158 -0.20 -9.00 17.19
C GLN A 158 -1.53 -9.77 17.12
N ASN A 159 -2.61 -9.15 16.68
CA ASN A 159 -3.89 -9.81 16.48
C ASN A 159 -3.95 -10.64 15.18
N ARG A 160 -2.92 -10.63 14.33
CA ARG A 160 -2.98 -11.25 13.01
C ARG A 160 -2.01 -12.41 12.91
N ALA A 2 10.13 -17.66 4.54
CA ALA A 2 8.87 -16.97 4.87
C ALA A 2 9.21 -15.52 5.19
N PRO A 3 8.30 -14.58 4.87
CA PRO A 3 8.50 -13.16 5.10
C PRO A 3 8.33 -12.81 6.59
N ALA A 4 8.50 -11.53 6.96
CA ALA A 4 8.39 -11.10 8.36
C ALA A 4 7.65 -9.78 8.42
N TYR A 5 6.60 -9.71 9.25
CA TYR A 5 5.77 -8.53 9.41
C TYR A 5 6.38 -7.59 10.45
N THR A 6 6.16 -6.29 10.29
CA THR A 6 6.67 -5.23 11.14
C THR A 6 5.78 -4.01 10.93
N VAL A 7 5.95 -2.96 11.74
CA VAL A 7 5.23 -1.69 11.63
C VAL A 7 6.22 -0.59 11.93
N LYS A 8 6.13 0.55 11.22
CA LYS A 8 7.04 1.66 11.43
C LYS A 8 6.28 2.96 11.29
N ARG A 9 6.25 3.73 12.38
CA ARG A 9 5.47 4.94 12.45
C ARG A 9 6.27 6.06 11.79
N ALA A 10 5.88 6.43 10.57
CA ALA A 10 6.59 7.38 9.72
C ALA A 10 5.85 7.47 8.39
N ASP A 11 6.17 8.48 7.59
CA ASP A 11 5.62 8.62 6.24
C ASP A 11 6.13 7.47 5.38
N ILE A 12 5.21 6.78 4.69
CA ILE A 12 5.56 5.70 3.78
C ILE A 12 6.27 6.30 2.56
N ALA A 13 7.59 6.42 2.65
CA ALA A 13 8.45 6.87 1.56
C ALA A 13 9.89 6.55 1.92
N THR A 14 10.36 7.06 3.06
CA THR A 14 11.75 6.93 3.47
C THR A 14 11.97 5.61 4.22
N ALA A 15 11.33 4.54 3.74
CA ALA A 15 11.36 3.24 4.37
C ALA A 15 12.73 2.57 4.26
N ILE A 16 13.59 3.05 3.37
CA ILE A 16 14.87 2.47 2.95
C ILE A 16 14.77 1.03 2.45
N GLU A 17 13.55 0.59 2.13
CA GLU A 17 13.29 -0.73 1.57
C GLU A 17 13.40 -0.70 0.05
N ASP A 18 13.64 -1.87 -0.55
CA ASP A 18 14.01 -2.02 -1.96
C ASP A 18 12.91 -1.45 -2.84
N ALA A 19 11.67 -1.85 -2.53
CA ALA A 19 10.50 -1.23 -3.07
C ALA A 19 9.77 -0.44 -2.00
N VAL A 20 8.90 0.44 -2.48
CA VAL A 20 8.06 1.29 -1.66
C VAL A 20 6.68 1.14 -2.28
N VAL A 21 5.63 0.92 -1.49
CA VAL A 21 4.28 0.85 -2.04
C VAL A 21 3.56 2.07 -1.52
N ASN A 22 2.67 2.67 -2.33
CA ASN A 22 1.86 3.76 -1.86
C ASN A 22 0.37 3.46 -2.04
N ALA A 23 -0.48 4.08 -1.22
CA ALA A 23 -1.93 3.93 -1.30
C ALA A 23 -2.46 4.84 -2.41
N ALA A 24 -2.04 4.59 -3.64
CA ALA A 24 -2.21 5.52 -4.74
C ALA A 24 -3.68 5.68 -5.12
N ASN A 25 -3.98 6.80 -5.78
CA ASN A 25 -5.32 7.03 -6.29
C ASN A 25 -5.39 6.51 -7.72
N HIS A 26 -6.62 6.27 -8.18
CA HIS A 26 -6.91 5.81 -9.53
C HIS A 26 -6.22 6.73 -10.55
N ARG A 27 -6.30 8.04 -10.31
CA ARG A 27 -5.53 9.03 -11.04
C ARG A 27 -4.25 9.23 -10.25
N GLY A 28 -3.12 8.85 -10.84
CA GLY A 28 -1.82 9.19 -10.33
C GLY A 28 -1.54 10.63 -10.71
N GLN A 29 -2.18 11.58 -10.01
CA GLN A 29 -1.86 12.99 -10.14
C GLN A 29 -0.71 13.30 -9.18
N VAL A 30 -1.00 13.59 -7.91
CA VAL A 30 0.03 13.98 -6.96
C VAL A 30 -0.22 13.37 -5.57
N GLY A 31 -1.07 12.34 -5.49
CA GLY A 31 -1.52 11.82 -4.21
C GLY A 31 -2.50 12.81 -3.57
N ASP A 32 -3.10 12.42 -2.43
CA ASP A 32 -3.93 13.34 -1.66
C ASP A 32 -3.94 12.87 -0.21
N GLY A 33 -2.78 12.95 0.46
CA GLY A 33 -2.61 12.44 1.81
C GLY A 33 -1.16 12.06 2.02
N VAL A 34 -0.89 11.07 2.89
CA VAL A 34 0.47 10.63 3.19
C VAL A 34 1.20 10.13 1.94
N CYS A 35 0.47 9.78 0.88
CA CYS A 35 1.04 9.42 -0.40
C CYS A 35 2.08 10.42 -0.87
N ARG A 36 1.80 11.71 -0.64
CA ARG A 36 2.59 12.83 -1.12
C ARG A 36 4.04 12.78 -0.62
N ALA A 37 4.32 12.00 0.43
CA ALA A 37 5.68 11.75 0.91
C ALA A 37 6.59 11.27 -0.22
N VAL A 38 6.13 10.29 -1.00
CA VAL A 38 6.90 9.78 -2.14
C VAL A 38 7.04 10.88 -3.19
N ALA A 39 6.03 11.75 -3.35
CA ALA A 39 6.04 12.87 -4.27
C ALA A 39 6.87 14.06 -3.72
N ARG A 40 8.06 13.76 -3.20
CA ARG A 40 9.06 14.70 -2.73
C ARG A 40 10.41 14.21 -3.24
N LYS A 41 10.81 13.00 -2.84
CA LYS A 41 12.09 12.43 -3.24
C LYS A 41 11.98 11.78 -4.62
N TRP A 42 10.82 11.21 -4.97
CA TRP A 42 10.63 10.56 -6.26
C TRP A 42 9.33 11.01 -6.92
N PRO A 43 9.17 12.31 -7.18
CA PRO A 43 7.97 12.84 -7.80
C PRO A 43 7.77 12.28 -9.21
N GLN A 44 8.85 12.00 -9.94
CA GLN A 44 8.75 11.43 -11.27
C GLN A 44 7.98 10.10 -11.26
N ALA A 45 8.06 9.32 -10.16
CA ALA A 45 7.28 8.10 -10.05
C ALA A 45 5.80 8.38 -10.21
N PHE A 46 5.31 9.45 -9.58
CA PHE A 46 3.89 9.78 -9.60
C PHE A 46 3.45 10.21 -11.00
N ARG A 47 4.36 10.72 -11.83
CA ARG A 47 4.04 11.35 -13.12
C ARG A 47 3.09 10.51 -13.98
N ASN A 48 3.29 9.19 -13.98
CA ASN A 48 2.56 8.27 -14.84
C ASN A 48 1.95 7.14 -14.00
N ALA A 49 1.65 7.40 -12.72
CA ALA A 49 1.27 6.36 -11.78
C ALA A 49 -0.20 5.92 -11.92
N ALA A 50 -0.95 6.53 -12.83
CA ALA A 50 -2.38 6.31 -12.96
C ALA A 50 -2.66 4.87 -13.39
N THR A 51 -3.63 4.24 -12.74
CA THR A 51 -3.95 2.86 -13.03
C THR A 51 -5.31 2.51 -12.43
N PRO A 52 -5.98 1.45 -12.92
CA PRO A 52 -7.30 1.08 -12.46
C PRO A 52 -7.24 0.57 -11.02
N VAL A 53 -8.36 0.75 -10.31
CA VAL A 53 -8.57 0.19 -8.99
C VAL A 53 -8.36 -1.32 -9.03
N GLY A 54 -7.85 -1.88 -7.94
CA GLY A 54 -7.68 -3.31 -7.81
C GLY A 54 -6.41 -3.80 -8.48
N THR A 55 -5.45 -2.91 -8.78
CA THR A 55 -4.18 -3.34 -9.33
C THR A 55 -3.04 -2.55 -8.67
N ALA A 56 -1.81 -2.76 -9.14
CA ALA A 56 -0.62 -2.14 -8.59
C ALA A 56 0.27 -1.72 -9.76
N LYS A 57 0.56 -0.43 -9.92
CA LYS A 57 1.38 0.05 -11.02
C LYS A 57 2.77 0.39 -10.52
N THR A 58 3.73 -0.49 -10.78
CA THR A 58 5.11 -0.20 -10.44
C THR A 58 5.73 0.69 -11.49
N VAL A 59 6.64 1.57 -11.05
CA VAL A 59 7.46 2.36 -11.93
C VAL A 59 8.83 2.47 -11.26
N LYS A 60 9.83 2.93 -11.99
CA LYS A 60 11.19 3.08 -11.49
C LYS A 60 11.51 4.55 -11.64
N CYS A 61 11.83 5.24 -10.54
CA CYS A 61 12.14 6.66 -10.62
C CYS A 61 13.58 6.80 -11.09
N ASP A 62 14.51 6.38 -10.24
CA ASP A 62 15.92 6.25 -10.56
C ASP A 62 16.22 4.77 -10.39
N GLU A 63 16.37 4.33 -9.13
CA GLU A 63 16.78 2.98 -8.82
C GLU A 63 15.97 2.46 -7.64
N THR A 64 14.67 2.75 -7.62
CA THR A 64 13.76 2.22 -6.63
C THR A 64 12.49 1.76 -7.32
N TYR A 65 11.88 0.68 -6.80
CA TYR A 65 10.69 0.10 -7.37
C TYR A 65 9.49 0.62 -6.57
N ILE A 66 8.77 1.60 -7.11
CA ILE A 66 7.69 2.24 -6.39
C ILE A 66 6.39 1.75 -7.01
N ILE A 67 5.55 1.13 -6.18
CA ILE A 67 4.40 0.34 -6.55
C ILE A 67 3.17 1.12 -6.11
N HIS A 68 2.32 1.51 -7.04
CA HIS A 68 1.17 2.35 -6.75
C HIS A 68 -0.05 1.45 -6.62
N ALA A 69 -0.45 1.13 -5.40
CA ALA A 69 -1.55 0.23 -5.16
C ALA A 69 -2.83 1.06 -5.12
N VAL A 70 -3.76 0.79 -6.03
CA VAL A 70 -4.95 1.64 -6.13
C VAL A 70 -6.09 1.00 -5.37
N GLY A 71 -6.48 1.66 -4.28
CA GLY A 71 -7.54 1.20 -3.41
C GLY A 71 -8.92 1.57 -3.97
N PRO A 72 -9.94 0.74 -3.70
CA PRO A 72 -11.31 1.02 -4.07
C PRO A 72 -11.99 1.96 -3.08
N ASN A 73 -13.19 2.41 -3.44
CA ASN A 73 -13.97 3.38 -2.71
C ASN A 73 -15.36 2.80 -2.48
N PHE A 74 -15.62 2.23 -1.29
CA PHE A 74 -16.94 1.70 -0.94
C PHE A 74 -18.02 2.79 -0.85
N ASN A 75 -17.64 4.07 -0.88
CA ASN A 75 -18.59 5.18 -0.94
C ASN A 75 -19.07 5.38 -2.39
N ASN A 76 -18.47 4.65 -3.32
CA ASN A 76 -18.72 4.73 -4.75
C ASN A 76 -18.82 3.33 -5.37
N THR A 77 -18.64 2.25 -4.60
CA THR A 77 -18.83 0.90 -5.12
C THR A 77 -19.43 -0.01 -4.05
N SER A 78 -19.93 -1.17 -4.44
CA SER A 78 -20.56 -2.12 -3.53
C SER A 78 -19.54 -2.81 -2.62
N GLU A 79 -20.00 -3.55 -1.62
CA GLU A 79 -19.11 -4.28 -0.72
C GLU A 79 -18.34 -5.34 -1.49
N ALA A 80 -18.97 -5.99 -2.46
CA ALA A 80 -18.34 -7.01 -3.28
C ALA A 80 -17.14 -6.40 -4.02
N GLU A 81 -17.40 -5.41 -4.86
CA GLU A 81 -16.34 -4.72 -5.60
C GLU A 81 -15.33 -4.10 -4.65
N GLY A 82 -15.76 -3.69 -3.46
CA GLY A 82 -14.92 -2.91 -2.57
C GLY A 82 -13.87 -3.82 -1.94
N ASP A 83 -14.33 -4.84 -1.23
CA ASP A 83 -13.48 -5.79 -0.55
C ASP A 83 -12.68 -6.61 -1.57
N ARG A 84 -13.32 -7.05 -2.66
CA ARG A 84 -12.62 -7.79 -3.71
C ARG A 84 -11.50 -6.91 -4.26
N ASP A 85 -11.78 -5.69 -4.70
CA ASP A 85 -10.75 -4.89 -5.35
C ASP A 85 -9.68 -4.46 -4.35
N LEU A 86 -9.99 -4.35 -3.06
CA LEU A 86 -8.98 -4.10 -2.05
C LEU A 86 -8.00 -5.28 -2.01
N ALA A 87 -8.54 -6.50 -2.07
CA ALA A 87 -7.74 -7.70 -2.12
C ALA A 87 -6.96 -7.76 -3.43
N ALA A 88 -7.54 -7.26 -4.53
CA ALA A 88 -6.93 -7.28 -5.84
C ALA A 88 -5.73 -6.33 -5.90
N ALA A 89 -5.88 -5.14 -5.34
CA ALA A 89 -4.83 -4.13 -5.25
C ALA A 89 -3.66 -4.75 -4.50
N TYR A 90 -3.91 -5.23 -3.28
CA TYR A 90 -2.88 -5.86 -2.49
C TYR A 90 -2.24 -7.06 -3.20
N ARG A 91 -3.03 -7.92 -3.83
CA ARG A 91 -2.51 -9.08 -4.55
C ARG A 91 -1.61 -8.64 -5.70
N ALA A 92 -1.96 -7.55 -6.37
CA ALA A 92 -1.15 -7.01 -7.43
C ALA A 92 0.18 -6.58 -6.86
N VAL A 93 0.20 -5.89 -5.71
CA VAL A 93 1.46 -5.49 -5.08
C VAL A 93 2.32 -6.71 -4.86
N ALA A 94 1.74 -7.74 -4.23
CA ALA A 94 2.40 -9.00 -3.95
C ALA A 94 3.08 -9.55 -5.20
N ALA A 95 2.37 -9.54 -6.34
CA ALA A 95 2.98 -9.95 -7.59
C ALA A 95 4.22 -9.10 -7.87
N GLU A 96 4.11 -7.78 -7.81
CA GLU A 96 5.20 -6.85 -8.05
C GLU A 96 6.43 -7.17 -7.20
N ILE A 97 6.28 -7.67 -5.97
CA ILE A 97 7.39 -8.06 -5.10
C ILE A 97 8.22 -9.13 -5.79
N ASN A 98 7.57 -10.19 -6.23
CA ASN A 98 8.29 -11.30 -6.86
C ASN A 98 8.68 -10.94 -8.29
N ARG A 99 7.98 -9.96 -8.89
CA ARG A 99 8.17 -9.56 -10.27
C ARG A 99 9.49 -8.81 -10.41
N LEU A 100 9.71 -7.83 -9.54
CA LEU A 100 10.97 -7.10 -9.48
C LEU A 100 12.01 -7.95 -8.77
N SER A 101 11.59 -8.84 -7.86
CA SER A 101 12.42 -9.81 -7.16
C SER A 101 13.23 -9.09 -6.10
N ILE A 102 12.63 -8.86 -4.94
CA ILE A 102 13.23 -8.07 -3.88
C ILE A 102 12.98 -8.73 -2.53
N SER A 103 13.67 -8.20 -1.51
CA SER A 103 13.67 -8.74 -0.16
C SER A 103 13.24 -7.71 0.87
N SER A 104 12.81 -6.51 0.49
CA SER A 104 12.25 -5.55 1.43
C SER A 104 11.30 -4.64 0.68
N VAL A 105 10.14 -4.33 1.28
CA VAL A 105 9.13 -3.51 0.65
C VAL A 105 8.17 -2.97 1.70
N ALA A 106 7.96 -1.66 1.67
CA ALA A 106 7.07 -1.00 2.59
C ALA A 106 5.66 -1.03 2.01
N ILE A 107 4.65 -1.32 2.84
CA ILE A 107 3.27 -1.45 2.39
C ILE A 107 2.36 -0.68 3.33
N PRO A 108 1.65 0.36 2.85
CA PRO A 108 0.76 1.10 3.69
C PRO A 108 -0.54 0.32 3.92
N LEU A 109 -1.23 0.61 5.02
CA LEU A 109 -2.61 0.19 5.13
C LEU A 109 -3.43 1.06 4.18
N LEU A 110 -3.91 0.47 3.09
CA LEU A 110 -4.89 1.03 2.18
C LEU A 110 -6.20 1.30 2.94
N SER A 111 -6.33 2.47 3.54
CA SER A 111 -7.59 2.97 4.07
C SER A 111 -7.48 4.49 4.23
N THR A 112 -7.49 5.26 3.14
CA THR A 112 -7.26 6.70 3.25
C THR A 112 -7.78 7.44 2.02
N GLY A 113 -7.73 8.78 2.05
CA GLY A 113 -8.26 9.60 0.98
C GLY A 113 -9.77 9.43 0.89
N ILE A 114 -10.31 9.42 -0.33
CA ILE A 114 -11.72 9.13 -0.56
C ILE A 114 -12.04 7.66 -0.27
N PHE A 115 -11.03 6.79 -0.21
CA PHE A 115 -11.22 5.37 0.04
C PHE A 115 -11.62 5.15 1.50
N SER A 116 -11.81 3.89 1.89
CA SER A 116 -12.28 3.48 3.20
C SER A 116 -13.79 3.64 3.33
N ALA A 117 -14.35 4.75 2.84
CA ALA A 117 -15.77 5.07 2.96
C ALA A 117 -16.23 5.00 4.42
N GLY A 118 -15.32 5.34 5.35
CA GLY A 118 -15.58 5.28 6.78
C GLY A 118 -16.04 3.90 7.26
N LYS A 119 -15.58 2.81 6.63
CA LYS A 119 -15.92 1.47 7.10
C LYS A 119 -14.71 0.57 7.07
N ASP A 120 -13.91 0.64 6.00
CA ASP A 120 -12.72 -0.18 5.94
C ASP A 120 -11.79 0.22 7.07
N ARG A 121 -11.04 -0.73 7.59
CA ARG A 121 -10.27 -0.54 8.81
C ARG A 121 -9.00 -1.36 8.69
N VAL A 122 -7.98 -1.06 9.48
CA VAL A 122 -6.71 -1.73 9.32
C VAL A 122 -6.83 -3.24 9.51
N HIS A 123 -7.66 -3.71 10.44
CA HIS A 123 -7.84 -5.15 10.64
C HIS A 123 -8.33 -5.83 9.36
N GLN A 124 -9.17 -5.15 8.58
CA GLN A 124 -9.68 -5.68 7.31
C GLN A 124 -8.54 -5.67 6.32
N SER A 125 -7.91 -4.52 6.13
CA SER A 125 -6.98 -4.38 5.02
C SER A 125 -5.74 -5.24 5.26
N LEU A 126 -5.24 -5.33 6.49
CA LEU A 126 -4.18 -6.24 6.91
C LEU A 126 -4.58 -7.70 6.72
N SER A 127 -5.87 -8.04 6.79
CA SER A 127 -6.25 -9.41 6.44
C SER A 127 -5.94 -9.68 4.97
N HIS A 128 -6.40 -8.80 4.07
CA HIS A 128 -6.25 -9.04 2.64
C HIS A 128 -4.78 -8.95 2.23
N LEU A 129 -4.11 -7.89 2.68
CA LEU A 129 -2.69 -7.64 2.54
C LEU A 129 -1.91 -8.86 2.99
N LEU A 130 -2.08 -9.32 4.23
CA LEU A 130 -1.28 -10.45 4.68
C LEU A 130 -1.53 -11.66 3.78
N ALA A 131 -2.77 -11.95 3.39
CA ALA A 131 -3.05 -13.05 2.48
C ALA A 131 -2.38 -12.88 1.11
N ALA A 132 -2.16 -11.65 0.66
CA ALA A 132 -1.55 -11.30 -0.62
C ALA A 132 -0.03 -11.37 -0.54
N MET A 133 0.58 -10.58 0.34
CA MET A 133 2.01 -10.48 0.50
C MET A 133 2.62 -11.76 1.09
N ASP A 134 1.81 -12.61 1.72
CA ASP A 134 2.22 -13.97 2.08
C ASP A 134 2.64 -14.74 0.83
N THR A 135 2.06 -14.40 -0.33
CA THR A 135 2.48 -14.97 -1.60
C THR A 135 3.78 -14.31 -2.11
N THR A 136 4.61 -13.71 -1.25
CA THR A 136 5.95 -13.25 -1.58
C THR A 136 6.94 -13.70 -0.50
N GLU A 137 8.23 -13.42 -0.69
CA GLU A 137 9.26 -13.72 0.29
C GLU A 137 10.10 -12.46 0.57
N ALA A 138 9.46 -11.28 0.59
CA ALA A 138 10.16 -10.07 0.99
C ALA A 138 9.85 -9.72 2.46
N ARG A 139 10.55 -8.72 3.01
CA ARG A 139 10.16 -8.14 4.29
C ARG A 139 8.75 -7.55 4.13
N VAL A 140 8.05 -7.37 5.23
CA VAL A 140 6.69 -6.86 5.22
C VAL A 140 6.62 -5.81 6.30
N THR A 141 6.76 -4.54 5.93
CA THR A 141 6.80 -3.48 6.89
C THR A 141 5.60 -2.60 6.60
N ILE A 142 4.60 -2.66 7.48
CA ILE A 142 3.37 -1.92 7.31
C ILE A 142 3.65 -0.49 7.76
N TYR A 143 3.01 0.48 7.12
CA TYR A 143 3.12 1.88 7.50
C TYR A 143 1.72 2.49 7.46
N CYS A 144 1.54 3.60 8.15
CA CYS A 144 0.36 4.43 8.06
C CYS A 144 0.73 5.80 8.63
N ARG A 145 -0.25 6.68 8.85
CA ARG A 145 0.00 8.05 9.24
C ARG A 145 0.77 8.08 10.57
N ASP A 146 1.83 8.89 10.65
CA ASP A 146 2.57 9.06 11.90
C ASP A 146 1.67 9.67 12.96
N LYS A 147 1.06 8.81 13.78
CA LYS A 147 0.33 9.17 15.00
C LYS A 147 -0.10 7.87 15.70
N THR A 148 -0.91 7.97 16.75
CA THR A 148 -1.50 6.86 17.49
C THR A 148 -2.13 5.77 16.59
N TRP A 149 -2.58 6.14 15.39
CA TRP A 149 -3.18 5.20 14.44
C TRP A 149 -2.18 4.09 14.08
N GLU A 150 -0.94 4.45 13.80
CA GLU A 150 0.15 3.51 13.60
C GLU A 150 0.26 2.55 14.79
N GLN A 151 0.06 3.06 16.01
CA GLN A 151 0.11 2.20 17.19
C GLN A 151 -1.03 1.19 17.21
N LYS A 152 -2.23 1.59 16.79
CA LYS A 152 -3.34 0.65 16.62
C LYS A 152 -2.93 -0.45 15.64
N ILE A 153 -2.31 -0.10 14.52
CA ILE A 153 -1.82 -1.09 13.57
C ILE A 153 -0.83 -2.04 14.24
N LYS A 154 0.07 -1.55 15.10
CA LYS A 154 0.96 -2.42 15.87
C LYS A 154 0.15 -3.48 16.61
N THR A 155 -0.87 -3.06 17.36
CA THR A 155 -1.70 -3.98 18.12
C THR A 155 -2.34 -5.02 17.20
N VAL A 156 -2.76 -4.63 16.00
CA VAL A 156 -3.30 -5.59 15.04
C VAL A 156 -2.25 -6.60 14.63
N LEU A 157 -1.04 -6.18 14.28
CA LEU A 157 0.03 -7.11 13.93
C LEU A 157 0.33 -8.06 15.07
N GLN A 158 0.09 -7.62 16.31
CA GLN A 158 0.24 -8.44 17.50
C GLN A 158 -0.74 -9.62 17.45
N ASN A 159 -2.02 -9.35 17.18
CA ASN A 159 -3.04 -10.39 17.17
C ASN A 159 -2.90 -11.27 15.93
N ARG A 160 -2.93 -10.60 14.78
CA ARG A 160 -2.90 -11.12 13.40
C ARG A 160 -3.74 -12.38 13.25
N ALA A 2 12.14 -16.31 5.86
CA ALA A 2 10.92 -16.25 5.03
C ALA A 2 10.34 -14.85 5.18
N PRO A 3 9.38 -14.41 4.36
CA PRO A 3 8.77 -13.10 4.55
C PRO A 3 7.94 -13.13 5.83
N ALA A 4 7.71 -11.96 6.43
CA ALA A 4 6.99 -11.86 7.69
C ALA A 4 6.52 -10.42 7.86
N TYR A 5 5.46 -10.23 8.64
CA TYR A 5 4.82 -8.95 8.83
C TYR A 5 5.53 -8.22 9.98
N THR A 6 5.69 -6.91 9.90
CA THR A 6 6.41 -6.12 10.89
C THR A 6 5.87 -4.69 10.88
N VAL A 7 6.38 -3.81 11.73
CA VAL A 7 6.02 -2.39 11.75
C VAL A 7 7.31 -1.57 11.84
N LYS A 8 7.32 -0.39 11.24
CA LYS A 8 8.44 0.54 11.36
C LYS A 8 7.83 1.91 11.66
N ARG A 9 8.44 2.66 12.58
CA ARG A 9 7.95 3.99 12.92
C ARG A 9 8.45 4.97 11.87
N ALA A 10 7.65 5.27 10.85
CA ALA A 10 8.06 6.14 9.75
C ALA A 10 6.91 6.27 8.77
N ASP A 11 6.77 7.45 8.14
CA ASP A 11 5.72 7.63 7.15
C ASP A 11 6.10 6.99 5.83
N ILE A 12 5.08 6.66 5.03
CA ILE A 12 5.30 6.07 3.73
C ILE A 12 5.67 7.20 2.76
N ALA A 13 6.93 7.62 2.82
CA ALA A 13 7.49 8.71 2.04
C ALA A 13 9.00 8.53 1.91
N THR A 14 9.68 8.40 3.05
CA THR A 14 11.12 8.35 3.12
C THR A 14 11.56 6.97 3.62
N ALA A 15 10.86 5.93 3.17
CA ALA A 15 11.18 4.56 3.49
C ALA A 15 12.56 4.19 2.95
N ILE A 16 13.12 3.08 3.46
CA ILE A 16 14.51 2.70 3.19
C ILE A 16 14.62 1.24 2.78
N GLU A 17 13.51 0.59 2.48
CA GLU A 17 13.49 -0.74 1.89
C GLU A 17 13.77 -0.64 0.38
N ASP A 18 14.00 -1.78 -0.27
CA ASP A 18 14.24 -1.85 -1.72
C ASP A 18 13.06 -1.20 -2.46
N ALA A 19 11.85 -1.50 -1.98
CA ALA A 19 10.64 -1.02 -2.58
C ALA A 19 9.75 -0.34 -1.56
N VAL A 20 8.87 0.49 -2.10
CA VAL A 20 7.92 1.30 -1.37
C VAL A 20 6.59 1.06 -2.05
N VAL A 21 5.50 0.98 -1.31
CA VAL A 21 4.17 0.86 -1.89
C VAL A 21 3.41 2.11 -1.48
N ASN A 22 2.66 2.70 -2.39
CA ASN A 22 1.78 3.80 -2.03
C ASN A 22 0.35 3.32 -1.98
N ALA A 23 -0.44 3.86 -1.03
CA ALA A 23 -1.87 3.94 -1.19
C ALA A 23 -2.14 4.97 -2.30
N ALA A 24 -1.99 4.56 -3.54
CA ALA A 24 -2.29 5.41 -4.68
C ALA A 24 -3.79 5.38 -4.93
N ASN A 25 -4.22 6.18 -5.89
CA ASN A 25 -5.61 6.35 -6.27
C ASN A 25 -5.68 6.24 -7.78
N HIS A 26 -6.90 6.11 -8.32
CA HIS A 26 -7.14 5.85 -9.72
C HIS A 26 -6.37 6.81 -10.63
N ARG A 27 -6.31 8.10 -10.28
CA ARG A 27 -5.48 9.04 -11.00
C ARG A 27 -4.14 9.07 -10.29
N GLY A 28 -3.14 8.41 -10.87
CA GLY A 28 -1.79 8.41 -10.35
C GLY A 28 -1.09 9.68 -10.80
N GLN A 29 -1.61 10.81 -10.33
CA GLN A 29 -1.18 12.16 -10.66
C GLN A 29 -1.30 12.97 -9.37
N VAL A 30 -0.31 12.84 -8.49
CA VAL A 30 -0.25 13.48 -7.17
C VAL A 30 -1.64 13.63 -6.50
N GLY A 31 -2.26 12.49 -6.18
CA GLY A 31 -3.50 12.48 -5.43
C GLY A 31 -3.28 12.96 -3.99
N ASP A 32 -4.36 13.10 -3.23
CA ASP A 32 -4.30 13.64 -1.88
C ASP A 32 -4.50 12.54 -0.84
N GLY A 33 -4.60 12.88 0.45
CA GLY A 33 -4.48 11.89 1.51
C GLY A 33 -3.01 11.56 1.71
N VAL A 34 -2.72 10.50 2.47
CA VAL A 34 -1.33 10.11 2.74
C VAL A 34 -0.81 9.29 1.55
N CYS A 35 -0.54 9.96 0.43
CA CYS A 35 0.11 9.34 -0.72
C CYS A 35 1.14 10.29 -1.32
N ARG A 36 0.77 11.57 -1.47
CA ARG A 36 1.63 12.68 -1.87
C ARG A 36 2.97 12.73 -1.12
N ALA A 37 3.10 12.08 0.04
CA ALA A 37 4.33 12.05 0.80
C ALA A 37 5.48 11.50 -0.05
N VAL A 38 5.31 10.30 -0.64
CA VAL A 38 6.29 9.77 -1.58
C VAL A 38 6.48 10.73 -2.74
N ALA A 39 5.45 11.40 -3.23
CA ALA A 39 5.61 12.32 -4.35
C ALA A 39 6.62 13.42 -4.01
N ARG A 40 6.64 13.92 -2.77
CA ARG A 40 7.61 14.93 -2.35
C ARG A 40 9.02 14.37 -2.16
N LYS A 41 9.24 13.07 -2.40
CA LYS A 41 10.57 12.47 -2.52
C LYS A 41 10.88 12.20 -3.98
N TRP A 42 9.99 11.54 -4.72
CA TRP A 42 10.19 11.13 -6.09
C TRP A 42 8.94 11.48 -6.91
N PRO A 43 8.79 12.72 -7.37
CA PRO A 43 7.63 13.14 -8.13
C PRO A 43 7.57 12.41 -9.46
N GLN A 44 8.73 11.99 -9.99
CA GLN A 44 8.79 11.24 -11.24
C GLN A 44 7.98 9.95 -11.13
N ALA A 45 8.00 9.26 -9.98
CA ALA A 45 7.17 8.07 -9.79
C ALA A 45 5.69 8.46 -9.95
N PHE A 46 5.29 9.56 -9.32
CA PHE A 46 3.93 10.09 -9.42
C PHE A 46 3.65 10.82 -10.74
N ARG A 47 4.53 10.71 -11.76
CA ARG A 47 4.31 11.34 -13.05
C ARG A 47 3.24 10.59 -13.84
N ASN A 48 3.36 9.27 -13.91
CA ASN A 48 2.54 8.42 -14.77
C ASN A 48 2.11 7.18 -14.00
N ALA A 49 1.66 7.35 -12.75
CA ALA A 49 1.31 6.22 -11.90
C ALA A 49 -0.12 5.74 -12.12
N ALA A 50 -0.87 6.33 -13.06
CA ALA A 50 -2.26 6.05 -13.26
C ALA A 50 -2.46 4.60 -13.69
N THR A 51 -3.32 3.89 -12.99
CA THR A 51 -3.62 2.50 -13.28
C THR A 51 -5.03 2.21 -12.73
N PRO A 52 -5.70 1.14 -13.19
CA PRO A 52 -7.07 0.88 -12.77
C PRO A 52 -7.11 0.40 -11.32
N VAL A 53 -8.31 0.46 -10.74
CA VAL A 53 -8.55 -0.05 -9.40
C VAL A 53 -8.24 -1.54 -9.35
N GLY A 54 -7.81 -2.03 -8.19
CA GLY A 54 -7.62 -3.45 -7.96
C GLY A 54 -6.34 -3.95 -8.61
N THR A 55 -5.41 -3.04 -8.94
CA THR A 55 -4.13 -3.44 -9.47
C THR A 55 -3.04 -2.61 -8.80
N ALA A 56 -1.79 -2.82 -9.23
CA ALA A 56 -0.66 -2.03 -8.81
C ALA A 56 0.02 -1.56 -10.08
N LYS A 57 0.87 -0.53 -9.96
CA LYS A 57 1.68 -0.06 -11.07
C LYS A 57 3.04 0.25 -10.50
N THR A 58 4.02 -0.58 -10.82
CA THR A 58 5.39 -0.28 -10.48
C THR A 58 5.89 0.81 -11.43
N VAL A 59 6.76 1.67 -10.91
CA VAL A 59 7.60 2.55 -11.72
C VAL A 59 8.96 2.59 -11.03
N LYS A 60 9.99 3.04 -11.75
CA LYS A 60 11.35 3.09 -11.27
C LYS A 60 11.81 4.52 -11.48
N CYS A 61 12.05 5.27 -10.39
CA CYS A 61 12.48 6.65 -10.55
C CYS A 61 13.93 6.67 -11.02
N ASP A 62 14.85 6.28 -10.15
CA ASP A 62 16.26 6.16 -10.47
C ASP A 62 16.60 4.69 -10.32
N GLU A 63 16.67 4.22 -9.08
CA GLU A 63 17.04 2.85 -8.75
C GLU A 63 16.17 2.32 -7.62
N THR A 64 14.92 2.80 -7.54
CA THR A 64 13.98 2.33 -6.53
C THR A 64 12.77 1.74 -7.20
N TYR A 65 12.07 0.84 -6.51
CA TYR A 65 10.89 0.17 -7.01
C TYR A 65 9.70 0.70 -6.23
N ILE A 66 8.92 1.59 -6.82
CA ILE A 66 7.80 2.20 -6.12
C ILE A 66 6.54 1.65 -6.78
N ILE A 67 5.61 1.15 -5.98
CA ILE A 67 4.53 0.30 -6.41
C ILE A 67 3.25 1.01 -6.02
N HIS A 68 2.60 1.66 -6.97
CA HIS A 68 1.40 2.45 -6.72
C HIS A 68 0.20 1.50 -6.70
N ALA A 69 -0.34 1.23 -5.51
CA ALA A 69 -1.47 0.33 -5.34
C ALA A 69 -2.75 1.13 -5.40
N VAL A 70 -3.73 0.76 -6.22
CA VAL A 70 -4.96 1.54 -6.33
C VAL A 70 -6.08 0.82 -5.61
N GLY A 71 -6.60 1.47 -4.57
CA GLY A 71 -7.70 0.95 -3.80
C GLY A 71 -9.03 1.33 -4.45
N PRO A 72 -10.09 0.56 -4.20
CA PRO A 72 -11.42 0.87 -4.67
C PRO A 72 -12.05 1.99 -3.86
N ASN A 73 -13.31 2.30 -4.16
CA ASN A 73 -14.04 3.38 -3.53
C ASN A 73 -15.45 2.88 -3.27
N PHE A 74 -15.82 2.55 -2.03
CA PHE A 74 -17.16 2.06 -1.68
C PHE A 74 -18.25 3.13 -1.93
N ASN A 75 -17.85 4.39 -2.08
CA ASN A 75 -18.77 5.48 -2.48
C ASN A 75 -19.13 5.38 -3.96
N ASN A 76 -18.33 4.65 -4.72
CA ASN A 76 -18.40 4.52 -6.16
C ASN A 76 -18.50 3.05 -6.58
N THR A 77 -18.49 2.09 -5.64
CA THR A 77 -18.59 0.68 -6.01
C THR A 77 -19.39 -0.09 -4.96
N SER A 78 -20.08 -1.14 -5.39
CA SER A 78 -20.82 -2.01 -4.49
C SER A 78 -19.85 -2.78 -3.60
N GLU A 79 -20.30 -3.22 -2.43
CA GLU A 79 -19.47 -3.91 -1.45
C GLU A 79 -18.75 -5.12 -2.05
N ALA A 80 -19.42 -5.85 -2.95
CA ALA A 80 -18.85 -7.01 -3.62
C ALA A 80 -17.57 -6.62 -4.34
N GLU A 81 -17.67 -5.69 -5.29
CA GLU A 81 -16.51 -5.21 -6.04
C GLU A 81 -15.57 -4.44 -5.13
N GLY A 82 -16.04 -3.93 -4.00
CA GLY A 82 -15.21 -3.16 -3.08
C GLY A 82 -14.20 -4.07 -2.40
N ASP A 83 -14.67 -5.11 -1.72
CA ASP A 83 -13.78 -6.03 -1.01
C ASP A 83 -12.95 -6.83 -2.00
N ARG A 84 -13.54 -7.23 -3.14
CA ARG A 84 -12.81 -7.91 -4.20
C ARG A 84 -11.64 -7.05 -4.68
N ASP A 85 -11.91 -5.81 -5.08
CA ASP A 85 -10.90 -4.92 -5.63
C ASP A 85 -9.86 -4.56 -4.57
N LEU A 86 -10.26 -4.45 -3.31
CA LEU A 86 -9.35 -4.18 -2.22
C LEU A 86 -8.32 -5.31 -2.13
N ALA A 87 -8.82 -6.55 -2.15
CA ALA A 87 -7.97 -7.72 -2.11
C ALA A 87 -7.08 -7.75 -3.35
N ALA A 88 -7.64 -7.40 -4.51
CA ALA A 88 -6.96 -7.38 -5.79
C ALA A 88 -5.78 -6.42 -5.75
N ALA A 89 -5.99 -5.23 -5.19
CA ALA A 89 -4.98 -4.20 -5.08
C ALA A 89 -3.80 -4.76 -4.31
N TYR A 90 -4.04 -5.28 -3.10
CA TYR A 90 -2.96 -5.86 -2.33
C TYR A 90 -2.28 -7.01 -3.06
N ARG A 91 -3.06 -7.85 -3.75
CA ARG A 91 -2.56 -9.01 -4.44
C ARG A 91 -1.68 -8.62 -5.62
N ALA A 92 -1.96 -7.48 -6.25
CA ALA A 92 -1.15 -6.93 -7.32
C ALA A 92 0.16 -6.39 -6.74
N VAL A 93 0.11 -5.69 -5.61
CA VAL A 93 1.32 -5.23 -4.94
C VAL A 93 2.22 -6.43 -4.66
N ALA A 94 1.71 -7.38 -3.86
CA ALA A 94 2.34 -8.64 -3.56
C ALA A 94 2.98 -9.25 -4.80
N ALA A 95 2.21 -9.36 -5.89
CA ALA A 95 2.75 -9.90 -7.14
C ALA A 95 3.99 -9.12 -7.55
N GLU A 96 3.92 -7.78 -7.64
CA GLU A 96 5.04 -6.93 -7.98
C GLU A 96 6.26 -7.14 -7.07
N ILE A 97 6.08 -7.56 -5.82
CA ILE A 97 7.20 -7.94 -4.96
C ILE A 97 7.97 -9.10 -5.60
N ASN A 98 7.26 -10.21 -5.86
CA ASN A 98 7.89 -11.40 -6.40
C ASN A 98 8.10 -11.31 -7.91
N ARG A 99 7.61 -10.24 -8.55
CA ARG A 99 7.83 -10.00 -9.98
C ARG A 99 9.14 -9.27 -10.18
N LEU A 100 9.39 -8.26 -9.35
CA LEU A 100 10.62 -7.47 -9.39
C LEU A 100 11.75 -8.21 -8.65
N SER A 101 11.42 -9.17 -7.78
CA SER A 101 12.37 -9.89 -6.93
C SER A 101 13.03 -8.93 -5.95
N ILE A 102 12.20 -8.37 -5.07
CA ILE A 102 12.62 -7.50 -3.99
C ILE A 102 12.98 -8.35 -2.76
N SER A 103 13.81 -7.79 -1.87
CA SER A 103 14.12 -8.40 -0.58
C SER A 103 13.37 -7.72 0.56
N SER A 104 13.06 -6.43 0.46
CA SER A 104 12.29 -5.76 1.51
C SER A 104 11.36 -4.73 0.91
N VAL A 105 10.17 -4.55 1.51
CA VAL A 105 9.23 -3.58 1.00
C VAL A 105 8.45 -2.95 2.15
N ALA A 106 8.13 -1.66 2.01
CA ALA A 106 7.24 -0.95 2.89
C ALA A 106 5.84 -0.90 2.27
N ILE A 107 4.80 -1.15 3.07
CA ILE A 107 3.43 -1.33 2.59
C ILE A 107 2.48 -0.59 3.55
N PRO A 108 1.72 0.41 3.08
CA PRO A 108 0.82 1.16 3.94
C PRO A 108 -0.55 0.52 4.01
N LEU A 109 -1.26 0.75 5.12
CA LEU A 109 -2.66 0.38 5.25
C LEU A 109 -3.48 1.30 4.32
N LEU A 110 -3.97 0.78 3.19
CA LEU A 110 -4.90 1.47 2.27
C LEU A 110 -6.25 1.74 2.97
N SER A 111 -7.30 2.10 2.24
CA SER A 111 -8.62 2.34 2.82
C SER A 111 -8.58 3.48 3.85
N THR A 112 -7.89 4.57 3.51
CA THR A 112 -7.71 5.70 4.38
C THR A 112 -7.68 6.93 3.47
N GLY A 113 -8.54 7.91 3.71
CA GLY A 113 -8.66 9.10 2.87
C GLY A 113 -9.20 8.72 1.50
N ILE A 114 -8.28 8.34 0.59
CA ILE A 114 -8.56 7.87 -0.76
C ILE A 114 -9.73 6.89 -0.77
N PHE A 115 -9.79 6.02 0.22
CA PHE A 115 -10.84 5.03 0.35
C PHE A 115 -11.28 4.93 1.80
N SER A 116 -12.00 5.96 2.26
CA SER A 116 -12.74 5.88 3.52
C SER A 116 -14.20 6.24 3.28
N ALA A 117 -14.82 5.56 2.31
CA ALA A 117 -16.25 5.68 2.03
C ALA A 117 -17.03 4.87 3.07
N GLY A 118 -17.03 5.35 4.31
CA GLY A 118 -17.66 4.69 5.44
C GLY A 118 -16.93 3.41 5.85
N LYS A 119 -15.62 3.30 5.57
CA LYS A 119 -14.80 2.20 6.06
C LYS A 119 -13.53 2.80 6.63
N ASP A 120 -13.16 2.39 7.84
CA ASP A 120 -11.91 2.77 8.48
C ASP A 120 -11.59 1.69 9.51
N ARG A 121 -10.73 0.73 9.17
CA ARG A 121 -10.30 -0.29 10.13
C ARG A 121 -9.06 -0.96 9.58
N VAL A 122 -7.92 -0.79 10.23
CA VAL A 122 -6.71 -1.45 9.78
C VAL A 122 -6.92 -2.95 9.80
N HIS A 123 -7.57 -3.49 10.83
CA HIS A 123 -7.86 -4.91 10.92
C HIS A 123 -8.55 -5.47 9.66
N GLN A 124 -9.34 -4.66 8.94
CA GLN A 124 -9.95 -5.17 7.71
C GLN A 124 -8.90 -5.17 6.61
N SER A 125 -8.21 -4.04 6.44
CA SER A 125 -7.29 -3.92 5.31
C SER A 125 -6.14 -4.90 5.49
N LEU A 126 -5.46 -4.82 6.63
CA LEU A 126 -4.38 -5.68 7.07
C LEU A 126 -4.74 -7.16 6.88
N SER A 127 -6.01 -7.54 7.04
CA SER A 127 -6.45 -8.89 6.73
C SER A 127 -6.09 -9.27 5.29
N HIS A 128 -6.54 -8.50 4.31
CA HIS A 128 -6.36 -8.87 2.90
C HIS A 128 -4.94 -8.56 2.45
N LEU A 129 -4.45 -7.38 2.82
CA LEU A 129 -3.10 -6.87 2.64
C LEU A 129 -2.08 -7.93 3.02
N LEU A 130 -2.19 -8.49 4.22
CA LEU A 130 -1.28 -9.54 4.64
C LEU A 130 -1.58 -10.82 3.88
N ALA A 131 -2.84 -11.23 3.71
CA ALA A 131 -3.15 -12.45 2.97
C ALA A 131 -2.58 -12.45 1.54
N ALA A 132 -2.29 -11.27 0.98
CA ALA A 132 -1.65 -11.10 -0.31
C ALA A 132 -0.13 -11.03 -0.16
N MET A 133 0.39 -10.07 0.60
CA MET A 133 1.83 -9.84 0.74
C MET A 133 2.56 -11.03 1.36
N ASP A 134 1.82 -11.88 2.08
CA ASP A 134 2.31 -13.14 2.62
C ASP A 134 2.84 -14.01 1.49
N THR A 135 2.17 -13.98 0.34
CA THR A 135 2.46 -14.89 -0.77
C THR A 135 3.74 -14.53 -1.53
N THR A 136 4.55 -13.60 -1.03
CA THR A 136 5.73 -13.11 -1.73
C THR A 136 6.99 -13.79 -1.17
N GLU A 137 8.16 -13.17 -1.36
CA GLU A 137 9.42 -13.65 -0.80
C GLU A 137 10.21 -12.48 -0.20
N ALA A 138 9.55 -11.37 0.17
CA ALA A 138 10.24 -10.20 0.70
C ALA A 138 9.67 -9.81 2.06
N ARG A 139 10.47 -9.15 2.91
CA ARG A 139 9.97 -8.76 4.21
C ARG A 139 8.84 -7.75 4.03
N VAL A 140 7.77 -7.90 4.81
CA VAL A 140 6.55 -7.13 4.70
C VAL A 140 6.55 -6.15 5.86
N THR A 141 6.79 -4.88 5.57
CA THR A 141 7.05 -3.91 6.61
C THR A 141 5.94 -2.88 6.55
N ILE A 142 5.03 -2.88 7.52
CA ILE A 142 3.88 -1.99 7.45
C ILE A 142 4.34 -0.60 7.91
N TYR A 143 3.82 0.44 7.25
CA TYR A 143 4.14 1.83 7.52
C TYR A 143 2.83 2.59 7.67
N CYS A 144 2.79 3.58 8.56
CA CYS A 144 1.70 4.54 8.63
C CYS A 144 2.29 5.87 9.05
N ARG A 145 1.47 6.89 9.31
CA ARG A 145 2.06 8.16 9.74
C ARG A 145 2.58 7.99 11.16
N ASP A 146 3.75 8.57 11.44
CA ASP A 146 4.55 8.39 12.65
C ASP A 146 3.80 8.81 13.92
N LYS A 147 2.91 7.95 14.42
CA LYS A 147 1.98 8.33 15.47
C LYS A 147 1.27 7.09 16.03
N THR A 148 0.30 7.31 16.92
CA THR A 148 -0.51 6.27 17.54
C THR A 148 -1.23 5.38 16.52
N TRP A 149 -1.42 5.83 15.28
CA TRP A 149 -1.86 4.95 14.20
C TRP A 149 -0.98 3.71 14.12
N GLU A 150 0.33 3.90 14.13
CA GLU A 150 1.34 2.85 14.14
C GLU A 150 1.03 1.87 15.27
N GLN A 151 0.60 2.38 16.43
CA GLN A 151 0.28 1.57 17.58
C GLN A 151 -0.94 0.67 17.31
N LYS A 152 -2.03 1.22 16.76
CA LYS A 152 -3.18 0.39 16.42
C LYS A 152 -2.76 -0.69 15.42
N ILE A 153 -1.90 -0.35 14.47
CA ILE A 153 -1.43 -1.33 13.52
C ILE A 153 -0.56 -2.38 14.24
N LYS A 154 0.22 -1.99 15.24
CA LYS A 154 1.06 -2.91 16.01
C LYS A 154 0.21 -3.93 16.75
N THR A 155 -0.85 -3.50 17.43
CA THR A 155 -1.69 -4.42 18.18
C THR A 155 -2.32 -5.42 17.22
N VAL A 156 -2.84 -4.96 16.09
CA VAL A 156 -3.40 -5.85 15.10
C VAL A 156 -2.33 -6.84 14.62
N LEU A 157 -1.14 -6.37 14.26
CA LEU A 157 -0.03 -7.24 13.84
C LEU A 157 0.23 -8.36 14.86
N GLN A 158 0.10 -8.07 16.16
CA GLN A 158 0.27 -9.10 17.18
C GLN A 158 -0.85 -10.14 17.12
N ASN A 159 -2.10 -9.72 16.91
CA ASN A 159 -3.23 -10.64 16.86
C ASN A 159 -3.15 -11.50 15.60
N ARG A 160 -3.14 -10.80 14.45
CA ARG A 160 -3.09 -11.28 13.08
C ARG A 160 -3.91 -12.54 12.85
N ALA A 2 10.59 -16.88 5.13
CA ALA A 2 11.36 -15.94 4.30
C ALA A 2 10.87 -14.52 4.52
N PRO A 3 9.66 -14.12 4.09
CA PRO A 3 9.15 -12.80 4.42
C PRO A 3 8.87 -12.73 5.92
N ALA A 4 8.79 -11.51 6.47
CA ALA A 4 8.45 -11.28 7.87
C ALA A 4 7.84 -9.90 8.00
N TYR A 5 6.84 -9.75 8.87
CA TYR A 5 6.11 -8.52 9.09
C TYR A 5 6.82 -7.64 10.11
N THR A 6 6.57 -6.33 10.08
CA THR A 6 7.21 -5.32 10.92
C THR A 6 6.31 -4.09 10.94
N VAL A 7 6.64 -3.09 11.77
CA VAL A 7 5.84 -1.91 12.00
C VAL A 7 6.78 -0.72 12.10
N LYS A 8 6.45 0.42 11.47
CA LYS A 8 7.39 1.54 11.44
C LYS A 8 6.66 2.88 11.36
N ARG A 9 6.66 3.61 12.48
CA ARG A 9 5.80 4.76 12.68
C ARG A 9 6.36 5.97 11.96
N ALA A 10 6.00 6.11 10.69
CA ALA A 10 6.48 7.18 9.84
C ALA A 10 5.56 7.33 8.63
N ASP A 11 5.79 8.35 7.81
CA ASP A 11 5.19 8.43 6.49
C ASP A 11 5.73 7.31 5.62
N ILE A 12 4.89 6.78 4.73
CA ILE A 12 5.27 5.70 3.83
C ILE A 12 5.88 6.34 2.58
N ALA A 13 7.01 7.04 2.76
CA ALA A 13 7.72 7.66 1.66
C ALA A 13 9.20 7.76 1.99
N THR A 14 9.55 8.28 3.16
CA THR A 14 10.94 8.28 3.62
C THR A 14 11.31 6.91 4.21
N ALA A 15 10.82 5.84 3.59
CA ALA A 15 11.09 4.47 3.95
C ALA A 15 12.55 4.15 3.59
N ILE A 16 13.02 2.97 3.99
CA ILE A 16 14.39 2.53 3.70
C ILE A 16 14.39 1.13 3.09
N GLU A 17 13.24 0.67 2.63
CA GLU A 17 13.08 -0.65 2.06
C GLU A 17 13.24 -0.55 0.53
N ASP A 18 13.56 -1.67 -0.13
CA ASP A 18 13.99 -1.71 -1.52
C ASP A 18 12.93 -1.08 -2.43
N ALA A 19 11.67 -1.48 -2.20
CA ALA A 19 10.53 -0.87 -2.84
C ALA A 19 9.67 -0.16 -1.81
N VAL A 20 8.81 0.72 -2.30
CA VAL A 20 7.86 1.47 -1.50
C VAL A 20 6.53 1.35 -2.22
N VAL A 21 5.50 0.85 -1.56
CA VAL A 21 4.15 0.79 -2.10
C VAL A 21 3.43 2.02 -1.59
N ASN A 22 2.53 2.61 -2.37
CA ASN A 22 1.65 3.64 -1.82
C ASN A 22 0.19 3.30 -2.00
N ALA A 23 -0.66 3.81 -1.10
CA ALA A 23 -2.07 3.97 -1.35
C ALA A 23 -2.23 5.09 -2.39
N ALA A 24 -2.14 4.73 -3.66
CA ALA A 24 -2.28 5.65 -4.78
C ALA A 24 -3.73 5.60 -5.27
N ASN A 25 -4.04 6.35 -6.33
CA ASN A 25 -5.39 6.47 -6.82
C ASN A 25 -5.40 6.14 -8.30
N HIS A 26 -6.58 5.86 -8.85
CA HIS A 26 -6.77 5.44 -10.23
C HIS A 26 -6.04 6.36 -11.22
N ARG A 27 -6.05 7.68 -10.97
CA ARG A 27 -5.30 8.61 -11.79
C ARG A 27 -3.94 8.80 -11.14
N GLY A 28 -2.90 8.48 -11.89
CA GLY A 28 -1.53 8.83 -11.57
C GLY A 28 -1.32 10.31 -11.85
N GLN A 29 -1.85 11.16 -10.99
CA GLN A 29 -1.48 12.56 -10.91
C GLN A 29 -1.07 12.85 -9.47
N VAL A 30 -0.43 14.01 -9.26
CA VAL A 30 -0.09 14.46 -7.93
C VAL A 30 -1.37 14.72 -7.16
N GLY A 31 -1.36 14.40 -5.87
CA GLY A 31 -2.46 14.66 -4.96
C GLY A 31 -1.85 15.14 -3.64
N ASP A 32 -2.60 15.03 -2.54
CA ASP A 32 -2.23 15.63 -1.28
C ASP A 32 -2.04 14.52 -0.23
N GLY A 33 -2.13 14.83 1.06
CA GLY A 33 -1.96 13.86 2.12
C GLY A 33 -0.62 13.13 2.00
N VAL A 34 -0.61 11.85 2.38
CA VAL A 34 0.61 11.05 2.37
C VAL A 34 1.07 10.76 0.93
N CYS A 35 0.19 10.86 -0.07
CA CYS A 35 0.63 10.83 -1.46
C CYS A 35 1.64 11.94 -1.74
N ARG A 36 1.47 13.12 -1.15
CA ARG A 36 2.48 14.15 -1.33
C ARG A 36 3.84 13.69 -0.80
N ALA A 37 3.88 12.95 0.31
CA ALA A 37 5.15 12.50 0.87
C ALA A 37 5.93 11.66 -0.16
N VAL A 38 5.24 10.75 -0.84
CA VAL A 38 5.83 9.95 -1.89
C VAL A 38 6.29 10.83 -3.05
N ALA A 39 5.37 11.58 -3.65
CA ALA A 39 5.65 12.40 -4.82
C ALA A 39 6.83 13.36 -4.59
N ARG A 40 6.95 13.89 -3.36
CA ARG A 40 8.03 14.79 -2.94
C ARG A 40 9.41 14.27 -3.30
N LYS A 41 9.63 12.95 -3.24
CA LYS A 41 10.92 12.37 -3.63
C LYS A 41 10.79 11.41 -4.81
N TRP A 42 9.59 11.18 -5.35
CA TRP A 42 9.40 10.35 -6.53
C TRP A 42 8.39 10.99 -7.49
N PRO A 43 8.73 12.15 -8.05
CA PRO A 43 7.88 12.80 -9.04
C PRO A 43 7.85 11.98 -10.33
N GLN A 44 9.02 11.56 -10.82
CA GLN A 44 9.12 10.85 -12.09
C GLN A 44 8.29 9.57 -12.04
N ALA A 45 8.32 8.86 -10.91
CA ALA A 45 7.55 7.63 -10.74
C ALA A 45 6.06 7.89 -10.92
N PHE A 46 5.55 9.02 -10.44
CA PHE A 46 4.13 9.35 -10.52
C PHE A 46 3.75 9.87 -11.91
N ARG A 47 4.73 10.22 -12.74
CA ARG A 47 4.49 10.82 -14.04
C ARG A 47 3.82 9.78 -14.93
N ASN A 48 2.53 10.00 -15.20
CA ASN A 48 1.68 9.08 -15.95
C ASN A 48 1.58 7.70 -15.30
N ALA A 49 1.44 7.69 -13.98
CA ALA A 49 1.33 6.46 -13.21
C ALA A 49 -0.12 6.11 -12.99
N ALA A 50 -0.96 6.24 -14.02
CA ALA A 50 -2.38 5.91 -13.91
C ALA A 50 -2.58 4.43 -14.19
N THR A 51 -3.60 3.82 -13.56
CA THR A 51 -3.90 2.40 -13.75
C THR A 51 -5.27 2.08 -13.13
N PRO A 52 -5.91 0.97 -13.52
CA PRO A 52 -7.24 0.63 -13.06
C PRO A 52 -7.22 0.21 -11.59
N VAL A 53 -8.39 0.27 -10.96
CA VAL A 53 -8.54 -0.18 -9.59
C VAL A 53 -8.21 -1.68 -9.50
N GLY A 54 -7.74 -2.11 -8.33
CA GLY A 54 -7.54 -3.52 -8.08
C GLY A 54 -6.25 -4.02 -8.69
N THR A 55 -5.33 -3.12 -9.04
CA THR A 55 -4.05 -3.53 -9.57
C THR A 55 -2.96 -2.66 -8.93
N ALA A 56 -1.70 -2.89 -9.31
CA ALA A 56 -0.56 -2.14 -8.85
C ALA A 56 0.28 -1.85 -10.08
N LYS A 57 0.87 -0.65 -10.19
CA LYS A 57 1.71 -0.30 -11.32
C LYS A 57 3.00 0.27 -10.76
N THR A 58 4.13 -0.16 -11.31
CA THR A 58 5.44 0.10 -10.77
C THR A 58 6.19 0.96 -11.76
N VAL A 59 6.86 2.00 -11.28
CA VAL A 59 7.61 2.89 -12.15
C VAL A 59 8.91 3.16 -11.40
N LYS A 60 9.96 2.44 -11.75
CA LYS A 60 11.25 2.66 -11.12
C LYS A 60 11.62 4.12 -11.38
N CYS A 61 12.08 4.82 -10.34
CA CYS A 61 12.52 6.20 -10.52
C CYS A 61 13.96 6.15 -11.03
N ASP A 62 14.95 6.28 -10.15
CA ASP A 62 16.35 6.15 -10.52
C ASP A 62 16.71 4.67 -10.57
N GLU A 63 16.48 3.99 -9.45
CA GLU A 63 16.70 2.56 -9.30
C GLU A 63 15.59 1.91 -8.49
N THR A 64 15.14 2.55 -7.40
CA THR A 64 14.15 1.97 -6.51
C THR A 64 12.84 1.66 -7.25
N TYR A 65 12.24 0.54 -6.89
CA TYR A 65 11.10 0.01 -7.62
C TYR A 65 9.83 0.43 -6.89
N ILE A 66 9.45 1.70 -7.01
CA ILE A 66 8.26 2.15 -6.33
C ILE A 66 7.04 1.59 -7.05
N ILE A 67 6.08 1.15 -6.26
CA ILE A 67 4.86 0.50 -6.66
C ILE A 67 3.75 1.44 -6.19
N HIS A 68 2.71 1.62 -6.99
CA HIS A 68 1.52 2.31 -6.54
C HIS A 68 0.42 1.26 -6.55
N ALA A 69 -0.48 1.32 -5.57
CA ALA A 69 -1.59 0.38 -5.48
C ALA A 69 -2.89 1.18 -5.56
N VAL A 70 -3.81 0.81 -6.43
CA VAL A 70 -5.05 1.55 -6.57
C VAL A 70 -6.12 0.88 -5.73
N GLY A 71 -6.53 1.58 -4.67
CA GLY A 71 -7.60 1.13 -3.81
C GLY A 71 -8.94 1.51 -4.43
N PRO A 72 -9.97 0.68 -4.26
CA PRO A 72 -11.31 1.01 -4.69
C PRO A 72 -11.90 2.08 -3.80
N ASN A 73 -12.90 2.78 -4.32
CA ASN A 73 -13.59 3.83 -3.64
C ASN A 73 -14.94 3.29 -3.18
N PHE A 74 -15.01 2.76 -1.96
CA PHE A 74 -16.26 2.20 -1.41
C PHE A 74 -17.41 3.21 -1.45
N ASN A 75 -17.10 4.51 -1.40
CA ASN A 75 -18.12 5.57 -1.38
C ASN A 75 -18.84 5.67 -2.73
N ASN A 76 -18.23 5.11 -3.76
CA ASN A 76 -18.65 5.15 -5.14
C ASN A 76 -18.85 3.72 -5.67
N THR A 77 -18.81 2.69 -4.82
CA THR A 77 -19.19 1.35 -5.26
C THR A 77 -19.95 0.63 -4.13
N SER A 78 -20.16 -0.67 -4.22
CA SER A 78 -20.78 -1.49 -3.20
C SER A 78 -19.69 -2.21 -2.41
N GLU A 79 -20.05 -2.78 -1.25
CA GLU A 79 -19.07 -3.48 -0.44
C GLU A 79 -18.46 -4.67 -1.18
N ALA A 80 -19.24 -5.31 -2.06
CA ALA A 80 -18.79 -6.48 -2.80
C ALA A 80 -17.63 -6.14 -3.72
N GLU A 81 -17.87 -5.24 -4.68
CA GLU A 81 -16.83 -4.82 -5.61
C GLU A 81 -15.69 -4.17 -4.83
N GLY A 82 -16.03 -3.39 -3.81
CA GLY A 82 -15.05 -2.62 -3.06
C GLY A 82 -14.07 -3.55 -2.35
N ASP A 83 -14.59 -4.61 -1.73
CA ASP A 83 -13.73 -5.54 -1.00
C ASP A 83 -12.91 -6.37 -1.98
N ARG A 84 -13.55 -6.84 -3.05
CA ARG A 84 -12.90 -7.62 -4.10
C ARG A 84 -11.71 -6.85 -4.65
N ASP A 85 -11.92 -5.59 -5.01
CA ASP A 85 -10.89 -4.74 -5.60
C ASP A 85 -9.82 -4.40 -4.57
N LEU A 86 -10.16 -4.26 -3.29
CA LEU A 86 -9.18 -4.02 -2.25
C LEU A 86 -8.22 -5.21 -2.17
N ALA A 87 -8.77 -6.42 -2.23
CA ALA A 87 -7.99 -7.65 -2.20
C ALA A 87 -7.14 -7.74 -3.47
N ALA A 88 -7.70 -7.34 -4.61
CA ALA A 88 -7.02 -7.35 -5.89
C ALA A 88 -5.82 -6.39 -5.87
N ALA A 89 -6.00 -5.19 -5.33
CA ALA A 89 -4.96 -4.18 -5.23
C ALA A 89 -3.79 -4.76 -4.44
N TYR A 90 -4.08 -5.27 -3.24
CA TYR A 90 -3.05 -5.90 -2.43
C TYR A 90 -2.42 -7.10 -3.13
N ARG A 91 -3.20 -7.89 -3.88
CA ARG A 91 -2.66 -9.04 -4.60
C ARG A 91 -1.62 -8.59 -5.60
N ALA A 92 -1.93 -7.53 -6.36
CA ALA A 92 -1.02 -6.98 -7.35
C ALA A 92 0.22 -6.43 -6.69
N VAL A 93 0.09 -5.83 -5.50
CA VAL A 93 1.25 -5.36 -4.77
C VAL A 93 2.16 -6.53 -4.42
N ALA A 94 1.65 -7.49 -3.64
CA ALA A 94 2.37 -8.68 -3.22
C ALA A 94 3.07 -9.34 -4.41
N ALA A 95 2.37 -9.42 -5.53
CA ALA A 95 2.97 -9.89 -6.76
C ALA A 95 4.21 -9.06 -7.07
N GLU A 96 4.10 -7.73 -7.20
CA GLU A 96 5.26 -6.93 -7.52
C GLU A 96 6.42 -7.11 -6.54
N ILE A 97 6.17 -7.40 -5.26
CA ILE A 97 7.23 -7.73 -4.30
C ILE A 97 8.08 -8.88 -4.86
N ASN A 98 7.44 -10.02 -5.19
CA ASN A 98 8.21 -11.14 -5.73
C ASN A 98 8.64 -10.89 -7.18
N ARG A 99 7.95 -10.02 -7.91
CA ARG A 99 8.11 -9.85 -9.35
C ARG A 99 9.37 -9.05 -9.66
N LEU A 100 9.63 -8.04 -8.83
CA LEU A 100 10.87 -7.27 -8.82
C LEU A 100 11.96 -8.10 -8.12
N SER A 101 11.55 -9.03 -7.25
CA SER A 101 12.45 -9.92 -6.52
C SER A 101 13.35 -9.11 -5.58
N ILE A 102 12.73 -8.29 -4.75
CA ILE A 102 13.43 -7.40 -3.84
C ILE A 102 13.57 -8.00 -2.44
N SER A 103 14.47 -7.40 -1.65
CA SER A 103 14.71 -7.82 -0.28
C SER A 103 13.71 -7.22 0.71
N SER A 104 13.11 -6.04 0.47
CA SER A 104 12.21 -5.48 1.47
C SER A 104 11.25 -4.49 0.81
N VAL A 105 10.10 -4.26 1.43
CA VAL A 105 9.18 -3.27 0.90
C VAL A 105 8.29 -2.71 2.01
N ALA A 106 7.96 -1.43 1.89
CA ALA A 106 7.03 -0.75 2.76
C ALA A 106 5.62 -0.88 2.15
N ILE A 107 4.61 -1.14 2.98
CA ILE A 107 3.25 -1.40 2.55
C ILE A 107 2.27 -0.70 3.50
N PRO A 108 1.52 0.31 3.02
CA PRO A 108 0.58 1.02 3.87
C PRO A 108 -0.73 0.26 4.02
N LEU A 109 -1.47 0.59 5.09
CA LEU A 109 -2.83 0.12 5.26
C LEU A 109 -3.74 0.96 4.33
N LEU A 110 -4.15 0.38 3.20
CA LEU A 110 -5.12 0.98 2.27
C LEU A 110 -6.51 1.02 2.89
N SER A 111 -7.36 1.92 2.39
CA SER A 111 -8.76 2.08 2.78
C SER A 111 -8.84 3.04 3.96
N THR A 112 -8.14 4.17 3.84
CA THR A 112 -7.99 5.13 4.91
C THR A 112 -9.30 5.90 5.13
N GLY A 113 -9.59 6.90 4.29
CA GLY A 113 -10.75 7.75 4.42
C GLY A 113 -11.19 8.22 3.04
N ILE A 114 -10.26 8.87 2.33
CA ILE A 114 -10.44 9.42 0.99
C ILE A 114 -11.19 8.44 0.06
N PHE A 115 -10.88 7.14 0.15
CA PHE A 115 -11.49 6.13 -0.69
C PHE A 115 -12.09 4.98 0.14
N SER A 116 -12.18 5.14 1.46
CA SER A 116 -12.65 4.08 2.35
C SER A 116 -14.14 4.21 2.55
N ALA A 117 -14.66 5.46 2.56
CA ALA A 117 -16.06 5.79 2.75
C ALA A 117 -16.44 5.70 4.23
N GLY A 118 -16.15 4.56 4.85
CA GLY A 118 -16.28 4.37 6.28
C GLY A 118 -15.62 3.07 6.74
N LYS A 119 -14.60 2.57 6.03
CA LYS A 119 -13.97 1.31 6.41
C LYS A 119 -12.78 1.60 7.33
N ASP A 120 -12.99 2.32 8.43
CA ASP A 120 -11.93 2.51 9.40
C ASP A 120 -11.75 1.21 10.18
N ARG A 121 -10.90 0.31 9.67
CA ARG A 121 -10.41 -0.80 10.46
C ARG A 121 -9.16 -1.34 9.81
N VAL A 122 -8.00 -1.17 10.44
CA VAL A 122 -6.78 -1.72 9.87
C VAL A 122 -6.90 -3.23 9.73
N HIS A 123 -7.42 -3.92 10.74
CA HIS A 123 -7.53 -5.37 10.71
C HIS A 123 -8.24 -5.86 9.44
N GLN A 124 -9.16 -5.06 8.87
CA GLN A 124 -9.80 -5.43 7.63
C GLN A 124 -8.71 -5.45 6.57
N SER A 125 -8.10 -4.30 6.30
CA SER A 125 -7.30 -4.20 5.08
C SER A 125 -6.06 -5.07 5.21
N LEU A 126 -5.54 -5.17 6.43
CA LEU A 126 -4.43 -6.00 6.81
C LEU A 126 -4.75 -7.47 6.57
N SER A 127 -5.99 -7.92 6.76
CA SER A 127 -6.34 -9.28 6.38
C SER A 127 -6.17 -9.47 4.87
N HIS A 128 -6.75 -8.56 4.07
CA HIS A 128 -6.68 -8.69 2.61
C HIS A 128 -5.24 -8.55 2.12
N LEU A 129 -4.41 -7.78 2.83
CA LEU A 129 -3.00 -7.65 2.54
C LEU A 129 -2.31 -8.95 2.86
N LEU A 130 -2.23 -9.30 4.15
CA LEU A 130 -1.54 -10.47 4.68
C LEU A 130 -1.81 -11.72 3.83
N ALA A 131 -3.05 -11.97 3.43
CA ALA A 131 -3.40 -13.11 2.58
C ALA A 131 -2.47 -13.23 1.36
N ALA A 132 -2.25 -12.12 0.67
CA ALA A 132 -1.41 -12.01 -0.51
C ALA A 132 0.07 -11.85 -0.15
N MET A 133 0.36 -11.07 0.89
CA MET A 133 1.70 -10.80 1.34
C MET A 133 2.37 -12.09 1.82
N ASP A 134 1.58 -13.06 2.25
CA ASP A 134 2.09 -14.35 2.72
C ASP A 134 2.75 -15.10 1.57
N THR A 135 2.46 -14.69 0.32
CA THR A 135 2.99 -15.32 -0.87
C THR A 135 4.29 -14.64 -1.35
N THR A 136 4.72 -13.55 -0.72
CA THR A 136 5.91 -12.83 -1.12
C THR A 136 7.18 -13.51 -0.60
N GLU A 137 8.35 -12.94 -0.90
CA GLU A 137 9.62 -13.46 -0.41
C GLU A 137 10.48 -12.32 0.15
N ALA A 138 9.87 -11.22 0.60
CA ALA A 138 10.61 -10.04 1.02
C ALA A 138 10.16 -9.58 2.40
N ARG A 139 10.89 -8.65 3.01
CA ARG A 139 10.45 -8.03 4.26
C ARG A 139 9.18 -7.22 4.01
N VAL A 140 8.33 -7.13 5.02
CA VAL A 140 6.99 -6.58 4.93
C VAL A 140 6.90 -5.59 6.07
N THR A 141 6.96 -4.31 5.77
CA THR A 141 7.06 -3.29 6.79
C THR A 141 5.83 -2.41 6.68
N ILE A 142 4.93 -2.52 7.66
CA ILE A 142 3.68 -1.78 7.62
C ILE A 142 3.95 -0.38 8.13
N TYR A 143 3.29 0.61 7.52
CA TYR A 143 3.42 2.01 7.87
C TYR A 143 2.01 2.60 7.94
N CYS A 144 1.79 3.50 8.91
CA CYS A 144 0.51 4.16 9.12
C CYS A 144 0.75 5.48 9.86
N ARG A 145 1.73 6.26 9.39
CA ARG A 145 2.10 7.54 9.97
C ARG A 145 2.63 7.37 11.40
N ASP A 146 2.98 8.50 12.01
CA ASP A 146 3.62 8.57 13.31
C ASP A 146 2.57 8.61 14.42
N LYS A 147 1.65 7.64 14.45
CA LYS A 147 0.52 7.70 15.38
C LYS A 147 0.11 6.32 15.91
N THR A 148 -0.75 6.35 16.95
CA THR A 148 -1.27 5.17 17.64
C THR A 148 -2.14 4.29 16.75
N TRP A 149 -2.62 4.80 15.60
CA TRP A 149 -3.23 3.93 14.60
C TRP A 149 -2.26 2.81 14.24
N GLU A 150 -0.98 3.12 14.05
CA GLU A 150 0.04 2.11 13.82
C GLU A 150 0.13 1.13 14.99
N GLN A 151 0.08 1.60 16.25
CA GLN A 151 0.12 0.71 17.40
C GLN A 151 -1.01 -0.31 17.33
N LYS A 152 -2.21 0.09 16.89
CA LYS A 152 -3.28 -0.86 16.63
C LYS A 152 -2.79 -1.93 15.66
N ILE A 153 -2.15 -1.55 14.55
CA ILE A 153 -1.64 -2.53 13.59
C ILE A 153 -0.63 -3.47 14.28
N LYS A 154 0.25 -2.97 15.15
CA LYS A 154 1.19 -3.82 15.88
C LYS A 154 0.44 -4.91 16.61
N THR A 155 -0.58 -4.55 17.39
CA THR A 155 -1.31 -5.58 18.15
C THR A 155 -1.93 -6.61 17.20
N VAL A 156 -2.39 -6.21 16.02
CA VAL A 156 -2.93 -7.16 15.05
C VAL A 156 -1.85 -8.13 14.58
N LEU A 157 -0.68 -7.61 14.20
CA LEU A 157 0.42 -8.41 13.64
C LEU A 157 0.90 -9.43 14.66
N GLN A 158 0.89 -9.02 15.93
CA GLN A 158 1.17 -9.85 17.08
C GLN A 158 0.07 -10.91 17.27
N ASN A 159 -1.19 -10.55 17.05
CA ASN A 159 -2.33 -11.42 17.34
C ASN A 159 -2.60 -12.41 16.19
N ARG A 160 -2.10 -12.14 14.98
CA ARG A 160 -2.42 -12.92 13.80
C ARG A 160 -1.39 -14.01 13.56
N ALA A 2 10.47 -17.00 3.97
CA ALA A 2 9.88 -16.75 5.30
C ALA A 2 9.93 -15.25 5.58
N PRO A 3 8.87 -14.52 5.24
CA PRO A 3 8.75 -13.09 5.46
C PRO A 3 8.40 -12.82 6.92
N ALA A 4 8.24 -11.54 7.30
CA ALA A 4 7.87 -11.16 8.66
C ALA A 4 7.20 -9.79 8.63
N TYR A 5 6.22 -9.57 9.51
CA TYR A 5 5.44 -8.35 9.59
C TYR A 5 6.12 -7.39 10.56
N THR A 6 6.00 -6.09 10.31
CA THR A 6 6.57 -5.03 11.14
C THR A 6 5.70 -3.79 10.94
N VAL A 7 5.98 -2.72 11.69
CA VAL A 7 5.26 -1.46 11.61
C VAL A 7 6.28 -0.33 11.81
N LYS A 8 6.14 0.82 11.13
CA LYS A 8 7.08 1.93 11.31
C LYS A 8 6.34 3.27 11.25
N ARG A 9 6.50 4.07 12.30
CA ARG A 9 5.69 5.26 12.49
C ARG A 9 6.35 6.44 11.77
N ALA A 10 5.97 6.63 10.51
CA ALA A 10 6.45 7.67 9.63
C ALA A 10 5.53 7.72 8.41
N ASP A 11 5.82 8.61 7.45
CA ASP A 11 5.16 8.58 6.15
C ASP A 11 5.71 7.39 5.35
N ILE A 12 4.83 6.70 4.61
CA ILE A 12 5.28 5.68 3.68
C ILE A 12 5.97 6.40 2.51
N ALA A 13 7.29 6.52 2.60
CA ALA A 13 8.15 7.00 1.53
C ALA A 13 9.60 6.76 1.91
N THR A 14 9.99 7.32 3.06
CA THR A 14 11.37 7.28 3.52
C THR A 14 11.63 6.00 4.29
N ALA A 15 11.14 4.86 3.78
CA ALA A 15 11.25 3.56 4.42
C ALA A 15 12.61 2.91 4.20
N ILE A 16 13.51 3.54 3.41
CA ILE A 16 14.80 3.06 2.97
C ILE A 16 14.79 1.57 2.64
N GLU A 17 13.68 1.11 2.05
CA GLU A 17 13.48 -0.27 1.64
C GLU A 17 13.72 -0.37 0.12
N ASP A 18 13.85 -1.58 -0.42
CA ASP A 18 14.10 -1.80 -1.86
C ASP A 18 12.95 -1.21 -2.67
N ALA A 19 11.75 -1.42 -2.14
CA ALA A 19 10.52 -1.02 -2.78
C ALA A 19 9.65 -0.28 -1.79
N VAL A 20 8.74 0.49 -2.36
CA VAL A 20 7.89 1.41 -1.64
C VAL A 20 6.53 1.20 -2.28
N VAL A 21 5.45 1.10 -1.50
CA VAL A 21 4.12 0.99 -2.08
C VAL A 21 3.36 2.21 -1.58
N ASN A 22 2.54 2.82 -2.43
CA ASN A 22 1.64 3.88 -1.98
C ASN A 22 0.21 3.52 -2.29
N ALA A 23 -0.71 4.05 -1.47
CA ALA A 23 -2.13 4.06 -1.77
C ALA A 23 -2.36 5.10 -2.86
N ALA A 24 -1.97 4.77 -4.09
CA ALA A 24 -2.16 5.65 -5.21
C ALA A 24 -3.64 5.64 -5.57
N ASN A 25 -4.26 6.80 -5.77
CA ASN A 25 -5.60 6.81 -6.32
C ASN A 25 -5.47 6.61 -7.83
N HIS A 26 -6.55 6.22 -8.50
CA HIS A 26 -6.55 5.74 -9.87
C HIS A 26 -6.11 6.77 -10.94
N ARG A 27 -5.72 7.99 -10.55
CA ARG A 27 -5.38 9.07 -11.47
C ARG A 27 -4.04 9.74 -11.10
N GLY A 28 -2.95 8.98 -10.99
CA GLY A 28 -1.62 9.57 -10.80
C GLY A 28 -1.58 10.58 -9.66
N GLN A 29 -2.26 10.22 -8.56
CA GLN A 29 -2.55 11.10 -7.44
C GLN A 29 -1.26 11.72 -6.85
N VAL A 30 -1.25 13.04 -6.63
CA VAL A 30 -0.05 13.79 -6.22
C VAL A 30 -0.39 14.94 -5.25
N GLY A 31 -1.44 14.80 -4.44
CA GLY A 31 -1.73 15.74 -3.35
C GLY A 31 -2.62 15.09 -2.30
N ASP A 32 -2.89 15.78 -1.19
CA ASP A 32 -3.70 15.27 -0.10
C ASP A 32 -3.09 14.05 0.60
N GLY A 33 -3.75 13.60 1.67
CA GLY A 33 -3.48 12.36 2.40
C GLY A 33 -1.99 12.07 2.62
N VAL A 34 -1.47 11.05 1.92
CA VAL A 34 -0.07 10.66 1.98
C VAL A 34 0.35 10.15 0.60
N CYS A 35 1.03 11.01 -0.15
CA CYS A 35 1.47 10.69 -1.48
C CYS A 35 2.71 11.53 -1.81
N ARG A 36 2.65 12.84 -1.52
CA ARG A 36 3.77 13.76 -1.72
C ARG A 36 5.02 13.37 -0.97
N ALA A 37 4.92 12.53 0.07
CA ALA A 37 6.09 11.97 0.73
C ALA A 37 6.99 11.28 -0.31
N VAL A 38 6.41 10.38 -1.11
CA VAL A 38 7.15 9.76 -2.20
C VAL A 38 7.42 10.80 -3.28
N ALA A 39 6.44 11.60 -3.68
CA ALA A 39 6.64 12.54 -4.79
C ALA A 39 7.87 13.45 -4.56
N ARG A 40 8.21 13.75 -3.31
CA ARG A 40 9.39 14.56 -3.00
C ARG A 40 10.70 13.80 -3.22
N LYS A 41 10.76 12.49 -2.95
CA LYS A 41 11.94 11.71 -3.29
C LYS A 41 11.97 11.43 -4.79
N TRP A 42 10.92 10.80 -5.31
CA TRP A 42 10.85 10.33 -6.68
C TRP A 42 9.63 10.92 -7.38
N PRO A 43 9.65 12.20 -7.76
CA PRO A 43 8.53 12.82 -8.44
C PRO A 43 8.25 12.12 -9.77
N GLN A 44 9.30 11.66 -10.47
CA GLN A 44 9.13 10.98 -11.74
C GLN A 44 8.25 9.73 -11.60
N ALA A 45 8.30 9.04 -10.46
CA ALA A 45 7.45 7.87 -10.23
C ALA A 45 5.98 8.23 -10.35
N PHE A 46 5.60 9.42 -9.87
CA PHE A 46 4.21 9.84 -9.86
C PHE A 46 3.79 10.43 -11.20
N ARG A 47 4.74 10.72 -12.09
CA ARG A 47 4.50 11.40 -13.32
C ARG A 47 3.79 10.41 -14.24
N ASN A 48 2.57 10.73 -14.63
CA ASN A 48 1.74 9.91 -15.50
C ASN A 48 1.49 8.51 -14.93
N ALA A 49 1.32 8.37 -13.61
CA ALA A 49 1.23 7.06 -12.98
C ALA A 49 -0.22 6.76 -12.61
N ALA A 50 -1.06 6.68 -13.63
CA ALA A 50 -2.47 6.36 -13.48
C ALA A 50 -2.68 4.90 -13.88
N THR A 51 -3.61 4.22 -13.21
CA THR A 51 -3.88 2.81 -13.45
C THR A 51 -5.25 2.51 -12.83
N PRO A 52 -5.96 1.47 -13.31
CA PRO A 52 -7.26 1.12 -12.79
C PRO A 52 -7.14 0.58 -11.37
N VAL A 53 -8.25 0.68 -10.64
CA VAL A 53 -8.39 0.10 -9.32
C VAL A 53 -8.15 -1.40 -9.39
N GLY A 54 -7.71 -1.98 -8.27
CA GLY A 54 -7.57 -3.42 -8.14
C GLY A 54 -6.29 -3.93 -8.78
N THR A 55 -5.34 -3.03 -9.07
CA THR A 55 -4.08 -3.46 -9.66
C THR A 55 -2.94 -2.68 -9.01
N ALA A 56 -1.70 -2.95 -9.44
CA ALA A 56 -0.51 -2.29 -8.92
C ALA A 56 0.31 -1.85 -10.13
N LYS A 57 0.60 -0.55 -10.26
CA LYS A 57 1.41 -0.03 -11.33
C LYS A 57 2.80 0.23 -10.79
N THR A 58 3.75 -0.62 -11.13
CA THR A 58 5.13 -0.43 -10.74
C THR A 58 5.73 0.64 -11.64
N VAL A 59 6.59 1.48 -11.09
CA VAL A 59 7.36 2.46 -11.84
C VAL A 59 8.80 2.33 -11.36
N LYS A 60 9.75 2.66 -12.21
CA LYS A 60 11.16 2.60 -11.89
C LYS A 60 11.68 4.02 -12.08
N CYS A 61 11.89 4.74 -10.98
CA CYS A 61 12.45 6.08 -11.01
C CYS A 61 13.82 5.95 -10.37
N ASP A 62 14.83 6.64 -10.90
CA ASP A 62 16.23 6.48 -10.50
C ASP A 62 16.58 4.99 -10.46
N GLU A 63 16.60 4.38 -9.28
CA GLU A 63 16.88 2.96 -9.11
C GLU A 63 16.03 2.40 -7.97
N THR A 64 14.78 2.83 -7.84
CA THR A 64 13.86 2.35 -6.82
C THR A 64 12.71 1.60 -7.46
N TYR A 65 12.06 0.72 -6.68
CA TYR A 65 10.93 -0.06 -7.11
C TYR A 65 9.68 0.46 -6.41
N ILE A 66 9.04 1.49 -6.97
CA ILE A 66 7.84 2.03 -6.37
C ILE A 66 6.66 1.32 -7.01
N ILE A 67 5.65 0.99 -6.21
CA ILE A 67 4.49 0.23 -6.62
C ILE A 67 3.26 1.04 -6.23
N HIS A 68 2.50 1.48 -7.22
CA HIS A 68 1.32 2.31 -7.01
C HIS A 68 0.14 1.37 -6.88
N ALA A 69 -0.27 1.07 -5.65
CA ALA A 69 -1.37 0.15 -5.43
C ALA A 69 -2.64 0.99 -5.46
N VAL A 70 -3.59 0.66 -6.33
CA VAL A 70 -4.79 1.46 -6.46
C VAL A 70 -5.94 0.76 -5.76
N GLY A 71 -6.38 1.38 -4.67
CA GLY A 71 -7.41 0.85 -3.81
C GLY A 71 -8.78 1.35 -4.25
N PRO A 72 -9.82 0.54 -4.06
CA PRO A 72 -11.17 0.92 -4.41
C PRO A 72 -11.74 1.93 -3.43
N ASN A 73 -12.87 2.49 -3.83
CA ASN A 73 -13.55 3.58 -3.19
C ASN A 73 -14.95 3.12 -2.83
N PHE A 74 -15.16 2.67 -1.60
CA PHE A 74 -16.48 2.24 -1.12
C PHE A 74 -17.54 3.37 -1.23
N ASN A 75 -17.12 4.62 -1.41
CA ASN A 75 -18.06 5.75 -1.57
C ASN A 75 -18.63 5.82 -2.99
N ASN A 76 -18.07 5.02 -3.89
CA ASN A 76 -18.39 4.93 -5.30
C ASN A 76 -18.57 3.47 -5.71
N THR A 77 -18.42 2.50 -4.80
CA THR A 77 -18.62 1.10 -5.14
C THR A 77 -19.14 0.33 -3.94
N SER A 78 -19.81 -0.80 -4.18
CA SER A 78 -20.40 -1.61 -3.12
C SER A 78 -19.32 -2.25 -2.25
N GLU A 79 -19.67 -2.74 -1.07
CA GLU A 79 -18.72 -3.49 -0.25
C GLU A 79 -18.20 -4.71 -1.00
N ALA A 80 -19.01 -5.34 -1.85
CA ALA A 80 -18.60 -6.51 -2.61
C ALA A 80 -17.43 -6.18 -3.53
N GLU A 81 -17.66 -5.29 -4.51
CA GLU A 81 -16.62 -4.91 -5.45
C GLU A 81 -15.47 -4.21 -4.73
N GLY A 82 -15.71 -3.61 -3.57
CA GLY A 82 -14.70 -2.82 -2.89
C GLY A 82 -13.73 -3.72 -2.12
N ASP A 83 -14.24 -4.70 -1.38
CA ASP A 83 -13.38 -5.64 -0.68
C ASP A 83 -12.68 -6.53 -1.72
N ARG A 84 -13.39 -6.93 -2.79
CA ARG A 84 -12.82 -7.69 -3.90
C ARG A 84 -11.63 -6.94 -4.49
N ASP A 85 -11.83 -5.71 -4.93
CA ASP A 85 -10.77 -4.98 -5.62
C ASP A 85 -9.68 -4.55 -4.65
N LEU A 86 -9.98 -4.40 -3.36
CA LEU A 86 -8.96 -4.16 -2.36
C LEU A 86 -8.03 -5.38 -2.30
N ALA A 87 -8.62 -6.59 -2.35
CA ALA A 87 -7.85 -7.82 -2.37
C ALA A 87 -7.05 -7.92 -3.67
N ALA A 88 -7.63 -7.46 -4.78
CA ALA A 88 -6.97 -7.45 -6.07
C ALA A 88 -5.73 -6.55 -6.05
N ALA A 89 -5.86 -5.34 -5.49
CA ALA A 89 -4.79 -4.37 -5.39
C ALA A 89 -3.65 -4.98 -4.59
N TYR A 90 -3.93 -5.48 -3.39
CA TYR A 90 -2.91 -6.13 -2.58
C TYR A 90 -2.25 -7.30 -3.32
N ARG A 91 -3.03 -8.16 -3.96
CA ARG A 91 -2.51 -9.31 -4.70
C ARG A 91 -1.57 -8.86 -5.80
N ALA A 92 -1.90 -7.77 -6.48
CA ALA A 92 -1.04 -7.19 -7.47
C ALA A 92 0.27 -6.75 -6.82
N VAL A 93 0.23 -6.07 -5.66
CA VAL A 93 1.45 -5.64 -4.99
C VAL A 93 2.35 -6.82 -4.71
N ALA A 94 1.84 -7.84 -4.01
CA ALA A 94 2.55 -9.06 -3.69
C ALA A 94 3.18 -9.68 -4.94
N ALA A 95 2.47 -9.61 -6.08
CA ALA A 95 3.02 -10.08 -7.33
C ALA A 95 4.28 -9.27 -7.63
N GLU A 96 4.20 -7.93 -7.62
CA GLU A 96 5.32 -7.05 -7.91
C GLU A 96 6.52 -7.29 -7.00
N ILE A 97 6.31 -7.65 -5.73
CA ILE A 97 7.39 -8.06 -4.83
C ILE A 97 8.21 -9.16 -5.50
N ASN A 98 7.53 -10.24 -5.90
CA ASN A 98 8.24 -11.37 -6.47
C ASN A 98 8.67 -11.09 -7.91
N ARG A 99 7.99 -10.15 -8.59
CA ARG A 99 8.20 -9.83 -9.99
C ARG A 99 9.57 -9.20 -10.15
N LEU A 100 9.84 -8.18 -9.33
CA LEU A 100 11.10 -7.48 -9.32
C LEU A 100 12.13 -8.22 -8.44
N SER A 101 11.69 -9.20 -7.63
CA SER A 101 12.54 -9.96 -6.74
C SER A 101 13.16 -9.05 -5.67
N ILE A 102 12.29 -8.39 -4.92
CA ILE A 102 12.63 -7.52 -3.81
C ILE A 102 12.92 -8.35 -2.56
N SER A 103 13.69 -7.77 -1.63
CA SER A 103 13.95 -8.40 -0.34
C SER A 103 13.18 -7.70 0.79
N SER A 104 12.79 -6.44 0.63
CA SER A 104 12.07 -5.71 1.66
C SER A 104 11.30 -4.54 1.05
N VAL A 105 10.03 -4.37 1.44
CA VAL A 105 9.19 -3.31 0.90
C VAL A 105 8.25 -2.77 1.97
N ALA A 106 7.96 -1.47 1.87
CA ALA A 106 6.96 -0.84 2.72
C ALA A 106 5.59 -0.90 2.04
N ILE A 107 4.55 -1.22 2.82
CA ILE A 107 3.21 -1.51 2.35
C ILE A 107 2.20 -0.77 3.22
N PRO A 108 1.49 0.24 2.70
CA PRO A 108 0.57 1.00 3.50
C PRO A 108 -0.80 0.33 3.59
N LEU A 109 -1.59 0.67 4.60
CA LEU A 109 -2.93 0.16 4.73
C LEU A 109 -3.83 0.78 3.65
N LEU A 110 -3.95 0.11 2.50
CA LEU A 110 -4.83 0.53 1.40
C LEU A 110 -6.27 0.62 1.88
N SER A 111 -7.00 1.61 1.35
CA SER A 111 -8.34 2.00 1.79
C SER A 111 -8.26 2.58 3.21
N THR A 112 -7.75 3.81 3.31
CA THR A 112 -7.66 4.55 4.56
C THR A 112 -7.95 6.03 4.29
N GLY A 113 -8.21 6.80 5.36
CA GLY A 113 -8.33 8.25 5.32
C GLY A 113 -9.51 8.73 4.47
N ILE A 114 -9.25 8.97 3.19
CA ILE A 114 -10.23 9.47 2.23
C ILE A 114 -11.13 8.31 1.78
N PHE A 115 -10.56 7.11 1.72
CA PHE A 115 -11.30 5.91 1.39
C PHE A 115 -12.03 5.43 2.65
N SER A 116 -12.33 4.13 2.78
CA SER A 116 -12.95 3.58 3.98
C SER A 116 -14.33 4.21 4.18
N ALA A 117 -15.04 4.40 3.08
CA ALA A 117 -16.39 4.93 3.10
C ALA A 117 -17.32 3.86 3.65
N GLY A 118 -17.43 3.75 4.98
CA GLY A 118 -18.34 2.84 5.66
C GLY A 118 -17.56 1.79 6.48
N LYS A 119 -16.49 1.24 5.92
CA LYS A 119 -15.62 0.32 6.64
C LYS A 119 -14.52 1.13 7.25
N ASP A 120 -14.05 0.77 8.45
CA ASP A 120 -12.96 1.50 9.06
C ASP A 120 -12.16 0.53 9.93
N ARG A 121 -11.32 -0.31 9.32
CA ARG A 121 -10.47 -1.22 10.08
C ARG A 121 -9.21 -1.54 9.30
N VAL A 122 -8.07 -1.25 9.91
CA VAL A 122 -6.80 -1.68 9.36
C VAL A 122 -6.75 -3.19 9.32
N HIS A 123 -7.13 -3.87 10.40
CA HIS A 123 -7.03 -5.33 10.39
C HIS A 123 -7.90 -5.95 9.29
N GLN A 124 -8.94 -5.25 8.82
CA GLN A 124 -9.78 -5.79 7.75
C GLN A 124 -8.97 -5.69 6.46
N SER A 125 -8.38 -4.52 6.22
CA SER A 125 -7.75 -4.27 4.94
C SER A 125 -6.48 -5.12 4.87
N LEU A 126 -5.62 -5.03 5.88
CA LEU A 126 -4.41 -5.82 5.98
C LEU A 126 -4.71 -7.31 6.03
N SER A 127 -5.90 -7.78 6.43
CA SER A 127 -6.20 -9.20 6.26
C SER A 127 -6.08 -9.58 4.80
N HIS A 128 -6.61 -8.76 3.89
CA HIS A 128 -6.48 -9.02 2.46
C HIS A 128 -5.03 -8.82 2.02
N LEU A 129 -4.29 -7.87 2.61
CA LEU A 129 -2.86 -7.74 2.33
C LEU A 129 -2.14 -9.02 2.67
N LEU A 130 -2.05 -9.39 3.95
CA LEU A 130 -1.33 -10.55 4.44
C LEU A 130 -1.60 -11.78 3.58
N ALA A 131 -2.86 -12.07 3.23
CA ALA A 131 -3.17 -13.23 2.41
C ALA A 131 -2.35 -13.28 1.11
N ALA A 132 -2.20 -12.14 0.44
CA ALA A 132 -1.43 -11.97 -0.78
C ALA A 132 0.07 -11.90 -0.49
N MET A 133 0.47 -11.17 0.53
CA MET A 133 1.87 -10.97 0.89
C MET A 133 2.49 -12.29 1.33
N ASP A 134 1.68 -13.24 1.80
CA ASP A 134 2.11 -14.57 2.20
C ASP A 134 2.64 -15.35 1.00
N THR A 135 2.28 -14.91 -0.22
CA THR A 135 2.78 -15.53 -1.43
C THR A 135 4.24 -15.13 -1.69
N THR A 136 4.74 -14.08 -1.03
CA THR A 136 6.07 -13.55 -1.24
C THR A 136 6.99 -13.99 -0.10
N GLU A 137 8.26 -13.57 -0.12
CA GLU A 137 9.17 -13.84 0.98
C GLU A 137 9.87 -12.59 1.50
N ALA A 138 9.47 -11.40 1.04
CA ALA A 138 10.17 -10.18 1.42
C ALA A 138 9.71 -9.68 2.80
N ARG A 139 10.47 -8.76 3.41
CA ARG A 139 10.04 -8.11 4.64
C ARG A 139 8.77 -7.32 4.36
N VAL A 140 7.91 -7.21 5.38
CA VAL A 140 6.59 -6.64 5.26
C VAL A 140 6.50 -5.53 6.29
N THR A 141 6.77 -4.32 5.85
CA THR A 141 6.83 -3.17 6.73
C THR A 141 5.54 -2.39 6.57
N ILE A 142 4.59 -2.55 7.49
CA ILE A 142 3.31 -1.90 7.33
C ILE A 142 3.49 -0.44 7.75
N TYR A 143 2.78 0.46 7.07
CA TYR A 143 2.75 1.87 7.42
C TYR A 143 1.29 2.30 7.44
N CYS A 144 0.93 3.13 8.41
CA CYS A 144 -0.32 3.87 8.35
C CYS A 144 0.03 5.26 7.85
N ARG A 145 0.20 6.27 8.73
CA ARG A 145 0.48 7.61 8.26
C ARG A 145 0.95 8.52 9.39
N ASP A 146 2.02 8.12 10.09
CA ASP A 146 2.54 8.77 11.29
C ASP A 146 1.46 9.37 12.20
N LYS A 147 0.80 8.53 13.00
CA LYS A 147 -0.31 9.00 13.84
C LYS A 147 -0.57 7.99 14.97
N THR A 148 -1.63 8.22 15.74
CA THR A 148 -2.15 7.27 16.71
C THR A 148 -2.43 5.92 16.06
N TRP A 149 -2.96 5.94 14.83
CA TRP A 149 -3.31 4.71 14.12
C TRP A 149 -2.11 3.78 14.00
N GLU A 150 -0.93 4.31 13.66
CA GLU A 150 0.32 3.58 13.61
C GLU A 150 0.50 2.70 14.86
N GLN A 151 0.27 3.27 16.05
CA GLN A 151 0.37 2.54 17.29
C GLN A 151 -0.66 1.41 17.33
N LYS A 152 -1.90 1.71 16.92
CA LYS A 152 -2.92 0.66 16.83
C LYS A 152 -2.48 -0.46 15.90
N ILE A 153 -1.73 -0.19 14.83
CA ILE A 153 -1.32 -1.26 13.93
C ILE A 153 -0.38 -2.21 14.67
N LYS A 154 0.47 -1.70 15.56
CA LYS A 154 1.30 -2.57 16.40
C LYS A 154 0.42 -3.55 17.15
N THR A 155 -0.57 -3.06 17.91
CA THR A 155 -1.43 -3.94 18.69
C THR A 155 -2.22 -4.91 17.80
N VAL A 156 -2.58 -4.49 16.59
CA VAL A 156 -3.25 -5.36 15.64
C VAL A 156 -2.33 -6.49 15.21
N LEU A 157 -1.07 -6.19 14.88
CA LEU A 157 -0.11 -7.18 14.41
C LEU A 157 0.16 -8.18 15.52
N GLN A 158 0.22 -7.71 16.77
CA GLN A 158 0.27 -8.55 17.95
C GLN A 158 -0.93 -9.49 18.02
N ASN A 159 -2.12 -9.03 17.63
CA ASN A 159 -3.34 -9.83 17.70
C ASN A 159 -3.57 -10.70 16.46
N ARG A 160 -2.87 -10.45 15.36
CA ARG A 160 -3.21 -11.05 14.06
C ARG A 160 -2.45 -12.31 13.76
N ALA A 2 11.99 -16.08 3.74
CA ALA A 2 10.85 -16.07 4.66
C ALA A 2 10.51 -14.62 4.97
N PRO A 3 9.26 -14.19 4.74
CA PRO A 3 8.81 -12.84 5.05
C PRO A 3 8.62 -12.71 6.56
N ALA A 4 8.54 -11.48 7.07
CA ALA A 4 8.23 -11.21 8.47
C ALA A 4 7.54 -9.86 8.56
N TYR A 5 6.59 -9.73 9.50
CA TYR A 5 5.71 -8.58 9.61
C TYR A 5 6.29 -7.59 10.61
N THR A 6 6.12 -6.29 10.34
CA THR A 6 6.72 -5.21 11.10
C THR A 6 5.82 -3.99 10.96
N VAL A 7 5.99 -2.96 11.79
CA VAL A 7 5.34 -1.67 11.63
C VAL A 7 6.38 -0.58 11.81
N LYS A 8 6.27 0.50 11.04
CA LYS A 8 7.04 1.71 11.27
C LYS A 8 6.08 2.88 11.27
N ARG A 9 6.32 3.82 12.18
CA ARG A 9 5.61 5.08 12.22
C ARG A 9 6.51 6.11 11.54
N ALA A 10 6.17 6.47 10.31
CA ALA A 10 6.83 7.48 9.49
C ALA A 10 6.03 7.59 8.19
N ASP A 11 6.34 8.56 7.34
CA ASP A 11 5.74 8.61 6.01
C ASP A 11 6.25 7.44 5.19
N ILE A 12 5.35 6.75 4.47
CA ILE A 12 5.71 5.66 3.57
C ILE A 12 6.33 6.26 2.30
N ALA A 13 7.57 6.71 2.41
CA ALA A 13 8.30 7.30 1.31
C ALA A 13 9.77 7.15 1.60
N THR A 14 10.22 7.75 2.70
CA THR A 14 11.62 7.75 3.08
C THR A 14 11.93 6.51 3.91
N ALA A 15 11.42 5.36 3.47
CA ALA A 15 11.67 4.07 4.06
C ALA A 15 13.07 3.59 3.65
N ILE A 16 13.39 2.33 3.95
CA ILE A 16 14.71 1.75 3.74
C ILE A 16 14.55 0.38 3.11
N GLU A 17 13.59 0.24 2.20
CA GLU A 17 13.27 -1.03 1.56
C GLU A 17 13.52 -0.90 0.05
N ASP A 18 13.64 -2.04 -0.66
CA ASP A 18 14.01 -2.07 -2.07
C ASP A 18 12.92 -1.38 -2.88
N ALA A 19 11.68 -1.78 -2.61
CA ALA A 19 10.51 -1.18 -3.17
C ALA A 19 9.73 -0.43 -2.11
N VAL A 20 8.86 0.47 -2.57
CA VAL A 20 8.09 1.35 -1.71
C VAL A 20 6.68 1.39 -2.29
N VAL A 21 5.67 0.93 -1.56
CA VAL A 21 4.32 0.92 -2.08
C VAL A 21 3.62 2.20 -1.60
N ASN A 22 2.75 2.76 -2.44
CA ASN A 22 2.10 4.03 -2.16
C ASN A 22 0.59 3.80 -2.13
N ALA A 23 -0.13 4.55 -1.29
CA ALA A 23 -1.58 4.47 -1.22
C ALA A 23 -2.17 5.29 -2.36
N ALA A 24 -1.96 4.82 -3.59
CA ALA A 24 -2.39 5.54 -4.77
C ALA A 24 -3.92 5.52 -4.84
N ASN A 25 -4.49 6.54 -5.48
CA ASN A 25 -5.90 6.83 -5.44
C ASN A 25 -6.42 7.02 -6.86
N HIS A 26 -6.04 6.09 -7.73
CA HIS A 26 -6.41 5.97 -9.14
C HIS A 26 -5.66 6.98 -10.01
N ARG A 27 -5.81 8.27 -9.72
CA ARG A 27 -5.04 9.31 -10.34
C ARG A 27 -3.63 9.17 -9.81
N GLY A 28 -2.70 8.91 -10.69
CA GLY A 28 -1.30 8.89 -10.34
C GLY A 28 -0.71 10.28 -10.16
N GLN A 29 -1.53 11.34 -10.14
CA GLN A 29 -1.05 12.72 -10.02
C GLN A 29 -0.63 12.99 -8.57
N VAL A 30 -1.60 13.00 -7.65
CA VAL A 30 -1.39 13.29 -6.25
C VAL A 30 -2.48 12.54 -5.48
N GLY A 31 -2.15 12.07 -4.27
CA GLY A 31 -3.05 11.33 -3.41
C GLY A 31 -3.22 12.08 -2.10
N ASP A 32 -4.42 11.95 -1.52
CA ASP A 32 -4.89 12.82 -0.45
C ASP A 32 -4.30 12.40 0.90
N GLY A 33 -4.58 11.16 1.32
CA GLY A 33 -4.17 10.64 2.60
C GLY A 33 -2.66 10.60 2.70
N VAL A 34 -2.03 9.75 1.89
CA VAL A 34 -0.58 9.65 1.78
C VAL A 34 -0.28 9.56 0.29
N CYS A 35 0.81 10.22 -0.12
CA CYS A 35 1.33 10.26 -1.48
C CYS A 35 2.40 11.34 -1.52
N ARG A 36 2.07 12.53 -0.99
CA ARG A 36 2.90 13.73 -1.10
C ARG A 36 4.35 13.47 -0.73
N ALA A 37 4.59 12.74 0.37
CA ALA A 37 5.93 12.39 0.83
C ALA A 37 6.75 11.72 -0.27
N VAL A 38 6.13 10.77 -0.98
CA VAL A 38 6.74 10.07 -2.09
C VAL A 38 6.98 11.05 -3.24
N ALA A 39 6.08 11.99 -3.47
CA ALA A 39 6.16 13.01 -4.52
C ALA A 39 7.14 14.14 -4.14
N ARG A 40 8.30 13.79 -3.60
CA ARG A 40 9.40 14.67 -3.24
C ARG A 40 10.69 13.96 -3.60
N LYS A 41 10.87 12.73 -3.12
CA LYS A 41 12.06 11.94 -3.42
C LYS A 41 11.93 11.32 -4.81
N TRP A 42 10.73 10.90 -5.21
CA TRP A 42 10.51 10.27 -6.50
C TRP A 42 9.30 10.87 -7.20
N PRO A 43 9.32 12.17 -7.51
CA PRO A 43 8.23 12.84 -8.20
C PRO A 43 8.08 12.29 -9.62
N GLN A 44 9.19 11.93 -10.28
CA GLN A 44 9.12 11.33 -11.60
C GLN A 44 8.30 10.04 -11.59
N ALA A 45 8.28 9.30 -10.47
CA ALA A 45 7.52 8.07 -10.40
C ALA A 45 6.01 8.29 -10.58
N PHE A 46 5.51 9.47 -10.23
CA PHE A 46 4.10 9.84 -10.40
C PHE A 46 3.78 10.20 -11.85
N ARG A 47 4.79 10.46 -12.68
CA ARG A 47 4.59 11.00 -14.01
C ARG A 47 3.82 9.99 -14.86
N ASN A 48 2.51 10.20 -14.98
CA ASN A 48 1.55 9.28 -15.56
C ASN A 48 1.55 7.92 -14.85
N ALA A 49 1.40 7.94 -13.52
CA ALA A 49 1.26 6.73 -12.71
C ALA A 49 -0.21 6.35 -12.50
N ALA A 50 -1.10 6.84 -13.36
CA ALA A 50 -2.52 6.56 -13.28
C ALA A 50 -2.75 5.07 -13.51
N THR A 51 -3.64 4.45 -12.73
CA THR A 51 -3.78 3.01 -12.63
C THR A 51 -5.20 2.72 -12.15
N PRO A 52 -5.84 1.67 -12.70
CA PRO A 52 -7.21 1.34 -12.34
C PRO A 52 -7.28 0.77 -10.91
N VAL A 53 -8.48 0.66 -10.37
CA VAL A 53 -8.66 0.14 -9.03
C VAL A 53 -8.25 -1.33 -8.98
N GLY A 54 -7.76 -1.79 -7.83
CA GLY A 54 -7.48 -3.20 -7.59
C GLY A 54 -6.23 -3.66 -8.33
N THR A 55 -5.29 -2.76 -8.60
CA THR A 55 -4.05 -3.09 -9.27
C THR A 55 -2.89 -2.33 -8.64
N ALA A 56 -1.68 -2.56 -9.15
CA ALA A 56 -0.46 -1.96 -8.66
C ALA A 56 0.38 -1.58 -9.87
N LYS A 57 0.85 -0.33 -9.95
CA LYS A 57 1.73 0.12 -11.03
C LYS A 57 3.10 0.42 -10.44
N THR A 58 4.11 -0.33 -10.84
CA THR A 58 5.47 -0.04 -10.44
C THR A 58 6.11 0.89 -11.47
N VAL A 59 6.85 1.89 -10.99
CA VAL A 59 7.61 2.78 -11.83
C VAL A 59 9.03 2.77 -11.25
N LYS A 60 10.03 2.93 -12.11
CA LYS A 60 11.42 2.97 -11.68
C LYS A 60 11.82 4.43 -11.75
N CYS A 61 12.05 5.06 -10.59
CA CYS A 61 12.30 6.49 -10.59
C CYS A 61 13.73 6.75 -11.06
N ASP A 62 14.67 6.06 -10.42
CA ASP A 62 16.09 6.10 -10.72
C ASP A 62 16.55 4.65 -10.57
N GLU A 63 16.65 4.19 -9.32
CA GLU A 63 17.12 2.85 -9.02
C GLU A 63 16.32 2.28 -7.84
N THR A 64 15.01 2.51 -7.82
CA THR A 64 14.11 1.92 -6.85
C THR A 64 12.82 1.49 -7.55
N TYR A 65 12.07 0.59 -6.93
CA TYR A 65 10.85 0.06 -7.48
C TYR A 65 9.68 0.60 -6.67
N ILE A 66 9.10 1.71 -7.11
CA ILE A 66 8.01 2.33 -6.37
C ILE A 66 6.71 1.81 -6.97
N ILE A 67 5.90 1.17 -6.14
CA ILE A 67 4.66 0.53 -6.52
C ILE A 67 3.53 1.47 -6.10
N HIS A 68 2.49 1.62 -6.91
CA HIS A 68 1.35 2.48 -6.65
C HIS A 68 0.13 1.58 -6.58
N ALA A 69 -0.34 1.25 -5.38
CA ALA A 69 -1.47 0.36 -5.20
C ALA A 69 -2.74 1.19 -5.13
N VAL A 70 -3.76 0.87 -5.91
CA VAL A 70 -4.98 1.68 -5.96
C VAL A 70 -6.08 1.02 -5.17
N GLY A 71 -6.52 1.69 -4.10
CA GLY A 71 -7.58 1.22 -3.23
C GLY A 71 -8.95 1.59 -3.81
N PRO A 72 -9.95 0.72 -3.65
CA PRO A 72 -11.32 0.97 -4.07
C PRO A 72 -12.03 1.89 -3.09
N ASN A 73 -13.10 2.51 -3.54
CA ASN A 73 -13.87 3.47 -2.77
C ASN A 73 -15.33 3.04 -2.75
N PHE A 74 -15.78 2.42 -1.66
CA PHE A 74 -17.19 2.01 -1.51
C PHE A 74 -18.15 3.21 -1.64
N ASN A 75 -17.64 4.45 -1.52
CA ASN A 75 -18.47 5.63 -1.79
C ASN A 75 -19.03 5.66 -3.21
N ASN A 76 -18.42 4.90 -4.10
CA ASN A 76 -18.68 4.88 -5.53
C ASN A 76 -18.86 3.47 -6.09
N THR A 77 -18.46 2.41 -5.36
CA THR A 77 -18.65 1.03 -5.80
C THR A 77 -19.61 0.32 -4.81
N SER A 78 -19.56 -1.01 -4.71
CA SER A 78 -20.40 -1.78 -3.81
C SER A 78 -19.53 -2.39 -2.72
N GLU A 79 -20.13 -3.06 -1.74
CA GLU A 79 -19.38 -3.74 -0.70
C GLU A 79 -18.58 -4.89 -1.31
N ALA A 80 -19.18 -5.61 -2.26
CA ALA A 80 -18.57 -6.77 -2.88
C ALA A 80 -17.37 -6.37 -3.74
N GLU A 81 -17.58 -5.43 -4.65
CA GLU A 81 -16.51 -4.93 -5.49
C GLU A 81 -15.48 -4.22 -4.63
N GLY A 82 -15.90 -3.56 -3.57
CA GLY A 82 -15.00 -2.78 -2.74
C GLY A 82 -14.04 -3.68 -1.99
N ASP A 83 -14.57 -4.68 -1.30
CA ASP A 83 -13.77 -5.60 -0.49
C ASP A 83 -12.87 -6.42 -1.42
N ARG A 84 -13.44 -6.97 -2.50
CA ARG A 84 -12.70 -7.77 -3.46
C ARG A 84 -11.57 -6.96 -4.09
N ASP A 85 -11.84 -5.72 -4.48
CA ASP A 85 -10.84 -4.87 -5.12
C ASP A 85 -9.76 -4.48 -4.12
N LEU A 86 -10.07 -4.36 -2.83
CA LEU A 86 -9.08 -4.08 -1.82
C LEU A 86 -8.10 -5.27 -1.76
N ALA A 87 -8.63 -6.48 -1.85
CA ALA A 87 -7.81 -7.68 -1.92
C ALA A 87 -6.98 -7.65 -3.19
N ALA A 88 -7.56 -7.22 -4.30
CA ALA A 88 -6.92 -7.16 -5.61
C ALA A 88 -5.73 -6.22 -5.59
N ALA A 89 -5.88 -5.03 -4.99
CA ALA A 89 -4.83 -4.03 -4.88
C ALA A 89 -3.63 -4.67 -4.20
N TYR A 90 -3.83 -5.20 -3.00
CA TYR A 90 -2.77 -5.84 -2.26
C TYR A 90 -2.14 -7.00 -3.03
N ARG A 91 -2.96 -7.85 -3.65
CA ARG A 91 -2.49 -9.00 -4.41
C ARG A 91 -1.62 -8.57 -5.57
N ALA A 92 -1.96 -7.45 -6.21
CA ALA A 92 -1.14 -6.87 -7.26
C ALA A 92 0.20 -6.43 -6.68
N VAL A 93 0.22 -5.86 -5.47
CA VAL A 93 1.48 -5.49 -4.85
C VAL A 93 2.34 -6.73 -4.63
N ALA A 94 1.80 -7.77 -3.96
CA ALA A 94 2.47 -9.03 -3.72
C ALA A 94 3.07 -9.60 -4.99
N ALA A 95 2.35 -9.51 -6.10
CA ALA A 95 2.89 -9.87 -7.40
C ALA A 95 4.16 -9.05 -7.65
N GLU A 96 4.08 -7.72 -7.59
CA GLU A 96 5.21 -6.85 -7.87
C GLU A 96 6.44 -7.16 -7.00
N ILE A 97 6.28 -7.65 -5.78
CA ILE A 97 7.39 -8.10 -4.94
C ILE A 97 8.20 -9.14 -5.70
N ASN A 98 7.53 -10.19 -6.17
CA ASN A 98 8.21 -11.28 -6.85
C ASN A 98 8.62 -10.86 -8.27
N ARG A 99 7.85 -9.94 -8.87
CA ARG A 99 7.98 -9.51 -10.26
C ARG A 99 9.29 -8.76 -10.45
N LEU A 100 9.56 -7.81 -9.55
CA LEU A 100 10.82 -7.07 -9.51
C LEU A 100 11.89 -7.90 -8.80
N SER A 101 11.48 -8.90 -8.02
CA SER A 101 12.35 -9.86 -7.36
C SER A 101 13.20 -9.17 -6.30
N ILE A 102 12.56 -8.77 -5.20
CA ILE A 102 13.21 -8.03 -4.13
C ILE A 102 13.09 -8.76 -2.81
N SER A 103 13.59 -8.15 -1.73
CA SER A 103 13.58 -8.78 -0.43
C SER A 103 13.16 -7.82 0.69
N SER A 104 12.77 -6.59 0.37
CA SER A 104 12.23 -5.66 1.33
C SER A 104 11.28 -4.73 0.60
N VAL A 105 10.09 -4.52 1.14
CA VAL A 105 9.18 -3.54 0.59
C VAL A 105 8.27 -3.01 1.70
N ALA A 106 8.01 -1.71 1.66
CA ALA A 106 7.09 -1.06 2.58
C ALA A 106 5.69 -1.09 1.99
N ILE A 107 4.66 -1.24 2.82
CA ILE A 107 3.27 -1.27 2.37
C ILE A 107 2.40 -0.46 3.33
N PRO A 108 1.67 0.56 2.86
CA PRO A 108 0.76 1.28 3.71
C PRO A 108 -0.56 0.52 3.86
N LEU A 109 -1.31 0.83 4.92
CA LEU A 109 -2.69 0.40 5.01
C LEU A 109 -3.49 1.15 3.93
N LEU A 110 -4.12 0.43 3.01
CA LEU A 110 -5.01 0.98 1.97
C LEU A 110 -6.33 1.45 2.61
N SER A 111 -7.34 1.82 1.79
CA SER A 111 -8.64 2.31 2.23
C SER A 111 -8.56 3.31 3.37
N THR A 112 -7.85 4.42 3.12
CA THR A 112 -7.68 5.48 4.08
C THR A 112 -7.45 6.76 3.29
N GLY A 113 -8.27 7.79 3.53
CA GLY A 113 -8.23 9.02 2.76
C GLY A 113 -9.61 9.25 2.17
N ILE A 114 -9.79 9.01 0.87
CA ILE A 114 -11.05 9.22 0.19
C ILE A 114 -11.48 7.94 -0.53
N PHE A 115 -11.04 6.80 0.02
CA PHE A 115 -11.34 5.46 -0.47
C PHE A 115 -11.55 4.54 0.75
N SER A 116 -12.09 5.12 1.82
CA SER A 116 -12.60 4.39 2.97
C SER A 116 -14.09 4.10 2.77
N ALA A 117 -14.94 5.13 2.71
CA ALA A 117 -16.39 5.00 2.70
C ALA A 117 -16.87 3.92 3.67
N GLY A 118 -16.59 4.08 4.96
CA GLY A 118 -17.04 3.11 5.97
C GLY A 118 -16.03 1.98 6.19
N LYS A 119 -15.25 1.60 5.17
CA LYS A 119 -14.04 0.83 5.43
C LYS A 119 -13.00 1.78 6.01
N ASP A 120 -12.94 1.88 7.33
CA ASP A 120 -12.01 2.74 8.08
C ASP A 120 -11.24 1.92 9.10
N ARG A 121 -11.17 0.60 8.88
CA ARG A 121 -10.64 -0.35 9.84
C ARG A 121 -9.35 -0.91 9.29
N VAL A 122 -8.24 -0.61 9.96
CA VAL A 122 -6.95 -1.11 9.51
C VAL A 122 -6.97 -2.62 9.48
N HIS A 123 -7.51 -3.25 10.52
CA HIS A 123 -7.55 -4.71 10.62
C HIS A 123 -8.17 -5.34 9.37
N GLN A 124 -9.12 -4.66 8.73
CA GLN A 124 -9.75 -5.19 7.54
C GLN A 124 -8.69 -5.28 6.46
N SER A 125 -8.01 -4.16 6.18
CA SER A 125 -7.17 -4.15 5.02
C SER A 125 -5.91 -4.98 5.29
N LEU A 126 -5.34 -4.85 6.49
CA LEU A 126 -4.23 -5.64 6.99
C LEU A 126 -4.47 -7.13 6.83
N SER A 127 -5.69 -7.61 7.06
CA SER A 127 -5.97 -9.02 6.84
C SER A 127 -5.73 -9.39 5.36
N HIS A 128 -6.23 -8.60 4.43
CA HIS A 128 -6.09 -8.87 3.01
C HIS A 128 -4.62 -8.76 2.57
N LEU A 129 -3.95 -7.72 3.05
CA LEU A 129 -2.55 -7.44 2.82
C LEU A 129 -1.75 -8.65 3.24
N LEU A 130 -1.90 -9.10 4.48
CA LEU A 130 -1.17 -10.25 4.98
C LEU A 130 -1.43 -11.45 4.07
N ALA A 131 -2.69 -11.74 3.72
CA ALA A 131 -3.01 -12.84 2.83
C ALA A 131 -2.34 -12.73 1.45
N ALA A 132 -2.03 -11.51 0.99
CA ALA A 132 -1.41 -11.24 -0.31
C ALA A 132 0.11 -11.33 -0.23
N MET A 133 0.73 -10.52 0.62
CA MET A 133 2.17 -10.41 0.80
C MET A 133 2.75 -11.72 1.35
N ASP A 134 1.95 -12.51 2.06
CA ASP A 134 2.33 -13.85 2.48
C ASP A 134 2.68 -14.74 1.29
N THR A 135 2.11 -14.45 0.11
CA THR A 135 2.48 -15.15 -1.11
C THR A 135 3.82 -14.66 -1.68
N THR A 136 4.67 -13.96 -0.89
CA THR A 136 5.98 -13.53 -1.32
C THR A 136 6.99 -13.89 -0.22
N GLU A 137 8.26 -13.49 -0.38
CA GLU A 137 9.27 -13.74 0.65
C GLU A 137 9.98 -12.46 1.09
N ALA A 138 9.50 -11.28 0.68
CA ALA A 138 10.17 -10.04 1.09
C ALA A 138 9.77 -9.66 2.52
N ARG A 139 10.50 -8.71 3.12
CA ARG A 139 10.09 -8.10 4.37
C ARG A 139 8.70 -7.47 4.18
N VAL A 140 7.91 -7.44 5.24
CA VAL A 140 6.55 -6.93 5.21
C VAL A 140 6.50 -5.83 6.25
N THR A 141 6.85 -4.62 5.84
CA THR A 141 6.98 -3.53 6.77
C THR A 141 5.78 -2.63 6.52
N ILE A 142 4.79 -2.70 7.41
CA ILE A 142 3.56 -1.97 7.25
C ILE A 142 3.82 -0.54 7.73
N TYR A 143 3.18 0.44 7.09
CA TYR A 143 3.32 1.84 7.44
C TYR A 143 1.94 2.45 7.64
N CYS A 144 1.91 3.62 8.27
CA CYS A 144 0.71 4.34 8.63
C CYS A 144 0.97 5.83 8.43
N ARG A 145 -0.06 6.67 8.56
CA ARG A 145 0.08 8.10 8.36
C ARG A 145 0.58 8.77 9.64
N ASP A 146 1.81 8.45 10.05
CA ASP A 146 2.48 8.86 11.29
C ASP A 146 1.51 9.33 12.39
N LYS A 147 0.90 8.38 13.09
CA LYS A 147 -0.11 8.68 14.09
C LYS A 147 -0.24 7.49 15.03
N THR A 148 -1.02 7.64 16.11
CA THR A 148 -1.29 6.57 17.06
C THR A 148 -2.07 5.40 16.44
N TRP A 149 -2.48 5.49 15.17
CA TRP A 149 -2.97 4.33 14.44
C TRP A 149 -1.92 3.21 14.44
N GLU A 150 -0.63 3.56 14.51
CA GLU A 150 0.45 2.60 14.67
C GLU A 150 0.18 1.64 15.83
N GLN A 151 -0.47 2.12 16.90
CA GLN A 151 -0.81 1.32 18.07
C GLN A 151 -1.71 0.16 17.65
N LYS A 152 -2.76 0.44 16.89
CA LYS A 152 -3.74 -0.57 16.48
C LYS A 152 -3.10 -1.54 15.51
N ILE A 153 -2.36 -0.99 14.56
CA ILE A 153 -1.60 -1.74 13.58
C ILE A 153 -0.60 -2.67 14.30
N LYS A 154 -0.06 -2.23 15.44
CA LYS A 154 0.83 -3.03 16.26
C LYS A 154 0.06 -4.16 16.94
N THR A 155 -1.06 -3.86 17.61
CA THR A 155 -1.77 -4.89 18.35
C THR A 155 -2.23 -5.98 17.41
N VAL A 156 -2.78 -5.65 16.24
CA VAL A 156 -3.17 -6.66 15.27
C VAL A 156 -1.95 -7.46 14.81
N LEU A 157 -0.83 -6.79 14.50
CA LEU A 157 0.41 -7.47 14.11
C LEU A 157 0.94 -8.41 15.19
N GLN A 158 0.60 -8.20 16.46
CA GLN A 158 0.94 -9.14 17.52
C GLN A 158 -0.12 -10.24 17.69
N ASN A 159 -1.39 -9.96 17.38
CA ASN A 159 -2.47 -10.94 17.51
C ASN A 159 -2.47 -11.96 16.37
N ARG A 160 -1.95 -11.57 15.20
CA ARG A 160 -1.97 -12.42 14.02
C ARG A 160 -1.03 -13.62 14.17
N ALA A 2 11.02 -16.83 3.31
CA ALA A 2 10.74 -16.41 4.69
C ALA A 2 10.62 -14.89 4.75
N PRO A 3 9.45 -14.32 4.43
CA PRO A 3 9.18 -12.92 4.66
C PRO A 3 8.96 -12.67 6.15
N ALA A 4 8.76 -11.42 6.57
CA ALA A 4 8.50 -11.07 7.96
C ALA A 4 7.83 -9.71 8.00
N TYR A 5 7.09 -9.41 9.07
CA TYR A 5 6.33 -8.18 9.22
C TYR A 5 7.06 -7.21 10.15
N THR A 6 6.70 -5.94 10.14
CA THR A 6 7.38 -4.89 10.88
C THR A 6 6.41 -3.71 11.02
N VAL A 7 6.69 -2.79 11.94
CA VAL A 7 5.85 -1.66 12.31
C VAL A 7 6.69 -0.39 12.20
N LYS A 8 6.25 0.61 11.43
CA LYS A 8 6.87 1.93 11.42
C LYS A 8 5.79 2.99 11.17
N ARG A 9 5.67 3.94 12.09
CA ARG A 9 4.85 5.13 11.91
C ARG A 9 5.72 6.22 11.32
N ALA A 10 5.37 6.72 10.13
CA ALA A 10 6.04 7.84 9.48
C ALA A 10 5.42 8.07 8.11
N ASP A 11 5.91 9.09 7.40
CA ASP A 11 5.67 9.27 5.98
C ASP A 11 6.00 7.96 5.27
N ILE A 12 5.03 7.37 4.57
CA ILE A 12 5.30 6.19 3.74
C ILE A 12 6.05 6.66 2.50
N ALA A 13 7.35 6.90 2.67
CA ALA A 13 8.27 7.35 1.65
C ALA A 13 9.68 7.22 2.22
N THR A 14 9.90 7.69 3.46
CA THR A 14 11.19 7.55 4.10
C THR A 14 11.33 6.16 4.73
N ALA A 15 10.87 5.12 4.03
CA ALA A 15 10.96 3.74 4.50
C ALA A 15 12.31 3.11 4.17
N ILE A 16 13.19 3.82 3.44
CA ILE A 16 14.48 3.36 2.93
C ILE A 16 14.45 1.91 2.49
N GLU A 17 13.36 1.52 1.82
CA GLU A 17 13.16 0.15 1.36
C GLU A 17 13.23 0.14 -0.16
N ASP A 18 13.67 -1.00 -0.71
CA ASP A 18 13.98 -1.16 -2.14
C ASP A 18 12.80 -0.71 -2.97
N ALA A 19 11.61 -1.06 -2.49
CA ALA A 19 10.34 -0.71 -3.09
C ALA A 19 9.50 -0.03 -2.02
N VAL A 20 8.62 0.83 -2.48
CA VAL A 20 7.69 1.56 -1.63
C VAL A 20 6.36 1.51 -2.33
N VAL A 21 5.35 0.94 -1.67
CA VAL A 21 4.00 0.93 -2.20
C VAL A 21 3.31 2.20 -1.76
N ASN A 22 2.44 2.73 -2.60
CA ASN A 22 1.75 3.98 -2.37
C ASN A 22 0.26 3.77 -2.58
N ALA A 23 -0.58 4.45 -1.81
CA ALA A 23 -2.04 4.36 -1.96
C ALA A 23 -2.46 5.29 -3.10
N ALA A 24 -2.18 4.86 -4.33
CA ALA A 24 -2.45 5.65 -5.52
C ALA A 24 -3.96 5.80 -5.70
N ASN A 25 -4.37 6.93 -6.30
CA ASN A 25 -5.79 7.26 -6.44
C ASN A 25 -6.46 6.51 -7.59
N HIS A 26 -5.70 6.24 -8.66
CA HIS A 26 -6.11 5.79 -9.98
C HIS A 26 -5.15 6.41 -11.00
N ARG A 27 -5.24 7.73 -11.23
CA ARG A 27 -4.41 8.38 -12.26
C ARG A 27 -2.96 8.60 -11.81
N GLY A 28 -2.40 7.77 -10.93
CA GLY A 28 -0.99 7.86 -10.55
C GLY A 28 -0.79 8.88 -9.43
N GLN A 29 -1.33 10.09 -9.61
CA GLN A 29 -1.33 11.19 -8.68
C GLN A 29 -2.02 10.78 -7.38
N VAL A 30 -1.27 10.19 -6.44
CA VAL A 30 -1.76 9.76 -5.15
C VAL A 30 -2.57 10.85 -4.45
N GLY A 31 -3.60 10.43 -3.70
CA GLY A 31 -4.37 11.30 -2.84
C GLY A 31 -4.13 10.93 -1.38
N ASP A 32 -4.30 9.66 -1.03
CA ASP A 32 -4.26 9.19 0.35
C ASP A 32 -2.86 9.35 0.96
N GLY A 33 -2.81 9.29 2.29
CA GLY A 33 -1.55 9.22 3.01
C GLY A 33 -0.88 10.58 3.07
N VAL A 34 0.45 10.57 3.13
CA VAL A 34 1.23 11.80 3.08
C VAL A 34 1.19 12.43 1.69
N CYS A 35 1.01 11.63 0.62
CA CYS A 35 1.11 12.06 -0.76
C CYS A 35 2.50 12.63 -1.08
N ARG A 36 2.73 13.89 -0.69
CA ARG A 36 3.90 14.70 -1.00
C ARG A 36 5.20 13.93 -0.82
N ALA A 37 5.40 13.23 0.30
CA ALA A 37 6.67 12.57 0.58
C ALA A 37 7.07 11.62 -0.55
N VAL A 38 6.11 10.84 -1.04
CA VAL A 38 6.31 9.97 -2.19
C VAL A 38 6.60 10.83 -3.42
N ALA A 39 5.74 11.82 -3.68
CA ALA A 39 5.89 12.76 -4.78
C ALA A 39 6.99 13.81 -4.55
N ARG A 40 8.06 13.47 -3.81
CA ARG A 40 9.19 14.34 -3.53
C ARG A 40 10.47 13.58 -3.79
N LYS A 41 10.65 12.41 -3.15
CA LYS A 41 11.83 11.60 -3.46
C LYS A 41 11.67 10.89 -4.79
N TRP A 42 10.44 10.61 -5.22
CA TRP A 42 10.23 9.93 -6.50
C TRP A 42 9.17 10.66 -7.33
N PRO A 43 9.44 11.89 -7.74
CA PRO A 43 8.51 12.65 -8.55
C PRO A 43 8.44 12.02 -9.94
N GLN A 44 9.58 11.58 -10.48
CA GLN A 44 9.64 11.05 -11.83
C GLN A 44 8.93 9.69 -11.93
N ALA A 45 8.70 8.99 -10.83
CA ALA A 45 7.88 7.78 -10.84
C ALA A 45 6.48 8.05 -11.37
N PHE A 46 5.96 9.26 -11.20
CA PHE A 46 4.60 9.57 -11.60
C PHE A 46 4.45 9.58 -13.14
N ARG A 47 5.55 9.49 -13.90
CA ARG A 47 5.61 9.55 -15.37
C ARG A 47 4.45 8.81 -16.02
N ASN A 48 4.17 7.58 -15.57
CA ASN A 48 3.10 6.77 -16.10
C ASN A 48 2.52 5.89 -15.00
N ALA A 49 2.38 6.41 -13.78
CA ALA A 49 1.91 5.60 -12.65
C ALA A 49 0.39 5.41 -12.65
N ALA A 50 -0.30 5.83 -13.72
CA ALA A 50 -1.73 5.69 -13.85
C ALA A 50 -2.09 4.22 -14.09
N THR A 51 -3.03 3.69 -13.30
CA THR A 51 -3.49 2.31 -13.36
C THR A 51 -4.92 2.28 -12.76
N PRO A 52 -5.79 1.35 -13.19
CA PRO A 52 -7.16 1.33 -12.68
C PRO A 52 -7.22 0.83 -11.23
N VAL A 53 -8.42 0.88 -10.64
CA VAL A 53 -8.65 0.31 -9.33
C VAL A 53 -8.31 -1.19 -9.35
N GLY A 54 -7.86 -1.72 -8.21
CA GLY A 54 -7.64 -3.15 -8.05
C GLY A 54 -6.39 -3.62 -8.77
N THR A 55 -5.44 -2.71 -9.03
CA THR A 55 -4.19 -3.09 -9.67
C THR A 55 -3.03 -2.37 -8.96
N ALA A 56 -1.81 -2.64 -9.40
CA ALA A 56 -0.60 -2.01 -8.91
C ALA A 56 0.27 -1.75 -10.13
N LYS A 57 1.00 -0.64 -10.15
CA LYS A 57 1.84 -0.29 -11.30
C LYS A 57 3.13 0.31 -10.81
N THR A 58 4.26 -0.26 -11.19
CA THR A 58 5.57 0.19 -10.72
C THR A 58 6.17 1.14 -11.75
N VAL A 59 6.85 2.18 -11.28
CA VAL A 59 7.65 3.03 -12.14
C VAL A 59 8.98 3.24 -11.43
N LYS A 60 10.05 2.62 -11.94
CA LYS A 60 11.37 2.77 -11.36
C LYS A 60 11.77 4.23 -11.48
N CYS A 61 12.03 4.92 -10.36
CA CYS A 61 12.31 6.34 -10.44
C CYS A 61 13.77 6.56 -10.81
N ASP A 62 14.66 5.92 -10.05
CA ASP A 62 16.10 5.97 -10.23
C ASP A 62 16.58 4.54 -10.01
N GLU A 63 16.68 4.12 -8.75
CA GLU A 63 17.16 2.79 -8.41
C GLU A 63 16.25 2.15 -7.35
N THR A 64 14.97 2.51 -7.38
CA THR A 64 13.97 2.02 -6.44
C THR A 64 12.71 1.68 -7.21
N TYR A 65 12.03 0.63 -6.78
CA TYR A 65 10.87 0.09 -7.46
C TYR A 65 9.63 0.56 -6.71
N ILE A 66 9.20 1.79 -6.95
CA ILE A 66 8.00 2.29 -6.29
C ILE A 66 6.78 1.78 -7.06
N ILE A 67 5.79 1.32 -6.30
CA ILE A 67 4.59 0.62 -6.74
C ILE A 67 3.43 1.52 -6.35
N HIS A 68 2.50 1.77 -7.26
CA HIS A 68 1.31 2.57 -7.02
C HIS A 68 0.13 1.62 -7.04
N ALA A 69 -0.39 1.31 -5.86
CA ALA A 69 -1.52 0.41 -5.65
C ALA A 69 -2.79 1.24 -5.56
N VAL A 70 -3.80 0.93 -6.38
CA VAL A 70 -5.01 1.74 -6.38
C VAL A 70 -6.10 1.00 -5.63
N GLY A 71 -6.56 1.62 -4.54
CA GLY A 71 -7.61 1.08 -3.70
C GLY A 71 -8.97 1.53 -4.24
N PRO A 72 -10.02 0.73 -4.01
CA PRO A 72 -11.36 1.09 -4.43
C PRO A 72 -11.94 2.18 -3.56
N ASN A 73 -12.85 2.94 -4.15
CA ASN A 73 -13.56 4.02 -3.52
C ASN A 73 -14.88 3.48 -2.97
N PHE A 74 -14.90 2.94 -1.75
CA PHE A 74 -16.13 2.47 -1.10
C PHE A 74 -17.22 3.56 -1.05
N ASN A 75 -16.85 4.84 -1.12
CA ASN A 75 -17.81 5.93 -1.14
C ASN A 75 -18.68 5.88 -2.40
N ASN A 76 -18.08 5.42 -3.50
CA ASN A 76 -18.63 5.44 -4.84
C ASN A 76 -18.73 4.03 -5.44
N THR A 77 -18.57 2.97 -4.63
CA THR A 77 -18.81 1.61 -5.10
C THR A 77 -19.44 0.80 -3.97
N SER A 78 -20.10 -0.31 -4.31
CA SER A 78 -20.72 -1.16 -3.30
C SER A 78 -19.64 -1.93 -2.55
N GLU A 79 -19.90 -2.31 -1.30
CA GLU A 79 -18.92 -3.00 -0.48
C GLU A 79 -18.43 -4.29 -1.13
N ALA A 80 -19.25 -4.94 -1.95
CA ALA A 80 -18.89 -6.13 -2.71
C ALA A 80 -17.69 -5.85 -3.63
N GLU A 81 -17.88 -4.99 -4.62
CA GLU A 81 -16.84 -4.65 -5.59
C GLU A 81 -15.66 -4.04 -4.86
N GLY A 82 -15.92 -3.25 -3.81
CA GLY A 82 -14.86 -2.58 -3.08
C GLY A 82 -14.02 -3.57 -2.27
N ASP A 83 -14.62 -4.64 -1.76
CA ASP A 83 -13.88 -5.63 -1.01
C ASP A 83 -12.99 -6.40 -1.98
N ARG A 84 -13.58 -6.86 -3.08
CA ARG A 84 -12.86 -7.61 -4.11
C ARG A 84 -11.69 -6.78 -4.64
N ASP A 85 -11.93 -5.50 -4.94
CA ASP A 85 -10.93 -4.62 -5.52
C ASP A 85 -9.84 -4.29 -4.52
N LEU A 86 -10.16 -4.20 -3.23
CA LEU A 86 -9.15 -3.99 -2.21
C LEU A 86 -8.23 -5.20 -2.17
N ALA A 87 -8.80 -6.41 -2.27
CA ALA A 87 -8.02 -7.63 -2.32
C ALA A 87 -7.19 -7.67 -3.60
N ALA A 88 -7.74 -7.18 -4.72
CA ALA A 88 -7.09 -7.13 -6.00
C ALA A 88 -5.87 -6.21 -5.96
N ALA A 89 -6.02 -5.03 -5.34
CA ALA A 89 -4.95 -4.06 -5.19
C ALA A 89 -3.80 -4.72 -4.44
N TYR A 90 -4.09 -5.27 -3.26
CA TYR A 90 -3.07 -5.96 -2.47
C TYR A 90 -2.45 -7.12 -3.25
N ARG A 91 -3.24 -7.89 -4.01
CA ARG A 91 -2.72 -9.01 -4.77
C ARG A 91 -1.73 -8.53 -5.82
N ALA A 92 -2.07 -7.45 -6.51
CA ALA A 92 -1.22 -6.85 -7.52
C ALA A 92 0.09 -6.39 -6.88
N VAL A 93 0.01 -5.77 -5.70
CA VAL A 93 1.22 -5.35 -5.00
C VAL A 93 2.11 -6.53 -4.69
N ALA A 94 1.55 -7.58 -4.06
CA ALA A 94 2.28 -8.79 -3.72
C ALA A 94 2.98 -9.35 -4.95
N ALA A 95 2.28 -9.35 -6.09
CA ALA A 95 2.88 -9.75 -7.34
C ALA A 95 4.12 -8.89 -7.58
N GLU A 96 4.00 -7.56 -7.50
CA GLU A 96 5.13 -6.67 -7.72
C GLU A 96 6.32 -6.96 -6.80
N ILE A 97 6.11 -7.36 -5.54
CA ILE A 97 7.20 -7.79 -4.67
C ILE A 97 8.06 -8.85 -5.37
N ASN A 98 7.41 -9.88 -5.93
CA ASN A 98 8.09 -10.95 -6.64
C ASN A 98 8.38 -10.60 -8.11
N ARG A 99 7.78 -9.54 -8.65
CA ARG A 99 7.93 -9.15 -10.05
C ARG A 99 9.26 -8.45 -10.22
N LEU A 100 9.53 -7.50 -9.33
CA LEU A 100 10.78 -6.76 -9.30
C LEU A 100 11.82 -7.55 -8.50
N SER A 101 11.38 -8.39 -7.56
CA SER A 101 12.22 -9.17 -6.67
C SER A 101 13.09 -8.26 -5.81
N ILE A 102 12.51 -7.76 -4.72
CA ILE A 102 13.21 -6.90 -3.78
C ILE A 102 13.36 -7.57 -2.43
N SER A 103 14.32 -7.09 -1.63
CA SER A 103 14.58 -7.59 -0.30
C SER A 103 13.57 -7.04 0.69
N SER A 104 13.10 -5.79 0.55
CA SER A 104 12.15 -5.25 1.50
C SER A 104 11.26 -4.20 0.83
N VAL A 105 10.02 -4.08 1.33
CA VAL A 105 9.08 -3.15 0.75
C VAL A 105 8.12 -2.62 1.81
N ALA A 106 7.80 -1.33 1.68
CA ALA A 106 6.85 -0.67 2.56
C ALA A 106 5.46 -0.85 1.98
N ILE A 107 4.47 -1.10 2.82
CA ILE A 107 3.10 -1.33 2.40
C ILE A 107 2.17 -0.55 3.33
N PRO A 108 1.51 0.51 2.84
CA PRO A 108 0.57 1.27 3.64
C PRO A 108 -0.73 0.49 3.83
N LEU A 109 -1.43 0.74 4.93
CA LEU A 109 -2.77 0.22 5.11
C LEU A 109 -3.73 1.04 4.21
N LEU A 110 -4.10 0.51 3.02
CA LEU A 110 -5.08 1.15 2.14
C LEU A 110 -6.49 1.05 2.73
N SER A 111 -7.42 1.85 2.22
CA SER A 111 -8.79 1.96 2.72
C SER A 111 -8.79 2.78 4.00
N THR A 112 -8.36 4.03 3.88
CA THR A 112 -8.49 5.01 4.93
C THR A 112 -8.65 6.36 4.23
N GLY A 113 -9.10 7.40 4.92
CA GLY A 113 -9.38 8.66 4.24
C GLY A 113 -10.56 8.51 3.27
N ILE A 114 -10.55 9.28 2.18
CA ILE A 114 -11.73 9.55 1.36
C ILE A 114 -12.20 8.36 0.52
N PHE A 115 -11.63 7.17 0.69
CA PHE A 115 -12.03 6.00 -0.07
C PHE A 115 -12.62 4.90 0.81
N SER A 116 -12.70 5.10 2.12
CA SER A 116 -13.07 4.02 3.03
C SER A 116 -14.58 3.97 3.28
N ALA A 117 -15.24 5.13 3.35
CA ALA A 117 -16.69 5.26 3.47
C ALA A 117 -17.33 4.28 4.47
N GLY A 118 -16.79 4.17 5.68
CA GLY A 118 -17.33 3.31 6.72
C GLY A 118 -16.35 2.21 7.09
N LYS A 119 -15.53 1.75 6.14
CA LYS A 119 -14.33 1.02 6.48
C LYS A 119 -13.36 2.02 7.12
N ASP A 120 -12.32 1.52 7.79
CA ASP A 120 -11.17 2.26 8.34
C ASP A 120 -10.32 1.30 9.18
N ARG A 121 -10.97 0.32 9.81
CA ARG A 121 -10.30 -0.67 10.65
C ARG A 121 -9.12 -1.28 9.92
N VAL A 122 -7.91 -1.11 10.45
CA VAL A 122 -6.73 -1.62 9.78
C VAL A 122 -6.84 -3.12 9.55
N HIS A 123 -7.30 -3.87 10.55
CA HIS A 123 -7.42 -5.32 10.44
C HIS A 123 -8.16 -5.74 9.17
N GLN A 124 -9.14 -4.97 8.71
CA GLN A 124 -9.87 -5.33 7.50
C GLN A 124 -8.91 -5.34 6.32
N SER A 125 -8.14 -4.26 6.14
CA SER A 125 -7.36 -4.22 4.93
C SER A 125 -6.16 -5.14 5.08
N LEU A 126 -5.56 -5.14 6.27
CA LEU A 126 -4.46 -5.98 6.71
C LEU A 126 -4.76 -7.45 6.46
N SER A 127 -6.01 -7.89 6.62
CA SER A 127 -6.37 -9.27 6.30
C SER A 127 -6.05 -9.56 4.84
N HIS A 128 -6.52 -8.72 3.92
CA HIS A 128 -6.33 -8.97 2.50
C HIS A 128 -4.89 -8.70 2.07
N LEU A 129 -4.24 -7.73 2.72
CA LEU A 129 -2.85 -7.38 2.56
C LEU A 129 -2.03 -8.63 2.79
N LEU A 130 -2.14 -9.22 3.99
CA LEU A 130 -1.38 -10.39 4.39
C LEU A 130 -1.73 -11.57 3.51
N ALA A 131 -3.00 -11.78 3.17
CA ALA A 131 -3.40 -12.89 2.31
C ALA A 131 -2.65 -12.90 0.97
N ALA A 132 -2.32 -11.71 0.46
CA ALA A 132 -1.59 -11.51 -0.78
C ALA A 132 -0.08 -11.54 -0.56
N MET A 133 0.40 -10.83 0.45
CA MET A 133 1.81 -10.68 0.76
C MET A 133 2.41 -11.99 1.22
N ASP A 134 1.59 -12.89 1.75
CA ASP A 134 2.00 -14.24 2.11
C ASP A 134 2.52 -14.97 0.87
N THR A 135 2.06 -14.56 -0.31
CA THR A 135 2.52 -15.12 -1.56
C THR A 135 3.83 -14.46 -2.04
N THR A 136 4.57 -13.73 -1.18
CA THR A 136 5.85 -13.15 -1.54
C THR A 136 6.94 -13.57 -0.57
N GLU A 137 8.16 -13.09 -0.76
CA GLU A 137 9.26 -13.42 0.13
C GLU A 137 10.02 -12.20 0.64
N ALA A 138 9.56 -10.98 0.34
CA ALA A 138 10.30 -9.81 0.81
C ALA A 138 9.95 -9.50 2.27
N ARG A 139 10.72 -8.63 2.93
CA ARG A 139 10.31 -8.07 4.21
C ARG A 139 9.12 -7.14 3.97
N VAL A 140 8.27 -6.97 4.98
CA VAL A 140 6.94 -6.41 4.87
C VAL A 140 6.79 -5.39 5.98
N THR A 141 6.89 -4.12 5.61
CA THR A 141 6.98 -3.08 6.62
C THR A 141 5.70 -2.27 6.56
N ILE A 142 4.88 -2.38 7.60
CA ILE A 142 3.57 -1.74 7.56
C ILE A 142 3.79 -0.27 7.89
N TYR A 143 3.05 0.59 7.19
CA TYR A 143 3.10 2.03 7.43
C TYR A 143 1.70 2.57 7.56
N CYS A 144 1.58 3.61 8.38
CA CYS A 144 0.39 4.40 8.54
C CYS A 144 0.84 5.81 8.90
N ARG A 145 -0.08 6.77 8.81
CA ARG A 145 0.18 8.14 9.20
C ARG A 145 0.73 8.19 10.62
N ASP A 146 1.56 9.20 10.86
CA ASP A 146 2.30 9.51 12.07
C ASP A 146 1.39 9.69 13.28
N LYS A 147 0.82 8.61 13.82
CA LYS A 147 -0.20 8.71 14.85
C LYS A 147 -0.29 7.42 15.66
N THR A 148 -1.04 7.45 16.76
CA THR A 148 -1.31 6.30 17.62
C THR A 148 -2.06 5.18 16.87
N TRP A 149 -2.63 5.46 15.69
CA TRP A 149 -3.15 4.41 14.83
C TRP A 149 -2.14 3.29 14.62
N GLU A 150 -0.85 3.63 14.48
CA GLU A 150 0.21 2.64 14.38
C GLU A 150 0.13 1.63 15.52
N GLN A 151 -0.18 2.07 16.74
CA GLN A 151 -0.21 1.20 17.89
C GLN A 151 -1.22 0.06 17.69
N LYS A 152 -2.35 0.35 17.03
CA LYS A 152 -3.34 -0.67 16.71
C LYS A 152 -2.76 -1.67 15.71
N ILE A 153 -1.98 -1.18 14.76
CA ILE A 153 -1.32 -2.04 13.78
C ILE A 153 -0.23 -2.87 14.48
N LYS A 154 0.40 -2.34 15.52
CA LYS A 154 1.41 -3.03 16.29
C LYS A 154 0.76 -4.21 17.02
N THR A 155 -0.28 -3.96 17.82
CA THR A 155 -0.93 -5.04 18.55
C THR A 155 -1.52 -6.07 17.58
N VAL A 156 -2.11 -5.66 16.45
CA VAL A 156 -2.64 -6.68 15.55
C VAL A 156 -1.53 -7.53 14.95
N LEU A 157 -0.36 -6.95 14.67
CA LEU A 157 0.80 -7.68 14.13
C LEU A 157 1.46 -8.54 15.22
N GLN A 158 1.22 -8.19 16.48
CA GLN A 158 1.65 -8.95 17.63
C GLN A 158 0.68 -10.12 17.89
N ASN A 159 -0.60 -9.96 17.54
CA ASN A 159 -1.64 -10.97 17.76
C ASN A 159 -1.81 -11.93 16.58
N ARG A 160 -1.53 -11.48 15.36
CA ARG A 160 -1.69 -12.29 14.16
C ARG A 160 -0.43 -13.11 13.93
N ALA A 2 11.22 -17.35 4.68
CA ALA A 2 9.91 -16.74 4.36
C ALA A 2 9.97 -15.28 4.80
N PRO A 3 9.04 -14.42 4.39
CA PRO A 3 9.06 -13.01 4.78
C PRO A 3 8.58 -12.86 6.22
N ALA A 4 8.53 -11.63 6.73
CA ALA A 4 8.11 -11.34 8.09
C ALA A 4 7.56 -9.93 8.14
N TYR A 5 6.56 -9.71 8.99
CA TYR A 5 5.93 -8.41 9.17
C TYR A 5 6.70 -7.60 10.21
N THR A 6 6.51 -6.28 10.18
CA THR A 6 7.09 -5.31 11.11
C THR A 6 6.21 -4.06 11.04
N VAL A 7 6.51 -3.03 11.83
CA VAL A 7 5.72 -1.81 11.91
C VAL A 7 6.67 -0.64 12.06
N LYS A 8 6.44 0.49 11.37
CA LYS A 8 7.40 1.58 11.41
C LYS A 8 6.71 2.94 11.27
N ARG A 9 6.94 3.78 12.27
CA ARG A 9 6.14 4.97 12.50
C ARG A 9 6.74 6.15 11.75
N ALA A 10 6.30 6.33 10.51
CA ALA A 10 6.82 7.33 9.59
C ALA A 10 5.90 7.38 8.37
N ASP A 11 6.13 8.36 7.50
CA ASP A 11 5.55 8.35 6.17
C ASP A 11 6.03 7.13 5.39
N ILE A 12 5.25 6.71 4.40
CA ILE A 12 5.57 5.55 3.58
C ILE A 12 6.39 6.03 2.37
N ALA A 13 7.52 6.70 2.61
CA ALA A 13 8.43 7.16 1.58
C ALA A 13 9.86 7.06 2.05
N THR A 14 10.16 7.52 3.26
CA THR A 14 11.49 7.41 3.85
C THR A 14 11.72 6.03 4.47
N ALA A 15 11.06 5.00 3.94
CA ALA A 15 11.15 3.64 4.43
C ALA A 15 12.53 3.01 4.21
N ILE A 16 13.39 3.64 3.41
CA ILE A 16 14.72 3.18 2.97
C ILE A 16 14.73 1.74 2.46
N GLU A 17 13.57 1.24 2.05
CA GLU A 17 13.39 -0.12 1.58
C GLU A 17 13.49 -0.14 0.05
N ASP A 18 13.81 -1.31 -0.50
CA ASP A 18 14.12 -1.50 -1.92
C ASP A 18 12.94 -1.06 -2.79
N ALA A 19 11.74 -1.32 -2.28
CA ALA A 19 10.48 -1.00 -2.90
C ALA A 19 9.60 -0.31 -1.86
N VAL A 20 8.68 0.50 -2.35
CA VAL A 20 7.81 1.34 -1.55
C VAL A 20 6.44 1.29 -2.21
N VAL A 21 5.41 0.89 -1.48
CA VAL A 21 4.05 0.84 -2.01
C VAL A 21 3.34 2.12 -1.56
N ASN A 22 2.78 2.88 -2.49
CA ASN A 22 2.00 4.05 -2.12
C ASN A 22 0.53 3.65 -2.04
N ALA A 23 -0.24 4.27 -1.14
CA ALA A 23 -1.69 4.13 -1.11
C ALA A 23 -2.25 4.99 -2.23
N ALA A 24 -2.18 4.49 -3.46
CA ALA A 24 -2.58 5.23 -4.63
C ALA A 24 -4.11 5.33 -4.71
N ASN A 25 -4.59 6.41 -5.33
CA ASN A 25 -6.00 6.78 -5.30
C ASN A 25 -6.69 6.33 -6.59
N HIS A 26 -6.04 6.55 -7.73
CA HIS A 26 -6.48 6.22 -9.09
C HIS A 26 -5.71 7.13 -10.05
N ARG A 27 -5.94 8.45 -9.93
CA ARG A 27 -5.25 9.44 -10.70
C ARG A 27 -3.95 9.68 -9.96
N GLY A 28 -2.83 9.25 -10.54
CA GLY A 28 -1.53 9.59 -10.00
C GLY A 28 -1.17 11.00 -10.44
N GLN A 29 -1.92 12.00 -9.98
CA GLN A 29 -1.60 13.40 -10.25
C GLN A 29 -1.17 14.07 -8.96
N VAL A 30 0.01 14.66 -8.97
CA VAL A 30 0.68 15.19 -7.78
C VAL A 30 -0.07 16.40 -7.19
N GLY A 31 -1.09 16.15 -6.37
CA GLY A 31 -1.75 17.24 -5.66
C GLY A 31 -2.97 16.78 -4.86
N ASP A 32 -2.91 15.60 -4.23
CA ASP A 32 -4.03 15.10 -3.44
C ASP A 32 -3.54 14.33 -2.23
N GLY A 33 -4.45 14.14 -1.25
CA GLY A 33 -4.29 13.29 -0.08
C GLY A 33 -2.89 13.32 0.54
N VAL A 34 -2.22 12.17 0.53
CA VAL A 34 -0.82 12.06 0.91
C VAL A 34 -0.14 11.26 -0.19
N CYS A 35 0.92 11.84 -0.74
CA CYS A 35 1.72 11.27 -1.81
C CYS A 35 3.02 12.05 -1.90
N ARG A 36 2.97 13.37 -1.67
CA ARG A 36 4.11 14.27 -1.69
C ARG A 36 5.38 13.72 -1.03
N ALA A 37 5.29 12.99 0.08
CA ALA A 37 6.48 12.40 0.67
C ALA A 37 7.20 11.50 -0.34
N VAL A 38 6.43 10.57 -0.94
CA VAL A 38 6.89 9.69 -1.98
C VAL A 38 7.40 10.50 -3.16
N ALA A 39 6.62 11.47 -3.67
CA ALA A 39 7.03 12.28 -4.82
C ALA A 39 8.31 13.07 -4.57
N ARG A 40 8.62 13.48 -3.34
CA ARG A 40 9.85 14.23 -3.09
C ARG A 40 11.08 13.36 -3.25
N LYS A 41 10.93 12.03 -3.25
CA LYS A 41 12.04 11.09 -3.42
C LYS A 41 12.02 10.53 -4.83
N TRP A 42 10.83 10.20 -5.36
CA TRP A 42 10.64 9.53 -6.62
C TRP A 42 9.39 10.05 -7.32
N PRO A 43 9.39 11.30 -7.80
CA PRO A 43 8.21 11.90 -8.40
C PRO A 43 7.95 11.25 -9.75
N GLN A 44 8.95 11.29 -10.63
CA GLN A 44 8.80 10.95 -12.04
C GLN A 44 8.27 9.53 -12.22
N ALA A 45 8.55 8.64 -11.26
CA ALA A 45 7.95 7.31 -11.19
C ALA A 45 6.45 7.35 -11.47
N PHE A 46 5.69 8.12 -10.69
CA PHE A 46 4.23 8.08 -10.77
C PHE A 46 3.65 9.41 -11.24
N ARG A 47 4.50 10.32 -11.74
CA ARG A 47 4.11 11.64 -12.19
C ARG A 47 3.19 11.53 -13.40
N ASN A 48 1.90 11.52 -13.14
CA ASN A 48 0.83 11.36 -14.13
C ASN A 48 0.79 9.93 -14.67
N ALA A 49 1.06 8.94 -13.81
CA ALA A 49 1.05 7.55 -14.22
C ALA A 49 -0.39 7.06 -14.33
N ALA A 50 -1.09 7.04 -13.19
CA ALA A 50 -2.47 6.59 -13.00
C ALA A 50 -2.64 5.10 -13.31
N THR A 51 -3.58 4.44 -12.63
CA THR A 51 -3.86 3.05 -12.94
C THR A 51 -5.28 2.72 -12.44
N PRO A 52 -5.94 1.68 -12.97
CA PRO A 52 -7.28 1.32 -12.52
C PRO A 52 -7.25 0.73 -11.12
N VAL A 53 -8.40 0.75 -10.46
CA VAL A 53 -8.57 0.17 -9.14
C VAL A 53 -8.24 -1.32 -9.19
N GLY A 54 -7.76 -1.87 -8.07
CA GLY A 54 -7.56 -3.30 -7.94
C GLY A 54 -6.31 -3.76 -8.67
N THR A 55 -5.39 -2.84 -8.96
CA THR A 55 -4.12 -3.19 -9.56
C THR A 55 -3.02 -2.47 -8.82
N ALA A 56 -1.78 -2.74 -9.22
CA ALA A 56 -0.61 -2.04 -8.76
C ALA A 56 0.09 -1.51 -10.00
N LYS A 57 0.72 -0.34 -9.91
CA LYS A 57 1.46 0.24 -11.03
C LYS A 57 2.84 0.59 -10.53
N THR A 58 3.85 -0.07 -11.07
CA THR A 58 5.20 0.08 -10.59
C THR A 58 6.02 0.71 -11.68
N VAL A 59 6.75 1.77 -11.31
CA VAL A 59 7.58 2.50 -12.24
C VAL A 59 8.90 2.77 -11.53
N LYS A 60 9.97 2.13 -12.00
CA LYS A 60 11.28 2.34 -11.38
C LYS A 60 11.68 3.80 -11.60
N CYS A 61 12.17 4.46 -10.55
CA CYS A 61 12.58 5.85 -10.67
C CYS A 61 14.03 5.87 -11.16
N ASP A 62 14.92 5.30 -10.35
CA ASP A 62 16.33 5.15 -10.64
C ASP A 62 16.66 3.69 -10.40
N GLU A 63 16.87 3.31 -9.14
CA GLU A 63 17.25 1.95 -8.77
C GLU A 63 16.32 1.41 -7.68
N THR A 64 15.09 1.92 -7.62
CA THR A 64 14.10 1.49 -6.65
C THR A 64 12.87 1.01 -7.39
N TYR A 65 12.10 0.12 -6.76
CA TYR A 65 10.94 -0.48 -7.35
C TYR A 65 9.72 0.05 -6.63
N ILE A 66 9.29 1.25 -7.01
CA ILE A 66 8.15 1.86 -6.36
C ILE A 66 6.88 1.41 -7.06
N ILE A 67 5.89 1.05 -6.25
CA ILE A 67 4.64 0.40 -6.58
C ILE A 67 3.55 1.38 -6.14
N HIS A 68 2.46 1.52 -6.89
CA HIS A 68 1.31 2.33 -6.52
C HIS A 68 0.08 1.43 -6.48
N ALA A 69 -0.45 1.18 -5.28
CA ALA A 69 -1.56 0.27 -5.06
C ALA A 69 -2.87 1.05 -5.06
N VAL A 70 -3.76 0.82 -6.02
CA VAL A 70 -4.98 1.62 -6.07
C VAL A 70 -6.10 0.91 -5.32
N GLY A 71 -6.54 1.52 -4.22
CA GLY A 71 -7.65 1.02 -3.43
C GLY A 71 -8.97 1.44 -4.06
N PRO A 72 -10.04 0.66 -3.86
CA PRO A 72 -11.36 0.97 -4.36
C PRO A 72 -12.06 2.05 -3.55
N ASN A 73 -13.13 2.57 -4.12
CA ASN A 73 -13.95 3.60 -3.53
C ASN A 73 -15.31 2.99 -3.27
N PHE A 74 -15.57 2.54 -2.06
CA PHE A 74 -16.88 1.98 -1.69
C PHE A 74 -17.98 3.02 -1.89
N ASN A 75 -17.66 4.31 -1.80
CA ASN A 75 -18.63 5.39 -2.06
C ASN A 75 -19.05 5.48 -3.53
N ASN A 76 -18.32 4.80 -4.41
CA ASN A 76 -18.51 4.75 -5.85
C ASN A 76 -18.65 3.31 -6.33
N THR A 77 -18.76 2.32 -5.44
CA THR A 77 -18.96 0.94 -5.89
C THR A 77 -19.89 0.22 -4.92
N SER A 78 -19.90 -1.11 -4.94
CA SER A 78 -20.67 -1.92 -4.01
C SER A 78 -19.74 -2.53 -2.97
N GLU A 79 -20.29 -3.16 -1.93
CA GLU A 79 -19.49 -3.84 -0.94
C GLU A 79 -18.70 -4.97 -1.60
N ALA A 80 -19.32 -5.68 -2.53
CA ALA A 80 -18.73 -6.83 -3.20
C ALA A 80 -17.54 -6.43 -4.06
N GLU A 81 -17.79 -5.52 -5.00
CA GLU A 81 -16.77 -5.00 -5.90
C GLU A 81 -15.66 -4.39 -5.07
N GLY A 82 -16.02 -3.69 -4.00
CA GLY A 82 -15.06 -2.96 -3.19
C GLY A 82 -14.15 -3.92 -2.43
N ASP A 83 -14.70 -4.98 -1.84
CA ASP A 83 -13.90 -5.90 -1.05
C ASP A 83 -12.97 -6.69 -1.96
N ARG A 84 -13.51 -7.17 -3.09
CA ARG A 84 -12.72 -7.81 -4.13
C ARG A 84 -11.58 -6.92 -4.57
N ASP A 85 -11.87 -5.68 -4.94
CA ASP A 85 -10.89 -4.76 -5.50
C ASP A 85 -9.82 -4.42 -4.47
N LEU A 86 -10.18 -4.34 -3.19
CA LEU A 86 -9.22 -4.12 -2.13
C LEU A 86 -8.25 -5.29 -2.06
N ALA A 87 -8.77 -6.51 -2.14
CA ALA A 87 -7.95 -7.71 -2.16
C ALA A 87 -7.12 -7.78 -3.44
N ALA A 88 -7.65 -7.27 -4.55
CA ALA A 88 -7.01 -7.27 -5.85
C ALA A 88 -5.81 -6.34 -5.83
N ALA A 89 -5.97 -5.14 -5.27
CA ALA A 89 -4.93 -4.15 -5.12
C ALA A 89 -3.78 -4.77 -4.36
N TYR A 90 -4.05 -5.31 -3.17
CA TYR A 90 -3.02 -5.97 -2.39
C TYR A 90 -2.38 -7.14 -3.15
N ARG A 91 -3.18 -7.95 -3.84
CA ARG A 91 -2.65 -9.09 -4.59
C ARG A 91 -1.67 -8.62 -5.67
N ALA A 92 -1.98 -7.49 -6.32
CA ALA A 92 -1.13 -6.92 -7.34
C ALA A 92 0.17 -6.40 -6.70
N VAL A 93 0.08 -5.75 -5.53
CA VAL A 93 1.25 -5.29 -4.81
C VAL A 93 2.18 -6.47 -4.54
N ALA A 94 1.68 -7.48 -3.81
CA ALA A 94 2.39 -8.69 -3.49
C ALA A 94 3.02 -9.32 -4.74
N ALA A 95 2.26 -9.37 -5.82
CA ALA A 95 2.79 -9.89 -7.07
C ALA A 95 4.04 -9.10 -7.43
N GLU A 96 3.98 -7.78 -7.40
CA GLU A 96 5.14 -6.95 -7.66
C GLU A 96 6.33 -7.26 -6.75
N ILE A 97 6.10 -7.51 -5.46
CA ILE A 97 7.14 -7.91 -4.52
C ILE A 97 7.93 -9.09 -5.11
N ASN A 98 7.23 -10.13 -5.54
CA ASN A 98 7.86 -11.30 -6.12
C ASN A 98 8.31 -11.06 -7.57
N ARG A 99 7.75 -10.04 -8.24
CA ARG A 99 8.01 -9.79 -9.65
C ARG A 99 9.35 -9.06 -9.82
N LEU A 100 9.69 -8.20 -8.86
CA LEU A 100 10.96 -7.51 -8.81
C LEU A 100 11.94 -8.26 -7.91
N SER A 101 11.44 -9.11 -7.01
CA SER A 101 12.21 -9.89 -6.06
C SER A 101 13.13 -8.99 -5.23
N ILE A 102 12.51 -8.03 -4.54
CA ILE A 102 13.25 -7.16 -3.65
C ILE A 102 13.51 -7.82 -2.29
N SER A 103 14.45 -7.26 -1.54
CA SER A 103 14.77 -7.71 -0.20
C SER A 103 13.71 -7.28 0.80
N SER A 104 13.21 -6.04 0.72
CA SER A 104 12.29 -5.51 1.71
C SER A 104 11.43 -4.42 1.09
N VAL A 105 10.19 -4.27 1.58
CA VAL A 105 9.27 -3.31 1.01
C VAL A 105 8.29 -2.79 2.05
N ALA A 106 7.95 -1.51 1.92
CA ALA A 106 7.00 -0.83 2.77
C ALA A 106 5.61 -0.99 2.18
N ILE A 107 4.62 -1.25 3.03
CA ILE A 107 3.24 -1.43 2.64
C ILE A 107 2.38 -0.60 3.59
N PRO A 108 1.65 0.41 3.09
CA PRO A 108 0.74 1.18 3.90
C PRO A 108 -0.56 0.38 4.08
N LEU A 109 -1.18 0.50 5.25
CA LEU A 109 -2.52 -0.05 5.44
C LEU A 109 -3.50 0.84 4.65
N LEU A 110 -3.96 0.38 3.47
CA LEU A 110 -5.01 1.07 2.70
C LEU A 110 -6.34 0.94 3.46
N SER A 111 -7.39 1.60 2.95
CA SER A 111 -8.72 1.60 3.55
C SER A 111 -8.76 2.68 4.63
N THR A 112 -8.61 3.92 4.17
CA THR A 112 -8.56 5.12 5.00
C THR A 112 -9.82 5.94 4.73
N GLY A 113 -10.15 6.88 5.62
CA GLY A 113 -11.35 7.71 5.55
C GLY A 113 -11.26 8.74 4.42
N ILE A 114 -11.35 8.26 3.19
CA ILE A 114 -11.27 8.98 1.93
C ILE A 114 -12.06 8.18 0.89
N PHE A 115 -11.86 6.85 0.83
CA PHE A 115 -12.52 6.00 -0.15
C PHE A 115 -13.12 4.72 0.47
N SER A 116 -13.02 4.55 1.79
CA SER A 116 -13.45 3.32 2.45
C SER A 116 -14.96 3.23 2.60
N ALA A 117 -15.64 4.37 2.72
CA ALA A 117 -17.10 4.52 2.75
C ALA A 117 -17.83 3.36 3.44
N GLY A 118 -17.47 3.04 4.69
CA GLY A 118 -18.11 1.99 5.47
C GLY A 118 -17.09 0.94 5.89
N LYS A 119 -16.17 0.59 4.99
CA LYS A 119 -15.01 -0.23 5.33
C LYS A 119 -14.22 0.53 6.40
N ASP A 120 -13.66 -0.18 7.37
CA ASP A 120 -12.91 0.41 8.48
C ASP A 120 -12.08 -0.72 9.12
N ARG A 121 -11.36 -0.45 10.22
CA ARG A 121 -10.44 -1.35 10.91
C ARG A 121 -9.21 -1.65 10.05
N VAL A 122 -8.03 -1.30 10.57
CA VAL A 122 -6.77 -1.70 9.97
C VAL A 122 -6.72 -3.21 9.79
N HIS A 123 -7.16 -3.96 10.81
CA HIS A 123 -7.27 -5.42 10.80
C HIS A 123 -7.87 -5.89 9.48
N GLN A 124 -8.89 -5.20 9.00
CA GLN A 124 -9.64 -5.62 7.84
C GLN A 124 -8.70 -5.60 6.66
N SER A 125 -8.03 -4.46 6.45
CA SER A 125 -7.13 -4.40 5.32
C SER A 125 -5.85 -5.18 5.57
N LEU A 126 -5.53 -5.50 6.83
CA LEU A 126 -4.39 -6.31 7.20
C LEU A 126 -4.64 -7.76 6.87
N SER A 127 -5.91 -8.18 6.85
CA SER A 127 -6.27 -9.52 6.43
C SER A 127 -6.12 -9.62 4.92
N HIS A 128 -6.74 -8.69 4.17
CA HIS A 128 -6.66 -8.70 2.71
C HIS A 128 -5.19 -8.60 2.27
N LEU A 129 -4.42 -7.74 2.92
CA LEU A 129 -2.99 -7.58 2.68
C LEU A 129 -2.26 -8.87 3.03
N LEU A 130 -2.40 -9.42 4.23
CA LEU A 130 -1.60 -10.58 4.63
C LEU A 130 -1.80 -11.73 3.65
N ALA A 131 -3.04 -11.99 3.23
CA ALA A 131 -3.34 -13.02 2.25
C ALA A 131 -2.55 -12.86 0.95
N ALA A 132 -2.24 -11.62 0.57
CA ALA A 132 -1.48 -11.28 -0.61
C ALA A 132 0.02 -11.38 -0.33
N MET A 133 0.53 -10.75 0.73
CA MET A 133 1.96 -10.68 0.99
C MET A 133 2.53 -12.06 1.30
N ASP A 134 1.66 -12.96 1.79
CA ASP A 134 1.98 -14.36 2.02
C ASP A 134 2.52 -15.02 0.75
N THR A 135 2.15 -14.47 -0.41
CA THR A 135 2.53 -15.01 -1.70
C THR A 135 3.91 -14.48 -2.15
N THR A 136 4.70 -13.88 -1.26
CA THR A 136 5.96 -13.24 -1.60
C THR A 136 7.08 -13.73 -0.68
N GLU A 137 8.30 -13.24 -0.90
CA GLU A 137 9.45 -13.59 -0.09
C GLU A 137 10.24 -12.36 0.36
N ALA A 138 9.68 -11.15 0.26
CA ALA A 138 10.40 -9.96 0.70
C ALA A 138 9.91 -9.53 2.08
N ARG A 139 10.76 -8.85 2.84
CA ARG A 139 10.40 -8.30 4.16
C ARG A 139 9.19 -7.38 4.02
N VAL A 140 8.35 -7.32 5.06
CA VAL A 140 7.06 -6.68 5.00
C VAL A 140 7.02 -5.70 6.16
N THR A 141 7.00 -4.42 5.84
CA THR A 141 7.08 -3.39 6.83
C THR A 141 5.80 -2.58 6.71
N ILE A 142 4.89 -2.71 7.68
CA ILE A 142 3.63 -2.00 7.62
C ILE A 142 3.91 -0.57 8.08
N TYR A 143 3.25 0.39 7.46
CA TYR A 143 3.38 1.81 7.82
C TYR A 143 1.98 2.39 7.93
N CYS A 144 1.80 3.35 8.84
CA CYS A 144 0.65 4.24 8.77
C CYS A 144 1.02 5.58 9.39
N ARG A 145 1.91 6.30 8.70
CA ARG A 145 2.31 7.64 9.10
C ARG A 145 2.92 7.61 10.49
N ASP A 146 2.84 8.72 11.23
CA ASP A 146 3.51 8.93 12.50
C ASP A 146 2.49 9.33 13.56
N LYS A 147 1.64 8.40 13.97
CA LYS A 147 0.56 8.73 14.90
C LYS A 147 0.20 7.54 15.78
N THR A 148 -0.71 7.74 16.72
CA THR A 148 -1.26 6.68 17.56
C THR A 148 -1.89 5.55 16.74
N TRP A 149 -2.32 5.79 15.50
CA TRP A 149 -2.83 4.74 14.63
C TRP A 149 -1.79 3.61 14.51
N GLU A 150 -0.52 3.96 14.33
CA GLU A 150 0.58 3.01 14.23
C GLU A 150 0.65 2.11 15.48
N GLN A 151 0.28 2.62 16.66
CA GLN A 151 0.18 1.79 17.86
C GLN A 151 -0.82 0.67 17.63
N LYS A 152 -2.03 0.98 17.18
CA LYS A 152 -3.05 -0.04 16.99
C LYS A 152 -2.61 -1.03 15.91
N ILE A 153 -1.89 -0.55 14.90
CA ILE A 153 -1.34 -1.42 13.87
C ILE A 153 -0.26 -2.34 14.45
N LYS A 154 0.51 -1.87 15.42
CA LYS A 154 1.48 -2.69 16.14
C LYS A 154 0.78 -3.75 16.99
N THR A 155 -0.30 -3.42 17.70
CA THR A 155 -0.96 -4.41 18.54
C THR A 155 -1.59 -5.49 17.67
N VAL A 156 -2.38 -5.11 16.67
CA VAL A 156 -3.04 -6.06 15.78
C VAL A 156 -2.02 -6.95 15.08
N LEU A 157 -0.84 -6.42 14.71
CA LEU A 157 0.20 -7.24 14.14
C LEU A 157 0.57 -8.40 15.05
N GLN A 158 0.73 -8.16 16.35
CA GLN A 158 1.01 -9.26 17.27
C GLN A 158 -0.17 -10.25 17.36
N ASN A 159 -1.40 -9.80 17.09
CA ASN A 159 -2.55 -10.71 17.03
C ASN A 159 -2.65 -11.44 15.69
N ARG A 160 -1.93 -11.02 14.66
CA ARG A 160 -2.17 -11.48 13.30
C ARG A 160 -1.19 -12.56 12.84
N ALA A 2 9.50 -17.36 3.71
CA ALA A 2 8.24 -16.77 4.21
C ALA A 2 8.50 -15.32 4.60
N PRO A 3 7.52 -14.43 4.41
CA PRO A 3 7.61 -13.03 4.79
C PRO A 3 7.57 -12.88 6.31
N ALA A 4 7.88 -11.69 6.81
CA ALA A 4 7.91 -11.38 8.23
C ALA A 4 7.23 -10.03 8.43
N TYR A 5 6.33 -9.96 9.40
CA TYR A 5 5.47 -8.81 9.66
C TYR A 5 6.20 -7.82 10.57
N THR A 6 5.96 -6.52 10.40
CA THR A 6 6.61 -5.48 11.17
C THR A 6 5.70 -4.25 11.16
N VAL A 7 5.95 -3.29 12.05
CA VAL A 7 5.20 -2.05 12.13
C VAL A 7 6.21 -0.91 12.21
N LYS A 8 5.94 0.21 11.54
CA LYS A 8 6.80 1.38 11.61
C LYS A 8 5.93 2.63 11.63
N ARG A 9 6.16 3.52 12.60
CA ARG A 9 5.48 4.79 12.67
C ARG A 9 6.32 5.81 11.93
N ALA A 10 5.73 6.44 10.91
CA ALA A 10 6.36 7.46 10.07
C ALA A 10 5.44 7.78 8.89
N ASP A 11 5.74 8.85 8.16
CA ASP A 11 5.16 9.08 6.85
C ASP A 11 5.74 8.06 5.87
N ILE A 12 4.88 7.37 5.13
CA ILE A 12 5.31 6.53 4.03
C ILE A 12 5.91 7.42 2.94
N ALA A 13 7.24 7.52 2.92
CA ALA A 13 8.08 8.24 1.97
C ALA A 13 9.54 8.05 2.37
N THR A 14 9.83 8.28 3.64
CA THR A 14 11.18 8.15 4.18
C THR A 14 11.37 6.69 4.60
N ALA A 15 11.17 5.79 3.64
CA ALA A 15 11.42 4.37 3.80
C ALA A 15 12.80 4.07 3.23
N ILE A 16 13.35 2.91 3.57
CA ILE A 16 14.68 2.51 3.16
C ILE A 16 14.72 1.05 2.69
N GLU A 17 13.55 0.46 2.51
CA GLU A 17 13.38 -0.85 1.93
C GLU A 17 13.74 -0.82 0.43
N ASP A 18 13.89 -1.99 -0.21
CA ASP A 18 14.25 -2.06 -1.63
C ASP A 18 13.21 -1.32 -2.47
N ALA A 19 11.95 -1.46 -2.03
CA ALA A 19 10.78 -0.96 -2.74
C ALA A 19 9.86 -0.26 -1.76
N VAL A 20 9.07 0.66 -2.30
CA VAL A 20 8.14 1.49 -1.56
C VAL A 20 6.85 1.44 -2.35
N VAL A 21 5.75 0.96 -1.76
CA VAL A 21 4.48 1.03 -2.46
C VAL A 21 3.73 2.26 -1.98
N ASN A 22 2.70 2.64 -2.71
CA ASN A 22 1.88 3.79 -2.38
C ASN A 22 0.42 3.39 -2.46
N ALA A 23 -0.39 3.97 -1.57
CA ALA A 23 -1.84 3.96 -1.72
C ALA A 23 -2.15 4.91 -2.87
N ALA A 24 -2.09 4.38 -4.10
CA ALA A 24 -2.43 5.13 -5.29
C ALA A 24 -3.95 5.18 -5.40
N ASN A 25 -4.47 6.14 -6.17
CA ASN A 25 -5.90 6.40 -6.22
C ASN A 25 -6.36 6.49 -7.67
N HIS A 26 -5.87 5.56 -8.49
CA HIS A 26 -6.14 5.45 -9.92
C HIS A 26 -5.39 6.53 -10.72
N ARG A 27 -5.04 7.66 -10.11
CA ARG A 27 -4.11 8.58 -10.71
C ARG A 27 -2.74 8.26 -10.15
N GLY A 28 -1.76 8.41 -11.03
CA GLY A 28 -0.36 8.56 -10.66
C GLY A 28 0.03 10.01 -10.36
N GLN A 29 -0.89 10.97 -10.52
CA GLN A 29 -0.63 12.36 -10.20
C GLN A 29 -0.40 12.55 -8.69
N VAL A 30 0.06 13.75 -8.31
CA VAL A 30 0.32 14.10 -6.93
C VAL A 30 -0.88 14.84 -6.36
N GLY A 31 -1.32 14.47 -5.15
CA GLY A 31 -2.42 15.12 -4.46
C GLY A 31 -3.15 14.12 -3.59
N ASP A 32 -4.47 14.31 -3.45
CA ASP A 32 -5.43 13.37 -2.87
C ASP A 32 -4.99 12.75 -1.55
N GLY A 33 -4.72 13.61 -0.56
CA GLY A 33 -4.70 13.21 0.84
C GLY A 33 -3.30 12.81 1.30
N VAL A 34 -3.03 11.50 1.34
CA VAL A 34 -1.68 10.98 1.58
C VAL A 34 -1.12 10.66 0.19
N CYS A 35 -0.08 9.81 0.03
CA CYS A 35 0.54 9.51 -1.26
C CYS A 35 1.53 10.63 -1.61
N ARG A 36 1.11 11.90 -1.50
CA ARG A 36 1.92 13.09 -1.67
C ARG A 36 3.28 13.02 -0.97
N ALA A 37 3.40 12.31 0.15
CA ALA A 37 4.65 12.17 0.88
C ALA A 37 5.72 11.62 -0.06
N VAL A 38 5.41 10.55 -0.79
CA VAL A 38 6.33 9.94 -1.73
C VAL A 38 6.41 10.82 -2.97
N ALA A 39 5.26 11.20 -3.53
CA ALA A 39 5.20 11.96 -4.78
C ALA A 39 6.16 13.16 -4.78
N ARG A 40 6.23 13.86 -3.64
CA ARG A 40 7.09 15.01 -3.40
C ARG A 40 8.55 14.75 -3.81
N LYS A 41 9.09 13.56 -3.56
CA LYS A 41 10.45 13.19 -3.94
C LYS A 41 10.48 12.08 -4.98
N TRP A 42 9.37 11.80 -5.67
CA TRP A 42 9.31 10.77 -6.70
C TRP A 42 8.52 11.26 -7.93
N PRO A 43 8.81 12.45 -8.46
CA PRO A 43 8.04 13.01 -9.58
C PRO A 43 8.14 12.10 -10.81
N GLN A 44 9.33 11.60 -11.14
CA GLN A 44 9.51 10.70 -12.27
C GLN A 44 8.64 9.45 -12.10
N ALA A 45 8.66 8.80 -10.93
CA ALA A 45 7.87 7.61 -10.73
C ALA A 45 6.36 7.89 -10.76
N PHE A 46 5.94 9.13 -10.51
CA PHE A 46 4.53 9.51 -10.54
C PHE A 46 4.12 10.02 -11.93
N ARG A 47 5.06 10.44 -12.78
CA ARG A 47 4.79 10.92 -14.14
C ARG A 47 4.02 9.82 -14.88
N ASN A 48 2.78 10.15 -15.24
CA ASN A 48 1.82 9.29 -15.89
C ASN A 48 1.82 7.85 -15.33
N ALA A 49 1.82 7.75 -14.00
CA ALA A 49 1.80 6.47 -13.32
C ALA A 49 0.37 6.03 -12.99
N ALA A 50 -0.59 6.54 -13.76
CA ALA A 50 -2.00 6.19 -13.62
C ALA A 50 -2.19 4.71 -13.96
N THR A 51 -3.22 4.10 -13.36
CA THR A 51 -3.46 2.68 -13.52
C THR A 51 -4.84 2.33 -12.96
N PRO A 52 -5.47 1.25 -13.45
CA PRO A 52 -6.82 0.90 -13.08
C PRO A 52 -6.91 0.43 -11.63
N VAL A 53 -8.11 0.50 -11.08
CA VAL A 53 -8.36 0.02 -9.72
C VAL A 53 -8.09 -1.48 -9.66
N GLY A 54 -7.66 -1.95 -8.49
CA GLY A 54 -7.50 -3.38 -8.26
C GLY A 54 -6.25 -3.93 -8.91
N THR A 55 -5.29 -3.07 -9.27
CA THR A 55 -4.03 -3.52 -9.84
C THR A 55 -2.90 -2.74 -9.17
N ALA A 56 -1.66 -2.97 -9.64
CA ALA A 56 -0.48 -2.34 -9.13
C ALA A 56 0.37 -1.95 -10.34
N LYS A 57 0.97 -0.76 -10.31
CA LYS A 57 1.85 -0.29 -11.39
C LYS A 57 3.21 0.04 -10.79
N THR A 58 4.26 -0.55 -11.33
CA THR A 58 5.61 -0.29 -10.86
C THR A 58 6.28 0.68 -11.82
N VAL A 59 6.88 1.76 -11.30
CA VAL A 59 7.56 2.74 -12.13
C VAL A 59 8.91 3.02 -11.49
N LYS A 60 9.96 2.37 -11.97
CA LYS A 60 11.30 2.57 -11.43
C LYS A 60 11.68 4.04 -11.60
N CYS A 61 12.06 4.71 -10.52
CA CYS A 61 12.40 6.13 -10.61
C CYS A 61 13.81 6.25 -11.19
N ASP A 62 14.77 5.66 -10.47
CA ASP A 62 16.18 5.71 -10.79
C ASP A 62 16.69 4.29 -10.50
N GLU A 63 16.99 4.01 -9.23
CA GLU A 63 17.39 2.68 -8.77
C GLU A 63 16.53 2.30 -7.56
N THR A 64 15.22 2.43 -7.69
CA THR A 64 14.30 1.84 -6.73
C THR A 64 13.02 1.46 -7.45
N TYR A 65 12.31 0.50 -6.87
CA TYR A 65 11.15 -0.13 -7.45
C TYR A 65 9.95 0.35 -6.63
N ILE A 66 9.29 1.41 -7.10
CA ILE A 66 8.14 1.93 -6.38
C ILE A 66 6.88 1.41 -7.06
N ILE A 67 5.90 1.02 -6.24
CA ILE A 67 4.69 0.37 -6.67
C ILE A 67 3.52 1.32 -6.35
N HIS A 68 2.50 1.35 -7.20
CA HIS A 68 1.30 2.15 -7.02
C HIS A 68 0.12 1.19 -6.97
N ALA A 69 -0.37 0.91 -5.76
CA ALA A 69 -1.47 -0.02 -5.54
C ALA A 69 -2.76 0.77 -5.50
N VAL A 70 -3.70 0.51 -6.40
CA VAL A 70 -4.88 1.36 -6.48
C VAL A 70 -6.04 0.76 -5.70
N GLY A 71 -6.49 1.49 -4.69
CA GLY A 71 -7.61 1.07 -3.85
C GLY A 71 -8.93 1.49 -4.49
N PRO A 72 -10.01 0.73 -4.26
CA PRO A 72 -11.34 1.06 -4.75
C PRO A 72 -12.03 2.10 -3.87
N ASN A 73 -12.83 2.92 -4.52
CA ASN A 73 -13.68 3.92 -3.89
C ASN A 73 -14.88 3.24 -3.25
N PHE A 74 -14.76 2.84 -1.98
CA PHE A 74 -15.85 2.31 -1.16
C PHE A 74 -17.05 3.28 -1.13
N ASN A 75 -16.80 4.59 -1.24
CA ASN A 75 -17.83 5.63 -1.23
C ASN A 75 -18.61 5.69 -2.53
N ASN A 76 -18.14 5.01 -3.58
CA ASN A 76 -18.69 5.06 -4.92
C ASN A 76 -18.78 3.65 -5.51
N THR A 77 -18.66 2.59 -4.68
CA THR A 77 -18.88 1.22 -5.13
C THR A 77 -19.64 0.45 -4.05
N SER A 78 -19.86 -0.85 -4.25
CA SER A 78 -20.52 -1.71 -3.26
C SER A 78 -19.46 -2.23 -2.30
N GLU A 79 -19.85 -2.68 -1.10
CA GLU A 79 -18.91 -3.28 -0.16
C GLU A 79 -18.25 -4.50 -0.81
N ALA A 80 -19.03 -5.28 -1.57
CA ALA A 80 -18.53 -6.46 -2.25
C ALA A 80 -17.43 -6.13 -3.23
N GLU A 81 -17.73 -5.28 -4.22
CA GLU A 81 -16.76 -4.82 -5.21
C GLU A 81 -15.58 -4.17 -4.52
N GLY A 82 -15.84 -3.50 -3.40
CA GLY A 82 -14.83 -2.73 -2.68
C GLY A 82 -13.79 -3.67 -2.10
N ASP A 83 -14.22 -4.65 -1.33
CA ASP A 83 -13.30 -5.62 -0.74
C ASP A 83 -12.61 -6.44 -1.83
N ARG A 84 -13.32 -6.73 -2.92
CA ARG A 84 -12.74 -7.45 -4.06
C ARG A 84 -11.54 -6.69 -4.61
N ASP A 85 -11.76 -5.46 -5.04
CA ASP A 85 -10.74 -4.67 -5.71
C ASP A 85 -9.64 -4.27 -4.74
N LEU A 86 -9.96 -4.13 -3.46
CA LEU A 86 -8.99 -3.88 -2.41
C LEU A 86 -8.01 -5.05 -2.36
N ALA A 87 -8.54 -6.29 -2.34
CA ALA A 87 -7.73 -7.49 -2.34
C ALA A 87 -6.95 -7.61 -3.63
N ALA A 88 -7.57 -7.24 -4.75
CA ALA A 88 -6.97 -7.31 -6.08
C ALA A 88 -5.73 -6.42 -6.13
N ALA A 89 -5.85 -5.19 -5.65
CA ALA A 89 -4.77 -4.22 -5.58
C ALA A 89 -3.59 -4.85 -4.85
N TYR A 90 -3.85 -5.40 -3.65
CA TYR A 90 -2.77 -5.99 -2.89
C TYR A 90 -2.14 -7.18 -3.62
N ARG A 91 -2.96 -8.03 -4.25
CA ARG A 91 -2.46 -9.20 -4.97
C ARG A 91 -1.54 -8.77 -6.11
N ALA A 92 -1.90 -7.68 -6.78
CA ALA A 92 -1.10 -7.14 -7.85
C ALA A 92 0.24 -6.68 -7.29
N VAL A 93 0.26 -5.95 -6.16
CA VAL A 93 1.52 -5.55 -5.54
C VAL A 93 2.37 -6.79 -5.30
N ALA A 94 1.81 -7.77 -4.58
CA ALA A 94 2.47 -9.02 -4.25
C ALA A 94 3.12 -9.67 -5.47
N ALA A 95 2.45 -9.62 -6.62
CA ALA A 95 3.05 -10.11 -7.85
C ALA A 95 4.31 -9.31 -8.17
N GLU A 96 4.19 -7.98 -8.25
CA GLU A 96 5.29 -7.08 -8.52
C GLU A 96 6.46 -7.27 -7.55
N ILE A 97 6.23 -7.67 -6.29
CA ILE A 97 7.30 -7.98 -5.36
C ILE A 97 8.18 -9.07 -5.96
N ASN A 98 7.55 -10.18 -6.30
CA ASN A 98 8.29 -11.34 -6.79
C ASN A 98 8.90 -11.00 -8.15
N ARG A 99 8.17 -10.19 -8.93
CA ARG A 99 8.46 -9.86 -10.32
C ARG A 99 9.75 -9.04 -10.40
N LEU A 100 9.88 -8.04 -9.53
CA LEU A 100 11.08 -7.23 -9.40
C LEU A 100 12.12 -7.94 -8.54
N SER A 101 11.71 -8.97 -7.79
CA SER A 101 12.55 -9.80 -6.95
C SER A 101 13.13 -9.00 -5.79
N ILE A 102 12.22 -8.33 -5.08
CA ILE A 102 12.48 -7.50 -3.92
C ILE A 102 12.74 -8.38 -2.69
N SER A 103 13.45 -7.82 -1.71
CA SER A 103 13.71 -8.50 -0.43
C SER A 103 13.04 -7.77 0.74
N SER A 104 12.61 -6.52 0.59
CA SER A 104 11.90 -5.80 1.62
C SER A 104 11.04 -4.72 0.96
N VAL A 105 9.84 -4.48 1.48
CA VAL A 105 9.01 -3.41 0.95
C VAL A 105 8.11 -2.83 2.03
N ALA A 106 7.94 -1.51 1.96
CA ALA A 106 7.04 -0.79 2.84
C ALA A 106 5.65 -0.77 2.20
N ILE A 107 4.62 -1.06 3.00
CA ILE A 107 3.23 -1.12 2.57
C ILE A 107 2.41 -0.34 3.60
N PRO A 108 1.86 0.82 3.24
CA PRO A 108 1.00 1.57 4.15
C PRO A 108 -0.36 0.86 4.24
N LEU A 109 -1.03 0.97 5.39
CA LEU A 109 -2.42 0.52 5.45
C LEU A 109 -3.22 1.30 4.40
N LEU A 110 -3.63 0.64 3.32
CA LEU A 110 -4.61 1.22 2.42
C LEU A 110 -5.96 1.31 3.14
N SER A 111 -6.93 1.93 2.48
CA SER A 111 -8.19 2.33 3.08
C SER A 111 -7.92 3.40 4.13
N THR A 112 -7.67 4.62 3.69
CA THR A 112 -7.58 5.79 4.56
C THR A 112 -7.67 7.03 3.66
N GLY A 113 -7.84 8.21 4.24
CA GLY A 113 -7.81 9.46 3.50
C GLY A 113 -9.06 9.60 2.65
N ILE A 114 -9.04 9.02 1.44
CA ILE A 114 -10.13 9.08 0.48
C ILE A 114 -10.69 7.69 0.17
N PHE A 115 -10.32 6.67 0.94
CA PHE A 115 -10.76 5.31 0.71
C PHE A 115 -11.29 4.69 2.01
N SER A 116 -12.19 5.38 2.71
CA SER A 116 -12.77 4.83 3.93
C SER A 116 -14.22 5.28 4.08
N ALA A 117 -15.10 4.80 3.20
CA ALA A 117 -16.52 5.06 3.34
C ALA A 117 -17.09 4.10 4.39
N GLY A 118 -16.79 4.34 5.66
CA GLY A 118 -17.20 3.45 6.74
C GLY A 118 -16.53 2.08 6.63
N LYS A 119 -15.21 2.06 6.39
CA LYS A 119 -14.46 0.82 6.46
C LYS A 119 -14.32 0.42 7.93
N ASP A 120 -14.03 -0.85 8.21
CA ASP A 120 -13.85 -1.34 9.57
C ASP A 120 -12.63 -0.71 10.25
N ARG A 121 -11.43 -1.26 10.01
CA ARG A 121 -10.27 -0.91 10.81
C ARG A 121 -9.01 -1.34 10.06
N VAL A 122 -7.83 -0.99 10.59
CA VAL A 122 -6.57 -1.37 9.98
C VAL A 122 -6.49 -2.88 9.84
N HIS A 123 -6.88 -3.64 10.85
CA HIS A 123 -6.86 -5.09 10.78
C HIS A 123 -7.63 -5.59 9.56
N GLN A 124 -8.71 -4.91 9.18
CA GLN A 124 -9.53 -5.37 8.07
C GLN A 124 -8.79 -5.07 6.78
N SER A 125 -8.35 -3.82 6.60
CA SER A 125 -7.82 -3.48 5.29
C SER A 125 -6.46 -4.15 5.10
N LEU A 126 -5.76 -4.43 6.20
CA LEU A 126 -4.51 -5.14 6.22
C LEU A 126 -4.71 -6.64 6.18
N SER A 127 -5.88 -7.18 6.54
CA SER A 127 -6.10 -8.61 6.37
C SER A 127 -5.87 -9.00 4.92
N HIS A 128 -6.40 -8.22 3.98
CA HIS A 128 -6.20 -8.56 2.57
C HIS A 128 -4.78 -8.20 2.14
N LEU A 129 -4.22 -7.09 2.63
CA LEU A 129 -2.89 -6.69 2.19
C LEU A 129 -1.85 -7.73 2.59
N LEU A 130 -1.94 -8.24 3.82
CA LEU A 130 -1.10 -9.33 4.27
C LEU A 130 -1.41 -10.56 3.44
N ALA A 131 -2.64 -11.06 3.39
CA ALA A 131 -2.93 -12.31 2.69
C ALA A 131 -2.34 -12.34 1.27
N ALA A 132 -2.38 -11.22 0.57
CA ALA A 132 -1.75 -11.03 -0.72
C ALA A 132 -0.22 -11.07 -0.61
N MET A 133 0.39 -10.24 0.21
CA MET A 133 1.83 -10.13 0.31
C MET A 133 2.45 -11.38 0.94
N ASP A 134 1.64 -12.21 1.59
CA ASP A 134 2.00 -13.47 2.22
C ASP A 134 2.27 -14.51 1.12
N THR A 135 1.74 -14.27 -0.09
CA THR A 135 2.08 -15.11 -1.24
C THR A 135 3.53 -14.90 -1.69
N THR A 136 4.21 -13.85 -1.22
CA THR A 136 5.57 -13.53 -1.62
C THR A 136 6.53 -13.97 -0.52
N GLU A 137 7.83 -13.72 -0.69
CA GLU A 137 8.82 -14.04 0.33
C GLU A 137 9.66 -12.82 0.69
N ALA A 138 9.17 -11.61 0.40
CA ALA A 138 9.87 -10.40 0.80
C ALA A 138 9.39 -9.95 2.19
N ARG A 139 10.23 -9.19 2.90
CA ARG A 139 9.85 -8.62 4.19
C ARG A 139 8.73 -7.60 3.98
N VAL A 140 7.85 -7.45 4.98
CA VAL A 140 6.71 -6.55 4.85
C VAL A 140 6.64 -5.65 6.08
N THR A 141 6.66 -4.36 5.80
CA THR A 141 6.71 -3.34 6.83
C THR A 141 5.42 -2.57 6.77
N ILE A 142 4.51 -2.80 7.71
CA ILE A 142 3.23 -2.14 7.69
C ILE A 142 3.46 -0.74 8.26
N TYR A 143 3.25 0.30 7.46
CA TYR A 143 3.41 1.65 7.94
C TYR A 143 2.13 2.06 8.67
N CYS A 144 2.31 2.84 9.74
CA CYS A 144 1.23 3.45 10.48
C CYS A 144 0.75 4.68 9.70
N ARG A 145 0.22 5.68 10.41
CA ARG A 145 -0.29 6.89 9.77
C ARG A 145 0.17 8.15 10.48
N ASP A 146 1.13 8.03 11.40
CA ASP A 146 1.61 9.08 12.30
C ASP A 146 2.48 8.41 13.37
N LYS A 147 1.79 7.83 14.36
CA LYS A 147 2.31 7.19 15.56
C LYS A 147 1.19 6.66 16.45
N THR A 148 0.07 7.38 16.60
CA THR A 148 -1.06 6.82 17.35
C THR A 148 -1.54 5.52 16.69
N TRP A 149 -1.50 5.44 15.37
CA TRP A 149 -1.84 4.22 14.67
C TRP A 149 -0.94 3.05 15.08
N GLU A 150 0.31 3.29 15.50
CA GLU A 150 1.18 2.23 15.99
C GLU A 150 0.55 1.48 17.16
N GLN A 151 -0.20 2.16 18.02
CA GLN A 151 -0.84 1.49 19.14
C GLN A 151 -1.81 0.44 18.63
N LYS A 152 -2.65 0.81 17.65
CA LYS A 152 -3.60 -0.13 17.07
C LYS A 152 -2.85 -1.26 16.36
N ILE A 153 -1.95 -0.92 15.46
CA ILE A 153 -1.23 -1.90 14.64
C ILE A 153 -0.43 -2.85 15.52
N LYS A 154 0.10 -2.37 16.65
CA LYS A 154 0.77 -3.20 17.64
C LYS A 154 -0.18 -4.26 18.16
N THR A 155 -1.28 -3.85 18.81
CA THR A 155 -2.19 -4.84 19.39
C THR A 155 -2.79 -5.74 18.31
N VAL A 156 -2.95 -5.24 17.09
CA VAL A 156 -3.47 -6.02 15.97
C VAL A 156 -2.49 -7.11 15.57
N LEU A 157 -1.25 -6.74 15.24
CA LEU A 157 -0.20 -7.69 14.86
C LEU A 157 -0.03 -8.75 15.94
N GLN A 158 -0.15 -8.38 17.22
CA GLN A 158 -0.17 -9.34 18.31
C GLN A 158 -1.42 -10.23 18.28
N ASN A 159 -2.59 -9.66 18.03
CA ASN A 159 -3.85 -10.41 18.13
C ASN A 159 -4.07 -11.34 16.94
N ARG A 160 -3.41 -11.06 15.81
CA ARG A 160 -3.66 -11.75 14.55
C ARG A 160 -2.63 -12.84 14.32
N ALA A 2 10.89 -16.04 1.86
CA ALA A 2 10.78 -15.96 3.32
C ALA A 2 10.50 -14.51 3.72
N PRO A 3 9.22 -14.11 3.80
CA PRO A 3 8.88 -12.74 4.13
C PRO A 3 9.01 -12.52 5.65
N ALA A 4 8.81 -11.28 6.09
CA ALA A 4 8.83 -10.94 7.50
C ALA A 4 7.86 -9.79 7.72
N TYR A 5 7.03 -9.86 8.76
CA TYR A 5 6.00 -8.86 9.04
C TYR A 5 6.57 -7.86 10.04
N THR A 6 6.32 -6.57 9.87
CA THR A 6 6.85 -5.51 10.73
C THR A 6 5.95 -4.28 10.59
N VAL A 7 6.19 -3.24 11.38
CA VAL A 7 5.51 -1.96 11.31
C VAL A 7 6.54 -0.87 11.59
N LYS A 8 6.32 0.34 11.06
CA LYS A 8 7.14 1.48 11.42
C LYS A 8 6.26 2.71 11.53
N ARG A 9 6.56 3.59 12.48
CA ARG A 9 5.73 4.76 12.76
C ARG A 9 6.38 5.97 12.09
N ALA A 10 5.88 6.35 10.91
CA ALA A 10 6.45 7.38 10.06
C ALA A 10 5.55 7.51 8.83
N ASP A 11 5.69 8.61 8.08
CA ASP A 11 5.08 8.69 6.76
C ASP A 11 5.64 7.57 5.90
N ILE A 12 4.76 6.82 5.23
CA ILE A 12 5.17 5.93 4.15
C ILE A 12 5.78 6.79 3.04
N ALA A 13 7.10 6.93 3.09
CA ALA A 13 7.94 7.58 2.10
C ALA A 13 9.39 7.48 2.57
N THR A 14 9.64 7.79 3.85
CA THR A 14 10.98 7.79 4.39
C THR A 14 11.35 6.38 4.87
N ALA A 15 10.99 5.38 4.08
CA ALA A 15 11.36 4.00 4.29
C ALA A 15 12.81 3.79 3.85
N ILE A 16 13.34 2.59 4.06
CA ILE A 16 14.67 2.21 3.62
C ILE A 16 14.61 0.86 2.89
N GLU A 17 13.42 0.46 2.44
CA GLU A 17 13.22 -0.82 1.79
C GLU A 17 13.56 -0.66 0.30
N ASP A 18 13.91 -1.77 -0.37
CA ASP A 18 14.33 -1.76 -1.78
C ASP A 18 13.20 -1.25 -2.68
N ALA A 19 11.98 -1.45 -2.22
CA ALA A 19 10.77 -1.03 -2.89
C ALA A 19 9.87 -0.36 -1.88
N VAL A 20 9.00 0.53 -2.36
CA VAL A 20 8.10 1.31 -1.54
C VAL A 20 6.76 1.24 -2.26
N VAL A 21 5.66 1.05 -1.55
CA VAL A 21 4.34 1.02 -2.16
C VAL A 21 3.58 2.26 -1.71
N ASN A 22 2.75 2.82 -2.59
CA ASN A 22 1.95 3.99 -2.28
C ASN A 22 0.49 3.55 -2.19
N ALA A 23 -0.28 4.15 -1.28
CA ALA A 23 -1.72 4.18 -1.45
C ALA A 23 -2.01 5.21 -2.53
N ALA A 24 -1.99 4.80 -3.79
CA ALA A 24 -2.27 5.69 -4.90
C ALA A 24 -3.78 5.76 -5.10
N ASN A 25 -4.24 6.87 -5.67
CA ASN A 25 -5.66 7.13 -5.78
C ASN A 25 -6.32 6.26 -6.83
N HIS A 26 -5.89 6.44 -8.08
CA HIS A 26 -6.51 5.94 -9.30
C HIS A 26 -5.97 6.80 -10.44
N ARG A 27 -5.72 6.21 -11.61
CA ARG A 27 -5.34 6.89 -12.84
C ARG A 27 -4.10 7.81 -12.73
N GLY A 28 -3.26 7.64 -11.70
CA GLY A 28 -2.07 8.48 -11.54
C GLY A 28 -2.41 9.86 -10.96
N GLN A 29 -3.66 10.07 -10.55
CA GLN A 29 -4.11 11.31 -9.96
C GLN A 29 -3.37 11.52 -8.64
N VAL A 30 -2.61 12.61 -8.56
CA VAL A 30 -1.85 12.96 -7.37
C VAL A 30 -2.63 14.02 -6.59
N GLY A 31 -3.34 13.59 -5.55
CA GLY A 31 -4.11 14.46 -4.67
C GLY A 31 -4.94 13.56 -3.77
N ASP A 32 -5.28 14.00 -2.55
CA ASP A 32 -6.04 13.20 -1.58
C ASP A 32 -5.54 11.75 -1.52
N GLY A 33 -4.23 11.57 -1.43
CA GLY A 33 -3.56 10.28 -1.48
C GLY A 33 -2.76 10.06 -0.20
N VAL A 34 -1.54 9.52 -0.30
CA VAL A 34 -0.63 9.40 0.83
C VAL A 34 -0.34 10.79 1.42
N CYS A 35 0.63 11.52 0.87
CA CYS A 35 1.00 12.87 1.28
C CYS A 35 2.19 13.33 0.42
N ARG A 36 2.62 14.58 0.60
CA ARG A 36 3.86 15.08 0.00
C ARG A 36 5.06 14.22 0.36
N ALA A 37 5.00 13.46 1.45
CA ALA A 37 6.08 12.58 1.88
C ALA A 37 6.66 11.80 0.69
N VAL A 38 5.81 11.09 -0.05
CA VAL A 38 6.22 10.35 -1.24
C VAL A 38 6.43 11.32 -2.39
N ALA A 39 5.53 12.30 -2.56
CA ALA A 39 5.55 13.24 -3.69
C ALA A 39 6.60 14.36 -3.48
N ARG A 40 7.83 13.95 -3.16
CA ARG A 40 9.03 14.73 -2.98
C ARG A 40 10.18 13.95 -3.63
N LYS A 41 10.38 12.67 -3.26
CA LYS A 41 11.51 11.89 -3.74
C LYS A 41 11.13 10.99 -4.92
N TRP A 42 9.89 11.07 -5.41
CA TRP A 42 9.42 10.18 -6.46
C TRP A 42 8.77 10.94 -7.62
N PRO A 43 9.47 11.93 -8.20
CA PRO A 43 8.91 12.76 -9.26
C PRO A 43 8.68 11.95 -10.54
N GLN A 44 9.72 11.28 -11.04
CA GLN A 44 9.62 10.55 -12.29
C GLN A 44 8.73 9.32 -12.12
N ALA A 45 8.73 8.72 -10.92
CA ALA A 45 7.82 7.64 -10.62
C ALA A 45 6.36 8.10 -10.75
N PHE A 46 6.04 9.29 -10.25
CA PHE A 46 4.67 9.80 -10.32
C PHE A 46 4.29 10.20 -11.75
N ARG A 47 5.23 10.24 -12.70
CA ARG A 47 4.92 10.49 -14.10
C ARG A 47 4.35 9.20 -14.66
N ASN A 48 3.23 9.32 -15.39
CA ASN A 48 2.58 8.21 -16.07
C ASN A 48 2.27 7.02 -15.14
N ALA A 49 2.00 7.29 -13.86
CA ALA A 49 1.64 6.27 -12.89
C ALA A 49 0.13 6.05 -12.91
N ALA A 50 -0.41 5.79 -14.10
CA ALA A 50 -1.84 5.65 -14.30
C ALA A 50 -2.21 4.17 -14.38
N THR A 51 -3.21 3.77 -13.61
CA THR A 51 -3.65 2.39 -13.51
C THR A 51 -5.05 2.39 -12.88
N PRO A 52 -5.91 1.43 -13.25
CA PRO A 52 -7.27 1.31 -12.73
C PRO A 52 -7.23 0.80 -11.29
N VAL A 53 -8.41 0.55 -10.71
CA VAL A 53 -8.52 0.05 -9.34
C VAL A 53 -8.19 -1.43 -9.31
N GLY A 54 -7.76 -1.94 -8.16
CA GLY A 54 -7.59 -3.37 -7.94
C GLY A 54 -6.32 -3.88 -8.59
N THR A 55 -5.33 -3.01 -8.77
CA THR A 55 -4.05 -3.40 -9.33
C THR A 55 -2.97 -2.49 -8.75
N ALA A 56 -1.72 -2.75 -9.10
CA ALA A 56 -0.57 -2.03 -8.62
C ALA A 56 0.38 -1.84 -9.81
N LYS A 57 1.01 -0.67 -9.95
CA LYS A 57 1.87 -0.42 -11.10
C LYS A 57 3.24 -0.01 -10.57
N THR A 58 4.29 -0.68 -11.04
CA THR A 58 5.64 -0.34 -10.66
C THR A 58 6.16 0.70 -11.65
N VAL A 59 6.95 1.64 -11.12
CA VAL A 59 7.69 2.63 -11.87
C VAL A 59 9.08 2.72 -11.22
N LYS A 60 10.10 3.09 -11.97
CA LYS A 60 11.44 3.24 -11.43
C LYS A 60 11.65 4.72 -11.14
N CYS A 61 12.07 5.07 -9.93
CA CYS A 61 12.47 6.46 -9.67
C CYS A 61 13.80 6.73 -10.35
N ASP A 62 14.76 5.86 -10.06
CA ASP A 62 16.15 5.89 -10.47
C ASP A 62 16.65 4.48 -10.16
N GLU A 63 16.84 4.20 -8.87
CA GLU A 63 17.43 2.97 -8.38
C GLU A 63 16.58 2.42 -7.23
N THR A 64 15.26 2.44 -7.43
CA THR A 64 14.33 1.85 -6.49
C THR A 64 13.07 1.47 -7.26
N TYR A 65 12.45 0.36 -6.86
CA TYR A 65 11.25 -0.12 -7.50
C TYR A 65 10.08 0.33 -6.66
N ILE A 66 9.47 1.46 -7.02
CA ILE A 66 8.32 1.93 -6.29
C ILE A 66 7.08 1.44 -7.01
N ILE A 67 6.04 1.13 -6.26
CA ILE A 67 4.82 0.55 -6.73
C ILE A 67 3.72 1.48 -6.25
N HIS A 68 2.66 1.67 -7.02
CA HIS A 68 1.51 2.41 -6.58
C HIS A 68 0.35 1.44 -6.64
N ALA A 69 -0.35 1.22 -5.53
CA ALA A 69 -1.54 0.40 -5.53
C ALA A 69 -2.73 1.34 -5.76
N VAL A 70 -3.88 0.81 -6.18
CA VAL A 70 -5.08 1.62 -6.32
C VAL A 70 -6.23 0.96 -5.56
N GLY A 71 -6.73 1.64 -4.53
CA GLY A 71 -7.80 1.15 -3.68
C GLY A 71 -9.17 1.61 -4.19
N PRO A 72 -10.23 0.83 -3.96
CA PRO A 72 -11.56 1.12 -4.46
C PRO A 72 -12.27 2.18 -3.64
N ASN A 73 -13.14 2.92 -4.32
CA ASN A 73 -13.90 3.97 -3.67
C ASN A 73 -15.16 3.37 -3.07
N PHE A 74 -15.08 2.90 -1.82
CA PHE A 74 -16.24 2.41 -1.09
C PHE A 74 -17.38 3.44 -1.01
N ASN A 75 -17.07 4.74 -1.14
CA ASN A 75 -18.10 5.78 -1.11
C ASN A 75 -18.91 5.76 -2.40
N ASN A 76 -18.32 5.21 -3.47
CA ASN A 76 -18.85 5.22 -4.81
C ASN A 76 -18.91 3.79 -5.38
N THR A 77 -18.80 2.75 -4.54
CA THR A 77 -19.03 1.38 -4.98
C THR A 77 -19.64 0.57 -3.84
N SER A 78 -20.18 -0.60 -4.15
CA SER A 78 -20.80 -1.44 -3.14
C SER A 78 -19.70 -2.08 -2.29
N GLU A 79 -19.98 -2.36 -1.00
CA GLU A 79 -18.99 -2.98 -0.13
C GLU A 79 -18.42 -4.26 -0.74
N ALA A 80 -19.22 -5.01 -1.48
CA ALA A 80 -18.77 -6.23 -2.15
C ALA A 80 -17.63 -5.93 -3.13
N GLU A 81 -17.88 -5.03 -4.07
CA GLU A 81 -16.90 -4.62 -5.06
C GLU A 81 -15.70 -4.00 -4.37
N GLY A 82 -15.92 -3.31 -3.25
CA GLY A 82 -14.89 -2.54 -2.59
C GLY A 82 -13.93 -3.49 -1.87
N ASP A 83 -14.45 -4.50 -1.21
CA ASP A 83 -13.62 -5.46 -0.52
C ASP A 83 -12.86 -6.29 -1.55
N ARG A 84 -13.52 -6.66 -2.65
CA ARG A 84 -12.88 -7.43 -3.71
C ARG A 84 -11.74 -6.66 -4.34
N ASP A 85 -11.97 -5.42 -4.77
CA ASP A 85 -10.96 -4.59 -5.43
C ASP A 85 -9.84 -4.25 -4.46
N LEU A 86 -10.14 -4.07 -3.18
CA LEU A 86 -9.13 -3.83 -2.15
C LEU A 86 -8.20 -5.04 -2.07
N ALA A 87 -8.77 -6.24 -2.10
CA ALA A 87 -8.00 -7.47 -2.07
C ALA A 87 -7.17 -7.60 -3.34
N ALA A 88 -7.73 -7.17 -4.48
CA ALA A 88 -7.05 -7.20 -5.77
C ALA A 88 -5.86 -6.25 -5.78
N ALA A 89 -6.02 -5.05 -5.21
CA ALA A 89 -4.98 -4.04 -5.13
C ALA A 89 -3.79 -4.63 -4.37
N TYR A 90 -4.05 -5.16 -3.18
CA TYR A 90 -3.01 -5.78 -2.40
C TYR A 90 -2.38 -6.97 -3.10
N ARG A 91 -3.18 -7.83 -3.73
CA ARG A 91 -2.66 -8.99 -4.43
C ARG A 91 -1.71 -8.55 -5.53
N ALA A 92 -2.05 -7.48 -6.25
CA ALA A 92 -1.20 -6.94 -7.27
C ALA A 92 0.10 -6.42 -6.67
N VAL A 93 0.06 -5.76 -5.50
CA VAL A 93 1.29 -5.34 -4.85
C VAL A 93 2.17 -6.56 -4.61
N ALA A 94 1.64 -7.58 -3.91
CA ALA A 94 2.33 -8.82 -3.62
C ALA A 94 2.95 -9.43 -4.87
N ALA A 95 2.26 -9.33 -6.00
CA ALA A 95 2.82 -9.77 -7.26
C ALA A 95 4.07 -8.94 -7.56
N GLU A 96 3.98 -7.61 -7.58
CA GLU A 96 5.11 -6.74 -7.86
C GLU A 96 6.33 -7.02 -6.96
N ILE A 97 6.13 -7.42 -5.71
CA ILE A 97 7.21 -7.81 -4.80
C ILE A 97 8.05 -8.89 -5.46
N ASN A 98 7.40 -9.96 -5.91
CA ASN A 98 8.10 -11.03 -6.61
C ASN A 98 8.56 -10.56 -8.00
N ARG A 99 7.77 -9.73 -8.66
CA ARG A 99 7.91 -9.41 -10.08
C ARG A 99 9.23 -8.68 -10.31
N LEU A 100 9.53 -7.73 -9.44
CA LEU A 100 10.78 -6.99 -9.47
C LEU A 100 11.86 -7.74 -8.68
N SER A 101 11.47 -8.68 -7.82
CA SER A 101 12.38 -9.50 -7.02
C SER A 101 13.22 -8.63 -6.10
N ILE A 102 12.62 -8.14 -5.01
CA ILE A 102 13.33 -7.35 -4.03
C ILE A 102 13.44 -8.09 -2.69
N SER A 103 14.34 -7.60 -1.83
CA SER A 103 14.59 -8.20 -0.53
C SER A 103 13.67 -7.61 0.52
N SER A 104 13.18 -6.38 0.35
CA SER A 104 12.35 -5.69 1.32
C SER A 104 11.43 -4.72 0.61
N VAL A 105 10.23 -4.50 1.15
CA VAL A 105 9.27 -3.58 0.56
C VAL A 105 8.36 -2.99 1.64
N ALA A 106 8.07 -1.70 1.52
CA ALA A 106 7.14 -1.00 2.40
C ALA A 106 5.75 -1.11 1.82
N ILE A 107 4.72 -1.35 2.64
CA ILE A 107 3.35 -1.50 2.17
C ILE A 107 2.42 -0.74 3.12
N PRO A 108 1.78 0.35 2.65
CA PRO A 108 0.89 1.12 3.49
C PRO A 108 -0.42 0.37 3.69
N LEU A 109 -1.10 0.64 4.81
CA LEU A 109 -2.48 0.23 4.95
C LEU A 109 -3.31 1.03 3.95
N LEU A 110 -3.88 0.37 2.92
CA LEU A 110 -4.87 0.98 2.04
C LEU A 110 -6.12 1.36 2.86
N SER A 111 -6.12 2.57 3.40
CA SER A 111 -7.31 3.26 3.85
C SER A 111 -7.02 4.76 3.67
N THR A 112 -7.17 5.25 2.44
CA THR A 112 -6.98 6.67 2.18
C THR A 112 -8.33 7.31 2.40
N GLY A 113 -8.41 8.44 3.12
CA GLY A 113 -9.67 9.04 3.55
C GLY A 113 -10.45 9.64 2.38
N ILE A 114 -11.02 8.77 1.55
CA ILE A 114 -11.72 8.98 0.28
C ILE A 114 -12.01 7.56 -0.22
N PHE A 115 -10.98 6.70 -0.36
CA PHE A 115 -11.10 5.29 -0.71
C PHE A 115 -11.23 4.42 0.55
N SER A 116 -12.15 4.80 1.43
CA SER A 116 -12.46 4.02 2.63
C SER A 116 -13.95 4.01 2.91
N ALA A 117 -14.59 5.19 2.93
CA ALA A 117 -15.99 5.38 3.26
C ALA A 117 -16.47 4.52 4.44
N GLY A 118 -15.68 4.42 5.52
CA GLY A 118 -16.08 3.64 6.69
C GLY A 118 -15.14 2.46 6.91
N LYS A 119 -14.64 1.85 5.84
CA LYS A 119 -13.58 0.85 5.89
C LYS A 119 -12.23 1.52 6.19
N ASP A 120 -12.11 2.14 7.36
CA ASP A 120 -10.90 2.82 7.80
C ASP A 120 -10.34 1.96 8.93
N ARG A 121 -10.28 0.66 8.67
CA ARG A 121 -9.94 -0.36 9.64
C ARG A 121 -8.76 -1.11 9.08
N VAL A 122 -7.63 -1.02 9.75
CA VAL A 122 -6.44 -1.73 9.31
C VAL A 122 -6.71 -3.24 9.35
N HIS A 123 -7.37 -3.73 10.39
CA HIS A 123 -7.72 -5.15 10.49
C HIS A 123 -8.70 -5.61 9.38
N GLN A 124 -9.27 -4.70 8.59
CA GLN A 124 -9.83 -5.09 7.31
C GLN A 124 -8.69 -5.16 6.29
N SER A 125 -8.05 -4.03 6.01
CA SER A 125 -7.24 -3.93 4.82
C SER A 125 -6.01 -4.83 4.93
N LEU A 126 -5.24 -4.68 6.01
CA LEU A 126 -4.09 -5.49 6.34
C LEU A 126 -4.44 -6.98 6.34
N SER A 127 -5.66 -7.41 6.65
CA SER A 127 -5.96 -8.83 6.54
C SER A 127 -6.02 -9.25 5.07
N HIS A 128 -6.63 -8.44 4.20
CA HIS A 128 -6.56 -8.71 2.76
C HIS A 128 -5.13 -8.60 2.23
N LEU A 129 -4.30 -7.76 2.85
CA LEU A 129 -2.89 -7.67 2.49
C LEU A 129 -2.25 -9.00 2.80
N LEU A 130 -2.21 -9.40 4.06
CA LEU A 130 -1.58 -10.61 4.56
C LEU A 130 -1.95 -11.81 3.69
N ALA A 131 -3.21 -11.95 3.26
CA ALA A 131 -3.63 -13.06 2.42
C ALA A 131 -2.72 -13.29 1.19
N ALA A 132 -2.30 -12.20 0.54
CA ALA A 132 -1.47 -12.20 -0.65
C ALA A 132 0.01 -12.00 -0.31
N MET A 133 0.30 -11.11 0.61
CA MET A 133 1.65 -10.79 1.03
C MET A 133 2.31 -12.03 1.65
N ASP A 134 1.53 -12.93 2.22
CA ASP A 134 2.08 -14.16 2.78
C ASP A 134 2.74 -14.99 1.69
N THR A 135 2.32 -14.80 0.44
CA THR A 135 2.90 -15.50 -0.70
C THR A 135 4.24 -14.89 -1.13
N THR A 136 4.53 -13.64 -0.77
CA THR A 136 5.78 -13.01 -1.15
C THR A 136 6.94 -13.60 -0.36
N GLU A 137 8.16 -13.23 -0.72
CA GLU A 137 9.33 -13.76 -0.07
C GLU A 137 10.23 -12.66 0.48
N ALA A 138 9.74 -11.42 0.54
CA ALA A 138 10.53 -10.25 0.92
C ALA A 138 10.06 -9.70 2.28
N ARG A 139 10.89 -8.91 2.94
CA ARG A 139 10.46 -8.23 4.16
C ARG A 139 9.30 -7.30 3.82
N VAL A 140 8.41 -7.08 4.78
CA VAL A 140 7.15 -6.42 4.60
C VAL A 140 7.00 -5.56 5.82
N THR A 141 7.05 -4.25 5.61
CA THR A 141 7.01 -3.31 6.69
C THR A 141 5.78 -2.48 6.43
N ILE A 142 4.78 -2.62 7.30
CA ILE A 142 3.51 -1.95 7.13
C ILE A 142 3.70 -0.52 7.63
N TYR A 143 3.05 0.44 6.97
CA TYR A 143 3.12 1.83 7.39
C TYR A 143 1.71 2.39 7.50
N CYS A 144 1.57 3.40 8.35
CA CYS A 144 0.33 4.09 8.63
C CYS A 144 0.71 5.50 9.11
N ARG A 145 -0.27 6.38 9.31
CA ARG A 145 0.00 7.69 9.88
C ARG A 145 0.71 7.50 11.22
N ASP A 146 1.71 8.35 11.49
CA ASP A 146 2.69 8.20 12.57
C ASP A 146 2.11 8.58 13.93
N LYS A 147 1.10 7.83 14.38
CA LYS A 147 0.28 8.23 15.51
C LYS A 147 -0.07 7.00 16.34
N THR A 148 -0.95 7.14 17.32
CA THR A 148 -1.43 6.03 18.13
C THR A 148 -2.07 4.93 17.28
N TRP A 149 -2.50 5.25 16.05
CA TRP A 149 -2.98 4.23 15.12
C TRP A 149 -1.95 3.11 14.99
N GLU A 150 -0.66 3.44 14.92
CA GLU A 150 0.42 2.48 14.82
C GLU A 150 0.30 1.39 15.89
N GLN A 151 -0.11 1.76 17.11
CA GLN A 151 -0.32 0.78 18.16
C GLN A 151 -1.36 -0.26 17.74
N LYS A 152 -2.45 0.14 17.09
CA LYS A 152 -3.47 -0.80 16.65
C LYS A 152 -2.90 -1.70 15.56
N ILE A 153 -2.17 -1.13 14.60
CA ILE A 153 -1.51 -1.93 13.57
C ILE A 153 -0.61 -3.00 14.21
N LYS A 154 0.22 -2.61 15.17
CA LYS A 154 1.23 -3.45 15.81
C LYS A 154 0.58 -4.55 16.63
N THR A 155 -0.40 -4.20 17.47
CA THR A 155 -1.13 -5.16 18.28
C THR A 155 -1.79 -6.20 17.39
N VAL A 156 -2.33 -5.80 16.23
CA VAL A 156 -2.86 -6.75 15.26
C VAL A 156 -1.75 -7.64 14.72
N LEU A 157 -0.62 -7.08 14.28
CA LEU A 157 0.53 -7.85 13.78
C LEU A 157 0.98 -8.91 14.80
N GLN A 158 0.85 -8.64 16.10
CA GLN A 158 1.15 -9.57 17.17
C GLN A 158 0.01 -10.59 17.37
N ASN A 159 -1.25 -10.18 17.27
CA ASN A 159 -2.41 -11.02 17.56
C ASN A 159 -2.68 -12.04 16.46
N ARG A 160 -2.39 -11.68 15.21
CA ARG A 160 -2.74 -12.44 14.03
C ARG A 160 -1.98 -13.76 13.98
N ALA A 2 10.62 -17.16 4.50
CA ALA A 2 9.36 -16.62 5.00
C ALA A 2 9.51 -15.12 5.19
N PRO A 3 8.44 -14.34 4.94
CA PRO A 3 8.42 -12.91 5.19
C PRO A 3 8.32 -12.64 6.70
N ALA A 4 8.31 -11.37 7.10
CA ALA A 4 8.13 -10.96 8.48
C ALA A 4 7.51 -9.57 8.47
N TYR A 5 6.72 -9.24 9.48
CA TYR A 5 5.95 -8.00 9.55
C TYR A 5 6.62 -7.03 10.52
N THR A 6 6.25 -5.75 10.44
CA THR A 6 6.90 -4.69 11.20
C THR A 6 5.94 -3.51 11.26
N VAL A 7 6.23 -2.50 12.09
CA VAL A 7 5.50 -1.25 12.11
C VAL A 7 6.52 -0.12 12.19
N LYS A 8 6.27 0.98 11.48
CA LYS A 8 7.08 2.18 11.63
C LYS A 8 6.17 3.40 11.53
N ARG A 9 6.32 4.34 12.46
CA ARG A 9 5.53 5.56 12.47
C ARG A 9 6.31 6.63 11.72
N ALA A 10 5.92 6.89 10.47
CA ALA A 10 6.56 7.86 9.58
C ALA A 10 5.79 7.89 8.27
N ASP A 11 6.16 8.79 7.37
CA ASP A 11 5.69 8.76 6.00
C ASP A 11 6.14 7.50 5.30
N ILE A 12 5.33 6.99 4.37
CA ILE A 12 5.67 5.82 3.58
C ILE A 12 6.47 6.27 2.34
N ALA A 13 7.57 6.99 2.56
CA ALA A 13 8.46 7.39 1.49
C ALA A 13 9.90 7.25 1.96
N THR A 14 10.23 7.74 3.14
CA THR A 14 11.57 7.66 3.69
C THR A 14 11.86 6.27 4.29
N ALA A 15 11.21 5.22 3.78
CA ALA A 15 11.25 3.88 4.32
C ALA A 15 12.62 3.22 4.20
N ILE A 16 13.46 3.69 3.27
CA ILE A 16 14.78 3.15 2.89
C ILE A 16 14.78 1.67 2.50
N GLU A 17 13.62 1.13 2.18
CA GLU A 17 13.47 -0.27 1.75
C GLU A 17 13.63 -0.38 0.22
N ASP A 18 13.78 -1.60 -0.31
CA ASP A 18 14.03 -1.84 -1.74
C ASP A 18 12.93 -1.20 -2.58
N ALA A 19 11.71 -1.44 -2.12
CA ALA A 19 10.50 -0.97 -2.74
C ALA A 19 9.69 -0.21 -1.71
N VAL A 20 8.91 0.74 -2.22
CA VAL A 20 8.01 1.58 -1.47
C VAL A 20 6.71 1.51 -2.24
N VAL A 21 5.61 1.18 -1.58
CA VAL A 21 4.33 1.11 -2.28
C VAL A 21 3.42 2.13 -1.64
N ASN A 22 2.54 2.74 -2.42
CA ASN A 22 1.64 3.73 -1.86
C ASN A 22 0.20 3.27 -2.03
N ALA A 23 -0.71 3.87 -1.27
CA ALA A 23 -2.15 3.78 -1.51
C ALA A 23 -2.59 4.41 -2.84
N ALA A 24 -1.63 4.99 -3.58
CA ALA A 24 -1.77 5.66 -4.86
C ALA A 24 -3.04 6.51 -4.88
N ASN A 25 -3.68 6.57 -6.05
CA ASN A 25 -5.09 6.88 -6.22
C ASN A 25 -5.43 6.42 -7.63
N HIS A 26 -6.72 6.30 -7.96
CA HIS A 26 -7.16 6.05 -9.32
C HIS A 26 -6.47 7.01 -10.30
N ARG A 27 -6.36 8.28 -9.93
CA ARG A 27 -5.62 9.26 -10.70
C ARG A 27 -4.27 9.45 -10.03
N GLY A 28 -3.20 9.06 -10.71
CA GLY A 28 -1.85 9.26 -10.23
C GLY A 28 -1.42 10.67 -10.61
N GLN A 29 -2.09 11.66 -10.02
CA GLN A 29 -1.86 13.07 -10.31
C GLN A 29 -1.51 13.74 -8.99
N VAL A 30 -0.29 13.48 -8.51
CA VAL A 30 0.26 13.97 -7.25
C VAL A 30 -0.46 13.30 -6.07
N GLY A 31 -1.72 13.66 -5.81
CA GLY A 31 -2.50 13.19 -4.67
C GLY A 31 -2.71 14.35 -3.71
N ASP A 32 -3.00 14.04 -2.44
CA ASP A 32 -3.17 15.05 -1.40
C ASP A 32 -2.51 14.58 -0.11
N GLY A 33 -2.85 13.38 0.37
CA GLY A 33 -2.23 12.84 1.58
C GLY A 33 -0.76 12.48 1.35
N VAL A 34 -0.30 11.42 2.01
CA VAL A 34 1.12 11.06 2.05
C VAL A 34 1.75 10.74 0.69
N CYS A 35 0.97 10.76 -0.40
CA CYS A 35 1.48 10.69 -1.76
C CYS A 35 2.59 11.73 -1.97
N ARG A 36 2.38 12.96 -1.50
CA ARG A 36 3.37 14.03 -1.64
C ARG A 36 4.73 13.66 -1.07
N ALA A 37 4.78 12.92 0.05
CA ALA A 37 6.05 12.49 0.63
C ALA A 37 6.82 11.66 -0.40
N VAL A 38 6.12 10.72 -1.04
CA VAL A 38 6.71 9.85 -2.05
C VAL A 38 7.13 10.67 -3.26
N ALA A 39 6.31 11.59 -3.74
CA ALA A 39 6.63 12.40 -4.91
C ALA A 39 7.88 13.26 -4.68
N ARG A 40 8.14 13.69 -3.44
CA ARG A 40 9.34 14.50 -3.17
C ARG A 40 10.63 13.67 -3.19
N LYS A 41 10.55 12.38 -3.51
CA LYS A 41 11.70 11.49 -3.68
C LYS A 41 11.68 10.90 -5.09
N TRP A 42 10.53 10.39 -5.53
CA TRP A 42 10.36 9.70 -6.80
C TRP A 42 9.08 10.18 -7.49
N PRO A 43 9.05 11.42 -7.97
CA PRO A 43 7.86 11.96 -8.60
C PRO A 43 7.63 11.29 -9.94
N GLN A 44 8.66 11.30 -10.79
CA GLN A 44 8.58 10.83 -12.17
C GLN A 44 7.98 9.43 -12.26
N ALA A 45 8.28 8.56 -11.28
CA ALA A 45 7.70 7.23 -11.19
C ALA A 45 6.19 7.22 -11.42
N PHE A 46 5.45 8.05 -10.68
CA PHE A 46 3.98 8.04 -10.80
C PHE A 46 3.45 9.39 -11.28
N ARG A 47 4.30 10.22 -11.87
CA ARG A 47 3.94 11.52 -12.40
C ARG A 47 3.01 11.32 -13.58
N ASN A 48 1.71 11.44 -13.33
CA ASN A 48 0.66 11.20 -14.30
C ASN A 48 0.63 9.73 -14.71
N ALA A 49 0.85 8.83 -13.75
CA ALA A 49 0.74 7.41 -14.00
C ALA A 49 -0.72 7.08 -14.27
N ALA A 50 -1.52 7.11 -13.20
CA ALA A 50 -2.92 6.72 -13.16
C ALA A 50 -3.10 5.25 -13.54
N THR A 51 -3.99 4.55 -12.84
CA THR A 51 -4.07 3.11 -13.01
C THR A 51 -5.42 2.63 -12.49
N PRO A 52 -5.96 1.55 -13.07
CA PRO A 52 -7.23 1.00 -12.66
C PRO A 52 -7.15 0.51 -11.22
N VAL A 53 -8.30 0.56 -10.54
CA VAL A 53 -8.41 0.08 -9.18
C VAL A 53 -8.11 -1.41 -9.15
N GLY A 54 -7.61 -1.89 -8.02
CA GLY A 54 -7.38 -3.31 -7.81
C GLY A 54 -6.13 -3.78 -8.54
N THR A 55 -5.21 -2.87 -8.86
CA THR A 55 -3.95 -3.27 -9.47
C THR A 55 -2.80 -2.49 -8.84
N ALA A 56 -1.58 -2.74 -9.32
CA ALA A 56 -0.36 -2.14 -8.83
C ALA A 56 0.45 -1.74 -10.06
N LYS A 57 0.83 -0.47 -10.18
CA LYS A 57 1.66 0.01 -11.28
C LYS A 57 3.05 0.25 -10.73
N THR A 58 4.04 -0.49 -11.24
CA THR A 58 5.41 -0.35 -10.82
C THR A 58 6.14 0.55 -11.81
N VAL A 59 6.85 1.56 -11.33
CA VAL A 59 7.65 2.41 -12.22
C VAL A 59 8.95 2.70 -11.51
N LYS A 60 10.04 2.10 -11.97
CA LYS A 60 11.33 2.35 -11.34
C LYS A 60 11.71 3.80 -11.61
N CYS A 61 12.09 4.56 -10.58
CA CYS A 61 12.43 5.96 -10.77
C CYS A 61 13.85 6.05 -11.32
N ASP A 62 14.78 5.38 -10.65
CA ASP A 62 16.19 5.30 -11.00
C ASP A 62 16.61 3.88 -10.64
N GLU A 63 16.95 3.66 -9.37
CA GLU A 63 17.33 2.36 -8.83
C GLU A 63 16.50 2.11 -7.57
N THR A 64 15.18 2.27 -7.70
CA THR A 64 14.26 1.81 -6.69
C THR A 64 13.00 1.31 -7.37
N TYR A 65 12.24 0.49 -6.65
CA TYR A 65 11.12 -0.23 -7.18
C TYR A 65 9.86 0.28 -6.50
N ILE A 66 9.36 1.43 -6.95
CA ILE A 66 8.16 1.98 -6.35
C ILE A 66 6.95 1.38 -7.06
N ILE A 67 5.92 1.12 -6.26
CA ILE A 67 4.70 0.44 -6.65
C ILE A 67 3.55 1.42 -6.31
N HIS A 68 2.52 1.48 -7.15
CA HIS A 68 1.40 2.37 -6.97
C HIS A 68 0.15 1.51 -6.86
N ALA A 69 -0.30 1.24 -5.63
CA ALA A 69 -1.40 0.32 -5.38
C ALA A 69 -2.70 1.10 -5.29
N VAL A 70 -3.70 0.81 -6.12
CA VAL A 70 -4.89 1.67 -6.18
C VAL A 70 -6.04 1.00 -5.43
N GLY A 71 -6.56 1.69 -4.41
CA GLY A 71 -7.62 1.18 -3.54
C GLY A 71 -9.02 1.63 -3.99
N PRO A 72 -10.02 0.75 -3.84
CA PRO A 72 -11.40 1.01 -4.25
C PRO A 72 -12.16 1.92 -3.27
N ASN A 73 -12.93 2.84 -3.82
CA ASN A 73 -13.77 3.71 -3.04
C ASN A 73 -15.12 3.03 -2.82
N PHE A 74 -15.36 2.48 -1.62
CA PHE A 74 -16.67 1.90 -1.25
C PHE A 74 -17.79 2.92 -1.44
N ASN A 75 -17.49 4.21 -1.23
CA ASN A 75 -18.48 5.29 -1.32
C ASN A 75 -18.93 5.52 -2.75
N ASN A 76 -18.21 4.94 -3.71
CA ASN A 76 -18.43 5.08 -5.13
C ASN A 76 -18.43 3.68 -5.77
N THR A 77 -18.61 2.61 -4.98
CA THR A 77 -18.79 1.29 -5.58
C THR A 77 -19.64 0.41 -4.65
N SER A 78 -19.64 -0.91 -4.85
CA SER A 78 -20.36 -1.82 -3.98
C SER A 78 -19.40 -2.40 -2.92
N GLU A 79 -19.93 -3.07 -1.91
CA GLU A 79 -19.08 -3.85 -1.00
C GLU A 79 -18.40 -4.97 -1.76
N ALA A 80 -19.12 -5.62 -2.68
CA ALA A 80 -18.63 -6.75 -3.44
C ALA A 80 -17.38 -6.34 -4.22
N GLU A 81 -17.55 -5.40 -5.16
CA GLU A 81 -16.46 -4.90 -5.98
C GLU A 81 -15.42 -4.23 -5.09
N GLY A 82 -15.86 -3.58 -4.01
CA GLY A 82 -15.02 -2.72 -3.21
C GLY A 82 -14.10 -3.50 -2.28
N ASP A 83 -14.46 -4.74 -1.97
CA ASP A 83 -13.61 -5.66 -1.22
C ASP A 83 -12.73 -6.43 -2.21
N ARG A 84 -13.31 -6.94 -3.30
CA ARG A 84 -12.56 -7.68 -4.31
C ARG A 84 -11.38 -6.84 -4.78
N ASP A 85 -11.64 -5.59 -5.13
CA ASP A 85 -10.63 -4.65 -5.59
C ASP A 85 -9.59 -4.40 -4.52
N LEU A 86 -9.97 -4.34 -3.24
CA LEU A 86 -9.02 -4.08 -2.17
C LEU A 86 -8.02 -5.23 -2.10
N ALA A 87 -8.53 -6.47 -2.16
CA ALA A 87 -7.71 -7.67 -2.18
C ALA A 87 -6.86 -7.69 -3.44
N ALA A 88 -7.41 -7.23 -4.56
CA ALA A 88 -6.74 -7.21 -5.85
C ALA A 88 -5.56 -6.22 -5.82
N ALA A 89 -5.74 -5.05 -5.20
CA ALA A 89 -4.73 -4.03 -5.11
C ALA A 89 -3.54 -4.59 -4.34
N TYR A 90 -3.79 -5.09 -3.12
CA TYR A 90 -2.72 -5.67 -2.32
C TYR A 90 -2.07 -6.86 -3.04
N ARG A 91 -2.86 -7.75 -3.64
CA ARG A 91 -2.36 -8.89 -4.41
C ARG A 91 -1.43 -8.42 -5.52
N ALA A 92 -1.80 -7.35 -6.22
CA ALA A 92 -1.02 -6.86 -7.33
C ALA A 92 0.32 -6.35 -6.82
N VAL A 93 0.34 -5.70 -5.66
CA VAL A 93 1.62 -5.34 -5.05
C VAL A 93 2.42 -6.60 -4.81
N ALA A 94 1.92 -7.52 -3.99
CA ALA A 94 2.56 -8.80 -3.69
C ALA A 94 3.09 -9.51 -4.93
N ALA A 95 2.39 -9.43 -6.05
CA ALA A 95 2.87 -9.99 -7.28
C ALA A 95 4.16 -9.28 -7.66
N GLU A 96 4.12 -7.96 -7.80
CA GLU A 96 5.28 -7.16 -8.17
C GLU A 96 6.46 -7.33 -7.19
N ILE A 97 6.21 -7.61 -5.90
CA ILE A 97 7.25 -7.95 -4.93
C ILE A 97 8.05 -9.13 -5.48
N ASN A 98 7.36 -10.23 -5.78
CA ASN A 98 8.02 -11.43 -6.25
C ASN A 98 8.46 -11.28 -7.70
N ARG A 99 7.85 -10.36 -8.44
CA ARG A 99 8.08 -10.23 -9.88
C ARG A 99 9.43 -9.59 -10.11
N LEU A 100 9.71 -8.50 -9.40
CA LEU A 100 11.00 -7.83 -9.47
C LEU A 100 12.06 -8.63 -8.71
N SER A 101 11.71 -9.15 -7.53
CA SER A 101 12.54 -9.94 -6.63
C SER A 101 13.04 -9.04 -5.50
N ILE A 102 12.10 -8.50 -4.72
CA ILE A 102 12.38 -7.56 -3.64
C ILE A 102 12.66 -8.32 -2.35
N SER A 103 13.46 -7.72 -1.48
CA SER A 103 13.82 -8.29 -0.19
C SER A 103 13.14 -7.58 0.96
N SER A 104 12.77 -6.29 0.83
CA SER A 104 12.06 -5.59 1.89
C SER A 104 11.21 -4.49 1.28
N VAL A 105 9.98 -4.32 1.77
CA VAL A 105 9.10 -3.31 1.20
C VAL A 105 8.10 -2.77 2.21
N ALA A 106 7.86 -1.47 2.10
CA ALA A 106 6.96 -0.72 2.93
C ALA A 106 5.56 -0.76 2.32
N ILE A 107 4.53 -1.04 3.12
CA ILE A 107 3.18 -1.25 2.65
C ILE A 107 2.19 -0.52 3.56
N PRO A 108 1.53 0.54 3.08
CA PRO A 108 0.62 1.32 3.88
C PRO A 108 -0.75 0.66 3.94
N LEU A 109 -1.54 1.00 4.96
CA LEU A 109 -2.88 0.48 5.11
C LEU A 109 -3.83 1.19 4.12
N LEU A 110 -4.11 0.59 2.96
CA LEU A 110 -5.12 1.08 2.02
C LEU A 110 -6.53 0.85 2.56
N SER A 111 -7.49 1.63 2.03
CA SER A 111 -8.79 1.87 2.62
C SER A 111 -8.64 2.62 3.94
N THR A 112 -8.53 3.94 3.81
CA THR A 112 -8.74 4.89 4.89
C THR A 112 -8.97 6.28 4.26
N GLY A 113 -9.31 7.29 5.06
CA GLY A 113 -9.51 8.64 4.57
C GLY A 113 -10.83 8.78 3.81
N ILE A 114 -10.86 8.41 2.53
CA ILE A 114 -12.01 8.61 1.65
C ILE A 114 -12.35 7.35 0.88
N PHE A 115 -11.35 6.59 0.42
CA PHE A 115 -11.54 5.35 -0.32
C PHE A 115 -11.80 4.19 0.67
N SER A 116 -12.82 4.34 1.53
CA SER A 116 -13.04 3.48 2.68
C SER A 116 -14.53 3.20 2.86
N ALA A 117 -15.31 4.27 3.11
CA ALA A 117 -16.77 4.28 3.24
C ALA A 117 -17.31 3.02 3.91
N GLY A 118 -16.82 2.73 5.12
CA GLY A 118 -17.23 1.55 5.87
C GLY A 118 -16.00 0.79 6.34
N LYS A 119 -15.11 0.43 5.42
CA LYS A 119 -13.96 -0.41 5.76
C LYS A 119 -12.79 0.43 6.28
N ASP A 120 -13.03 1.25 7.31
CA ASP A 120 -11.99 2.10 7.87
C ASP A 120 -11.43 1.43 9.11
N ARG A 121 -10.69 0.33 8.94
CA ARG A 121 -10.07 -0.36 10.05
C ARG A 121 -8.84 -1.10 9.55
N VAL A 122 -7.70 -0.93 10.21
CA VAL A 122 -6.49 -1.59 9.76
C VAL A 122 -6.65 -3.10 9.75
N HIS A 123 -7.18 -3.69 10.82
CA HIS A 123 -7.41 -5.13 10.86
C HIS A 123 -8.19 -5.59 9.63
N GLN A 124 -9.09 -4.78 9.10
CA GLN A 124 -9.83 -5.17 7.92
C GLN A 124 -8.88 -5.13 6.72
N SER A 125 -8.29 -3.97 6.44
CA SER A 125 -7.61 -3.87 5.15
C SER A 125 -6.37 -4.74 5.13
N LEU A 126 -5.60 -4.68 6.22
CA LEU A 126 -4.40 -5.46 6.42
C LEU A 126 -4.69 -6.96 6.42
N SER A 127 -5.91 -7.44 6.70
CA SER A 127 -6.19 -8.85 6.48
C SER A 127 -6.09 -9.17 4.99
N HIS A 128 -6.67 -8.35 4.13
CA HIS A 128 -6.59 -8.58 2.69
C HIS A 128 -5.13 -8.48 2.23
N LEU A 129 -4.39 -7.51 2.77
CA LEU A 129 -2.96 -7.39 2.54
C LEU A 129 -2.24 -8.67 2.97
N LEU A 130 -2.57 -9.25 4.11
CA LEU A 130 -1.86 -10.41 4.63
C LEU A 130 -2.02 -11.57 3.65
N ALA A 131 -3.24 -11.82 3.17
CA ALA A 131 -3.50 -12.87 2.18
C ALA A 131 -2.64 -12.70 0.92
N ALA A 132 -2.35 -11.47 0.53
CA ALA A 132 -1.57 -11.12 -0.64
C ALA A 132 -0.08 -11.29 -0.38
N MET A 133 0.44 -10.70 0.69
CA MET A 133 1.85 -10.66 0.99
C MET A 133 2.38 -12.05 1.33
N ASP A 134 1.48 -12.92 1.79
CA ASP A 134 1.80 -14.32 2.06
C ASP A 134 2.26 -15.02 0.79
N THR A 135 1.93 -14.46 -0.37
CA THR A 135 2.37 -15.01 -1.65
C THR A 135 3.79 -14.54 -2.01
N THR A 136 4.52 -13.92 -1.07
CA THR A 136 5.86 -13.39 -1.26
C THR A 136 6.72 -13.82 -0.06
N GLU A 137 8.03 -13.49 -0.09
CA GLU A 137 8.89 -13.75 1.05
C GLU A 137 9.68 -12.50 1.46
N ALA A 138 9.25 -11.31 1.02
CA ALA A 138 9.95 -10.08 1.39
C ALA A 138 9.59 -9.65 2.80
N ARG A 139 10.41 -8.80 3.42
CA ARG A 139 10.00 -8.10 4.63
C ARG A 139 8.77 -7.25 4.31
N VAL A 140 7.95 -7.05 5.33
CA VAL A 140 6.69 -6.35 5.28
C VAL A 140 6.78 -5.34 6.39
N THR A 141 6.73 -4.06 6.03
CA THR A 141 6.90 -3.01 6.99
C THR A 141 5.68 -2.13 6.85
N ILE A 142 4.75 -2.21 7.79
CA ILE A 142 3.50 -1.50 7.65
C ILE A 142 3.77 -0.05 8.06
N TYR A 143 3.18 0.90 7.32
CA TYR A 143 3.30 2.32 7.64
C TYR A 143 1.89 2.89 7.73
N CYS A 144 1.75 3.94 8.53
CA CYS A 144 0.52 4.68 8.69
C CYS A 144 0.91 6.12 9.00
N ARG A 145 -0.03 7.05 8.90
CA ARG A 145 0.26 8.45 9.21
C ARG A 145 0.71 8.54 10.67
N ASP A 146 1.49 9.56 11.01
CA ASP A 146 2.17 9.70 12.29
C ASP A 146 1.16 9.75 13.45
N LYS A 147 0.79 8.58 13.97
CA LYS A 147 -0.27 8.47 14.97
C LYS A 147 -0.15 7.14 15.70
N THR A 148 -0.76 7.05 16.88
CA THR A 148 -0.84 5.84 17.69
C THR A 148 -1.62 4.70 17.01
N TRP A 149 -2.29 4.97 15.88
CA TRP A 149 -2.80 3.90 15.02
C TRP A 149 -1.70 2.88 14.71
N GLU A 150 -0.45 3.32 14.55
CA GLU A 150 0.69 2.42 14.40
C GLU A 150 0.65 1.31 15.46
N GLN A 151 0.40 1.66 16.71
CA GLN A 151 0.44 0.72 17.80
C GLN A 151 -0.71 -0.27 17.70
N LYS A 152 -1.88 0.18 17.23
CA LYS A 152 -2.99 -0.74 16.95
C LYS A 152 -2.59 -1.74 15.88
N ILE A 153 -1.86 -1.30 14.85
CA ILE A 153 -1.40 -2.23 13.83
C ILE A 153 -0.40 -3.21 14.45
N LYS A 154 0.46 -2.75 15.37
CA LYS A 154 1.41 -3.59 16.08
C LYS A 154 0.66 -4.69 16.82
N THR A 155 -0.42 -4.35 17.56
CA THR A 155 -1.13 -5.33 18.35
C THR A 155 -1.74 -6.42 17.47
N VAL A 156 -2.39 -6.08 16.35
CA VAL A 156 -2.97 -7.13 15.51
C VAL A 156 -1.86 -7.98 14.88
N LEU A 157 -0.78 -7.38 14.42
CA LEU A 157 0.38 -8.09 13.86
C LEU A 157 0.96 -9.09 14.87
N GLN A 158 0.97 -8.73 16.15
CA GLN A 158 1.39 -9.62 17.23
C GLN A 158 0.38 -10.76 17.41
N ASN A 159 -0.91 -10.43 17.37
CA ASN A 159 -1.97 -11.40 17.63
C ASN A 159 -2.11 -12.44 16.52
N ARG A 160 -1.79 -12.05 15.28
CA ARG A 160 -2.04 -12.91 14.12
C ARG A 160 -0.94 -13.94 13.94
N ALA A 2 11.98 -13.60 2.58
CA ALA A 2 11.50 -13.85 3.94
C ALA A 2 10.44 -12.81 4.33
N PRO A 3 9.15 -13.10 4.14
CA PRO A 3 8.08 -12.27 4.64
C PRO A 3 7.98 -12.43 6.16
N ALA A 4 7.69 -11.34 6.85
CA ALA A 4 7.48 -11.31 8.29
C ALA A 4 6.71 -10.03 8.61
N TYR A 5 5.85 -10.06 9.64
CA TYR A 5 4.96 -8.97 9.97
C TYR A 5 5.71 -7.98 10.85
N THR A 6 5.61 -6.67 10.57
CA THR A 6 6.30 -5.65 11.36
C THR A 6 5.51 -4.35 11.28
N VAL A 7 5.88 -3.38 12.12
CA VAL A 7 5.26 -2.06 12.20
C VAL A 7 6.33 -0.99 12.26
N LYS A 8 6.07 0.16 11.63
CA LYS A 8 6.95 1.31 11.68
C LYS A 8 6.10 2.58 11.85
N ARG A 9 6.42 3.44 12.83
CA ARG A 9 5.74 4.72 13.00
C ARG A 9 6.53 5.77 12.22
N ALA A 10 6.06 6.16 11.04
CA ALA A 10 6.71 7.14 10.17
C ALA A 10 5.89 7.26 8.89
N ASP A 11 5.93 8.44 8.26
CA ASP A 11 5.27 8.64 6.98
C ASP A 11 5.90 7.77 5.90
N ILE A 12 5.06 7.24 5.01
CA ILE A 12 5.53 6.56 3.81
C ILE A 12 6.21 7.60 2.91
N ALA A 13 7.54 7.65 3.03
CA ALA A 13 8.46 8.49 2.27
C ALA A 13 9.88 7.96 2.45
N THR A 14 10.29 7.79 3.71
CA THR A 14 11.67 7.45 4.04
C THR A 14 11.73 6.02 4.57
N ALA A 15 11.04 5.12 3.87
CA ALA A 15 10.98 3.71 4.22
C ALA A 15 12.36 3.04 4.17
N ILE A 16 13.28 3.56 3.35
CA ILE A 16 14.62 3.03 3.08
C ILE A 16 14.64 1.52 2.80
N GLU A 17 13.51 0.96 2.39
CA GLU A 17 13.39 -0.44 2.04
C GLU A 17 13.76 -0.60 0.55
N ASP A 18 13.97 -1.84 0.08
CA ASP A 18 14.28 -2.14 -1.32
C ASP A 18 13.21 -1.57 -2.24
N ALA A 19 11.97 -1.65 -1.79
CA ALA A 19 10.84 -1.09 -2.49
C ALA A 19 9.90 -0.45 -1.49
N VAL A 20 9.00 0.39 -2.01
CA VAL A 20 8.02 1.04 -1.19
C VAL A 20 6.79 1.26 -2.07
N VAL A 21 5.60 1.11 -1.50
CA VAL A 21 4.35 1.26 -2.24
C VAL A 21 3.59 2.45 -1.69
N ASN A 22 2.72 3.04 -2.50
CA ASN A 22 1.85 4.12 -2.10
C ASN A 22 0.40 3.70 -2.26
N ALA A 23 -0.47 4.27 -1.41
CA ALA A 23 -1.91 4.19 -1.56
C ALA A 23 -2.30 5.13 -2.70
N ALA A 24 -2.00 4.71 -3.93
CA ALA A 24 -2.19 5.53 -5.11
C ALA A 24 -3.66 5.80 -5.31
N ASN A 25 -4.01 7.04 -5.63
CA ASN A 25 -5.40 7.46 -5.69
C ASN A 25 -6.20 6.66 -6.71
N HIS A 26 -5.77 6.70 -7.98
CA HIS A 26 -6.45 6.17 -9.17
C HIS A 26 -6.00 7.04 -10.35
N ARG A 27 -5.80 6.44 -11.54
CA ARG A 27 -5.46 7.20 -12.74
C ARG A 27 -4.21 8.07 -12.59
N GLY A 28 -3.31 7.75 -11.65
CA GLY A 28 -2.10 8.54 -11.47
C GLY A 28 -2.39 9.92 -10.89
N GLN A 29 -3.56 10.08 -10.25
CA GLN A 29 -3.93 11.30 -9.55
C GLN A 29 -2.91 11.60 -8.45
N VAL A 30 -2.70 12.90 -8.20
CA VAL A 30 -1.75 13.37 -7.22
C VAL A 30 -2.47 14.38 -6.34
N GLY A 31 -3.04 13.90 -5.23
CA GLY A 31 -3.74 14.74 -4.29
C GLY A 31 -2.88 14.94 -3.04
N ASP A 32 -3.54 15.06 -1.89
CA ASP A 32 -2.87 15.13 -0.61
C ASP A 32 -2.98 13.75 0.06
N GLY A 33 -2.34 13.55 1.21
CA GLY A 33 -2.34 12.28 1.91
C GLY A 33 -1.05 11.52 1.65
N VAL A 34 -1.09 10.19 1.82
CA VAL A 34 0.11 9.34 1.79
C VAL A 34 0.44 8.95 0.35
N CYS A 35 0.79 9.97 -0.43
CA CYS A 35 1.18 9.90 -1.83
C CYS A 35 2.30 10.90 -2.03
N ARG A 36 1.99 12.19 -1.84
CA ARG A 36 2.93 13.28 -2.06
C ARG A 36 4.19 13.13 -1.22
N ALA A 37 4.11 12.44 -0.07
CA ALA A 37 5.25 12.10 0.75
C ALA A 37 6.34 11.40 -0.07
N VAL A 38 6.06 10.24 -0.67
CA VAL A 38 7.04 9.61 -1.55
C VAL A 38 7.27 10.48 -2.77
N ALA A 39 6.23 11.08 -3.36
CA ALA A 39 6.41 11.86 -4.58
C ALA A 39 7.45 12.99 -4.39
N ARG A 40 7.65 13.48 -3.17
CA ARG A 40 8.72 14.44 -2.90
C ARG A 40 10.09 13.83 -3.11
N LYS A 41 10.31 12.58 -2.68
CA LYS A 41 11.57 11.89 -2.95
C LYS A 41 11.69 11.59 -4.45
N TRP A 42 10.66 11.00 -5.05
CA TRP A 42 10.74 10.42 -6.40
C TRP A 42 9.48 10.78 -7.20
N PRO A 43 9.32 12.05 -7.60
CA PRO A 43 8.14 12.48 -8.33
C PRO A 43 8.08 11.83 -9.70
N GLN A 44 9.23 11.47 -10.26
CA GLN A 44 9.29 10.84 -11.57
C GLN A 44 8.49 9.54 -11.61
N ALA A 45 8.39 8.80 -10.49
CA ALA A 45 7.59 7.58 -10.45
C ALA A 45 6.12 7.88 -10.67
N PHE A 46 5.63 9.04 -10.21
CA PHE A 46 4.25 9.44 -10.38
C PHE A 46 4.00 9.96 -11.82
N ARG A 47 5.05 10.17 -12.61
CA ARG A 47 4.94 10.67 -13.97
C ARG A 47 4.23 9.62 -14.81
N ASN A 48 2.95 9.87 -15.08
CA ASN A 48 2.12 9.06 -15.95
C ASN A 48 1.85 7.67 -15.37
N ALA A 49 1.50 7.62 -14.08
CA ALA A 49 1.33 6.35 -13.38
C ALA A 49 -0.14 6.04 -13.21
N ALA A 50 -0.87 6.08 -14.33
CA ALA A 50 -2.29 5.83 -14.34
C ALA A 50 -2.56 4.33 -14.42
N THR A 51 -3.47 3.84 -13.58
CA THR A 51 -3.94 2.46 -13.56
C THR A 51 -5.33 2.46 -12.89
N PRO A 52 -6.20 1.48 -13.20
CA PRO A 52 -7.53 1.38 -12.59
C PRO A 52 -7.41 0.88 -11.15
N VAL A 53 -8.52 0.88 -10.41
CA VAL A 53 -8.54 0.29 -9.07
C VAL A 53 -8.24 -1.20 -9.17
N GLY A 54 -7.84 -1.79 -8.05
CA GLY A 54 -7.57 -3.21 -7.96
C GLY A 54 -6.34 -3.63 -8.75
N THR A 55 -5.41 -2.70 -9.01
CA THR A 55 -4.17 -3.05 -9.66
C THR A 55 -3.01 -2.37 -8.97
N ALA A 56 -1.80 -2.67 -9.43
CA ALA A 56 -0.56 -2.09 -8.94
C ALA A 56 0.24 -1.72 -10.17
N LYS A 57 0.83 -0.52 -10.18
CA LYS A 57 1.64 -0.07 -11.31
C LYS A 57 3.00 0.35 -10.77
N THR A 58 4.03 -0.42 -11.08
CA THR A 58 5.38 -0.06 -10.68
C THR A 58 5.94 0.95 -11.67
N VAL A 59 6.65 1.97 -11.19
CA VAL A 59 7.34 2.92 -12.05
C VAL A 59 8.70 3.20 -11.42
N LYS A 60 9.77 2.61 -11.95
CA LYS A 60 11.09 2.83 -11.37
C LYS A 60 11.48 4.29 -11.59
N CYS A 61 11.86 5.00 -10.52
CA CYS A 61 12.22 6.40 -10.65
C CYS A 61 13.59 6.53 -11.31
N ASP A 62 14.56 5.89 -10.69
CA ASP A 62 15.96 5.86 -11.12
C ASP A 62 16.39 4.40 -10.99
N GLU A 63 16.61 3.97 -9.75
CA GLU A 63 17.06 2.61 -9.47
C GLU A 63 16.32 2.07 -8.25
N THR A 64 15.04 2.43 -8.11
CA THR A 64 14.20 2.02 -6.99
C THR A 64 12.90 1.48 -7.54
N TYR A 65 12.39 0.41 -6.94
CA TYR A 65 11.13 -0.18 -7.33
C TYR A 65 10.05 0.41 -6.43
N ILE A 66 9.20 1.28 -6.98
CA ILE A 66 8.07 1.81 -6.25
C ILE A 66 6.80 1.34 -6.94
N ILE A 67 5.84 0.90 -6.13
CA ILE A 67 4.60 0.31 -6.56
C ILE A 67 3.47 1.29 -6.25
N HIS A 68 2.51 1.48 -7.14
CA HIS A 68 1.36 2.34 -6.90
C HIS A 68 0.12 1.47 -6.87
N ALA A 69 -0.41 1.19 -5.67
CA ALA A 69 -1.56 0.34 -5.47
C ALA A 69 -2.82 1.19 -5.42
N VAL A 70 -3.78 0.95 -6.31
CA VAL A 70 -4.97 1.80 -6.36
C VAL A 70 -6.12 1.13 -5.59
N GLY A 71 -6.51 1.76 -4.48
CA GLY A 71 -7.60 1.28 -3.66
C GLY A 71 -8.95 1.70 -4.26
N PRO A 72 -9.99 0.86 -4.13
CA PRO A 72 -11.31 1.17 -4.63
C PRO A 72 -12.05 2.13 -3.72
N ASN A 73 -13.09 2.74 -4.28
CA ASN A 73 -13.93 3.70 -3.60
C ASN A 73 -15.17 3.01 -3.06
N PHE A 74 -15.09 2.46 -1.85
CA PHE A 74 -16.22 1.82 -1.18
C PHE A 74 -17.44 2.77 -1.15
N ASN A 75 -17.21 4.09 -1.04
CA ASN A 75 -18.28 5.09 -0.93
C ASN A 75 -19.09 5.20 -2.22
N ASN A 76 -18.49 4.77 -3.32
CA ASN A 76 -19.00 4.92 -4.67
C ASN A 76 -19.07 3.54 -5.34
N THR A 77 -18.96 2.45 -4.58
CA THR A 77 -19.12 1.12 -5.17
C THR A 77 -19.90 0.22 -4.21
N SER A 78 -19.81 -1.10 -4.39
CA SER A 78 -20.45 -2.08 -3.54
C SER A 78 -19.41 -2.66 -2.58
N GLU A 79 -19.84 -3.35 -1.52
CA GLU A 79 -18.93 -4.14 -0.72
C GLU A 79 -18.32 -5.26 -1.56
N ALA A 80 -19.09 -5.85 -2.48
CA ALA A 80 -18.60 -6.92 -3.33
C ALA A 80 -17.39 -6.48 -4.15
N GLU A 81 -17.57 -5.46 -4.98
CA GLU A 81 -16.52 -4.93 -5.84
C GLU A 81 -15.47 -4.22 -5.00
N GLY A 82 -15.87 -3.67 -3.85
CA GLY A 82 -15.00 -2.90 -2.99
C GLY A 82 -13.94 -3.80 -2.37
N ASP A 83 -14.38 -4.84 -1.68
CA ASP A 83 -13.47 -5.81 -1.07
C ASP A 83 -12.66 -6.52 -2.15
N ARG A 84 -13.27 -6.87 -3.28
CA ARG A 84 -12.52 -7.51 -4.37
C ARG A 84 -11.38 -6.62 -4.81
N ASP A 85 -11.67 -5.38 -5.21
CA ASP A 85 -10.67 -4.49 -5.76
C ASP A 85 -9.63 -4.11 -4.69
N LEU A 86 -10.01 -4.09 -3.42
CA LEU A 86 -9.08 -3.83 -2.34
C LEU A 86 -8.07 -4.98 -2.25
N ALA A 87 -8.57 -6.21 -2.27
CA ALA A 87 -7.74 -7.40 -2.22
C ALA A 87 -6.92 -7.52 -3.50
N ALA A 88 -7.45 -7.08 -4.62
CA ALA A 88 -6.82 -7.12 -5.92
C ALA A 88 -5.65 -6.14 -5.95
N ALA A 89 -5.83 -4.93 -5.40
CA ALA A 89 -4.78 -3.95 -5.29
C ALA A 89 -3.62 -4.57 -4.53
N TYR A 90 -3.90 -5.13 -3.35
CA TYR A 90 -2.86 -5.75 -2.56
C TYR A 90 -2.17 -6.91 -3.30
N ARG A 91 -2.94 -7.79 -3.93
CA ARG A 91 -2.42 -8.95 -4.62
C ARG A 91 -1.63 -8.57 -5.86
N ALA A 92 -1.96 -7.44 -6.48
CA ALA A 92 -1.20 -6.90 -7.58
C ALA A 92 0.16 -6.45 -7.06
N VAL A 93 0.19 -5.72 -5.93
CA VAL A 93 1.47 -5.32 -5.32
C VAL A 93 2.31 -6.55 -5.06
N ALA A 94 1.71 -7.57 -4.44
CA ALA A 94 2.36 -8.83 -4.11
C ALA A 94 3.04 -9.40 -5.36
N ALA A 95 2.34 -9.45 -6.48
CA ALA A 95 2.93 -9.90 -7.73
C ALA A 95 4.18 -9.07 -8.04
N GLU A 96 4.09 -7.75 -7.99
CA GLU A 96 5.20 -6.86 -8.28
C GLU A 96 6.41 -7.17 -7.38
N ILE A 97 6.23 -7.66 -6.16
CA ILE A 97 7.33 -8.02 -5.28
C ILE A 97 8.15 -9.14 -5.90
N ASN A 98 7.49 -10.22 -6.33
CA ASN A 98 8.19 -11.31 -6.98
C ASN A 98 8.60 -10.92 -8.40
N ARG A 99 8.00 -9.87 -8.96
CA ARG A 99 8.24 -9.47 -10.35
C ARG A 99 9.54 -8.69 -10.46
N LEU A 100 9.81 -7.83 -9.48
CA LEU A 100 11.05 -7.06 -9.40
C LEU A 100 12.09 -7.81 -8.59
N SER A 101 11.65 -8.70 -7.69
CA SER A 101 12.49 -9.52 -6.84
C SER A 101 13.09 -8.68 -5.73
N ILE A 102 12.26 -8.36 -4.74
CA ILE A 102 12.60 -7.49 -3.63
C ILE A 102 12.82 -8.33 -2.39
N SER A 103 13.65 -7.82 -1.47
CA SER A 103 13.89 -8.45 -0.18
C SER A 103 13.08 -7.78 0.93
N SER A 104 12.77 -6.48 0.83
CA SER A 104 12.04 -5.80 1.88
C SER A 104 11.19 -4.67 1.30
N VAL A 105 9.96 -4.51 1.78
CA VAL A 105 9.11 -3.45 1.27
C VAL A 105 8.21 -2.91 2.36
N ALA A 106 8.02 -1.60 2.32
CA ALA A 106 7.11 -0.90 3.20
C ALA A 106 5.78 -0.75 2.50
N ILE A 107 4.69 -1.04 3.21
CA ILE A 107 3.36 -1.14 2.64
C ILE A 107 2.36 -0.40 3.53
N PRO A 108 1.73 0.67 3.02
CA PRO A 108 0.81 1.44 3.81
C PRO A 108 -0.55 0.75 3.90
N LEU A 109 -1.21 0.89 5.04
CA LEU A 109 -2.56 0.42 5.19
C LEU A 109 -3.50 1.29 4.36
N LEU A 110 -3.84 0.84 3.14
CA LEU A 110 -4.78 1.53 2.26
C LEU A 110 -6.08 1.81 3.00
N SER A 111 -6.25 3.08 3.34
CA SER A 111 -7.47 3.71 3.83
C SER A 111 -7.19 5.20 3.98
N THR A 112 -7.19 5.89 2.85
CA THR A 112 -7.07 7.34 2.78
C THR A 112 -7.99 7.80 1.64
N GLY A 113 -7.84 9.03 1.15
CA GLY A 113 -8.53 9.51 -0.04
C GLY A 113 -10.04 9.29 0.06
N ILE A 114 -10.59 8.49 -0.85
CA ILE A 114 -12.01 8.17 -0.90
C ILE A 114 -12.18 6.64 -0.85
N PHE A 115 -11.28 5.99 -0.11
CA PHE A 115 -11.14 4.54 -0.06
C PHE A 115 -11.36 4.05 1.37
N SER A 116 -12.12 4.81 2.15
CA SER A 116 -12.30 4.56 3.57
C SER A 116 -13.74 4.79 4.00
N ALA A 117 -14.70 4.45 3.14
CA ALA A 117 -16.11 4.76 3.33
C ALA A 117 -16.69 3.94 4.48
N GLY A 118 -16.53 4.41 5.72
CA GLY A 118 -16.90 3.66 6.90
C GLY A 118 -16.16 2.32 6.94
N LYS A 119 -14.88 2.31 6.53
CA LYS A 119 -14.10 1.08 6.54
C LYS A 119 -13.92 0.62 7.98
N ASP A 120 -13.84 -0.70 8.19
CA ASP A 120 -13.74 -1.30 9.52
C ASP A 120 -12.49 -0.81 10.25
N ARG A 121 -11.33 -1.38 9.90
CA ARG A 121 -10.12 -1.05 10.62
C ARG A 121 -8.91 -1.40 9.79
N VAL A 122 -7.74 -1.05 10.30
CA VAL A 122 -6.47 -1.50 9.75
C VAL A 122 -6.44 -3.01 9.68
N HIS A 123 -6.95 -3.71 10.69
CA HIS A 123 -6.92 -5.16 10.67
C HIS A 123 -7.64 -5.70 9.45
N GLN A 124 -8.67 -5.00 8.97
CA GLN A 124 -9.47 -5.51 7.86
C GLN A 124 -8.66 -5.30 6.60
N SER A 125 -8.14 -4.08 6.42
CA SER A 125 -7.38 -3.79 5.21
C SER A 125 -6.18 -4.74 5.12
N LEU A 126 -5.47 -4.93 6.24
CA LEU A 126 -4.30 -5.77 6.33
C LEU A 126 -4.65 -7.25 6.40
N SER A 127 -5.90 -7.64 6.63
CA SER A 127 -6.24 -9.04 6.37
C SER A 127 -6.06 -9.31 4.88
N HIS A 128 -6.58 -8.43 4.02
CA HIS A 128 -6.45 -8.64 2.59
C HIS A 128 -5.00 -8.43 2.15
N LEU A 129 -4.31 -7.42 2.72
CA LEU A 129 -2.92 -7.20 2.38
C LEU A 129 -2.07 -8.38 2.82
N LEU A 130 -2.03 -8.73 4.10
CA LEU A 130 -1.19 -9.85 4.54
C LEU A 130 -1.49 -11.11 3.72
N ALA A 131 -2.76 -11.44 3.47
CA ALA A 131 -3.08 -12.61 2.66
C ALA A 131 -2.43 -12.57 1.26
N ALA A 132 -2.25 -11.37 0.69
CA ALA A 132 -1.61 -11.14 -0.58
C ALA A 132 -0.09 -11.13 -0.47
N MET A 133 0.50 -10.26 0.33
CA MET A 133 1.95 -10.11 0.41
C MET A 133 2.61 -11.32 1.05
N ASP A 134 1.85 -12.14 1.79
CA ASP A 134 2.31 -13.44 2.27
C ASP A 134 2.76 -14.31 1.10
N THR A 135 2.14 -14.14 -0.06
CA THR A 135 2.47 -14.95 -1.23
C THR A 135 3.83 -14.57 -1.84
N THR A 136 4.52 -13.54 -1.32
CA THR A 136 5.78 -13.06 -1.88
C THR A 136 6.96 -13.69 -1.14
N GLU A 137 8.14 -13.08 -1.25
CA GLU A 137 9.30 -13.53 -0.50
C GLU A 137 10.02 -12.33 0.13
N ALA A 138 9.29 -11.24 0.45
CA ALA A 138 9.90 -10.03 0.98
C ALA A 138 9.29 -9.65 2.32
N ARG A 139 10.06 -8.98 3.19
CA ARG A 139 9.58 -8.48 4.48
C ARG A 139 8.36 -7.60 4.28
N VAL A 140 7.48 -7.59 5.29
CA VAL A 140 6.20 -6.93 5.22
C VAL A 140 6.14 -5.93 6.37
N THR A 141 6.57 -4.71 6.08
CA THR A 141 6.67 -3.67 7.08
C THR A 141 5.46 -2.76 6.91
N ILE A 142 4.50 -2.80 7.83
CA ILE A 142 3.30 -2.01 7.69
C ILE A 142 3.61 -0.58 8.18
N TYR A 143 3.17 0.42 7.43
CA TYR A 143 3.31 1.83 7.79
C TYR A 143 1.89 2.39 7.80
N CYS A 144 1.51 3.17 8.81
CA CYS A 144 0.19 3.81 8.80
C CYS A 144 0.38 5.29 8.48
N ARG A 145 -0.36 6.18 9.12
CA ARG A 145 0.09 7.55 9.27
C ARG A 145 1.24 7.52 10.28
N ASP A 146 0.93 7.78 11.55
CA ASP A 146 1.94 8.05 12.55
C ASP A 146 1.29 8.03 13.93
N LYS A 147 2.04 8.54 14.92
CA LYS A 147 1.59 8.72 16.30
C LYS A 147 1.08 7.39 16.88
N THR A 148 0.27 7.47 17.94
CA THR A 148 -0.36 6.32 18.59
C THR A 148 -1.23 5.50 17.62
N TRP A 149 -1.58 6.06 16.46
CA TRP A 149 -2.25 5.30 15.42
C TRP A 149 -1.44 4.04 15.12
N GLU A 150 -0.11 4.17 14.96
CA GLU A 150 0.82 3.06 14.81
C GLU A 150 0.55 1.97 15.83
N GLN A 151 0.39 2.35 17.10
CA GLN A 151 0.21 1.40 18.17
C GLN A 151 -1.05 0.57 17.95
N LYS A 152 -2.11 1.16 17.38
CA LYS A 152 -3.31 0.39 17.05
C LYS A 152 -3.00 -0.64 15.98
N ILE A 153 -2.11 -0.35 15.04
CA ILE A 153 -1.70 -1.37 14.09
C ILE A 153 -0.88 -2.45 14.81
N LYS A 154 0.00 -2.08 15.75
CA LYS A 154 0.85 -3.05 16.45
C LYS A 154 0.03 -4.06 17.24
N THR A 155 -0.93 -3.58 18.05
CA THR A 155 -1.79 -4.46 18.81
C THR A 155 -2.61 -5.35 17.87
N VAL A 156 -3.07 -4.79 16.74
CA VAL A 156 -3.81 -5.56 15.76
C VAL A 156 -2.97 -6.73 15.23
N LEU A 157 -1.74 -6.44 14.81
CA LEU A 157 -0.85 -7.47 14.30
C LEU A 157 -0.68 -8.58 15.33
N GLN A 158 -0.48 -8.23 16.60
CA GLN A 158 -0.41 -9.21 17.67
C GLN A 158 -1.70 -10.02 17.80
N ASN A 159 -2.86 -9.40 17.53
CA ASN A 159 -4.16 -10.06 17.61
C ASN A 159 -4.49 -10.88 16.36
N ARG A 160 -3.81 -10.63 15.24
CA ARG A 160 -4.13 -11.26 13.96
C ARG A 160 -3.44 -12.60 13.79
N ALA A 2 11.13 -16.53 3.48
CA ALA A 2 10.02 -16.45 4.44
C ALA A 2 9.77 -14.99 4.78
N PRO A 3 8.60 -14.43 4.43
CA PRO A 3 8.24 -13.07 4.75
C PRO A 3 7.92 -12.97 6.25
N ALA A 4 7.84 -11.75 6.78
CA ALA A 4 7.47 -11.53 8.17
C ALA A 4 6.88 -10.13 8.32
N TYR A 5 5.92 -9.98 9.24
CA TYR A 5 5.16 -8.76 9.46
C TYR A 5 5.94 -7.85 10.40
N THR A 6 5.82 -6.53 10.24
CA THR A 6 6.53 -5.55 11.04
C THR A 6 5.77 -4.22 10.98
N VAL A 7 6.17 -3.23 11.76
CA VAL A 7 5.57 -1.90 11.86
C VAL A 7 6.70 -0.87 11.94
N LYS A 8 6.57 0.30 11.33
CA LYS A 8 7.61 1.31 11.36
C LYS A 8 7.00 2.71 11.37
N ARG A 9 7.50 3.56 12.25
CA ARG A 9 6.81 4.79 12.61
C ARG A 9 7.33 5.93 11.74
N ALA A 10 6.62 6.24 10.65
CA ALA A 10 7.10 7.16 9.63
C ALA A 10 6.05 7.25 8.52
N ASP A 11 6.18 8.26 7.66
CA ASP A 11 5.43 8.28 6.42
C ASP A 11 5.87 7.15 5.50
N ILE A 12 5.02 6.79 4.54
CA ILE A 12 5.30 5.71 3.63
C ILE A 12 5.95 6.31 2.37
N ALA A 13 7.10 6.94 2.55
CA ALA A 13 7.85 7.52 1.46
C ALA A 13 9.33 7.49 1.79
N THR A 14 9.72 8.08 2.92
CA THR A 14 11.10 8.03 3.38
C THR A 14 11.33 6.73 4.17
N ALA A 15 10.80 5.63 3.66
CA ALA A 15 11.00 4.30 4.20
C ALA A 15 12.45 3.88 3.95
N ILE A 16 12.81 2.69 4.42
CA ILE A 16 14.19 2.21 4.41
C ILE A 16 14.25 0.84 3.75
N GLU A 17 13.37 0.61 2.77
CA GLU A 17 13.23 -0.68 2.12
C GLU A 17 13.43 -0.53 0.62
N ASP A 18 13.80 -1.62 -0.05
CA ASP A 18 14.22 -1.60 -1.46
C ASP A 18 13.09 -1.06 -2.34
N ALA A 19 11.87 -1.48 -1.99
CA ALA A 19 10.67 -1.09 -2.66
C ALA A 19 9.74 -0.43 -1.65
N VAL A 20 8.82 0.35 -2.17
CA VAL A 20 7.90 1.15 -1.41
C VAL A 20 6.57 0.96 -2.12
N VAL A 21 5.47 0.86 -1.39
CA VAL A 21 4.14 0.82 -1.99
C VAL A 21 3.44 2.07 -1.50
N ASN A 22 2.53 2.64 -2.30
CA ASN A 22 1.78 3.82 -1.87
C ASN A 22 0.30 3.47 -1.80
N ALA A 23 -0.53 4.46 -1.48
CA ALA A 23 -1.97 4.35 -1.54
C ALA A 23 -2.45 5.18 -2.73
N ALA A 24 -1.97 4.81 -3.92
CA ALA A 24 -2.33 5.45 -5.15
C ALA A 24 -3.82 5.26 -5.42
N ASN A 25 -4.31 5.96 -6.43
CA ASN A 25 -5.70 5.99 -6.78
C ASN A 25 -5.78 5.76 -8.28
N HIS A 26 -6.98 5.68 -8.81
CA HIS A 26 -7.18 5.45 -10.24
C HIS A 26 -6.35 6.45 -11.06
N ARG A 27 -6.32 7.71 -10.61
CA ARG A 27 -5.41 8.70 -11.14
C ARG A 27 -4.12 8.55 -10.35
N GLY A 28 -3.04 8.22 -11.04
CA GLY A 28 -1.71 8.25 -10.47
C GLY A 28 -1.21 9.67 -10.62
N GLN A 29 -1.77 10.58 -9.82
CA GLN A 29 -1.45 12.00 -9.83
C GLN A 29 -0.85 12.39 -8.49
N VAL A 30 -0.85 13.69 -8.15
CA VAL A 30 -0.22 14.20 -6.94
C VAL A 30 -1.29 14.90 -6.12
N GLY A 31 -1.58 14.37 -4.94
CA GLY A 31 -2.61 14.91 -4.06
C GLY A 31 -3.12 13.79 -3.16
N ASP A 32 -4.36 13.95 -2.72
CA ASP A 32 -5.32 12.98 -2.20
C ASP A 32 -4.73 11.77 -1.49
N GLY A 33 -4.83 11.79 -0.15
CA GLY A 33 -4.27 10.74 0.69
C GLY A 33 -2.80 11.04 0.95
N VAL A 34 -2.11 10.14 1.64
CA VAL A 34 -0.74 10.40 2.07
C VAL A 34 0.28 10.19 0.92
N CYS A 35 -0.17 10.06 -0.33
CA CYS A 35 0.72 9.89 -1.47
C CYS A 35 1.62 11.10 -1.68
N ARG A 36 1.19 12.31 -1.28
CA ARG A 36 2.02 13.49 -1.52
C ARG A 36 3.37 13.40 -0.81
N ALA A 37 3.48 12.59 0.25
CA ALA A 37 4.77 12.32 0.89
C ALA A 37 5.76 11.73 -0.11
N VAL A 38 5.31 10.74 -0.87
CA VAL A 38 6.06 10.09 -1.93
C VAL A 38 6.33 11.06 -3.06
N ALA A 39 5.33 11.83 -3.50
CA ALA A 39 5.53 12.81 -4.55
C ALA A 39 6.67 13.78 -4.19
N ARG A 40 6.86 14.06 -2.90
CA ARG A 40 7.95 14.89 -2.40
C ARG A 40 9.25 14.12 -2.18
N LYS A 41 9.48 13.02 -2.90
CA LYS A 41 10.77 12.32 -3.00
C LYS A 41 10.96 11.84 -4.43
N TRP A 42 9.98 11.10 -4.95
CA TRP A 42 10.06 10.46 -6.26
C TRP A 42 8.85 10.83 -7.12
N PRO A 43 8.67 12.12 -7.45
CA PRO A 43 7.55 12.56 -8.26
C PRO A 43 7.61 11.93 -9.65
N GLN A 44 8.81 11.72 -10.17
CA GLN A 44 8.99 11.10 -11.49
C GLN A 44 8.34 9.73 -11.56
N ALA A 45 8.29 8.97 -10.46
CA ALA A 45 7.62 7.69 -10.45
C ALA A 45 6.13 7.88 -10.77
N PHE A 46 5.50 8.93 -10.21
CA PHE A 46 4.08 9.18 -10.42
C PHE A 46 3.78 9.66 -11.85
N ARG A 47 4.78 9.89 -12.69
CA ARG A 47 4.60 10.50 -14.00
C ARG A 47 3.81 9.55 -14.89
N ASN A 48 2.49 9.78 -14.98
CA ASN A 48 1.51 8.87 -15.56
C ASN A 48 1.51 7.51 -14.87
N ALA A 49 1.38 7.51 -13.55
CA ALA A 49 1.23 6.27 -12.78
C ALA A 49 -0.22 5.79 -12.71
N ALA A 50 -1.13 6.42 -13.46
CA ALA A 50 -2.55 6.10 -13.45
C ALA A 50 -2.76 4.66 -13.88
N THR A 51 -3.76 4.00 -13.29
CA THR A 51 -3.86 2.58 -13.48
C THR A 51 -5.23 2.09 -12.99
N PRO A 52 -5.74 1.00 -13.58
CA PRO A 52 -7.08 0.52 -13.30
C PRO A 52 -7.14 0.01 -11.86
N VAL A 53 -8.22 0.33 -11.17
CA VAL A 53 -8.41 -0.04 -9.78
C VAL A 53 -8.19 -1.54 -9.60
N GLY A 54 -7.53 -1.93 -8.51
CA GLY A 54 -7.37 -3.33 -8.20
C GLY A 54 -6.16 -3.92 -8.89
N THR A 55 -5.14 -3.11 -9.15
CA THR A 55 -3.86 -3.59 -9.63
C THR A 55 -2.75 -2.80 -8.94
N ALA A 56 -1.53 -2.91 -9.44
CA ALA A 56 -0.38 -2.17 -8.96
C ALA A 56 0.42 -1.75 -10.20
N LYS A 57 0.93 -0.51 -10.22
CA LYS A 57 1.74 -0.01 -11.33
C LYS A 57 3.07 0.44 -10.75
N THR A 58 4.11 -0.36 -10.95
CA THR A 58 5.45 -0.01 -10.48
C THR A 58 6.10 0.94 -11.47
N VAL A 59 6.80 1.96 -10.96
CA VAL A 59 7.65 2.80 -11.79
C VAL A 59 8.95 3.00 -11.01
N LYS A 60 10.04 2.41 -11.48
CA LYS A 60 11.33 2.59 -10.84
C LYS A 60 11.72 4.05 -11.00
N CYS A 61 12.12 4.71 -9.91
CA CYS A 61 12.55 6.11 -9.99
C CYS A 61 14.04 6.12 -10.35
N ASP A 62 14.93 6.54 -9.45
CA ASP A 62 16.36 6.42 -9.67
C ASP A 62 16.76 4.95 -9.68
N GLU A 63 16.40 4.28 -8.59
CA GLU A 63 16.68 2.87 -8.34
C GLU A 63 15.54 2.21 -7.60
N THR A 64 14.98 2.88 -6.57
CA THR A 64 13.98 2.27 -5.71
C THR A 64 12.79 1.81 -6.54
N TYR A 65 12.28 0.60 -6.25
CA TYR A 65 11.19 0.04 -7.02
C TYR A 65 9.90 0.40 -6.33
N ILE A 66 9.32 1.56 -6.65
CA ILE A 66 8.08 1.97 -6.03
C ILE A 66 6.90 1.44 -6.83
N ILE A 67 5.86 1.00 -6.11
CA ILE A 67 4.74 0.23 -6.58
C ILE A 67 3.49 1.04 -6.22
N HIS A 68 2.81 1.60 -7.21
CA HIS A 68 1.64 2.43 -6.97
C HIS A 68 0.42 1.52 -6.86
N ALA A 69 -0.09 1.30 -5.65
CA ALA A 69 -1.20 0.37 -5.45
C ALA A 69 -2.50 1.15 -5.49
N VAL A 70 -3.53 0.66 -6.20
CA VAL A 70 -4.77 1.42 -6.36
C VAL A 70 -5.93 0.68 -5.71
N GLY A 71 -6.63 1.40 -4.83
CA GLY A 71 -7.74 0.86 -4.05
C GLY A 71 -9.07 1.42 -4.57
N PRO A 72 -10.16 0.64 -4.43
CA PRO A 72 -11.48 1.02 -4.90
C PRO A 72 -12.11 2.06 -4.00
N ASN A 73 -12.82 3.00 -4.62
CA ASN A 73 -13.53 4.04 -3.92
C ASN A 73 -14.79 3.45 -3.27
N PHE A 74 -14.74 3.10 -1.99
CA PHE A 74 -15.90 2.60 -1.23
C PHE A 74 -17.04 3.63 -1.14
N ASN A 75 -16.78 4.89 -1.50
CA ASN A 75 -17.80 5.94 -1.53
C ASN A 75 -18.52 5.98 -2.88
N ASN A 76 -18.10 5.12 -3.81
CA ASN A 76 -18.70 4.95 -5.13
C ASN A 76 -18.96 3.48 -5.42
N THR A 77 -18.72 2.56 -4.47
CA THR A 77 -19.10 1.18 -4.63
C THR A 77 -19.35 0.53 -3.28
N SER A 78 -20.06 -0.59 -3.27
CA SER A 78 -20.41 -1.33 -2.07
C SER A 78 -19.20 -2.10 -1.55
N GLU A 79 -19.25 -2.56 -0.30
CA GLU A 79 -18.19 -3.36 0.29
C GLU A 79 -17.95 -4.66 -0.49
N ALA A 80 -18.92 -5.17 -1.23
CA ALA A 80 -18.71 -6.36 -2.06
C ALA A 80 -17.64 -6.11 -3.12
N GLU A 81 -17.93 -5.20 -4.05
CA GLU A 81 -17.01 -4.83 -5.13
C GLU A 81 -15.75 -4.20 -4.55
N GLY A 82 -15.88 -3.48 -3.43
CA GLY A 82 -14.79 -2.71 -2.87
C GLY A 82 -13.78 -3.62 -2.22
N ASP A 83 -14.25 -4.64 -1.51
CA ASP A 83 -13.36 -5.62 -0.91
C ASP A 83 -12.72 -6.45 -2.02
N ARG A 84 -13.46 -6.76 -3.08
CA ARG A 84 -12.95 -7.51 -4.22
C ARG A 84 -11.78 -6.77 -4.85
N ASP A 85 -11.98 -5.52 -5.27
CA ASP A 85 -10.96 -4.73 -5.95
C ASP A 85 -9.83 -4.38 -4.99
N LEU A 86 -10.09 -4.23 -3.69
CA LEU A 86 -9.07 -3.99 -2.70
C LEU A 86 -8.15 -5.21 -2.61
N ALA A 87 -8.73 -6.41 -2.63
CA ALA A 87 -7.97 -7.65 -2.63
C ALA A 87 -7.17 -7.76 -3.92
N ALA A 88 -7.74 -7.33 -5.04
CA ALA A 88 -7.08 -7.30 -6.33
C ALA A 88 -5.83 -6.42 -6.27
N ALA A 89 -5.97 -5.21 -5.71
CA ALA A 89 -4.91 -4.24 -5.55
C ALA A 89 -3.75 -4.90 -4.83
N TYR A 90 -4.02 -5.43 -3.65
CA TYR A 90 -2.98 -6.06 -2.85
C TYR A 90 -2.38 -7.28 -3.54
N ARG A 91 -3.17 -8.08 -4.25
CA ARG A 91 -2.65 -9.26 -4.93
C ARG A 91 -1.66 -8.84 -6.00
N ALA A 92 -1.94 -7.74 -6.71
CA ALA A 92 -1.02 -7.18 -7.67
C ALA A 92 0.25 -6.69 -6.97
N VAL A 93 0.14 -6.02 -5.83
CA VAL A 93 1.32 -5.55 -5.10
C VAL A 93 2.22 -6.73 -4.79
N ALA A 94 1.67 -7.76 -4.14
CA ALA A 94 2.38 -8.98 -3.79
C ALA A 94 3.12 -9.54 -5.01
N ALA A 95 2.45 -9.62 -6.16
CA ALA A 95 3.12 -10.04 -7.38
C ALA A 95 4.33 -9.16 -7.62
N GLU A 96 4.17 -7.84 -7.61
CA GLU A 96 5.25 -6.91 -7.89
C GLU A 96 6.43 -7.07 -6.93
N ILE A 97 6.23 -7.58 -5.71
CA ILE A 97 7.33 -7.88 -4.79
C ILE A 97 8.25 -8.90 -5.44
N ASN A 98 7.69 -10.03 -5.88
CA ASN A 98 8.50 -11.07 -6.49
C ASN A 98 8.81 -10.75 -7.95
N ARG A 99 8.13 -9.75 -8.52
CA ARG A 99 8.34 -9.37 -9.92
C ARG A 99 9.60 -8.54 -10.03
N LEU A 100 9.74 -7.55 -9.15
CA LEU A 100 10.87 -6.63 -9.10
C LEU A 100 12.04 -7.29 -8.37
N SER A 101 11.77 -8.31 -7.55
CA SER A 101 12.78 -9.05 -6.80
C SER A 101 13.48 -8.14 -5.79
N ILE A 102 12.85 -7.97 -4.63
CA ILE A 102 13.40 -7.16 -3.55
C ILE A 102 13.36 -7.93 -2.23
N SER A 103 14.15 -7.45 -1.26
CA SER A 103 14.34 -8.08 0.02
C SER A 103 13.38 -7.53 1.07
N SER A 104 12.96 -6.26 0.96
CA SER A 104 11.98 -5.68 1.84
C SER A 104 11.13 -4.68 1.08
N VAL A 105 9.91 -4.44 1.56
CA VAL A 105 8.99 -3.53 0.92
C VAL A 105 8.02 -2.96 1.95
N ALA A 106 7.87 -1.64 1.91
CA ALA A 106 6.98 -0.92 2.80
C ALA A 106 5.59 -0.90 2.19
N ILE A 107 4.54 -1.09 2.99
CA ILE A 107 3.18 -1.23 2.50
C ILE A 107 2.23 -0.46 3.41
N PRO A 108 1.56 0.58 2.91
CA PRO A 108 0.64 1.35 3.72
C PRO A 108 -0.70 0.64 3.82
N LEU A 109 -1.39 0.84 4.94
CA LEU A 109 -2.74 0.35 5.08
C LEU A 109 -3.67 1.18 4.18
N LEU A 110 -4.09 0.64 3.03
CA LEU A 110 -5.07 1.34 2.20
C LEU A 110 -6.44 1.24 2.87
N SER A 111 -6.83 2.36 3.47
CA SER A 111 -8.18 2.64 3.99
C SER A 111 -8.22 4.07 4.54
N THR A 112 -8.11 5.11 3.69
CA THR A 112 -8.13 6.48 4.18
C THR A 112 -8.40 7.46 3.04
N GLY A 113 -9.57 8.11 3.06
CA GLY A 113 -10.07 8.86 1.92
C GLY A 113 -10.44 7.91 0.78
N ILE A 114 -11.23 8.36 -0.20
CA ILE A 114 -11.56 7.65 -1.45
C ILE A 114 -11.87 6.17 -1.20
N PHE A 115 -10.84 5.32 -1.17
CA PHE A 115 -10.86 3.98 -0.63
C PHE A 115 -11.03 4.03 0.90
N SER A 116 -12.17 4.49 1.40
CA SER A 116 -12.47 4.42 2.82
C SER A 116 -13.97 4.51 3.07
N ALA A 117 -14.61 5.61 2.63
CA ALA A 117 -16.01 5.91 2.91
C ALA A 117 -16.39 5.72 4.38
N GLY A 118 -15.48 6.01 5.30
CA GLY A 118 -15.76 5.88 6.72
C GLY A 118 -15.83 4.41 7.16
N LYS A 119 -14.99 3.55 6.58
CA LYS A 119 -14.80 2.20 7.09
C LYS A 119 -13.37 2.09 7.58
N ASP A 120 -13.07 2.66 8.74
CA ASP A 120 -11.77 2.50 9.34
C ASP A 120 -11.68 1.09 9.92
N ARG A 121 -10.68 0.32 9.49
CA ARG A 121 -10.25 -0.91 10.16
C ARG A 121 -8.97 -1.36 9.48
N VAL A 122 -7.83 -1.12 10.13
CA VAL A 122 -6.59 -1.63 9.60
C VAL A 122 -6.65 -3.14 9.52
N HIS A 123 -7.21 -3.81 10.51
CA HIS A 123 -7.35 -5.26 10.46
C HIS A 123 -8.12 -5.72 9.23
N GLN A 124 -9.07 -4.93 8.73
CA GLN A 124 -9.81 -5.30 7.53
C GLN A 124 -8.88 -5.19 6.34
N SER A 125 -8.25 -4.03 6.17
CA SER A 125 -7.46 -3.81 4.97
C SER A 125 -6.29 -4.80 4.95
N LEU A 126 -5.56 -4.91 6.07
CA LEU A 126 -4.44 -5.82 6.28
C LEU A 126 -4.87 -7.28 6.26
N SER A 127 -6.13 -7.63 6.46
CA SER A 127 -6.52 -9.01 6.18
C SER A 127 -6.29 -9.30 4.70
N HIS A 128 -6.76 -8.41 3.82
CA HIS A 128 -6.62 -8.67 2.39
C HIS A 128 -5.16 -8.47 1.95
N LEU A 129 -4.49 -7.43 2.46
CA LEU A 129 -3.10 -7.20 2.13
C LEU A 129 -2.27 -8.38 2.59
N LEU A 130 -2.28 -8.74 3.87
CA LEU A 130 -1.48 -9.87 4.31
C LEU A 130 -1.80 -11.12 3.51
N ALA A 131 -3.06 -11.41 3.18
CA ALA A 131 -3.38 -12.58 2.38
C ALA A 131 -2.59 -12.63 1.07
N ALA A 132 -2.28 -11.48 0.48
CA ALA A 132 -1.49 -11.35 -0.73
C ALA A 132 0.02 -11.34 -0.42
N MET A 133 0.46 -10.44 0.44
CA MET A 133 1.87 -10.18 0.74
C MET A 133 2.54 -11.39 1.38
N ASP A 134 1.75 -12.23 2.04
CA ASP A 134 2.22 -13.48 2.64
C ASP A 134 2.73 -14.41 1.54
N THR A 135 2.20 -14.26 0.31
CA THR A 135 2.66 -15.02 -0.84
C THR A 135 3.92 -14.40 -1.46
N THR A 136 4.67 -13.54 -0.77
CA THR A 136 5.93 -13.01 -1.30
C THR A 136 7.12 -13.59 -0.54
N GLU A 137 8.32 -13.12 -0.86
CA GLU A 137 9.55 -13.57 -0.24
C GLU A 137 10.34 -12.39 0.34
N ALA A 138 9.68 -11.25 0.57
CA ALA A 138 10.31 -10.07 1.13
C ALA A 138 9.77 -9.80 2.54
N ARG A 139 10.40 -8.89 3.28
CA ARG A 139 9.78 -8.41 4.51
C ARG A 139 8.50 -7.66 4.18
N VAL A 140 7.65 -7.47 5.21
CA VAL A 140 6.36 -6.86 5.07
C VAL A 140 6.29 -5.90 6.23
N THR A 141 6.63 -4.63 5.97
CA THR A 141 6.61 -3.63 7.00
C THR A 141 5.42 -2.74 6.71
N ILE A 142 4.44 -2.73 7.61
CA ILE A 142 3.23 -1.96 7.44
C ILE A 142 3.56 -0.51 7.81
N TYR A 143 2.84 0.45 7.24
CA TYR A 143 2.98 1.86 7.59
C TYR A 143 1.59 2.51 7.60
N CYS A 144 1.47 3.66 8.26
CA CYS A 144 0.31 4.52 8.10
C CYS A 144 0.63 6.00 8.36
N ARG A 145 1.91 6.40 8.31
CA ARG A 145 2.32 7.78 8.56
C ARG A 145 2.00 8.26 9.98
N ASP A 146 1.93 7.35 10.96
CA ASP A 146 1.66 7.74 12.35
C ASP A 146 2.26 6.71 13.31
N LYS A 147 2.95 7.19 14.34
CA LYS A 147 3.60 6.37 15.36
C LYS A 147 2.58 5.70 16.28
N THR A 148 1.62 6.47 16.78
CA THR A 148 0.61 6.01 17.72
C THR A 148 -0.40 5.14 16.99
N TRP A 149 -0.82 5.54 15.79
CA TRP A 149 -1.73 4.71 15.02
C TRP A 149 -1.06 3.37 14.77
N GLU A 150 0.21 3.35 14.35
CA GLU A 150 0.99 2.11 14.22
C GLU A 150 0.96 1.27 15.48
N GLN A 151 0.81 1.85 16.67
CA GLN A 151 0.64 1.03 17.86
C GLN A 151 -0.67 0.24 17.79
N LYS A 152 -1.80 0.85 17.42
CA LYS A 152 -3.03 0.09 17.33
C LYS A 152 -2.92 -0.95 16.20
N ILE A 153 -2.25 -0.60 15.09
CA ILE A 153 -2.00 -1.54 14.00
C ILE A 153 -1.24 -2.74 14.55
N LYS A 154 0.02 -2.57 14.99
CA LYS A 154 0.84 -3.65 15.51
C LYS A 154 0.06 -4.53 16.48
N THR A 155 -0.75 -3.97 17.37
CA THR A 155 -1.49 -4.79 18.32
C THR A 155 -2.47 -5.72 17.60
N VAL A 156 -3.32 -5.22 16.70
CA VAL A 156 -4.28 -6.13 16.06
C VAL A 156 -3.53 -7.12 15.14
N LEU A 157 -2.49 -6.66 14.48
CA LEU A 157 -1.56 -7.45 13.66
C LEU A 157 -0.78 -8.44 14.53
N GLN A 158 -0.65 -8.21 15.85
CA GLN A 158 -0.11 -9.17 16.79
C GLN A 158 -1.12 -10.28 17.05
N ASN A 159 -2.41 -9.92 17.15
CA ASN A 159 -3.46 -10.86 17.47
C ASN A 159 -3.98 -11.64 16.26
N ARG A 160 -3.73 -11.19 15.02
CA ARG A 160 -4.26 -11.87 13.84
C ARG A 160 -3.56 -13.21 13.60
N ALA A 2 12.22 -15.88 5.05
CA ALA A 2 10.78 -16.01 4.76
C ALA A 2 10.16 -14.63 4.95
N PRO A 3 9.01 -14.33 4.33
CA PRO A 3 8.33 -13.07 4.55
C PRO A 3 7.78 -13.04 5.97
N ALA A 4 7.52 -11.84 6.50
CA ALA A 4 6.91 -11.65 7.81
C ALA A 4 6.40 -10.22 7.89
N TYR A 5 5.47 -9.96 8.80
CA TYR A 5 4.91 -8.64 9.07
C TYR A 5 5.74 -7.91 10.13
N THR A 6 5.61 -6.59 10.19
CA THR A 6 6.32 -5.72 11.12
C THR A 6 5.56 -4.39 11.15
N VAL A 7 5.76 -3.58 12.19
CA VAL A 7 5.18 -2.25 12.31
C VAL A 7 6.30 -1.22 12.24
N LYS A 8 6.12 -0.15 11.46
CA LYS A 8 7.01 1.00 11.47
C LYS A 8 6.16 2.27 11.53
N ARG A 9 6.75 3.35 12.06
CA ARG A 9 6.01 4.53 12.50
C ARG A 9 6.62 5.76 11.86
N ALA A 10 6.23 6.07 10.63
CA ALA A 10 6.98 6.98 9.79
C ALA A 10 6.19 7.23 8.51
N ASP A 11 6.25 8.44 7.97
CA ASP A 11 5.51 8.77 6.76
C ASP A 11 6.17 8.08 5.57
N ILE A 12 5.35 7.43 4.73
CA ILE A 12 5.77 6.74 3.52
C ILE A 12 6.37 7.77 2.56
N ALA A 13 7.70 7.86 2.57
CA ALA A 13 8.51 8.80 1.80
C ALA A 13 9.96 8.35 1.85
N THR A 14 10.47 8.18 3.07
CA THR A 14 11.88 7.89 3.32
C THR A 14 11.99 6.49 3.90
N ALA A 15 11.36 5.54 3.21
CA ALA A 15 11.39 4.14 3.59
C ALA A 15 12.82 3.61 3.46
N ILE A 16 13.06 2.42 3.98
CA ILE A 16 14.37 1.77 3.96
C ILE A 16 14.28 0.39 3.30
N GLU A 17 13.16 0.11 2.65
CA GLU A 17 12.91 -1.14 1.96
C GLU A 17 13.26 -0.98 0.47
N ASP A 18 13.35 -2.12 -0.23
CA ASP A 18 13.81 -2.24 -1.61
C ASP A 18 12.77 -1.58 -2.54
N ALA A 19 11.52 -2.02 -2.40
CA ALA A 19 10.38 -1.35 -3.00
C ALA A 19 9.61 -0.53 -1.98
N VAL A 20 8.84 0.44 -2.48
CA VAL A 20 7.98 1.29 -1.68
C VAL A 20 6.62 1.31 -2.35
N VAL A 21 5.58 0.82 -1.67
CA VAL A 21 4.24 0.89 -2.19
C VAL A 21 3.63 2.21 -1.72
N ASN A 22 2.83 2.84 -2.58
CA ASN A 22 2.12 4.07 -2.24
C ASN A 22 0.63 3.77 -2.26
N ALA A 23 -0.14 4.45 -1.41
CA ALA A 23 -1.57 4.44 -1.53
C ALA A 23 -1.92 5.36 -2.71
N ALA A 24 -2.02 4.77 -3.90
CA ALA A 24 -2.26 5.51 -5.11
C ALA A 24 -3.77 5.70 -5.29
N ASN A 25 -4.16 6.90 -5.71
CA ASN A 25 -5.57 7.27 -5.79
C ASN A 25 -6.30 6.49 -6.87
N HIS A 26 -5.69 6.38 -8.06
CA HIS A 26 -6.27 5.89 -9.32
C HIS A 26 -5.56 6.58 -10.46
N ARG A 27 -5.92 7.84 -10.76
CA ARG A 27 -5.47 8.51 -11.96
C ARG A 27 -4.08 9.15 -11.79
N GLY A 28 -3.13 8.46 -11.14
CA GLY A 28 -1.78 8.94 -10.93
C GLY A 28 -1.76 10.32 -10.25
N GLN A 29 -2.69 10.54 -9.33
CA GLN A 29 -2.88 11.86 -8.73
C GLN A 29 -1.81 12.11 -7.67
N VAL A 30 -1.60 13.40 -7.35
CA VAL A 30 -0.43 13.86 -6.63
C VAL A 30 -0.88 14.47 -5.30
N GLY A 31 -1.07 13.63 -4.29
CA GLY A 31 -1.49 14.07 -2.98
C GLY A 31 -2.78 13.37 -2.58
N ASP A 32 -3.49 14.00 -1.65
CA ASP A 32 -4.65 13.48 -0.95
C ASP A 32 -4.26 12.32 -0.03
N GLY A 33 -4.32 12.56 1.28
CA GLY A 33 -3.93 11.57 2.28
C GLY A 33 -2.44 11.23 2.20
N VAL A 34 -2.09 10.04 2.68
CA VAL A 34 -0.72 9.53 2.63
C VAL A 34 -0.41 9.16 1.18
N CYS A 35 0.04 10.16 0.43
CA CYS A 35 0.40 10.04 -0.97
C CYS A 35 1.44 11.12 -1.29
N ARG A 36 1.12 12.37 -0.92
CA ARG A 36 1.99 13.54 -1.06
C ARG A 36 3.41 13.28 -0.56
N ALA A 37 3.54 12.53 0.53
CA ALA A 37 4.81 12.21 1.16
C ALA A 37 5.78 11.56 0.15
N VAL A 38 5.28 10.63 -0.66
CA VAL A 38 6.06 10.04 -1.74
C VAL A 38 6.17 11.04 -2.89
N ALA A 39 5.06 11.70 -3.22
CA ALA A 39 4.87 12.57 -4.37
C ALA A 39 5.55 13.94 -4.19
N ARG A 40 6.87 13.90 -4.08
CA ARG A 40 7.79 14.99 -3.85
C ARG A 40 9.22 14.45 -3.97
N LYS A 41 9.49 13.27 -3.38
CA LYS A 41 10.80 12.64 -3.40
C LYS A 41 10.99 11.78 -4.64
N TRP A 42 9.93 11.13 -5.13
CA TRP A 42 10.02 10.33 -6.34
C TRP A 42 8.99 10.77 -7.38
N PRO A 43 9.03 12.04 -7.80
CA PRO A 43 8.10 12.57 -8.78
C PRO A 43 8.32 11.94 -10.15
N GLN A 44 9.55 11.54 -10.48
CA GLN A 44 9.81 10.87 -11.74
C GLN A 44 9.00 9.57 -11.83
N ALA A 45 8.86 8.83 -10.72
CA ALA A 45 8.06 7.62 -10.72
C ALA A 45 6.56 7.92 -10.90
N PHE A 46 6.12 9.14 -10.59
CA PHE A 46 4.72 9.52 -10.78
C PHE A 46 4.44 9.89 -12.24
N ARG A 47 5.46 9.90 -13.12
CA ARG A 47 5.29 10.16 -14.54
C ARG A 47 4.30 9.15 -15.12
N ASN A 48 3.05 9.56 -15.23
CA ASN A 48 1.93 8.75 -15.67
C ASN A 48 1.79 7.48 -14.83
N ALA A 49 1.69 7.64 -13.51
CA ALA A 49 1.43 6.53 -12.59
C ALA A 49 -0.07 6.30 -12.44
N ALA A 50 -0.82 6.41 -13.54
CA ALA A 50 -2.25 6.18 -13.55
C ALA A 50 -2.50 4.72 -13.88
N THR A 51 -3.39 4.05 -13.15
CA THR A 51 -3.70 2.65 -13.37
C THR A 51 -5.10 2.40 -12.81
N PRO A 52 -5.84 1.38 -13.28
CA PRO A 52 -7.19 1.14 -12.81
C PRO A 52 -7.20 0.63 -11.38
N VAL A 53 -8.38 0.64 -10.76
CA VAL A 53 -8.56 0.09 -9.43
C VAL A 53 -8.23 -1.39 -9.44
N GLY A 54 -7.75 -1.91 -8.30
CA GLY A 54 -7.53 -3.33 -8.13
C GLY A 54 -6.26 -3.80 -8.82
N THR A 55 -5.35 -2.88 -9.14
CA THR A 55 -4.07 -3.22 -9.74
C THR A 55 -2.96 -2.43 -9.05
N ALA A 56 -1.73 -2.64 -9.51
CA ALA A 56 -0.55 -1.92 -9.07
C ALA A 56 0.13 -1.38 -10.32
N LYS A 57 0.91 -0.31 -10.18
CA LYS A 57 1.70 0.23 -11.28
C LYS A 57 3.06 0.66 -10.77
N THR A 58 4.08 -0.14 -11.05
CA THR A 58 5.44 0.24 -10.73
C THR A 58 5.99 1.19 -11.79
N VAL A 59 6.86 2.11 -11.36
CA VAL A 59 7.70 2.88 -12.26
C VAL A 59 9.05 2.97 -11.55
N LYS A 60 10.12 2.39 -12.09
CA LYS A 60 11.41 2.54 -11.43
C LYS A 60 11.76 4.02 -11.42
N CYS A 61 12.25 4.53 -10.28
CA CYS A 61 12.68 5.92 -10.24
C CYS A 61 14.14 5.97 -10.69
N ASP A 62 15.05 5.53 -9.82
CA ASP A 62 16.46 5.37 -10.09
C ASP A 62 16.78 3.93 -9.72
N GLU A 63 17.13 3.71 -8.45
CA GLU A 63 17.45 2.41 -7.90
C GLU A 63 16.47 2.11 -6.76
N THR A 64 15.18 2.21 -7.08
CA THR A 64 14.15 1.68 -6.19
C THR A 64 12.95 1.24 -7.02
N TYR A 65 12.23 0.26 -6.51
CA TYR A 65 11.05 -0.29 -7.15
C TYR A 65 9.83 0.31 -6.47
N ILE A 66 9.40 1.49 -6.89
CA ILE A 66 8.21 2.09 -6.31
C ILE A 66 6.98 1.60 -7.08
N ILE A 67 5.95 1.22 -6.31
CA ILE A 67 4.76 0.52 -6.74
C ILE A 67 3.58 1.41 -6.34
N HIS A 68 2.61 1.62 -7.22
CA HIS A 68 1.46 2.48 -6.95
C HIS A 68 0.22 1.59 -6.87
N ALA A 69 -0.31 1.37 -5.66
CA ALA A 69 -1.43 0.45 -5.45
C ALA A 69 -2.75 1.21 -5.42
N VAL A 70 -3.72 0.88 -6.28
CA VAL A 70 -4.96 1.65 -6.33
C VAL A 70 -6.07 0.91 -5.57
N GLY A 71 -6.49 1.50 -4.45
CA GLY A 71 -7.59 0.98 -3.65
C GLY A 71 -8.94 1.47 -4.17
N PRO A 72 -10.00 0.68 -4.01
CA PRO A 72 -11.34 1.00 -4.47
C PRO A 72 -12.05 1.99 -3.56
N ASN A 73 -13.05 2.67 -4.11
CA ASN A 73 -13.91 3.59 -3.38
C ASN A 73 -15.20 2.87 -3.01
N PHE A 74 -15.29 2.30 -1.81
CA PHE A 74 -16.55 1.76 -1.25
C PHE A 74 -17.63 2.85 -1.22
N ASN A 75 -17.24 4.13 -1.19
CA ASN A 75 -18.20 5.25 -1.16
C ASN A 75 -18.82 5.48 -2.54
N ASN A 76 -18.38 4.71 -3.53
CA ASN A 76 -18.79 4.81 -4.92
C ASN A 76 -18.90 3.40 -5.52
N THR A 77 -18.84 2.33 -4.71
CA THR A 77 -18.98 0.98 -5.25
C THR A 77 -19.51 0.04 -4.17
N SER A 78 -20.19 -1.04 -4.56
CA SER A 78 -20.79 -1.97 -3.62
C SER A 78 -19.73 -2.69 -2.80
N GLU A 79 -20.12 -3.27 -1.65
CA GLU A 79 -19.20 -4.02 -0.82
C GLU A 79 -18.50 -5.14 -1.60
N ALA A 80 -19.20 -5.80 -2.52
CA ALA A 80 -18.66 -6.89 -3.30
C ALA A 80 -17.50 -6.41 -4.16
N GLU A 81 -17.79 -5.48 -5.07
CA GLU A 81 -16.81 -4.89 -5.96
C GLU A 81 -15.67 -4.28 -5.15
N GLY A 82 -15.98 -3.72 -3.97
CA GLY A 82 -15.04 -2.91 -3.22
C GLY A 82 -14.05 -3.78 -2.49
N ASP A 83 -14.51 -4.86 -1.86
CA ASP A 83 -13.63 -5.72 -1.10
C ASP A 83 -12.86 -6.63 -2.05
N ARG A 84 -13.50 -7.05 -3.14
CA ARG A 84 -12.83 -7.83 -4.18
C ARG A 84 -11.71 -7.00 -4.79
N ASP A 85 -11.98 -5.75 -5.17
CA ASP A 85 -10.97 -4.85 -5.72
C ASP A 85 -9.88 -4.55 -4.70
N LEU A 86 -10.21 -4.43 -3.42
CA LEU A 86 -9.23 -4.18 -2.38
C LEU A 86 -8.24 -5.35 -2.34
N ALA A 87 -8.76 -6.57 -2.40
CA ALA A 87 -7.94 -7.77 -2.43
C ALA A 87 -7.14 -7.82 -3.71
N ALA A 88 -7.71 -7.36 -4.83
CA ALA A 88 -7.06 -7.32 -6.13
C ALA A 88 -5.84 -6.41 -6.08
N ALA A 89 -6.00 -5.21 -5.53
CA ALA A 89 -4.94 -4.22 -5.41
C ALA A 89 -3.79 -4.86 -4.65
N TYR A 90 -4.06 -5.44 -3.48
CA TYR A 90 -3.01 -6.07 -2.71
C TYR A 90 -2.36 -7.23 -3.45
N ARG A 91 -3.14 -8.05 -4.16
CA ARG A 91 -2.59 -9.15 -4.92
C ARG A 91 -1.65 -8.63 -6.01
N ALA A 92 -1.99 -7.50 -6.62
CA ALA A 92 -1.16 -6.89 -7.65
C ALA A 92 0.14 -6.42 -7.04
N VAL A 93 0.11 -5.80 -5.86
CA VAL A 93 1.32 -5.39 -5.17
C VAL A 93 2.19 -6.62 -4.91
N ALA A 94 1.66 -7.62 -4.17
CA ALA A 94 2.32 -8.87 -3.88
C ALA A 94 2.95 -9.50 -5.11
N ALA A 95 2.25 -9.45 -6.24
CA ALA A 95 2.80 -9.91 -7.50
C ALA A 95 4.04 -9.09 -7.81
N GLU A 96 3.94 -7.76 -7.86
CA GLU A 96 5.04 -6.87 -8.17
C GLU A 96 6.29 -7.15 -7.32
N ILE A 97 6.13 -7.48 -6.04
CA ILE A 97 7.23 -7.88 -5.17
C ILE A 97 8.05 -8.99 -5.83
N ASN A 98 7.39 -10.10 -6.17
CA ASN A 98 8.09 -11.23 -6.73
C ASN A 98 8.53 -10.95 -8.17
N ARG A 99 7.73 -10.13 -8.87
CA ARG A 99 7.82 -9.88 -10.30
C ARG A 99 8.92 -8.88 -10.65
N LEU A 100 9.38 -8.14 -9.65
CA LEU A 100 10.53 -7.24 -9.67
C LEU A 100 11.72 -7.94 -8.99
N SER A 101 11.43 -8.83 -8.03
CA SER A 101 12.36 -9.66 -7.27
C SER A 101 13.18 -8.81 -6.31
N ILE A 102 12.69 -8.67 -5.06
CA ILE A 102 13.26 -7.78 -4.08
C ILE A 102 13.31 -8.41 -2.70
N SER A 103 14.09 -7.80 -1.80
CA SER A 103 14.30 -8.33 -0.46
C SER A 103 13.29 -7.79 0.56
N SER A 104 12.75 -6.57 0.40
CA SER A 104 11.88 -5.98 1.41
C SER A 104 10.99 -4.95 0.74
N VAL A 105 9.79 -4.72 1.27
CA VAL A 105 8.92 -3.70 0.72
C VAL A 105 8.06 -3.09 1.81
N ALA A 106 7.91 -1.77 1.75
CA ALA A 106 7.06 -1.04 2.67
C ALA A 106 5.67 -0.96 2.06
N ILE A 107 4.63 -1.07 2.90
CA ILE A 107 3.25 -1.07 2.44
C ILE A 107 2.42 -0.24 3.43
N PRO A 108 1.87 0.91 3.02
CA PRO A 108 0.95 1.66 3.87
C PRO A 108 -0.38 0.91 3.97
N LEU A 109 -1.09 1.09 5.09
CA LEU A 109 -2.41 0.50 5.27
C LEU A 109 -3.39 1.19 4.28
N LEU A 110 -3.82 0.49 3.23
CA LEU A 110 -4.75 1.03 2.23
C LEU A 110 -6.19 1.09 2.75
N SER A 111 -7.10 1.69 1.97
CA SER A 111 -8.43 1.99 2.45
C SER A 111 -8.37 2.86 3.70
N THR A 112 -8.03 4.13 3.47
CA THR A 112 -8.03 5.18 4.46
C THR A 112 -8.12 6.51 3.72
N GLY A 113 -8.28 7.62 4.43
CA GLY A 113 -8.43 8.93 3.83
C GLY A 113 -9.80 9.05 3.16
N ILE A 114 -9.93 8.59 1.91
CA ILE A 114 -11.12 8.80 1.09
C ILE A 114 -11.56 7.51 0.39
N PHE A 115 -10.64 6.62 -0.01
CA PHE A 115 -10.97 5.34 -0.63
C PHE A 115 -11.30 4.32 0.47
N SER A 116 -12.28 4.66 1.32
CA SER A 116 -12.57 3.96 2.56
C SER A 116 -14.08 3.87 2.80
N ALA A 117 -14.76 5.02 2.76
CA ALA A 117 -16.19 5.16 3.00
C ALA A 117 -16.53 4.87 4.46
N GLY A 118 -16.56 3.59 4.85
CA GLY A 118 -16.87 3.15 6.20
C GLY A 118 -15.88 2.11 6.72
N LYS A 119 -14.96 1.59 5.89
CA LYS A 119 -13.87 0.78 6.40
C LYS A 119 -12.77 1.74 6.87
N ASP A 120 -12.01 1.36 7.89
CA ASP A 120 -10.95 2.19 8.48
C ASP A 120 -10.00 1.26 9.23
N ARG A 121 -10.59 0.42 10.08
CA ARG A 121 -9.95 -0.65 10.84
C ARG A 121 -8.75 -1.19 10.09
N VAL A 122 -7.56 -0.86 10.61
CA VAL A 122 -6.33 -1.29 9.99
C VAL A 122 -6.31 -2.80 9.86
N HIS A 123 -6.73 -3.52 10.90
CA HIS A 123 -6.68 -4.97 10.84
C HIS A 123 -7.53 -5.52 9.70
N GLN A 124 -8.56 -4.80 9.26
CA GLN A 124 -9.40 -5.23 8.16
C GLN A 124 -8.69 -4.95 6.84
N SER A 125 -8.15 -3.75 6.64
CA SER A 125 -7.51 -3.48 5.36
C SER A 125 -6.31 -4.41 5.20
N LEU A 126 -5.54 -4.59 6.27
CA LEU A 126 -4.37 -5.46 6.27
C LEU A 126 -4.77 -6.91 6.27
N SER A 127 -5.95 -7.33 6.73
CA SER A 127 -6.26 -8.74 6.59
C SER A 127 -6.17 -9.17 5.12
N HIS A 128 -6.53 -8.29 4.19
CA HIS A 128 -6.31 -8.60 2.78
C HIS A 128 -4.87 -8.30 2.38
N LEU A 129 -4.31 -7.16 2.84
CA LEU A 129 -2.97 -6.77 2.41
C LEU A 129 -1.94 -7.80 2.79
N LEU A 130 -1.87 -8.14 4.08
CA LEU A 130 -1.03 -9.19 4.61
C LEU A 130 -1.27 -10.48 3.87
N ALA A 131 -2.52 -10.94 3.80
CA ALA A 131 -2.81 -12.23 3.16
C ALA A 131 -2.23 -12.33 1.74
N ALA A 132 -2.17 -11.23 0.99
CA ALA A 132 -1.56 -11.19 -0.32
C ALA A 132 -0.04 -11.15 -0.23
N MET A 133 0.52 -10.22 0.54
CA MET A 133 1.94 -9.98 0.65
C MET A 133 2.67 -11.15 1.29
N ASP A 134 1.95 -11.96 2.07
CA ASP A 134 2.44 -13.17 2.69
C ASP A 134 2.83 -14.18 1.63
N THR A 135 2.17 -14.12 0.46
CA THR A 135 2.47 -15.01 -0.65
C THR A 135 3.71 -14.55 -1.43
N THR A 136 4.58 -13.70 -0.87
CA THR A 136 5.83 -13.33 -1.53
C THR A 136 7.02 -13.92 -0.80
N GLU A 137 8.22 -13.37 -1.00
CA GLU A 137 9.41 -13.80 -0.26
C GLU A 137 10.13 -12.60 0.38
N ALA A 138 9.57 -11.40 0.28
CA ALA A 138 10.21 -10.20 0.80
C ALA A 138 9.69 -9.92 2.21
N ARG A 139 10.41 -9.12 3.02
CA ARG A 139 9.78 -8.61 4.23
C ARG A 139 8.59 -7.75 3.85
N VAL A 140 7.63 -7.68 4.77
CA VAL A 140 6.40 -6.95 4.62
C VAL A 140 6.36 -6.06 5.84
N THR A 141 6.36 -4.76 5.65
CA THR A 141 6.49 -3.88 6.78
C THR A 141 5.43 -2.80 6.60
N ILE A 142 4.50 -2.77 7.53
CA ILE A 142 3.33 -1.92 7.43
C ILE A 142 3.77 -0.54 7.89
N TYR A 143 3.33 0.49 7.18
CA TYR A 143 3.64 1.87 7.53
C TYR A 143 2.33 2.59 7.79
N CYS A 144 2.37 3.59 8.67
CA CYS A 144 1.35 4.61 8.73
C CYS A 144 2.03 5.93 9.07
N ARG A 145 1.31 7.02 8.79
CA ARG A 145 1.70 8.37 9.17
C ARG A 145 1.99 8.44 10.67
N ASP A 146 2.72 9.47 11.11
CA ASP A 146 3.09 9.74 12.50
C ASP A 146 1.89 9.87 13.46
N LYS A 147 1.18 8.78 13.75
CA LYS A 147 -0.08 8.84 14.49
C LYS A 147 -0.24 7.62 15.40
N THR A 148 -1.20 7.74 16.32
CA THR A 148 -1.62 6.68 17.22
C THR A 148 -2.32 5.52 16.50
N TRP A 149 -2.56 5.63 15.19
CA TRP A 149 -2.95 4.47 14.38
C TRP A 149 -1.87 3.39 14.50
N GLU A 150 -0.59 3.79 14.64
CA GLU A 150 0.50 2.87 14.91
C GLU A 150 0.21 1.97 16.09
N GLN A 151 -0.49 2.48 17.11
CA GLN A 151 -0.77 1.69 18.28
C GLN A 151 -1.72 0.55 17.90
N LYS A 152 -2.68 0.80 17.01
CA LYS A 152 -3.59 -0.23 16.54
C LYS A 152 -2.84 -1.24 15.68
N ILE A 153 -2.14 -0.82 14.62
CA ILE A 153 -1.38 -1.77 13.80
C ILE A 153 -0.38 -2.56 14.66
N LYS A 154 0.20 -1.95 15.70
CA LYS A 154 1.10 -2.62 16.61
C LYS A 154 0.35 -3.73 17.34
N THR A 155 -0.75 -3.41 18.04
CA THR A 155 -1.46 -4.41 18.82
C THR A 155 -1.90 -5.55 17.92
N VAL A 156 -2.42 -5.25 16.73
CA VAL A 156 -2.92 -6.25 15.80
C VAL A 156 -1.78 -7.16 15.36
N LEU A 157 -0.66 -6.58 14.92
CA LEU A 157 0.49 -7.32 14.45
C LEU A 157 1.15 -8.12 15.58
N GLN A 158 0.91 -7.76 16.85
CA GLN A 158 1.29 -8.63 17.95
C GLN A 158 0.25 -9.72 18.21
N ASN A 159 -1.03 -9.48 17.89
CA ASN A 159 -2.10 -10.41 18.18
C ASN A 159 -2.35 -11.40 17.05
N ARG A 160 -1.75 -11.18 15.88
CA ARG A 160 -1.83 -12.05 14.72
C ARG A 160 -0.69 -13.05 14.78
N ALA A 2 5.88 -18.15 3.70
CA ALA A 2 5.16 -16.96 4.19
C ALA A 2 6.20 -15.96 4.67
N PRO A 3 5.96 -14.66 4.47
CA PRO A 3 6.81 -13.58 4.92
C PRO A 3 6.57 -13.33 6.43
N ALA A 4 6.94 -12.15 6.94
CA ALA A 4 6.81 -11.82 8.35
C ALA A 4 6.37 -10.38 8.47
N TYR A 5 5.57 -10.08 9.50
CA TYR A 5 4.85 -8.83 9.65
C TYR A 5 5.62 -7.96 10.65
N THR A 6 5.56 -6.64 10.51
CA THR A 6 6.35 -5.74 11.35
C THR A 6 5.67 -4.37 11.37
N VAL A 7 6.17 -3.47 12.23
CA VAL A 7 5.61 -2.15 12.47
C VAL A 7 6.72 -1.13 12.37
N LYS A 8 6.54 -0.08 11.56
CA LYS A 8 7.59 0.90 11.37
C LYS A 8 7.00 2.32 11.37
N ARG A 9 7.55 3.16 12.24
CA ARG A 9 6.91 4.41 12.65
C ARG A 9 7.63 5.54 11.96
N ALA A 10 7.05 6.04 10.87
CA ALA A 10 7.65 7.03 10.00
C ALA A 10 6.61 7.48 8.98
N ASP A 11 7.00 8.33 8.04
CA ASP A 11 6.16 8.70 6.92
C ASP A 11 6.37 7.72 5.77
N ILE A 12 5.28 7.18 5.23
CA ILE A 12 5.34 6.44 3.98
C ILE A 12 5.62 7.42 2.84
N ALA A 13 6.90 7.73 2.64
CA ALA A 13 7.37 8.61 1.58
C ALA A 13 8.68 8.06 1.06
N THR A 14 9.64 7.89 1.97
CA THR A 14 10.96 7.38 1.64
C THR A 14 11.15 5.96 2.17
N ALA A 15 10.34 5.54 3.14
CA ALA A 15 10.50 4.34 3.94
C ALA A 15 11.98 4.09 4.30
N ILE A 16 12.35 2.83 4.55
CA ILE A 16 13.75 2.42 4.73
C ILE A 16 14.07 1.09 4.03
N GLU A 17 13.14 0.56 3.22
CA GLU A 17 13.25 -0.76 2.61
C GLU A 17 13.70 -0.62 1.14
N ASP A 18 13.88 -1.76 0.45
CA ASP A 18 14.39 -1.79 -0.92
C ASP A 18 13.38 -1.14 -1.87
N ALA A 19 12.11 -1.41 -1.59
CA ALA A 19 10.97 -0.95 -2.34
C ALA A 19 9.98 -0.28 -1.40
N VAL A 20 9.10 0.53 -1.98
CA VAL A 20 8.07 1.27 -1.27
C VAL A 20 6.81 1.11 -2.10
N VAL A 21 5.65 0.90 -1.47
CA VAL A 21 4.38 1.03 -2.20
C VAL A 21 3.62 2.22 -1.65
N ASN A 22 2.68 2.74 -2.43
CA ASN A 22 1.86 3.87 -2.04
C ASN A 22 0.39 3.57 -2.30
N ALA A 23 -0.51 4.25 -1.59
CA ALA A 23 -1.95 4.10 -1.80
C ALA A 23 -2.41 5.03 -2.92
N ALA A 24 -1.84 4.86 -4.12
CA ALA A 24 -2.06 5.73 -5.27
C ALA A 24 -3.55 5.88 -5.57
N ASN A 25 -4.02 7.11 -5.80
CA ASN A 25 -5.44 7.42 -5.81
C ASN A 25 -6.24 6.59 -6.83
N HIS A 26 -6.13 6.93 -8.12
CA HIS A 26 -6.39 6.04 -9.27
C HIS A 26 -6.00 6.63 -10.63
N ARG A 27 -5.12 7.65 -10.72
CA ARG A 27 -4.79 8.29 -11.98
C ARG A 27 -3.33 8.73 -12.00
N GLY A 28 -2.46 8.04 -11.26
CA GLY A 28 -1.09 8.47 -11.09
C GLY A 28 -1.06 9.65 -10.12
N GLN A 29 -1.43 10.84 -10.60
CA GLN A 29 -1.55 12.02 -9.78
C GLN A 29 -2.43 11.74 -8.57
N VAL A 30 -2.06 12.34 -7.45
CA VAL A 30 -2.83 12.24 -6.22
C VAL A 30 -4.00 13.21 -6.26
N GLY A 31 -4.92 13.10 -5.30
CA GLY A 31 -5.99 14.05 -5.11
C GLY A 31 -5.88 14.67 -3.72
N ASP A 32 -6.24 13.89 -2.70
CA ASP A 32 -6.17 14.31 -1.31
C ASP A 32 -5.85 13.06 -0.48
N GLY A 33 -5.47 13.25 0.78
CA GLY A 33 -5.20 12.17 1.72
C GLY A 33 -3.69 11.96 1.90
N VAL A 34 -3.33 11.15 2.90
CA VAL A 34 -1.95 10.71 3.06
C VAL A 34 -1.60 9.84 1.87
N CYS A 35 -0.92 10.43 0.89
CA CYS A 35 -0.54 9.73 -0.33
C CYS A 35 0.58 10.50 -1.03
N ARG A 36 0.41 11.82 -1.17
CA ARG A 36 1.38 12.69 -1.83
C ARG A 36 2.79 12.59 -1.23
N ALA A 37 2.93 12.11 0.00
CA ALA A 37 4.20 11.98 0.69
C ALA A 37 5.25 11.30 -0.20
N VAL A 38 4.90 10.18 -0.81
CA VAL A 38 5.76 9.47 -1.76
C VAL A 38 6.10 10.36 -2.96
N ALA A 39 5.11 11.08 -3.48
CA ALA A 39 5.26 11.98 -4.63
C ALA A 39 5.94 13.29 -4.19
N ARG A 40 7.19 13.16 -3.74
CA ARG A 40 8.05 14.21 -3.25
C ARG A 40 9.44 13.94 -3.79
N LYS A 41 10.11 12.92 -3.25
CA LYS A 41 11.45 12.55 -3.70
C LYS A 41 11.43 11.63 -4.91
N TRP A 42 10.28 10.99 -5.21
CA TRP A 42 10.20 10.10 -6.37
C TRP A 42 9.07 10.53 -7.32
N PRO A 43 9.13 11.75 -7.86
CA PRO A 43 8.11 12.23 -8.77
C PRO A 43 8.15 11.50 -10.10
N GLN A 44 9.31 11.01 -10.56
CA GLN A 44 9.34 10.25 -11.81
C GLN A 44 8.47 9.00 -11.72
N ALA A 45 8.32 8.39 -10.55
CA ALA A 45 7.41 7.26 -10.40
C ALA A 45 5.98 7.64 -10.75
N PHE A 46 5.59 8.89 -10.47
CA PHE A 46 4.24 9.40 -10.72
C PHE A 46 4.06 9.94 -12.13
N ARG A 47 5.16 10.19 -12.85
CA ARG A 47 5.18 10.99 -14.06
C ARG A 47 4.31 10.35 -15.14
N ASN A 48 3.06 10.78 -15.20
CA ASN A 48 2.02 10.26 -16.07
C ASN A 48 1.89 8.74 -15.94
N ALA A 49 1.87 8.24 -14.69
CA ALA A 49 1.83 6.81 -14.41
C ALA A 49 0.49 6.21 -14.81
N ALA A 50 -0.58 6.62 -14.11
CA ALA A 50 -1.98 6.30 -14.31
C ALA A 50 -2.27 4.79 -14.39
N THR A 51 -2.99 4.29 -13.39
CA THR A 51 -3.28 2.86 -13.30
C THR A 51 -4.67 2.67 -12.73
N PRO A 52 -5.39 1.63 -13.19
CA PRO A 52 -6.74 1.34 -12.76
C PRO A 52 -6.74 0.80 -11.33
N VAL A 53 -7.93 0.77 -10.74
CA VAL A 53 -8.15 0.20 -9.43
C VAL A 53 -7.83 -1.29 -9.46
N GLY A 54 -7.46 -1.85 -8.31
CA GLY A 54 -7.30 -3.27 -8.13
C GLY A 54 -6.01 -3.77 -8.74
N THR A 55 -5.07 -2.85 -9.04
CA THR A 55 -3.82 -3.24 -9.64
C THR A 55 -2.67 -2.46 -8.99
N ALA A 56 -1.46 -2.68 -9.49
CA ALA A 56 -0.25 -2.02 -9.04
C ALA A 56 0.47 -1.50 -10.26
N LYS A 57 1.23 -0.41 -10.13
CA LYS A 57 2.08 0.11 -11.18
C LYS A 57 3.45 0.32 -10.58
N THR A 58 4.50 -0.25 -11.16
CA THR A 58 5.84 -0.04 -10.64
C THR A 58 6.62 0.80 -11.62
N VAL A 59 7.16 1.93 -11.14
CA VAL A 59 7.83 2.90 -11.99
C VAL A 59 9.09 3.31 -11.26
N LYS A 60 10.22 2.73 -11.65
CA LYS A 60 11.49 3.01 -10.97
C LYS A 60 11.78 4.50 -11.12
N CYS A 61 12.09 5.18 -10.02
CA CYS A 61 12.35 6.62 -10.12
C CYS A 61 13.76 6.83 -10.67
N ASP A 62 14.73 6.18 -10.03
CA ASP A 62 16.13 6.21 -10.37
C ASP A 62 16.59 4.77 -10.28
N GLU A 63 16.85 4.31 -9.05
CA GLU A 63 17.34 2.96 -8.80
C GLU A 63 16.59 2.37 -7.61
N THR A 64 15.27 2.61 -7.54
CA THR A 64 14.42 2.01 -6.52
C THR A 64 13.16 1.49 -7.17
N TYR A 65 12.59 0.44 -6.58
CA TYR A 65 11.43 -0.25 -7.08
C TYR A 65 10.23 0.26 -6.33
N ILE A 66 9.55 1.28 -6.84
CA ILE A 66 8.38 1.81 -6.17
C ILE A 66 7.12 1.41 -6.90
N ILE A 67 6.14 0.99 -6.10
CA ILE A 67 4.88 0.38 -6.51
C ILE A 67 3.78 1.38 -6.16
N HIS A 68 2.75 1.51 -6.99
CA HIS A 68 1.60 2.36 -6.76
C HIS A 68 0.40 1.44 -6.75
N ALA A 69 -0.14 1.14 -5.57
CA ALA A 69 -1.30 0.29 -5.41
C ALA A 69 -2.54 1.18 -5.42
N VAL A 70 -3.57 0.83 -6.17
CA VAL A 70 -4.75 1.66 -6.29
C VAL A 70 -5.92 0.95 -5.62
N GLY A 71 -6.41 1.53 -4.52
CA GLY A 71 -7.54 1.00 -3.78
C GLY A 71 -8.85 1.49 -4.38
N PRO A 72 -9.92 0.69 -4.28
CA PRO A 72 -11.23 1.08 -4.77
C PRO A 72 -11.86 2.14 -3.89
N ASN A 73 -12.93 2.73 -4.41
CA ASN A 73 -13.64 3.78 -3.73
C ASN A 73 -14.96 3.23 -3.25
N PHE A 74 -15.02 2.75 -2.00
CA PHE A 74 -16.25 2.24 -1.39
C PHE A 74 -17.39 3.26 -1.49
N ASN A 75 -17.10 4.57 -1.45
CA ASN A 75 -18.14 5.59 -1.52
C ASN A 75 -18.79 5.62 -2.91
N ASN A 76 -18.06 5.15 -3.92
CA ASN A 76 -18.47 5.18 -5.32
C ASN A 76 -18.60 3.76 -5.87
N THR A 77 -18.65 2.72 -5.02
CA THR A 77 -18.93 1.37 -5.51
C THR A 77 -19.69 0.57 -4.44
N SER A 78 -19.92 -0.72 -4.66
CA SER A 78 -20.57 -1.60 -3.69
C SER A 78 -19.52 -2.16 -2.73
N GLU A 79 -19.92 -2.71 -1.58
CA GLU A 79 -18.95 -3.42 -0.73
C GLU A 79 -18.38 -4.64 -1.47
N ALA A 80 -19.10 -5.23 -2.43
CA ALA A 80 -18.61 -6.35 -3.21
C ALA A 80 -17.41 -5.96 -4.08
N GLU A 81 -17.62 -5.08 -5.05
CA GLU A 81 -16.56 -4.58 -5.92
C GLU A 81 -15.46 -3.96 -5.07
N GLY A 82 -15.83 -3.28 -3.99
CA GLY A 82 -14.89 -2.56 -3.16
C GLY A 82 -13.95 -3.50 -2.42
N ASP A 83 -14.48 -4.55 -1.80
CA ASP A 83 -13.64 -5.50 -1.08
C ASP A 83 -12.78 -6.28 -2.07
N ARG A 84 -13.40 -6.70 -3.17
CA ARG A 84 -12.72 -7.43 -4.24
C ARG A 84 -11.49 -6.67 -4.70
N ASP A 85 -11.68 -5.43 -5.15
CA ASP A 85 -10.60 -4.65 -5.74
C ASP A 85 -9.59 -4.23 -4.69
N LEU A 86 -9.99 -4.09 -3.43
CA LEU A 86 -9.05 -3.84 -2.35
C LEU A 86 -8.08 -5.01 -2.25
N ALA A 87 -8.60 -6.23 -2.31
CA ALA A 87 -7.79 -7.43 -2.28
C ALA A 87 -6.92 -7.52 -3.53
N ALA A 88 -7.49 -7.19 -4.68
CA ALA A 88 -6.82 -7.22 -5.97
C ALA A 88 -5.61 -6.32 -5.96
N ALA A 89 -5.77 -5.10 -5.43
CA ALA A 89 -4.72 -4.11 -5.33
C ALA A 89 -3.55 -4.71 -4.56
N TYR A 90 -3.80 -5.23 -3.36
CA TYR A 90 -2.71 -5.80 -2.59
C TYR A 90 -2.04 -6.95 -3.34
N ARG A 91 -2.83 -7.82 -3.97
CA ARG A 91 -2.32 -8.97 -4.71
C ARG A 91 -1.46 -8.52 -5.88
N ALA A 92 -1.78 -7.38 -6.50
CA ALA A 92 -0.99 -6.85 -7.58
C ALA A 92 0.36 -6.39 -7.07
N VAL A 93 0.39 -5.72 -5.91
CA VAL A 93 1.66 -5.37 -5.27
C VAL A 93 2.46 -6.64 -5.09
N ALA A 94 1.88 -7.62 -4.39
CA ALA A 94 2.48 -8.90 -4.06
C ALA A 94 3.11 -9.56 -5.28
N ALA A 95 2.43 -9.49 -6.42
CA ALA A 95 2.97 -10.00 -7.67
C ALA A 95 4.27 -9.27 -7.96
N GLU A 96 4.25 -7.94 -8.00
CA GLU A 96 5.40 -7.15 -8.32
C GLU A 96 6.56 -7.34 -7.33
N ILE A 97 6.30 -7.67 -6.05
CA ILE A 97 7.34 -8.03 -5.10
C ILE A 97 8.17 -9.15 -5.68
N ASN A 98 7.49 -10.22 -6.11
CA ASN A 98 8.17 -11.37 -6.69
C ASN A 98 8.76 -11.00 -8.05
N ARG A 99 8.10 -10.08 -8.77
CA ARG A 99 8.47 -9.72 -10.13
C ARG A 99 9.82 -9.02 -10.17
N LEU A 100 10.08 -8.15 -9.18
CA LEU A 100 11.34 -7.41 -9.04
C LEU A 100 12.32 -8.18 -8.16
N SER A 101 11.85 -9.20 -7.45
CA SER A 101 12.64 -10.01 -6.50
C SER A 101 13.14 -9.14 -5.34
N ILE A 102 12.24 -8.36 -4.76
CA ILE A 102 12.52 -7.56 -3.59
C ILE A 102 12.65 -8.47 -2.38
N SER A 103 13.37 -8.00 -1.37
CA SER A 103 13.52 -8.69 -0.09
C SER A 103 12.95 -7.90 1.07
N SER A 104 12.65 -6.60 0.91
CA SER A 104 11.95 -5.84 1.92
C SER A 104 11.14 -4.74 1.25
N VAL A 105 9.91 -4.50 1.73
CA VAL A 105 9.12 -3.42 1.21
C VAL A 105 8.20 -2.88 2.31
N ALA A 106 7.93 -1.59 2.24
CA ALA A 106 6.94 -0.94 3.09
C ALA A 106 5.60 -0.95 2.39
N ILE A 107 4.52 -1.11 3.17
CA ILE A 107 3.16 -1.16 2.71
C ILE A 107 2.29 -0.36 3.69
N PRO A 108 1.62 0.71 3.22
CA PRO A 108 0.69 1.45 4.04
C PRO A 108 -0.65 0.73 4.09
N LEU A 109 -1.39 0.87 5.21
CA LEU A 109 -2.74 0.35 5.32
C LEU A 109 -3.65 1.19 4.40
N LEU A 110 -4.00 0.65 3.22
CA LEU A 110 -5.00 1.26 2.34
C LEU A 110 -6.37 1.18 3.02
N SER A 111 -7.32 2.00 2.56
CA SER A 111 -8.68 2.15 3.10
C SER A 111 -8.65 3.09 4.30
N THR A 112 -8.11 4.29 4.11
CA THR A 112 -8.01 5.32 5.15
C THR A 112 -8.01 6.68 4.48
N GLY A 113 -7.10 6.95 3.54
CA GLY A 113 -7.01 8.23 2.88
C GLY A 113 -8.14 8.41 1.86
N ILE A 114 -9.34 8.76 2.32
CA ILE A 114 -10.52 8.99 1.48
C ILE A 114 -10.83 7.72 0.67
N PHE A 115 -10.71 6.54 1.29
CA PHE A 115 -11.07 5.28 0.66
C PHE A 115 -11.73 4.32 1.66
N SER A 116 -12.50 4.83 2.62
CA SER A 116 -13.08 4.00 3.68
C SER A 116 -14.52 4.41 3.94
N ALA A 117 -15.39 4.16 2.97
CA ALA A 117 -16.81 4.45 3.13
C ALA A 117 -17.53 3.27 3.79
N GLY A 118 -17.05 2.80 4.95
CA GLY A 118 -17.68 1.70 5.67
C GLY A 118 -16.69 0.71 6.27
N LYS A 119 -15.44 0.71 5.80
CA LYS A 119 -14.31 0.12 6.50
C LYS A 119 -13.54 1.25 7.17
N ASP A 120 -12.41 0.93 7.81
CA ASP A 120 -11.52 1.87 8.51
C ASP A 120 -10.57 1.08 9.40
N ARG A 121 -11.06 0.00 10.04
CA ARG A 121 -10.20 -0.81 10.88
C ARG A 121 -9.01 -1.30 10.06
N VAL A 122 -7.80 -1.07 10.57
CA VAL A 122 -6.59 -1.59 9.97
C VAL A 122 -6.68 -3.10 9.83
N HIS A 123 -7.24 -3.80 10.81
CA HIS A 123 -7.32 -5.26 10.72
C HIS A 123 -8.15 -5.69 9.51
N GLN A 124 -9.16 -4.90 9.14
CA GLN A 124 -10.00 -5.22 8.00
C GLN A 124 -9.17 -5.03 6.74
N SER A 125 -8.58 -3.85 6.57
CA SER A 125 -7.98 -3.57 5.27
C SER A 125 -6.72 -4.42 5.11
N LEU A 126 -6.02 -4.67 6.22
CA LEU A 126 -4.83 -5.50 6.29
C LEU A 126 -5.19 -6.97 6.20
N SER A 127 -6.40 -7.40 6.52
CA SER A 127 -6.76 -8.80 6.27
C SER A 127 -6.50 -9.14 4.81
N HIS A 128 -6.95 -8.29 3.89
CA HIS A 128 -6.75 -8.58 2.48
C HIS A 128 -5.31 -8.29 2.07
N LEU A 129 -4.67 -7.33 2.73
CA LEU A 129 -3.28 -6.99 2.47
C LEU A 129 -2.40 -8.21 2.70
N LEU A 130 -2.40 -8.73 3.91
CA LEU A 130 -1.63 -9.89 4.33
C LEU A 130 -1.99 -11.08 3.46
N ALA A 131 -3.28 -11.32 3.22
CA ALA A 131 -3.70 -12.43 2.35
C ALA A 131 -3.01 -12.40 0.97
N ALA A 132 -2.62 -11.23 0.49
CA ALA A 132 -1.94 -11.03 -0.78
C ALA A 132 -0.42 -11.08 -0.63
N MET A 133 0.16 -10.24 0.24
CA MET A 133 1.60 -10.15 0.40
C MET A 133 2.18 -11.42 1.01
N ASP A 134 1.35 -12.24 1.66
CA ASP A 134 1.73 -13.57 2.13
C ASP A 134 2.19 -14.44 0.96
N THR A 135 1.66 -14.17 -0.24
CA THR A 135 2.06 -14.89 -1.43
C THR A 135 3.42 -14.39 -1.96
N THR A 136 4.26 -13.76 -1.13
CA THR A 136 5.60 -13.35 -1.50
C THR A 136 6.59 -13.85 -0.44
N GLU A 137 7.88 -13.50 -0.61
CA GLU A 137 8.94 -13.89 0.31
C GLU A 137 9.70 -12.65 0.81
N ALA A 138 9.13 -11.45 0.65
CA ALA A 138 9.77 -10.24 1.14
C ALA A 138 9.24 -9.88 2.52
N ARG A 139 10.01 -9.11 3.30
CA ARG A 139 9.52 -8.58 4.57
C ARG A 139 8.31 -7.68 4.32
N VAL A 140 7.29 -7.80 5.18
CA VAL A 140 6.06 -7.03 5.08
C VAL A 140 6.11 -6.02 6.23
N THR A 141 6.32 -4.75 5.89
CA THR A 141 6.57 -3.73 6.88
C THR A 141 5.43 -2.73 6.84
N ILE A 142 4.58 -2.68 7.87
CA ILE A 142 3.41 -1.82 7.79
C ILE A 142 3.84 -0.39 8.15
N TYR A 143 3.23 0.60 7.50
CA TYR A 143 3.48 2.01 7.73
C TYR A 143 2.16 2.77 7.77
N CYS A 144 2.19 3.95 8.38
CA CYS A 144 1.19 4.99 8.24
C CYS A 144 1.93 6.29 7.97
N ARG A 145 1.91 7.24 8.91
CA ARG A 145 2.42 8.57 8.62
C ARG A 145 3.05 9.25 9.83
N ASP A 146 3.11 8.57 10.97
CA ASP A 146 3.47 9.17 12.25
C ASP A 146 4.11 8.09 13.12
N LYS A 147 3.30 7.48 13.98
CA LYS A 147 3.73 6.57 15.04
C LYS A 147 2.51 6.10 15.83
N THR A 148 1.63 7.02 16.23
CA THR A 148 0.44 6.70 17.01
C THR A 148 -0.44 5.67 16.29
N TRP A 149 -0.76 5.88 15.02
CA TRP A 149 -1.49 4.88 14.24
C TRP A 149 -0.74 3.55 14.24
N GLU A 150 0.58 3.59 14.05
CA GLU A 150 1.42 2.40 14.12
C GLU A 150 1.26 1.67 15.45
N GLN A 151 1.05 2.37 16.57
CA GLN A 151 0.83 1.70 17.85
C GLN A 151 -0.44 0.85 17.80
N LYS A 152 -1.54 1.39 17.27
CA LYS A 152 -2.75 0.59 17.11
C LYS A 152 -2.46 -0.64 16.26
N ILE A 153 -1.76 -0.48 15.14
CA ILE A 153 -1.41 -1.62 14.32
C ILE A 153 -0.50 -2.59 15.07
N LYS A 154 0.33 -2.11 16.00
CA LYS A 154 1.16 -2.98 16.85
C LYS A 154 0.26 -3.93 17.64
N THR A 155 -0.78 -3.38 18.28
CA THR A 155 -1.70 -4.21 19.04
C THR A 155 -2.42 -5.18 18.12
N VAL A 156 -2.83 -4.77 16.93
CA VAL A 156 -3.53 -5.65 16.01
C VAL A 156 -2.64 -6.81 15.59
N LEU A 157 -1.42 -6.52 15.16
CA LEU A 157 -0.44 -7.53 14.75
C LEU A 157 -0.09 -8.45 15.91
N GLN A 158 -0.22 -8.01 17.16
CA GLN A 158 -0.15 -8.89 18.32
C GLN A 158 -1.39 -9.79 18.42
N ASN A 159 -2.58 -9.25 18.15
CA ASN A 159 -3.85 -9.91 18.41
C ASN A 159 -4.30 -10.81 17.26
N ARG A 160 -3.64 -10.74 16.10
CA ARG A 160 -3.94 -11.60 14.96
C ARG A 160 -3.58 -13.05 15.25
N ALA A 2 7.34 -18.02 4.39
CA ALA A 2 6.33 -17.18 5.05
C ALA A 2 7.03 -15.90 5.50
N PRO A 3 6.49 -14.73 5.17
CA PRO A 3 7.04 -13.46 5.60
C PRO A 3 6.69 -13.19 7.07
N ALA A 4 6.96 -11.96 7.54
CA ALA A 4 6.68 -11.55 8.91
C ALA A 4 6.18 -10.12 8.89
N TYR A 5 5.31 -9.80 9.86
CA TYR A 5 4.55 -8.56 9.90
C TYR A 5 5.21 -7.63 10.91
N THR A 6 5.13 -6.31 10.70
CA THR A 6 5.84 -5.34 11.54
C THR A 6 5.12 -3.99 11.44
N VAL A 7 5.43 -3.06 12.33
CA VAL A 7 4.95 -1.68 12.27
C VAL A 7 6.15 -0.75 12.23
N LYS A 8 6.13 0.27 11.38
CA LYS A 8 7.22 1.23 11.29
C LYS A 8 6.65 2.63 11.34
N ARG A 9 7.09 3.42 12.32
CA ARG A 9 6.67 4.80 12.50
C ARG A 9 7.43 5.65 11.51
N ALA A 10 6.76 6.22 10.50
CA ALA A 10 7.37 7.08 9.48
C ALA A 10 6.39 7.33 8.34
N ASP A 11 6.65 8.35 7.53
CA ASP A 11 6.01 8.51 6.22
C ASP A 11 6.40 7.36 5.33
N ILE A 12 5.43 6.78 4.60
CA ILE A 12 5.70 5.70 3.65
C ILE A 12 6.21 6.34 2.34
N ALA A 13 7.43 6.88 2.38
CA ALA A 13 8.03 7.55 1.25
C ALA A 13 9.54 7.36 1.33
N THR A 14 10.13 7.74 2.46
CA THR A 14 11.56 7.61 2.66
C THR A 14 11.82 6.44 3.60
N ALA A 15 11.21 5.30 3.27
CA ALA A 15 11.38 4.04 3.97
C ALA A 15 12.79 3.50 3.73
N ILE A 16 13.08 2.30 4.25
CA ILE A 16 14.37 1.64 4.15
C ILE A 16 14.20 0.26 3.54
N GLU A 17 13.31 0.17 2.55
CA GLU A 17 12.97 -1.08 1.87
C GLU A 17 13.19 -0.93 0.36
N ASP A 18 13.45 -2.06 -0.30
CA ASP A 18 13.82 -2.24 -1.71
C ASP A 18 12.76 -1.61 -2.61
N ALA A 19 11.50 -1.95 -2.32
CA ALA A 19 10.36 -1.28 -2.90
C ALA A 19 9.59 -0.50 -1.83
N VAL A 20 8.77 0.42 -2.30
CA VAL A 20 7.96 1.30 -1.47
C VAL A 20 6.58 1.28 -2.12
N VAL A 21 5.53 0.87 -1.41
CA VAL A 21 4.20 0.85 -1.99
C VAL A 21 3.45 2.07 -1.46
N ASN A 22 2.53 2.63 -2.26
CA ASN A 22 1.72 3.75 -1.83
C ASN A 22 0.23 3.40 -1.91
N ALA A 23 -0.58 4.02 -1.06
CA ALA A 23 -2.02 4.08 -1.24
C ALA A 23 -2.29 4.98 -2.43
N ALA A 24 -2.30 4.40 -3.63
CA ALA A 24 -2.55 5.13 -4.85
C ALA A 24 -4.04 5.38 -5.01
N ASN A 25 -4.37 6.46 -5.71
CA ASN A 25 -5.74 6.93 -5.82
C ASN A 25 -6.45 6.33 -7.02
N HIS A 26 -5.76 6.32 -8.17
CA HIS A 26 -6.26 6.03 -9.50
C HIS A 26 -5.42 6.85 -10.48
N ARG A 27 -5.42 8.18 -10.33
CA ARG A 27 -4.52 9.00 -11.10
C ARG A 27 -3.23 9.06 -10.33
N GLY A 28 -2.16 8.59 -10.95
CA GLY A 28 -0.82 8.89 -10.52
C GLY A 28 -0.50 10.27 -11.07
N GLN A 29 -1.04 11.29 -10.40
CA GLN A 29 -0.68 12.69 -10.64
C GLN A 29 -0.37 13.35 -9.30
N VAL A 30 -0.06 14.65 -9.28
CA VAL A 30 0.24 15.33 -8.03
C VAL A 30 -1.02 15.31 -7.16
N GLY A 31 -0.86 15.11 -5.85
CA GLY A 31 -1.96 15.01 -4.92
C GLY A 31 -1.41 15.17 -3.51
N ASP A 32 -2.23 14.87 -2.50
CA ASP A 32 -1.96 15.23 -1.11
C ASP A 32 -1.71 13.99 -0.25
N GLY A 33 -1.47 14.21 1.05
CA GLY A 33 -1.35 13.13 2.02
C GLY A 33 -0.25 12.12 1.66
N VAL A 34 -0.57 10.83 1.77
CA VAL A 34 0.37 9.73 1.57
C VAL A 34 0.93 9.77 0.15
N CYS A 35 0.09 10.12 -0.83
CA CYS A 35 0.55 10.36 -2.18
C CYS A 35 1.66 11.41 -2.17
N ARG A 36 1.39 12.56 -1.57
CA ARG A 36 2.32 13.68 -1.54
C ARG A 36 3.66 13.32 -0.91
N ALA A 37 3.67 12.46 0.10
CA ALA A 37 4.91 12.04 0.75
C ALA A 37 5.90 11.50 -0.30
N VAL A 38 5.43 10.59 -1.16
CA VAL A 38 6.25 10.05 -2.23
C VAL A 38 6.54 11.13 -3.28
N ALA A 39 5.56 11.99 -3.58
CA ALA A 39 5.66 13.03 -4.61
C ALA A 39 6.50 14.24 -4.18
N ARG A 40 7.61 13.99 -3.47
CA ARG A 40 8.58 14.98 -3.05
C ARG A 40 9.96 14.43 -3.38
N LYS A 41 10.31 13.26 -2.83
CA LYS A 41 11.58 12.62 -3.08
C LYS A 41 11.59 11.93 -4.44
N TRP A 42 10.48 11.32 -4.86
CA TRP A 42 10.41 10.61 -6.13
C TRP A 42 9.22 11.12 -6.95
N PRO A 43 9.25 12.39 -7.37
CA PRO A 43 8.19 12.99 -8.15
C PRO A 43 8.13 12.38 -9.56
N GLN A 44 9.24 11.88 -10.08
CA GLN A 44 9.23 11.19 -11.36
C GLN A 44 8.39 9.91 -11.28
N ALA A 45 8.31 9.27 -10.11
CA ALA A 45 7.44 8.11 -9.96
C ALA A 45 5.96 8.49 -10.10
N PHE A 46 5.63 9.78 -9.95
CA PHE A 46 4.28 10.30 -10.11
C PHE A 46 4.07 10.88 -11.52
N ARG A 47 5.03 10.72 -12.43
CA ARG A 47 4.83 11.14 -13.80
C ARG A 47 3.97 10.05 -14.46
N ASN A 48 2.72 10.38 -14.81
CA ASN A 48 1.78 9.49 -15.49
C ASN A 48 1.74 8.09 -14.89
N ALA A 49 1.55 7.98 -13.58
CA ALA A 49 1.57 6.69 -12.90
C ALA A 49 0.16 6.21 -12.54
N ALA A 50 -0.83 6.67 -13.31
CA ALA A 50 -2.20 6.19 -13.20
C ALA A 50 -2.29 4.72 -13.58
N THR A 51 -3.21 4.02 -12.91
CA THR A 51 -3.49 2.62 -13.15
C THR A 51 -4.92 2.36 -12.65
N PRO A 52 -5.61 1.32 -13.13
CA PRO A 52 -6.99 1.06 -12.74
C PRO A 52 -7.06 0.53 -11.31
N VAL A 53 -8.27 0.53 -10.75
CA VAL A 53 -8.52 0.00 -9.43
C VAL A 53 -8.19 -1.49 -9.40
N GLY A 54 -7.78 -2.00 -8.24
CA GLY A 54 -7.55 -3.41 -8.04
C GLY A 54 -6.26 -3.87 -8.69
N THR A 55 -5.34 -2.95 -8.99
CA THR A 55 -4.06 -3.33 -9.56
C THR A 55 -2.95 -2.55 -8.86
N ALA A 56 -1.70 -2.80 -9.29
CA ALA A 56 -0.52 -2.14 -8.80
C ALA A 56 0.25 -1.66 -10.03
N LYS A 57 0.84 -0.47 -9.97
CA LYS A 57 1.68 0.05 -11.03
C LYS A 57 3.04 0.35 -10.43
N THR A 58 4.07 -0.38 -10.87
CA THR A 58 5.42 -0.12 -10.44
C THR A 58 6.06 0.90 -11.38
N VAL A 59 6.77 1.88 -10.84
CA VAL A 59 7.54 2.83 -11.62
C VAL A 59 8.96 2.78 -11.06
N LYS A 60 9.95 2.98 -11.92
CA LYS A 60 11.34 2.97 -11.52
C LYS A 60 11.79 4.42 -11.54
N CYS A 61 11.94 5.02 -10.37
CA CYS A 61 12.43 6.38 -10.23
C CYS A 61 13.80 6.28 -9.59
N ASP A 62 14.77 7.03 -10.10
CA ASP A 62 16.19 6.89 -9.74
C ASP A 62 16.59 5.41 -9.83
N GLU A 63 16.63 4.71 -8.70
CA GLU A 63 16.97 3.30 -8.65
C GLU A 63 16.13 2.61 -7.57
N THR A 64 14.82 2.89 -7.50
CA THR A 64 13.92 2.25 -6.55
C THR A 64 12.68 1.73 -7.26
N TYR A 65 12.04 0.71 -6.68
CA TYR A 65 10.86 0.10 -7.24
C TYR A 65 9.66 0.61 -6.44
N ILE A 66 9.08 1.72 -6.85
CA ILE A 66 7.93 2.27 -6.15
C ILE A 66 6.70 1.68 -6.80
N ILE A 67 5.71 1.28 -6.01
CA ILE A 67 4.53 0.56 -6.47
C ILE A 67 3.33 1.39 -6.02
N HIS A 68 2.31 1.52 -6.86
CA HIS A 68 1.14 2.32 -6.58
C HIS A 68 -0.07 1.39 -6.60
N ALA A 69 -0.62 1.09 -5.42
CA ALA A 69 -1.71 0.14 -5.24
C ALA A 69 -3.02 0.92 -5.20
N VAL A 70 -3.93 0.72 -6.16
CA VAL A 70 -5.14 1.52 -6.23
C VAL A 70 -6.28 0.79 -5.53
N GLY A 71 -6.85 1.43 -4.50
CA GLY A 71 -7.96 0.90 -3.74
C GLY A 71 -9.30 1.39 -4.31
N PRO A 72 -10.36 0.59 -4.20
CA PRO A 72 -11.69 0.91 -4.69
C PRO A 72 -12.42 1.89 -3.78
N ASN A 73 -13.40 2.58 -4.35
CA ASN A 73 -14.30 3.47 -3.65
C ASN A 73 -15.30 2.66 -2.84
N PHE A 74 -14.90 2.11 -1.70
CA PHE A 74 -15.81 1.41 -0.79
C PHE A 74 -16.96 2.30 -0.32
N ASN A 75 -16.83 3.63 -0.46
CA ASN A 75 -17.86 4.59 -0.08
C ASN A 75 -18.91 4.76 -1.17
N ASN A 76 -18.54 4.43 -2.41
CA ASN A 76 -19.33 4.66 -3.59
C ASN A 76 -19.35 3.40 -4.47
N THR A 77 -19.15 2.22 -3.87
CA THR A 77 -19.17 0.96 -4.61
C THR A 77 -19.68 -0.11 -3.64
N SER A 78 -20.18 -1.25 -4.14
CA SER A 78 -20.68 -2.30 -3.27
C SER A 78 -19.55 -2.95 -2.49
N GLU A 79 -19.88 -3.61 -1.39
CA GLU A 79 -18.93 -4.45 -0.68
C GLU A 79 -18.46 -5.62 -1.54
N ALA A 80 -19.28 -6.10 -2.49
CA ALA A 80 -18.87 -7.17 -3.38
C ALA A 80 -17.66 -6.75 -4.22
N GLU A 81 -17.87 -5.81 -5.13
CA GLU A 81 -16.83 -5.33 -6.04
C GLU A 81 -15.73 -4.65 -5.25
N GLY A 82 -16.09 -3.98 -4.15
CA GLY A 82 -15.17 -3.22 -3.33
C GLY A 82 -14.20 -4.13 -2.58
N ASP A 83 -14.69 -5.21 -1.98
CA ASP A 83 -13.81 -6.14 -1.27
C ASP A 83 -12.93 -6.86 -2.26
N ARG A 84 -13.51 -7.33 -3.37
CA ARG A 84 -12.75 -8.00 -4.42
C ARG A 84 -11.59 -7.13 -4.87
N ASP A 85 -11.86 -5.89 -5.26
CA ASP A 85 -10.86 -4.99 -5.81
C ASP A 85 -9.86 -4.58 -4.74
N LEU A 86 -10.28 -4.43 -3.49
CA LEU A 86 -9.38 -4.12 -2.41
C LEU A 86 -8.34 -5.24 -2.27
N ALA A 87 -8.80 -6.48 -2.31
CA ALA A 87 -7.94 -7.65 -2.25
C ALA A 87 -7.04 -7.70 -3.48
N ALA A 88 -7.60 -7.36 -4.65
CA ALA A 88 -6.91 -7.36 -5.92
C ALA A 88 -5.73 -6.40 -5.89
N ALA A 89 -5.93 -5.20 -5.34
CA ALA A 89 -4.89 -4.19 -5.22
C ALA A 89 -3.70 -4.79 -4.47
N TYR A 90 -3.95 -5.41 -3.31
CA TYR A 90 -2.86 -5.99 -2.55
C TYR A 90 -2.24 -7.18 -3.27
N ARG A 91 -3.04 -8.01 -3.95
CA ARG A 91 -2.53 -9.16 -4.67
C ARG A 91 -1.56 -8.70 -5.74
N ALA A 92 -1.89 -7.60 -6.41
CA ALA A 92 -1.04 -7.02 -7.42
C ALA A 92 0.27 -6.56 -6.77
N VAL A 93 0.21 -5.85 -5.64
CA VAL A 93 1.42 -5.42 -4.93
C VAL A 93 2.32 -6.62 -4.67
N ALA A 94 1.80 -7.62 -3.96
CA ALA A 94 2.48 -8.85 -3.68
C ALA A 94 3.15 -9.42 -4.92
N ALA A 95 2.45 -9.46 -6.06
CA ALA A 95 3.03 -9.92 -7.30
C ALA A 95 4.27 -9.08 -7.64
N GLU A 96 4.16 -7.76 -7.60
CA GLU A 96 5.27 -6.86 -7.91
C GLU A 96 6.51 -7.16 -7.07
N ILE A 97 6.35 -7.66 -5.83
CA ILE A 97 7.48 -8.04 -5.00
C ILE A 97 8.28 -9.14 -5.68
N ASN A 98 7.59 -10.22 -6.07
CA ASN A 98 8.23 -11.33 -6.76
C ASN A 98 8.44 -11.02 -8.24
N ARG A 99 7.95 -9.89 -8.75
CA ARG A 99 8.12 -9.51 -10.14
C ARG A 99 9.45 -8.80 -10.29
N LEU A 100 9.60 -7.68 -9.58
CA LEU A 100 10.82 -6.90 -9.57
C LEU A 100 11.92 -7.68 -8.85
N SER A 101 11.53 -8.66 -8.02
CA SER A 101 12.43 -9.63 -7.41
C SER A 101 13.29 -8.95 -6.36
N ILE A 102 12.69 -8.67 -5.21
CA ILE A 102 13.30 -7.84 -4.18
C ILE A 102 13.18 -8.50 -2.82
N SER A 103 13.95 -8.01 -1.85
CA SER A 103 14.02 -8.62 -0.52
C SER A 103 13.42 -7.73 0.57
N SER A 104 12.90 -6.55 0.23
CA SER A 104 12.16 -5.80 1.23
C SER A 104 11.14 -4.89 0.56
N VAL A 105 9.99 -4.67 1.19
CA VAL A 105 9.05 -3.71 0.68
C VAL A 105 8.22 -3.15 1.83
N ALA A 106 7.97 -1.84 1.80
CA ALA A 106 7.06 -1.19 2.73
C ALA A 106 5.67 -1.18 2.12
N ILE A 107 4.62 -1.35 2.94
CA ILE A 107 3.25 -1.46 2.45
C ILE A 107 2.30 -0.72 3.38
N PRO A 108 1.66 0.37 2.95
CA PRO A 108 0.78 1.11 3.81
C PRO A 108 -0.59 0.44 3.94
N LEU A 109 -1.23 0.55 5.11
CA LEU A 109 -2.61 0.16 5.27
C LEU A 109 -3.47 1.12 4.42
N LEU A 110 -4.03 0.64 3.32
CA LEU A 110 -4.89 1.45 2.46
C LEU A 110 -6.19 1.74 3.17
N SER A 111 -6.35 3.00 3.59
CA SER A 111 -7.58 3.47 4.23
C SER A 111 -7.64 5.00 4.21
N THR A 112 -7.52 5.64 3.05
CA THR A 112 -7.41 7.10 2.99
C THR A 112 -8.28 7.67 1.86
N GLY A 113 -8.39 9.01 1.81
CA GLY A 113 -9.21 9.67 0.81
C GLY A 113 -10.68 9.32 1.03
N ILE A 114 -11.43 9.17 -0.07
CA ILE A 114 -12.82 8.75 -0.03
C ILE A 114 -12.89 7.21 0.01
N PHE A 115 -11.76 6.51 0.01
CA PHE A 115 -11.74 5.06 0.14
C PHE A 115 -11.96 4.68 1.61
N SER A 116 -11.97 3.38 1.92
CA SER A 116 -12.22 2.83 3.25
C SER A 116 -13.71 2.81 3.57
N ALA A 117 -14.37 3.97 3.53
CA ALA A 117 -15.78 4.13 3.86
C ALA A 117 -16.09 3.47 5.21
N GLY A 118 -15.30 3.80 6.23
CA GLY A 118 -15.39 3.15 7.53
C GLY A 118 -15.35 1.64 7.34
N LYS A 119 -14.24 1.12 6.82
CA LYS A 119 -14.04 -0.32 6.84
C LYS A 119 -13.83 -0.77 8.28
N ASP A 120 -13.83 -2.08 8.54
CA ASP A 120 -13.73 -2.56 9.91
C ASP A 120 -12.29 -2.43 10.41
N ARG A 121 -11.95 -1.19 10.78
CA ARG A 121 -10.64 -0.80 11.26
C ARG A 121 -9.53 -1.15 10.25
N VAL A 122 -8.29 -0.94 10.65
CA VAL A 122 -7.13 -1.34 9.87
C VAL A 122 -7.18 -2.83 9.58
N HIS A 123 -7.62 -3.60 10.57
CA HIS A 123 -7.78 -5.04 10.49
C HIS A 123 -8.43 -5.47 9.19
N GLN A 124 -9.37 -4.69 8.65
CA GLN A 124 -10.09 -5.20 7.48
C GLN A 124 -9.22 -5.02 6.26
N SER A 125 -8.47 -3.92 6.19
CA SER A 125 -7.55 -3.75 5.08
C SER A 125 -6.50 -4.84 5.18
N LEU A 126 -5.82 -4.95 6.33
CA LEU A 126 -4.74 -5.89 6.55
C LEU A 126 -5.19 -7.34 6.51
N SER A 127 -6.48 -7.63 6.65
CA SER A 127 -6.94 -9.00 6.42
C SER A 127 -6.58 -9.43 5.00
N HIS A 128 -6.83 -8.57 4.00
CA HIS A 128 -6.53 -8.95 2.62
C HIS A 128 -5.10 -8.59 2.27
N LEU A 129 -4.62 -7.44 2.77
CA LEU A 129 -3.29 -6.94 2.47
C LEU A 129 -2.27 -7.92 2.98
N LEU A 130 -2.36 -8.32 4.25
CA LEU A 130 -1.44 -9.32 4.78
C LEU A 130 -1.59 -10.59 3.97
N ALA A 131 -2.81 -11.12 3.79
CA ALA A 131 -2.99 -12.37 3.05
C ALA A 131 -2.35 -12.35 1.64
N ALA A 132 -2.30 -11.19 1.00
CA ALA A 132 -1.71 -11.01 -0.32
C ALA A 132 -0.20 -10.93 -0.23
N MET A 133 0.35 -10.01 0.54
CA MET A 133 1.79 -9.88 0.76
C MET A 133 2.38 -11.12 1.41
N ASP A 134 1.57 -11.96 2.05
CA ASP A 134 1.96 -13.24 2.62
C ASP A 134 2.47 -14.17 1.52
N THR A 135 1.96 -13.99 0.29
CA THR A 135 2.34 -14.81 -0.84
C THR A 135 3.78 -14.52 -1.31
N THR A 136 4.44 -13.47 -0.81
CA THR A 136 5.78 -13.10 -1.22
C THR A 136 6.81 -13.77 -0.32
N GLU A 137 8.10 -13.46 -0.53
CA GLU A 137 9.17 -13.88 0.35
C GLU A 137 10.02 -12.66 0.72
N ALA A 138 9.37 -11.54 1.04
CA ALA A 138 10.06 -10.36 1.54
C ALA A 138 9.46 -9.94 2.87
N ARG A 139 10.10 -9.01 3.59
CA ARG A 139 9.52 -8.47 4.82
C ARG A 139 8.20 -7.78 4.49
N VAL A 140 7.30 -7.66 5.46
CA VAL A 140 6.01 -7.02 5.27
C VAL A 140 5.90 -6.02 6.40
N THR A 141 6.33 -4.80 6.12
CA THR A 141 6.42 -3.79 7.13
C THR A 141 5.31 -2.80 6.84
N ILE A 142 4.33 -2.74 7.73
CA ILE A 142 3.15 -1.93 7.53
C ILE A 142 3.52 -0.49 7.89
N TYR A 143 2.88 0.46 7.23
CA TYR A 143 2.99 1.87 7.55
C TYR A 143 1.57 2.44 7.49
N CYS A 144 1.39 3.60 8.10
CA CYS A 144 0.18 4.39 8.08
C CYS A 144 0.59 5.86 8.11
N ARG A 145 1.75 6.16 7.50
CA ARG A 145 2.48 7.41 7.49
C ARG A 145 2.62 8.08 8.86
N ASP A 146 2.53 7.37 10.00
CA ASP A 146 2.43 8.09 11.25
C ASP A 146 2.96 7.26 12.43
N LYS A 147 2.49 7.60 13.63
CA LYS A 147 2.61 6.83 14.86
C LYS A 147 1.25 6.58 15.53
N THR A 148 0.21 7.31 15.14
CA THR A 148 -1.11 7.27 15.73
C THR A 148 -1.84 6.01 15.25
N TRP A 149 -2.08 5.88 13.95
CA TRP A 149 -2.64 4.67 13.38
C TRP A 149 -1.64 3.54 13.55
N GLU A 150 -0.34 3.82 13.42
CA GLU A 150 0.71 2.81 13.61
C GLU A 150 0.52 2.06 14.93
N GLN A 151 0.26 2.77 16.03
CA GLN A 151 0.03 2.10 17.31
C GLN A 151 -1.22 1.22 17.24
N LYS A 152 -2.32 1.71 16.67
CA LYS A 152 -3.51 0.89 16.50
C LYS A 152 -3.15 -0.40 15.77
N ILE A 153 -2.41 -0.32 14.68
CA ILE A 153 -2.01 -1.50 13.92
C ILE A 153 -1.10 -2.39 14.77
N LYS A 154 -0.25 -1.85 15.65
CA LYS A 154 0.56 -2.65 16.55
C LYS A 154 -0.35 -3.54 17.39
N THR A 155 -1.39 -2.99 18.00
CA THR A 155 -2.28 -3.81 18.82
C THR A 155 -2.96 -4.87 17.97
N VAL A 156 -3.36 -4.53 16.74
CA VAL A 156 -4.08 -5.46 15.88
C VAL A 156 -3.18 -6.63 15.49
N LEU A 157 -2.00 -6.37 14.90
CA LEU A 157 -1.03 -7.38 14.51
C LEU A 157 -0.72 -8.34 15.65
N GLN A 158 -0.75 -7.89 16.91
CA GLN A 158 -0.60 -8.76 18.08
C GLN A 158 -1.87 -9.57 18.37
N ASN A 159 -3.06 -8.97 18.24
CA ASN A 159 -4.32 -9.60 18.63
C ASN A 159 -4.81 -10.62 17.59
N ARG A 160 -4.50 -10.39 16.32
CA ARG A 160 -4.99 -11.16 15.20
C ARG A 160 -4.14 -12.40 15.00
N ALA A 2 11.96 -15.27 3.53
CA ALA A 2 10.59 -15.45 4.03
C ALA A 2 10.09 -14.09 4.47
N PRO A 3 8.80 -13.78 4.28
CA PRO A 3 8.24 -12.52 4.68
C PRO A 3 8.09 -12.50 6.20
N ALA A 4 8.13 -11.32 6.81
CA ALA A 4 7.95 -11.15 8.24
C ALA A 4 7.33 -9.78 8.47
N TYR A 5 6.35 -9.70 9.38
CA TYR A 5 5.57 -8.49 9.60
C TYR A 5 6.31 -7.58 10.57
N THR A 6 6.19 -6.27 10.40
CA THR A 6 6.89 -5.29 11.23
C THR A 6 6.11 -3.98 11.20
N VAL A 7 6.47 -3.01 12.05
CA VAL A 7 5.78 -1.73 12.18
C VAL A 7 6.82 -0.62 12.32
N LYS A 8 6.63 0.50 11.61
CA LYS A 8 7.49 1.67 11.78
C LYS A 8 6.64 2.94 11.72
N ARG A 9 6.73 3.77 12.77
CA ARG A 9 5.99 5.02 12.91
C ARG A 9 6.69 6.06 12.04
N ALA A 10 6.24 6.26 10.80
CA ALA A 10 6.74 7.32 9.94
C ALA A 10 5.84 7.43 8.71
N ASP A 11 6.09 8.43 7.86
CA ASP A 11 5.51 8.47 6.52
C ASP A 11 6.11 7.31 5.72
N ILE A 12 5.38 6.79 4.73
CA ILE A 12 5.82 5.64 3.93
C ILE A 12 6.71 6.13 2.77
N ALA A 13 7.78 6.85 3.08
CA ALA A 13 8.73 7.35 2.08
C ALA A 13 10.18 7.27 2.53
N THR A 14 10.42 6.78 3.74
CA THR A 14 11.69 6.85 4.43
C THR A 14 12.03 5.47 4.98
N ALA A 15 11.39 4.44 4.43
CA ALA A 15 11.62 3.06 4.83
C ALA A 15 13.00 2.57 4.41
N ILE A 16 13.67 3.26 3.48
CA ILE A 16 14.93 2.91 2.85
C ILE A 16 14.96 1.49 2.27
N GLU A 17 13.78 0.91 2.04
CA GLU A 17 13.64 -0.44 1.52
C GLU A 17 13.73 -0.43 -0.01
N ASP A 18 13.94 -1.60 -0.62
CA ASP A 18 14.20 -1.71 -2.06
C ASP A 18 13.05 -1.10 -2.85
N ALA A 19 11.85 -1.30 -2.30
CA ALA A 19 10.60 -0.84 -2.85
C ALA A 19 9.77 -0.20 -1.74
N VAL A 20 8.93 0.74 -2.12
CA VAL A 20 8.00 1.44 -1.27
C VAL A 20 6.68 1.33 -2.01
N VAL A 21 5.61 0.89 -1.34
CA VAL A 21 4.29 0.80 -1.94
C VAL A 21 3.52 2.03 -1.49
N ASN A 22 2.63 2.54 -2.32
CA ASN A 22 1.93 3.78 -2.06
C ASN A 22 0.44 3.53 -2.06
N ALA A 23 -0.29 4.15 -1.12
CA ALA A 23 -1.74 4.25 -1.22
C ALA A 23 -2.06 5.24 -2.33
N ALA A 24 -2.13 4.75 -3.57
CA ALA A 24 -2.41 5.58 -4.73
C ALA A 24 -3.91 5.60 -5.01
N ASN A 25 -4.36 6.73 -5.54
CA ASN A 25 -5.77 7.01 -5.69
C ASN A 25 -6.35 6.18 -6.83
N HIS A 26 -5.74 6.29 -8.00
CA HIS A 26 -6.20 5.90 -9.33
C HIS A 26 -5.54 6.86 -10.30
N ARG A 27 -5.30 6.46 -11.56
CA ARG A 27 -4.82 7.35 -12.61
C ARG A 27 -3.53 8.12 -12.29
N GLY A 28 -2.75 7.68 -11.29
CA GLY A 28 -1.51 8.36 -10.90
C GLY A 28 -1.79 9.74 -10.31
N GLN A 29 -3.04 10.01 -9.91
CA GLN A 29 -3.46 11.26 -9.31
C GLN A 29 -2.62 11.54 -8.07
N VAL A 30 -2.21 12.79 -7.90
CA VAL A 30 -1.39 13.24 -6.78
C VAL A 30 -2.17 14.33 -6.05
N GLY A 31 -3.16 13.89 -5.28
CA GLY A 31 -3.98 14.74 -4.43
C GLY A 31 -4.17 14.02 -3.10
N ASP A 32 -5.42 13.82 -2.68
CA ASP A 32 -5.75 13.18 -1.40
C ASP A 32 -5.33 11.71 -1.41
N GLY A 33 -4.07 11.42 -1.07
CA GLY A 33 -3.54 10.07 -1.13
C GLY A 33 -2.43 9.89 -0.10
N VAL A 34 -1.20 10.25 -0.47
CA VAL A 34 -0.03 10.11 0.39
C VAL A 34 0.50 11.49 0.74
N CYS A 35 1.27 11.60 1.83
CA CYS A 35 1.97 12.83 2.15
C CYS A 35 2.94 13.23 1.02
N ARG A 36 3.25 14.53 1.00
CA ARG A 36 4.27 15.12 0.15
C ARG A 36 5.61 14.41 0.21
N ALA A 37 5.88 13.62 1.26
CA ALA A 37 7.09 12.84 1.41
C ALA A 37 7.32 11.98 0.17
N VAL A 38 6.37 11.09 -0.16
CA VAL A 38 6.52 10.27 -1.36
C VAL A 38 6.55 11.18 -2.58
N ALA A 39 5.50 12.00 -2.76
CA ALA A 39 5.30 12.77 -3.99
C ALA A 39 6.59 13.47 -4.43
N ARG A 40 7.27 14.14 -3.50
CA ARG A 40 8.48 14.89 -3.81
C ARG A 40 9.66 13.96 -4.07
N LYS A 41 9.84 12.90 -3.27
CA LYS A 41 10.96 11.99 -3.47
C LYS A 41 10.75 11.05 -4.67
N TRP A 42 9.56 11.04 -5.28
CA TRP A 42 9.24 10.13 -6.37
C TRP A 42 8.53 10.85 -7.52
N PRO A 43 9.23 11.76 -8.19
CA PRO A 43 8.64 12.59 -9.22
C PRO A 43 8.26 11.79 -10.47
N GLN A 44 9.24 11.21 -11.17
CA GLN A 44 8.97 10.52 -12.42
C GLN A 44 8.01 9.35 -12.21
N ALA A 45 8.15 8.66 -11.07
CA ALA A 45 7.21 7.65 -10.65
C ALA A 45 5.78 8.19 -10.73
N PHE A 46 5.47 9.24 -9.98
CA PHE A 46 4.12 9.79 -9.95
C PHE A 46 3.73 10.41 -11.29
N ARG A 47 4.70 10.77 -12.14
CA ARG A 47 4.44 11.45 -13.41
C ARG A 47 3.54 10.62 -14.30
N ASN A 48 3.72 9.29 -14.31
CA ASN A 48 2.89 8.42 -15.13
C ASN A 48 2.58 7.14 -14.37
N ALA A 49 2.09 7.28 -13.14
CA ALA A 49 1.70 6.15 -12.33
C ALA A 49 0.23 5.81 -12.55
N ALA A 50 -0.27 6.01 -13.76
CA ALA A 50 -1.68 5.80 -14.05
C ALA A 50 -1.96 4.32 -14.23
N THR A 51 -2.93 3.82 -13.48
CA THR A 51 -3.37 2.43 -13.53
C THR A 51 -4.79 2.40 -12.97
N PRO A 52 -5.60 1.40 -13.35
CA PRO A 52 -6.99 1.30 -12.92
C PRO A 52 -7.07 0.81 -11.47
N VAL A 53 -8.28 0.81 -10.93
CA VAL A 53 -8.57 0.21 -9.64
C VAL A 53 -8.20 -1.27 -9.66
N GLY A 54 -7.80 -1.81 -8.52
CA GLY A 54 -7.55 -3.23 -8.35
C GLY A 54 -6.24 -3.67 -8.99
N THR A 55 -5.29 -2.76 -9.18
CA THR A 55 -4.01 -3.09 -9.75
C THR A 55 -2.89 -2.36 -9.00
N ALA A 56 -1.65 -2.53 -9.45
CA ALA A 56 -0.48 -1.89 -8.90
C ALA A 56 0.40 -1.45 -10.07
N LYS A 57 0.96 -0.24 -10.01
CA LYS A 57 1.84 0.28 -11.03
C LYS A 57 3.23 0.40 -10.45
N THR A 58 4.23 -0.19 -11.06
CA THR A 58 5.59 -0.09 -10.54
C THR A 58 6.39 0.80 -11.47
N VAL A 59 7.08 1.80 -10.92
CA VAL A 59 7.95 2.66 -11.70
C VAL A 59 9.31 2.68 -11.03
N LYS A 60 10.36 2.33 -11.79
CA LYS A 60 11.73 2.34 -11.30
C LYS A 60 12.22 3.77 -11.34
N CYS A 61 12.13 4.47 -10.21
CA CYS A 61 12.57 5.86 -10.16
C CYS A 61 14.05 5.85 -9.79
N ASP A 62 14.92 6.16 -10.76
CA ASP A 62 16.36 6.12 -10.61
C ASP A 62 16.81 4.66 -10.60
N GLU A 63 16.61 3.98 -9.46
CA GLU A 63 16.70 2.53 -9.35
C GLU A 63 15.54 1.95 -8.53
N THR A 64 15.13 2.61 -7.44
CA THR A 64 14.20 2.02 -6.49
C THR A 64 12.86 1.71 -7.16
N TYR A 65 12.19 0.67 -6.68
CA TYR A 65 11.03 0.11 -7.35
C TYR A 65 9.81 0.54 -6.56
N ILE A 66 9.30 1.75 -6.82
CA ILE A 66 8.12 2.20 -6.11
C ILE A 66 6.90 1.62 -6.81
N ILE A 67 5.89 1.24 -6.03
CA ILE A 67 4.71 0.55 -6.47
C ILE A 67 3.53 1.41 -5.99
N HIS A 68 2.50 1.61 -6.82
CA HIS A 68 1.37 2.45 -6.53
C HIS A 68 0.13 1.58 -6.59
N ALA A 69 -0.46 1.24 -5.43
CA ALA A 69 -1.60 0.35 -5.35
C ALA A 69 -2.88 1.16 -5.39
N VAL A 70 -3.92 0.70 -6.09
CA VAL A 70 -5.12 1.48 -6.31
C VAL A 70 -6.33 0.80 -5.70
N GLY A 71 -6.92 1.40 -4.65
CA GLY A 71 -8.06 0.83 -3.96
C GLY A 71 -9.37 1.28 -4.59
N PRO A 72 -10.43 0.47 -4.48
CA PRO A 72 -11.73 0.76 -5.07
C PRO A 72 -12.54 1.74 -4.23
N ASN A 73 -13.55 2.30 -4.88
CA ASN A 73 -14.57 3.14 -4.28
C ASN A 73 -15.60 2.27 -3.56
N PHE A 74 -15.23 1.74 -2.40
CA PHE A 74 -16.15 1.05 -1.50
C PHE A 74 -17.33 1.96 -1.11
N ASN A 75 -17.14 3.30 -1.17
CA ASN A 75 -18.17 4.28 -0.82
C ASN A 75 -19.11 4.59 -1.99
N ASN A 76 -18.80 4.05 -3.17
CA ASN A 76 -19.52 4.29 -4.40
C ASN A 76 -19.71 2.96 -5.13
N THR A 77 -19.51 1.82 -4.47
CA THR A 77 -19.86 0.54 -5.07
C THR A 77 -20.41 -0.41 -4.01
N SER A 78 -20.89 -1.58 -4.43
CA SER A 78 -21.33 -2.64 -3.53
C SER A 78 -20.15 -3.15 -2.73
N GLU A 79 -20.40 -3.59 -1.49
CA GLU A 79 -19.39 -4.19 -0.64
C GLU A 79 -18.61 -5.28 -1.38
N ALA A 80 -19.30 -6.14 -2.15
CA ALA A 80 -18.70 -7.22 -2.91
C ALA A 80 -17.62 -6.75 -3.88
N GLU A 81 -17.97 -5.83 -4.80
CA GLU A 81 -17.01 -5.30 -5.75
C GLU A 81 -15.89 -4.60 -5.00
N GLY A 82 -16.25 -3.94 -3.91
CA GLY A 82 -15.31 -3.20 -3.10
C GLY A 82 -14.24 -4.15 -2.56
N ASP A 83 -14.66 -5.28 -2.02
CA ASP A 83 -13.74 -6.23 -1.38
C ASP A 83 -12.90 -6.93 -2.43
N ARG A 84 -13.51 -7.28 -3.56
CA ARG A 84 -12.82 -7.87 -4.69
C ARG A 84 -11.66 -6.99 -5.13
N ASP A 85 -11.95 -5.78 -5.56
CA ASP A 85 -10.93 -4.91 -6.14
C ASP A 85 -9.93 -4.49 -5.07
N LEU A 86 -10.35 -4.37 -3.81
CA LEU A 86 -9.46 -4.08 -2.71
C LEU A 86 -8.42 -5.20 -2.57
N ALA A 87 -8.88 -6.45 -2.63
CA ALA A 87 -8.00 -7.61 -2.59
C ALA A 87 -7.10 -7.63 -3.82
N ALA A 88 -7.66 -7.26 -4.99
CA ALA A 88 -6.94 -7.23 -6.25
C ALA A 88 -5.77 -6.26 -6.18
N ALA A 89 -5.98 -5.08 -5.59
CA ALA A 89 -4.94 -4.08 -5.43
C ALA A 89 -3.76 -4.68 -4.68
N TYR A 90 -4.01 -5.23 -3.48
CA TYR A 90 -2.91 -5.84 -2.73
C TYR A 90 -2.29 -7.00 -3.50
N ARG A 91 -3.09 -7.79 -4.21
CA ARG A 91 -2.58 -8.93 -4.98
C ARG A 91 -1.64 -8.45 -6.09
N ALA A 92 -1.93 -7.31 -6.70
CA ALA A 92 -1.10 -6.75 -7.74
C ALA A 92 0.21 -6.26 -7.14
N VAL A 93 0.17 -5.62 -5.96
CA VAL A 93 1.39 -5.22 -5.28
C VAL A 93 2.25 -6.45 -5.03
N ALA A 94 1.69 -7.44 -4.33
CA ALA A 94 2.33 -8.68 -3.97
C ALA A 94 3.00 -9.31 -5.20
N ALA A 95 2.27 -9.38 -6.31
CA ALA A 95 2.82 -9.86 -7.56
C ALA A 95 4.09 -9.08 -7.89
N GLU A 96 4.03 -7.74 -7.95
CA GLU A 96 5.19 -6.91 -8.25
C GLU A 96 6.39 -7.19 -7.34
N ILE A 97 6.19 -7.56 -6.08
CA ILE A 97 7.26 -7.92 -5.16
C ILE A 97 8.04 -9.10 -5.74
N ASN A 98 7.33 -10.17 -6.08
CA ASN A 98 7.98 -11.35 -6.63
C ASN A 98 8.50 -11.04 -8.03
N ARG A 99 7.76 -10.21 -8.76
CA ARG A 99 7.98 -9.96 -10.18
C ARG A 99 9.33 -9.29 -10.37
N LEU A 100 9.68 -8.37 -9.47
CA LEU A 100 10.98 -7.74 -9.44
C LEU A 100 11.96 -8.52 -8.53
N SER A 101 11.46 -9.42 -7.68
CA SER A 101 12.23 -10.17 -6.71
C SER A 101 12.96 -9.24 -5.74
N ILE A 102 12.16 -8.45 -5.01
CA ILE A 102 12.61 -7.56 -3.94
C ILE A 102 12.91 -8.39 -2.69
N SER A 103 13.65 -7.79 -1.74
CA SER A 103 13.94 -8.44 -0.46
C SER A 103 13.35 -7.66 0.72
N SER A 104 13.00 -6.38 0.58
CA SER A 104 12.28 -5.67 1.64
C SER A 104 11.40 -4.60 1.01
N VAL A 105 10.18 -4.45 1.50
CA VAL A 105 9.24 -3.49 0.95
C VAL A 105 8.32 -2.97 2.04
N ALA A 106 8.05 -1.66 1.98
CA ALA A 106 7.10 -1.02 2.87
C ALA A 106 5.73 -1.07 2.22
N ILE A 107 4.68 -1.31 3.00
CA ILE A 107 3.31 -1.39 2.53
C ILE A 107 2.40 -0.60 3.48
N PRO A 108 1.76 0.46 3.01
CA PRO A 108 0.90 1.28 3.85
C PRO A 108 -0.45 0.63 4.01
N LEU A 109 -1.08 0.78 5.19
CA LEU A 109 -2.47 0.42 5.35
C LEU A 109 -3.30 1.40 4.50
N LEU A 110 -3.88 0.91 3.39
CA LEU A 110 -4.76 1.72 2.57
C LEU A 110 -6.04 2.05 3.32
N SER A 111 -6.12 3.29 3.78
CA SER A 111 -7.32 3.90 4.35
C SER A 111 -7.16 5.41 4.36
N THR A 112 -7.12 6.03 3.17
CA THR A 112 -6.98 7.48 3.04
C THR A 112 -8.26 8.20 3.49
N GLY A 113 -9.42 7.55 3.37
CA GLY A 113 -10.71 8.18 3.61
C GLY A 113 -11.53 8.11 2.33
N ILE A 114 -10.99 8.68 1.25
CA ILE A 114 -11.65 8.72 -0.05
C ILE A 114 -11.95 7.31 -0.57
N PHE A 115 -11.11 6.33 -0.21
CA PHE A 115 -11.29 4.92 -0.53
C PHE A 115 -11.29 4.11 0.76
N SER A 116 -11.89 4.68 1.82
CA SER A 116 -12.19 3.98 3.06
C SER A 116 -13.68 3.66 3.14
N ALA A 117 -14.57 4.57 2.72
CA ALA A 117 -16.01 4.42 2.91
C ALA A 117 -16.37 4.17 4.38
N GLY A 118 -15.79 4.96 5.29
CA GLY A 118 -16.09 4.85 6.72
C GLY A 118 -15.60 3.56 7.34
N LYS A 119 -14.63 2.89 6.71
CA LYS A 119 -14.05 1.64 7.20
C LYS A 119 -13.17 1.95 8.41
N ASP A 120 -12.12 2.73 8.14
CA ASP A 120 -11.04 3.14 9.03
C ASP A 120 -10.75 2.11 10.10
N ARG A 121 -10.51 0.89 9.60
CA ARG A 121 -10.19 -0.30 10.36
C ARG A 121 -8.98 -0.89 9.69
N VAL A 122 -7.83 -0.80 10.33
CA VAL A 122 -6.63 -1.37 9.76
C VAL A 122 -6.82 -2.87 9.61
N HIS A 123 -7.36 -3.56 10.61
CA HIS A 123 -7.58 -4.99 10.53
C HIS A 123 -8.33 -5.39 9.26
N GLN A 124 -9.15 -4.49 8.70
CA GLN A 124 -9.88 -4.75 7.49
C GLN A 124 -8.88 -4.80 6.35
N SER A 125 -8.17 -3.68 6.11
CA SER A 125 -7.27 -3.61 4.97
C SER A 125 -6.21 -4.70 5.12
N LEU A 126 -5.59 -4.74 6.29
CA LEU A 126 -4.54 -5.63 6.73
C LEU A 126 -4.93 -7.10 6.54
N SER A 127 -6.22 -7.44 6.64
CA SER A 127 -6.68 -8.77 6.29
C SER A 127 -6.36 -9.04 4.82
N HIS A 128 -6.85 -8.18 3.92
CA HIS A 128 -6.74 -8.43 2.48
C HIS A 128 -5.29 -8.25 2.01
N LEU A 129 -4.57 -7.34 2.69
CA LEU A 129 -3.22 -6.91 2.42
C LEU A 129 -2.28 -8.04 2.78
N LEU A 130 -2.34 -8.55 4.01
CA LEU A 130 -1.51 -9.67 4.41
C LEU A 130 -1.86 -10.88 3.56
N ALA A 131 -3.14 -11.15 3.27
CA ALA A 131 -3.52 -12.28 2.44
C ALA A 131 -2.81 -12.27 1.07
N ALA A 132 -2.45 -11.10 0.56
CA ALA A 132 -1.75 -10.94 -0.70
C ALA A 132 -0.23 -10.95 -0.50
N MET A 133 0.28 -10.17 0.44
CA MET A 133 1.70 -10.00 0.69
C MET A 133 2.32 -11.29 1.22
N ASP A 134 1.51 -12.15 1.82
CA ASP A 134 1.88 -13.49 2.23
C ASP A 134 2.36 -14.29 1.02
N THR A 135 1.81 -14.00 -0.16
CA THR A 135 2.24 -14.65 -1.39
C THR A 135 3.53 -14.05 -1.94
N THR A 136 4.30 -13.27 -1.18
CA THR A 136 5.63 -12.83 -1.57
C THR A 136 6.67 -13.51 -0.68
N GLU A 137 7.93 -13.07 -0.72
CA GLU A 137 8.93 -13.58 0.20
C GLU A 137 9.75 -12.47 0.87
N ALA A 138 9.37 -11.21 0.64
CA ALA A 138 10.14 -10.05 1.06
C ALA A 138 9.69 -9.57 2.44
N ARG A 139 10.49 -8.72 3.08
CA ARG A 139 10.10 -8.11 4.35
C ARG A 139 8.80 -7.35 4.19
N VAL A 140 7.98 -7.32 5.23
CA VAL A 140 6.65 -6.74 5.20
C VAL A 140 6.61 -5.68 6.29
N THR A 141 6.88 -4.44 5.90
CA THR A 141 7.02 -3.35 6.84
C THR A 141 5.80 -2.47 6.73
N ILE A 142 4.91 -2.53 7.71
CA ILE A 142 3.68 -1.76 7.66
C ILE A 142 3.99 -0.34 8.10
N TYR A 143 3.29 0.61 7.48
CA TYR A 143 3.36 2.02 7.81
C TYR A 143 1.95 2.59 7.79
N CYS A 144 1.73 3.64 8.57
CA CYS A 144 0.60 4.54 8.41
C CYS A 144 1.04 5.96 8.78
N ARG A 145 1.67 6.16 9.94
CA ARG A 145 2.25 7.44 10.34
C ARG A 145 2.94 7.32 11.69
N ASP A 146 3.56 8.41 12.12
CA ASP A 146 4.10 8.58 13.46
C ASP A 146 3.01 8.87 14.50
N LYS A 147 1.97 8.03 14.60
CA LYS A 147 0.89 8.28 15.55
C LYS A 147 0.27 6.98 16.07
N THR A 148 -0.71 7.10 16.98
CA THR A 148 -1.39 6.00 17.65
C THR A 148 -2.08 5.05 16.68
N TRP A 149 -2.44 5.49 15.48
CA TRP A 149 -2.94 4.59 14.45
C TRP A 149 -1.96 3.43 14.21
N GLU A 150 -0.67 3.73 14.20
CA GLU A 150 0.39 2.74 14.05
C GLU A 150 0.35 1.75 15.21
N GLN A 151 0.05 2.23 16.41
CA GLN A 151 -0.11 1.40 17.61
C GLN A 151 -1.24 0.39 17.41
N LYS A 152 -2.38 0.83 16.90
CA LYS A 152 -3.45 -0.11 16.53
C LYS A 152 -2.90 -1.17 15.59
N ILE A 153 -2.20 -0.78 14.53
CA ILE A 153 -1.67 -1.76 13.60
C ILE A 153 -0.74 -2.74 14.31
N LYS A 154 0.08 -2.28 15.26
CA LYS A 154 0.97 -3.15 16.02
C LYS A 154 0.18 -4.26 16.72
N THR A 155 -0.80 -3.90 17.56
CA THR A 155 -1.53 -4.92 18.31
C THR A 155 -2.29 -5.85 17.36
N VAL A 156 -2.78 -5.34 16.23
CA VAL A 156 -3.44 -6.17 15.24
C VAL A 156 -2.45 -7.22 14.71
N LEU A 157 -1.24 -6.80 14.32
CA LEU A 157 -0.19 -7.71 13.86
C LEU A 157 0.13 -8.77 14.92
N GLN A 158 0.06 -8.46 16.21
CA GLN A 158 0.22 -9.50 17.23
C GLN A 158 -1.04 -10.37 17.35
N ASN A 159 -2.22 -9.82 17.06
CA ASN A 159 -3.48 -10.55 17.08
C ASN A 159 -3.73 -11.35 15.79
N ARG A 160 -2.82 -11.38 14.82
CA ARG A 160 -3.06 -11.92 13.50
C ARG A 160 -1.92 -12.83 13.10
N ALA A 2 11.35 -16.76 6.56
CA ALA A 2 10.62 -16.33 5.35
C ALA A 2 10.25 -14.86 5.55
N PRO A 3 9.56 -14.18 4.64
CA PRO A 3 9.16 -12.80 4.89
C PRO A 3 8.08 -12.75 5.97
N ALA A 4 7.83 -11.57 6.51
CA ALA A 4 6.90 -11.37 7.61
C ALA A 4 6.59 -9.89 7.71
N TYR A 5 5.47 -9.57 8.34
CA TYR A 5 4.97 -8.21 8.55
C TYR A 5 5.58 -7.65 9.84
N THR A 6 5.60 -6.34 9.97
CA THR A 6 6.21 -5.63 11.10
C THR A 6 5.56 -4.25 11.15
N VAL A 7 5.93 -3.40 12.11
CA VAL A 7 5.32 -2.09 12.32
C VAL A 7 6.41 -1.04 12.28
N LYS A 8 6.17 0.08 11.58
CA LYS A 8 7.15 1.17 11.55
C LYS A 8 6.46 2.52 11.73
N ARG A 9 7.09 3.37 12.52
CA ARG A 9 6.76 4.78 12.66
C ARG A 9 7.69 5.55 11.73
N ALA A 10 7.15 6.09 10.64
CA ALA A 10 7.81 7.02 9.72
C ALA A 10 6.90 7.18 8.51
N ASP A 11 7.20 8.14 7.64
CA ASP A 11 6.49 8.24 6.37
C ASP A 11 6.85 7.07 5.47
N ILE A 12 5.94 6.69 4.57
CA ILE A 12 6.15 5.60 3.62
C ILE A 12 6.97 6.09 2.40
N ALA A 13 8.07 6.79 2.66
CA ALA A 13 9.08 7.14 1.67
C ALA A 13 10.47 7.23 2.31
N THR A 14 10.63 6.59 3.47
CA THR A 14 11.86 6.61 4.24
C THR A 14 12.16 5.20 4.76
N ALA A 15 11.50 4.19 4.18
CA ALA A 15 11.61 2.82 4.63
C ALA A 15 12.99 2.23 4.39
N ILE A 16 13.77 2.81 3.47
CA ILE A 16 14.99 2.29 2.86
C ILE A 16 14.83 0.88 2.27
N GLU A 17 13.60 0.45 2.07
CA GLU A 17 13.31 -0.84 1.46
C GLU A 17 13.43 -0.74 -0.06
N ASP A 18 13.57 -1.91 -0.68
CA ASP A 18 13.91 -2.10 -2.09
C ASP A 18 12.77 -1.54 -2.95
N ALA A 19 11.55 -1.96 -2.62
CA ALA A 19 10.35 -1.30 -3.10
C ALA A 19 9.65 -0.54 -1.97
N VAL A 20 8.75 0.34 -2.37
CA VAL A 20 7.93 1.18 -1.52
C VAL A 20 6.57 1.17 -2.18
N VAL A 21 5.49 0.91 -1.47
CA VAL A 21 4.15 0.91 -2.06
C VAL A 21 3.45 2.19 -1.60
N ASN A 22 2.62 2.79 -2.45
CA ASN A 22 1.91 4.01 -2.13
C ASN A 22 0.41 3.72 -2.08
N ALA A 23 -0.31 4.41 -1.20
CA ALA A 23 -1.77 4.41 -1.19
C ALA A 23 -2.24 5.29 -2.33
N ALA A 24 -2.10 4.79 -3.57
CA ALA A 24 -2.50 5.53 -4.74
C ALA A 24 -4.03 5.53 -4.84
N ASN A 25 -4.58 6.62 -5.37
CA ASN A 25 -6.02 6.87 -5.33
C ASN A 25 -6.50 7.12 -6.75
N HIS A 26 -6.27 6.12 -7.61
CA HIS A 26 -6.61 6.12 -9.03
C HIS A 26 -5.99 7.31 -9.78
N ARG A 27 -5.06 8.05 -9.17
CA ARG A 27 -4.52 9.27 -9.74
C ARG A 27 -3.04 9.36 -9.42
N GLY A 28 -2.18 9.16 -10.42
CA GLY A 28 -0.76 9.46 -10.27
C GLY A 28 -0.53 10.95 -10.54
N GLN A 29 -1.25 11.81 -9.83
CA GLN A 29 -1.18 13.26 -9.97
C GLN A 29 -1.46 13.88 -8.59
N VAL A 30 -0.59 13.57 -7.63
CA VAL A 30 -0.63 14.06 -6.25
C VAL A 30 -1.87 13.53 -5.52
N GLY A 31 -1.70 12.45 -4.75
CA GLY A 31 -2.79 11.90 -3.95
C GLY A 31 -2.95 12.69 -2.64
N ASP A 32 -4.12 12.57 -2.03
CA ASP A 32 -4.59 13.43 -0.94
C ASP A 32 -4.15 12.91 0.44
N GLY A 33 -4.06 11.59 0.59
CA GLY A 33 -3.78 10.97 1.88
C GLY A 33 -2.29 10.95 2.18
N VAL A 34 -1.76 9.80 2.59
CA VAL A 34 -0.32 9.67 2.67
C VAL A 34 0.21 9.64 1.24
N CYS A 35 0.78 10.75 0.79
CA CYS A 35 1.29 10.88 -0.57
C CYS A 35 2.43 11.88 -0.62
N ARG A 36 2.30 13.04 0.03
CA ARG A 36 3.33 14.08 0.02
C ARG A 36 4.74 13.52 0.24
N ALA A 37 4.91 12.62 1.20
CA ALA A 37 6.20 12.00 1.47
C ALA A 37 6.80 11.35 0.22
N VAL A 38 6.02 10.51 -0.45
CA VAL A 38 6.43 9.85 -1.68
C VAL A 38 6.71 10.91 -2.76
N ALA A 39 5.90 11.97 -2.84
CA ALA A 39 6.14 13.08 -3.75
C ALA A 39 7.40 13.88 -3.37
N ARG A 40 7.92 13.74 -2.14
CA ARG A 40 9.14 14.40 -1.69
C ARG A 40 10.36 13.49 -1.83
N LYS A 41 10.22 12.33 -2.49
CA LYS A 41 11.35 11.41 -2.63
C LYS A 41 11.45 10.92 -4.07
N TRP A 42 10.33 10.47 -4.62
CA TRP A 42 10.29 9.97 -5.99
C TRP A 42 9.04 10.47 -6.72
N PRO A 43 8.81 11.80 -6.80
CA PRO A 43 7.65 12.37 -7.46
C PRO A 43 7.60 11.96 -8.93
N GLN A 44 8.74 12.06 -9.61
CA GLN A 44 8.80 11.77 -11.03
C GLN A 44 8.46 10.31 -11.33
N ALA A 45 8.59 9.41 -10.35
CA ALA A 45 8.34 8.00 -10.57
C ALA A 45 6.92 7.79 -11.10
N PHE A 46 5.94 8.49 -10.53
CA PHE A 46 4.54 8.33 -10.93
C PHE A 46 4.07 9.56 -11.71
N ARG A 47 4.96 10.18 -12.49
CA ARG A 47 4.66 11.45 -13.14
C ARG A 47 3.52 11.28 -14.14
N ASN A 48 2.29 11.58 -13.72
CA ASN A 48 1.07 11.34 -14.48
C ASN A 48 0.97 9.87 -14.89
N ALA A 49 1.27 8.96 -13.95
CA ALA A 49 1.26 7.53 -14.22
C ALA A 49 -0.18 7.04 -14.30
N ALA A 50 -0.85 7.07 -13.15
CA ALA A 50 -2.21 6.60 -12.92
C ALA A 50 -2.34 5.09 -13.17
N THR A 51 -3.29 4.45 -12.50
CA THR A 51 -3.58 3.05 -12.74
C THR A 51 -5.00 2.78 -12.25
N PRO A 52 -5.73 1.84 -12.85
CA PRO A 52 -7.11 1.57 -12.49
C PRO A 52 -7.20 0.91 -11.11
N VAL A 53 -8.42 0.84 -10.59
CA VAL A 53 -8.72 0.16 -9.35
C VAL A 53 -8.29 -1.30 -9.43
N GLY A 54 -7.86 -1.87 -8.30
CA GLY A 54 -7.59 -3.28 -8.18
C GLY A 54 -6.30 -3.68 -8.88
N THR A 55 -5.38 -2.73 -9.07
CA THR A 55 -4.10 -3.04 -9.69
C THR A 55 -2.96 -2.37 -8.90
N ALA A 56 -1.73 -2.66 -9.32
CA ALA A 56 -0.52 -2.08 -8.76
C ALA A 56 0.35 -1.66 -9.93
N LYS A 57 0.68 -0.38 -10.05
CA LYS A 57 1.55 0.10 -11.10
C LYS A 57 2.95 0.29 -10.52
N THR A 58 3.89 -0.52 -10.97
CA THR A 58 5.29 -0.35 -10.62
C THR A 58 5.91 0.67 -11.55
N VAL A 59 6.73 1.58 -11.02
CA VAL A 59 7.54 2.51 -11.78
C VAL A 59 8.90 2.61 -11.09
N LYS A 60 9.93 3.05 -11.82
CA LYS A 60 11.28 3.15 -11.30
C LYS A 60 11.64 4.63 -11.29
N CYS A 61 12.14 5.15 -10.17
CA CYS A 61 12.60 6.54 -10.18
C CYS A 61 14.00 6.58 -10.77
N ASP A 62 14.88 5.79 -10.15
CA ASP A 62 16.26 5.58 -10.57
C ASP A 62 16.51 4.09 -10.35
N GLU A 63 16.76 3.71 -9.09
CA GLU A 63 17.14 2.35 -8.75
C GLU A 63 16.11 1.66 -7.85
N THR A 64 15.12 2.38 -7.33
CA THR A 64 14.09 1.80 -6.48
C THR A 64 12.89 1.38 -7.32
N TYR A 65 12.11 0.44 -6.80
CA TYR A 65 10.98 -0.16 -7.49
C TYR A 65 9.73 0.26 -6.74
N ILE A 66 9.21 1.45 -7.03
CA ILE A 66 8.08 1.95 -6.28
C ILE A 66 6.80 1.44 -6.93
N ILE A 67 5.77 1.16 -6.14
CA ILE A 67 4.55 0.51 -6.58
C ILE A 67 3.38 1.40 -6.13
N HIS A 68 2.34 1.55 -6.94
CA HIS A 68 1.19 2.38 -6.65
C HIS A 68 -0.05 1.50 -6.65
N ALA A 69 -0.60 1.18 -5.47
CA ALA A 69 -1.75 0.30 -5.36
C ALA A 69 -3.01 1.15 -5.30
N VAL A 70 -4.12 0.70 -5.90
CA VAL A 70 -5.35 1.48 -5.93
C VAL A 70 -6.53 0.68 -5.39
N GLY A 71 -7.26 1.27 -4.45
CA GLY A 71 -8.40 0.65 -3.80
C GLY A 71 -9.71 1.08 -4.46
N PRO A 72 -10.78 0.30 -4.27
CA PRO A 72 -12.07 0.52 -4.91
C PRO A 72 -12.95 1.51 -4.15
N ASN A 73 -13.98 2.01 -4.85
CA ASN A 73 -14.98 2.89 -4.29
C ASN A 73 -15.92 2.07 -3.42
N PHE A 74 -15.54 1.73 -2.19
CA PHE A 74 -16.43 1.00 -1.28
C PHE A 74 -17.71 1.79 -0.99
N ASN A 75 -17.70 3.11 -1.22
CA ASN A 75 -18.82 4.02 -1.02
C ASN A 75 -19.77 4.01 -2.21
N ASN A 76 -19.29 3.55 -3.36
CA ASN A 76 -20.00 3.59 -4.62
C ASN A 76 -19.88 2.21 -5.29
N THR A 77 -19.64 1.14 -4.52
CA THR A 77 -19.65 -0.20 -5.10
C THR A 77 -20.23 -1.20 -4.09
N SER A 78 -20.50 -2.44 -4.52
CA SER A 78 -21.00 -3.45 -3.61
C SER A 78 -19.93 -3.79 -2.58
N GLU A 79 -20.33 -4.38 -1.44
CA GLU A 79 -19.36 -4.90 -0.48
C GLU A 79 -18.51 -5.97 -1.16
N ALA A 80 -19.14 -6.82 -1.98
CA ALA A 80 -18.45 -7.91 -2.66
C ALA A 80 -17.39 -7.39 -3.61
N GLU A 81 -17.81 -6.50 -4.52
CA GLU A 81 -16.93 -5.86 -5.50
C GLU A 81 -15.83 -5.11 -4.76
N GLY A 82 -16.18 -4.54 -3.60
CA GLY A 82 -15.27 -3.74 -2.81
C GLY A 82 -14.15 -4.60 -2.26
N ASP A 83 -14.49 -5.74 -1.67
CA ASP A 83 -13.49 -6.62 -1.07
C ASP A 83 -12.65 -7.27 -2.17
N ARG A 84 -13.26 -7.63 -3.29
CA ARG A 84 -12.54 -8.24 -4.41
C ARG A 84 -11.52 -7.28 -4.97
N ASP A 85 -11.92 -6.07 -5.34
CA ASP A 85 -11.01 -5.10 -5.94
C ASP A 85 -9.95 -4.66 -4.93
N LEU A 86 -10.31 -4.50 -3.65
CA LEU A 86 -9.34 -4.18 -2.63
C LEU A 86 -8.30 -5.30 -2.51
N ALA A 87 -8.77 -6.54 -2.55
CA ALA A 87 -7.90 -7.70 -2.50
C ALA A 87 -7.08 -7.79 -3.79
N ALA A 88 -7.61 -7.29 -4.91
CA ALA A 88 -6.93 -7.28 -6.19
C ALA A 88 -5.76 -6.31 -6.14
N ALA A 89 -5.96 -5.14 -5.53
CA ALA A 89 -4.94 -4.14 -5.34
C ALA A 89 -3.79 -4.77 -4.58
N TYR A 90 -4.07 -5.34 -3.41
CA TYR A 90 -3.06 -5.94 -2.58
C TYR A 90 -2.37 -7.12 -3.26
N ARG A 91 -3.14 -8.00 -3.91
CA ARG A 91 -2.60 -9.16 -4.61
C ARG A 91 -1.68 -8.71 -5.73
N ALA A 92 -2.03 -7.62 -6.41
CA ALA A 92 -1.23 -7.06 -7.47
C ALA A 92 0.10 -6.61 -6.88
N VAL A 93 0.09 -5.87 -5.76
CA VAL A 93 1.31 -5.44 -5.11
C VAL A 93 2.20 -6.64 -4.83
N ALA A 94 1.64 -7.63 -4.13
CA ALA A 94 2.32 -8.87 -3.79
C ALA A 94 2.97 -9.50 -5.04
N ALA A 95 2.25 -9.55 -6.15
CA ALA A 95 2.81 -10.07 -7.39
C ALA A 95 4.07 -9.27 -7.73
N GLU A 96 3.97 -7.94 -7.81
CA GLU A 96 5.09 -7.08 -8.15
C GLU A 96 6.32 -7.36 -7.26
N ILE A 97 6.15 -7.78 -6.01
CA ILE A 97 7.27 -8.09 -5.14
C ILE A 97 8.11 -9.21 -5.75
N ASN A 98 7.45 -10.32 -6.08
CA ASN A 98 8.15 -11.44 -6.69
C ASN A 98 8.62 -11.05 -8.10
N ARG A 99 7.84 -10.22 -8.78
CA ARG A 99 8.05 -9.87 -10.18
C ARG A 99 9.37 -9.11 -10.34
N LEU A 100 9.58 -8.16 -9.43
CA LEU A 100 10.77 -7.36 -9.31
C LEU A 100 11.89 -8.21 -8.71
N SER A 101 11.53 -9.24 -7.94
CA SER A 101 12.48 -10.10 -7.22
C SER A 101 13.31 -9.25 -6.27
N ILE A 102 12.63 -8.66 -5.29
CA ILE A 102 13.23 -7.82 -4.26
C ILE A 102 13.17 -8.52 -2.92
N SER A 103 13.79 -7.91 -1.90
CA SER A 103 13.88 -8.54 -0.59
C SER A 103 13.38 -7.65 0.54
N SER A 104 12.89 -6.44 0.28
CA SER A 104 12.22 -5.66 1.32
C SER A 104 11.19 -4.74 0.65
N VAL A 105 10.05 -4.51 1.30
CA VAL A 105 9.06 -3.62 0.75
C VAL A 105 8.15 -3.06 1.85
N ALA A 106 7.94 -1.75 1.78
CA ALA A 106 7.05 -1.04 2.68
C ALA A 106 5.64 -1.03 2.10
N ILE A 107 4.62 -1.17 2.94
CA ILE A 107 3.24 -1.28 2.51
C ILE A 107 2.35 -0.44 3.44
N PRO A 108 1.67 0.60 2.93
CA PRO A 108 0.79 1.42 3.72
C PRO A 108 -0.60 0.78 3.81
N LEU A 109 -1.26 0.92 4.96
CA LEU A 109 -2.66 0.53 5.09
C LEU A 109 -3.51 1.48 4.23
N LEU A 110 -3.90 1.06 3.02
CA LEU A 110 -4.80 1.82 2.16
C LEU A 110 -6.09 2.14 2.93
N SER A 111 -6.34 3.43 3.13
CA SER A 111 -7.57 3.94 3.73
C SER A 111 -7.71 5.43 3.39
N THR A 112 -7.66 5.79 2.10
CA THR A 112 -7.74 7.18 1.68
C THR A 112 -9.20 7.61 1.61
N GLY A 113 -9.53 8.84 2.05
CA GLY A 113 -10.90 9.34 2.10
C GLY A 113 -11.45 9.64 0.71
N ILE A 114 -11.78 8.58 -0.02
CA ILE A 114 -12.17 8.56 -1.42
C ILE A 114 -12.41 7.09 -1.80
N PHE A 115 -11.51 6.19 -1.37
CA PHE A 115 -11.57 4.75 -1.64
C PHE A 115 -11.55 3.96 -0.33
N SER A 116 -12.23 4.48 0.69
CA SER A 116 -12.44 3.79 1.97
C SER A 116 -13.92 3.59 2.29
N ALA A 117 -14.73 4.65 2.14
CA ALA A 117 -16.13 4.66 2.55
C ALA A 117 -16.25 4.56 4.07
N GLY A 118 -15.47 5.37 4.80
CA GLY A 118 -15.50 5.40 6.26
C GLY A 118 -15.11 4.04 6.86
N LYS A 119 -14.16 3.36 6.23
CA LYS A 119 -13.80 2.00 6.62
C LYS A 119 -13.18 1.97 8.02
N ASP A 120 -12.21 2.86 8.22
CA ASP A 120 -11.35 3.01 9.40
C ASP A 120 -11.15 1.72 10.19
N ARG A 121 -10.63 0.69 9.50
CA ARG A 121 -10.15 -0.51 10.16
C ARG A 121 -8.92 -1.02 9.44
N VAL A 122 -7.77 -0.81 10.07
CA VAL A 122 -6.55 -1.44 9.57
C VAL A 122 -6.72 -2.95 9.62
N HIS A 123 -7.31 -3.50 10.68
CA HIS A 123 -7.56 -4.92 10.79
C HIS A 123 -8.28 -5.45 9.54
N GLN A 124 -9.15 -4.64 8.93
CA GLN A 124 -9.86 -5.07 7.74
C GLN A 124 -8.90 -5.02 6.56
N SER A 125 -8.34 -3.84 6.28
CA SER A 125 -7.56 -3.64 5.06
C SER A 125 -6.38 -4.62 5.05
N LEU A 126 -5.63 -4.61 6.16
CA LEU A 126 -4.49 -5.46 6.42
C LEU A 126 -4.85 -6.93 6.44
N SER A 127 -6.10 -7.36 6.69
CA SER A 127 -6.37 -8.78 6.52
C SER A 127 -6.17 -9.16 5.05
N HIS A 128 -6.68 -8.37 4.13
CA HIS A 128 -6.55 -8.69 2.71
C HIS A 128 -5.08 -8.57 2.31
N LEU A 129 -4.42 -7.49 2.74
CA LEU A 129 -3.01 -7.28 2.44
C LEU A 129 -2.14 -8.35 3.07
N LEU A 130 -2.54 -8.94 4.20
CA LEU A 130 -1.78 -10.03 4.79
C LEU A 130 -1.84 -11.19 3.81
N ALA A 131 -3.03 -11.73 3.56
CA ALA A 131 -3.19 -12.89 2.68
C ALA A 131 -2.52 -12.69 1.30
N ALA A 132 -2.41 -11.47 0.81
CA ALA A 132 -1.72 -11.12 -0.41
C ALA A 132 -0.20 -11.16 -0.23
N MET A 133 0.35 -10.36 0.69
CA MET A 133 1.78 -10.16 0.81
C MET A 133 2.45 -11.41 1.39
N ASP A 134 1.68 -12.29 2.02
CA ASP A 134 2.11 -13.61 2.46
C ASP A 134 2.69 -14.37 1.27
N THR A 135 2.15 -14.11 0.07
CA THR A 135 2.53 -14.87 -1.12
C THR A 135 3.87 -14.38 -1.71
N THR A 136 4.58 -13.44 -1.08
CA THR A 136 5.80 -12.87 -1.64
C THR A 136 7.06 -13.57 -1.11
N GLU A 137 8.22 -12.98 -1.37
CA GLU A 137 9.49 -13.47 -0.83
C GLU A 137 10.33 -12.29 -0.34
N ALA A 138 9.69 -11.22 0.16
CA ALA A 138 10.40 -10.01 0.57
C ALA A 138 9.86 -9.53 1.91
N ARG A 139 10.72 -8.97 2.77
CA ARG A 139 10.32 -8.48 4.09
C ARG A 139 9.14 -7.52 3.95
N VAL A 140 8.22 -7.53 4.91
CA VAL A 140 6.98 -6.78 4.82
C VAL A 140 6.92 -5.86 6.02
N THR A 141 6.70 -4.58 5.78
CA THR A 141 6.79 -3.60 6.83
C THR A 141 5.60 -2.68 6.66
N ILE A 142 4.66 -2.70 7.61
CA ILE A 142 3.45 -1.92 7.48
C ILE A 142 3.79 -0.49 7.92
N TYR A 143 3.25 0.50 7.22
CA TYR A 143 3.47 1.91 7.51
C TYR A 143 2.13 2.62 7.59
N CYS A 144 2.13 3.79 8.25
CA CYS A 144 1.00 4.69 8.24
C CYS A 144 1.53 6.09 8.50
N ARG A 145 0.65 7.08 8.61
CA ARG A 145 1.07 8.43 9.01
C ARG A 145 1.69 8.33 10.40
N ASP A 146 2.88 8.90 10.59
CA ASP A 146 3.58 8.84 11.86
C ASP A 146 2.75 9.54 12.93
N LYS A 147 2.09 8.76 13.79
CA LYS A 147 1.16 9.22 14.80
C LYS A 147 0.62 7.99 15.55
N THR A 148 -0.39 8.19 16.39
CA THR A 148 -1.25 7.14 16.94
C THR A 148 -1.88 6.24 15.86
N TRP A 149 -1.85 6.62 14.57
CA TRP A 149 -2.28 5.71 13.53
C TRP A 149 -1.46 4.42 13.58
N GLU A 150 -0.16 4.52 13.82
CA GLU A 150 0.66 3.34 14.06
C GLU A 150 0.15 2.59 15.28
N GLN A 151 -0.10 3.25 16.43
CA GLN A 151 -0.44 2.51 17.64
C GLN A 151 -1.56 1.49 17.41
N LYS A 152 -2.63 1.86 16.72
CA LYS A 152 -3.70 0.89 16.46
C LYS A 152 -3.17 -0.28 15.63
N ILE A 153 -2.31 -0.01 14.66
CA ILE A 153 -1.71 -1.04 13.83
C ILE A 153 -0.77 -1.93 14.66
N LYS A 154 -0.04 -1.38 15.62
CA LYS A 154 0.87 -2.11 16.49
C LYS A 154 0.08 -3.18 17.25
N THR A 155 -0.98 -2.79 17.93
CA THR A 155 -1.78 -3.77 18.65
C THR A 155 -2.30 -4.82 17.68
N VAL A 156 -2.76 -4.45 16.48
CA VAL A 156 -3.29 -5.42 15.52
C VAL A 156 -2.22 -6.45 15.15
N LEU A 157 -1.02 -5.99 14.84
CA LEU A 157 0.09 -6.86 14.47
C LEU A 157 0.53 -7.75 15.63
N GLN A 158 0.27 -7.35 16.89
CA GLN A 158 0.41 -8.26 18.02
C GLN A 158 -0.78 -9.22 18.13
N ASN A 159 -1.98 -8.79 17.76
CA ASN A 159 -3.21 -9.52 18.02
C ASN A 159 -3.51 -10.58 16.96
N ARG A 160 -2.89 -10.46 15.78
CA ARG A 160 -3.05 -11.36 14.64
C ARG A 160 -2.16 -12.61 14.77
#